data_7UFS
#
_entry.id   7UFS
#
_cell.length_a   1.00
_cell.length_b   1.00
_cell.length_c   1.00
_cell.angle_alpha   90.00
_cell.angle_beta   90.00
_cell.angle_gamma   90.00
#
_symmetry.space_group_name_H-M   'P 1'
#
loop_
_entity.id
_entity.type
_entity.pdbx_description
1 polymer Alpha-mannosidase
2 non-polymer 'ZINC ION'
#
_entity_poly.entity_id   1
_entity_poly.type   'polypeptide(L)'
_entity_poly.pdbx_seq_one_letter_code
;MGSSHHHHHHSSGLVPRGSHMASMFLLPNQQLERCDRVMQQRVKPHIHTTLAACTLRSFHNPGEPVPSSEFLAKVRNGQV
PFEPFRVPGVWGTTWGTTWFEVNGHIDMAAVKGRKVELMVDLGWLDHRGPGFQSEGLVYRADGTAIKSANPRNHWIPLVY
ADGSSTVELDEHGDFTVYIEAAANPFVEGPTPFSPTELGEEATGTCDFPYTLSRMDITIFNEDVFAYDMDLETVSSLIRE
LKDDDPRYWQLAKALQRSLNIYDERDLETVPAARAALAGVLAEPAASSAINHIAIGHAHIDSAWLWPVRETRRKVARTVS
NVLALMDEDPDFTYAMSSAQQYAWLEEEHPDLFARMKRRIEEGRFIPVGGMWVESDNMIPSGESLVRQITFGRRYFKEHL
GVTPRGIWLPDSFGYAGSWPQIARRAGFDWFLTQKISWNDTTKFPHHSFMWEGIDGTRILTHFPPSDTYCSSMSMRELMY
SQRNFLDKDLSRNAILLYGFGDGGGGPTREMTARIRRDHDLAGAPKIDFGTPDQLFDRVRKDIVDDARGETPVFHGELYL
ELHRGTLTAQQDMKRGCRQEESMLRVVEYLCAVASIKNPGYVYPREELDRIWKTLLLNQFHDILPGSAIAWVHRQAREEY
ARDIAHLRDIAAAAGQAVKEAEPGIATVKHAVIAPYASNPQYSWAVRDGGGTAVEESVIPVSVERGGNAIILDNGRLRVR
IEADGTVSSLIDLALRRELVPSGVRMGRYELLKDEPFHWDAWDIQRDAFLAADTLTDAMVEHVEDMPDGSAAIHVVTRAR
GVEIHTVITLRPGSGSLDFTADVNWHAVEKFLKVDMPVTVQAVNAQYECQYGLVERPINKNTRSDDAKFESCTHRFVRIA
DADYAAAVVNASTYGSDVSPIHAAAAHGAGRGTMVRLSLLSAPLYPDPRTDQGEHFFAWSLVAGAGMESVLAEASRLNAP
IMGELPAVRPLATLTDVAGTPVLDWVKLADDGSGDLIVRLYEAAGGDAKATLRLDDTFAGCTVEEVNLMEEPVLADDLPR
ALVAGGPVPAEGASVSFTPFQIVTLRIRR
;
_entity_poly.pdbx_strand_id   A,B,C,D
#
loop_
_chem_comp.id
_chem_comp.type
_chem_comp.name
_chem_comp.formula
ZN non-polymer 'ZINC ION' 'Zn 2'
#
# COMPACT_ATOMS: atom_id res chain seq x y z
N SER A 23 -2.54 6.83 34.44
CA SER A 23 -1.83 6.58 33.20
C SER A 23 -2.79 6.44 32.02
N MET A 24 -2.49 7.12 30.92
CA MET A 24 -3.31 7.08 29.73
C MET A 24 -2.44 6.71 28.53
N PHE A 25 -3.10 6.18 27.51
CA PHE A 25 -2.40 5.76 26.30
C PHE A 25 -1.93 6.97 25.51
N LEU A 26 -1.03 6.72 24.55
CA LEU A 26 -0.43 7.76 23.73
C LEU A 26 -0.98 7.68 22.30
N LEU A 27 -1.43 8.81 21.78
CA LEU A 27 -1.92 8.91 20.40
C LEU A 27 -1.07 9.93 19.65
N PRO A 28 -0.07 9.49 18.89
CA PRO A 28 0.81 10.47 18.21
C PRO A 28 0.08 11.36 17.21
N ASN A 29 -0.94 10.83 16.54
CA ASN A 29 -1.69 11.65 15.59
C ASN A 29 -2.45 12.78 16.26
N GLN A 30 -2.79 12.62 17.54
CA GLN A 30 -3.41 13.67 18.32
C GLN A 30 -2.37 14.67 18.85
N GLN A 31 -1.22 14.17 19.28
CA GLN A 31 -0.14 15.03 19.73
C GLN A 31 0.36 15.94 18.60
N LEU A 32 0.37 15.43 17.37
CA LEU A 32 0.79 16.25 16.24
C LEU A 32 -0.14 17.45 16.05
N GLU A 33 -1.45 17.21 16.12
CA GLU A 33 -2.41 18.31 15.98
C GLU A 33 -2.32 19.27 17.15
N ARG A 34 -2.12 18.74 18.37
CA ARG A 34 -1.94 19.62 19.53
C ARG A 34 -0.72 20.51 19.35
N CYS A 35 0.39 19.95 18.90
CA CYS A 35 1.60 20.74 18.68
C CYS A 35 1.39 21.77 17.57
N ASP A 36 0.69 21.38 16.50
CA ASP A 36 0.43 22.31 15.41
C ASP A 36 -0.37 23.51 15.92
N ARG A 37 -1.39 23.25 16.73
CA ARG A 37 -2.14 24.34 17.35
C ARG A 37 -1.23 25.16 18.27
N VAL A 38 -0.30 24.51 18.95
CA VAL A 38 0.60 25.21 19.87
C VAL A 38 1.43 26.25 19.12
N MET A 39 2.02 25.86 17.98
CA MET A 39 2.71 26.86 17.17
C MET A 39 1.75 27.90 16.62
N GLN A 40 0.59 27.47 16.13
CA GLN A 40 -0.30 28.42 15.45
C GLN A 40 -0.78 29.53 16.39
N GLN A 41 -1.08 29.19 17.64
CA GLN A 41 -1.71 30.15 18.53
C GLN A 41 -0.81 30.64 19.66
N ARG A 42 0.08 29.81 20.19
CA ARG A 42 0.73 30.09 21.46
C ARG A 42 2.17 30.57 21.32
N VAL A 43 3.04 29.82 20.64
CA VAL A 43 4.46 30.11 20.72
C VAL A 43 4.91 31.14 19.67
N LYS A 44 4.22 31.23 18.53
CA LYS A 44 4.61 32.19 17.51
C LYS A 44 4.51 33.64 17.96
N PRO A 45 3.42 34.11 18.57
CA PRO A 45 3.34 35.53 18.93
C PRO A 45 4.36 35.97 19.99
N HIS A 46 4.94 35.03 20.74
CA HIS A 46 5.83 35.36 21.85
C HIS A 46 7.29 35.45 21.43
N ILE A 47 7.58 35.70 20.16
CA ILE A 47 8.95 35.84 19.69
C ILE A 47 9.38 37.30 19.62
N HIS A 48 8.45 38.20 19.30
CA HIS A 48 8.72 39.63 19.24
C HIS A 48 7.81 40.34 20.23
N THR A 49 8.39 41.16 21.09
CA THR A 49 7.64 41.90 22.10
C THR A 49 7.68 43.38 21.75
N THR A 50 6.53 43.95 21.44
CA THR A 50 6.46 45.36 21.07
C THR A 50 6.77 46.25 22.27
N LEU A 51 7.31 47.44 21.98
CA LEU A 51 7.63 48.40 23.03
C LEU A 51 7.12 49.82 22.77
N ALA A 52 6.94 50.21 21.52
CA ALA A 52 6.46 51.55 21.19
C ALA A 52 5.92 51.54 19.76
N ALA A 53 5.64 52.72 19.23
CA ALA A 53 5.14 52.86 17.86
C ALA A 53 5.91 53.97 17.16
N CYS A 54 5.92 53.91 15.83
CA CYS A 54 6.66 54.84 15.00
C CYS A 54 5.70 55.68 14.17
N THR A 55 6.13 56.91 13.87
CA THR A 55 5.35 57.83 13.06
C THR A 55 5.70 57.69 11.58
N LEU A 56 4.68 57.72 10.74
CA LEU A 56 4.79 57.45 9.31
C LEU A 56 4.32 58.65 8.50
N ARG A 57 5.05 58.97 7.44
CA ARG A 57 4.56 59.90 6.42
C ARG A 57 4.89 59.35 5.05
N SER A 58 4.11 59.75 4.04
CA SER A 58 4.19 59.13 2.72
C SER A 58 4.28 60.18 1.62
N PHE A 59 5.00 59.82 0.57
CA PHE A 59 5.04 60.60 -0.67
C PHE A 59 4.95 59.64 -1.85
N HIS A 60 3.99 59.89 -2.75
CA HIS A 60 3.60 58.91 -3.75
C HIS A 60 4.09 59.32 -5.14
N ASN A 61 4.26 58.32 -6.02
CA ASN A 61 4.68 58.54 -7.40
C ASN A 61 4.15 57.43 -8.30
N PRO A 62 3.12 57.71 -9.12
CA PRO A 62 2.58 56.71 -10.06
C PRO A 62 3.23 56.79 -11.44
N GLY A 63 4.55 56.70 -11.48
CA GLY A 63 5.24 56.82 -12.75
C GLY A 63 6.53 56.04 -12.76
N GLU A 64 7.38 56.38 -13.72
CA GLU A 64 8.68 55.74 -13.84
C GLU A 64 9.54 56.11 -12.64
N PRO A 65 10.11 55.15 -11.92
CA PRO A 65 10.81 55.47 -10.68
C PRO A 65 12.06 56.31 -10.91
N VAL A 66 12.34 57.18 -9.94
CA VAL A 66 13.55 57.98 -9.91
C VAL A 66 14.62 57.15 -9.19
N PRO A 67 15.87 57.17 -9.64
CA PRO A 67 16.92 56.43 -8.91
C PRO A 67 17.01 56.89 -7.47
N SER A 68 17.23 55.91 -6.58
CA SER A 68 17.21 56.20 -5.14
C SER A 68 18.34 57.12 -4.72
N SER A 69 19.45 57.13 -5.45
CA SER A 69 20.57 57.98 -5.08
C SER A 69 20.21 59.45 -5.11
N GLU A 70 19.48 59.89 -6.15
CA GLU A 70 19.12 61.30 -6.27
C GLU A 70 18.03 61.69 -5.29
N PHE A 71 17.04 60.81 -5.08
CA PHE A 71 15.92 61.15 -4.22
C PHE A 71 16.35 61.35 -2.78
N LEU A 72 17.25 60.49 -2.29
CA LEU A 72 17.73 60.62 -0.92
C LEU A 72 18.54 61.90 -0.74
N ALA A 73 19.34 62.27 -1.75
CA ALA A 73 20.05 63.54 -1.68
C ALA A 73 19.09 64.72 -1.66
N LYS A 74 18.04 64.65 -2.48
CA LYS A 74 17.02 65.71 -2.48
C LYS A 74 16.35 65.82 -1.12
N VAL A 75 16.05 64.68 -0.50
CA VAL A 75 15.45 64.69 0.83
C VAL A 75 16.41 65.28 1.85
N ARG A 76 17.69 64.91 1.77
CA ARG A 76 18.69 65.44 2.69
C ARG A 76 18.80 66.96 2.58
N ASN A 77 18.87 67.48 1.36
CA ASN A 77 18.82 68.93 1.18
C ASN A 77 17.44 69.47 1.52
N GLY A 78 16.39 68.79 1.06
CA GLY A 78 15.02 69.15 1.36
C GLY A 78 14.34 69.89 0.23
N GLN A 79 13.60 69.16 -0.60
CA GLN A 79 12.81 69.75 -1.67
C GLN A 79 11.48 69.05 -1.89
N VAL A 80 11.13 68.05 -1.08
CA VAL A 80 9.95 67.23 -1.29
C VAL A 80 9.11 67.29 -0.03
N PRO A 81 7.83 67.62 -0.11
CA PRO A 81 6.97 67.62 1.08
C PRO A 81 6.57 66.21 1.46
N PHE A 82 5.94 66.09 2.63
CA PHE A 82 5.46 64.81 3.13
C PHE A 82 4.14 65.04 3.87
N GLU A 83 3.19 64.14 3.63
CA GLU A 83 1.88 64.26 4.24
C GLU A 83 1.71 63.24 5.38
N PRO A 84 0.98 63.60 6.43
CA PRO A 84 0.76 62.65 7.53
C PRO A 84 0.05 61.40 7.05
N PHE A 85 0.43 60.26 7.62
CA PHE A 85 -0.14 58.96 7.27
C PHE A 85 -0.57 58.27 8.54
N ARG A 86 -1.84 57.87 8.59
CA ARG A 86 -2.35 57.13 9.74
C ARG A 86 -1.80 55.71 9.74
N VAL A 87 -1.80 55.11 10.93
CA VAL A 87 -1.26 53.75 11.08
C VAL A 87 -1.99 52.76 10.19
N PRO A 88 -3.32 52.72 10.14
CA PRO A 88 -4.00 51.92 9.10
C PRO A 88 -4.31 52.75 7.87
N GLY A 89 -4.65 52.05 6.79
CA GLY A 89 -5.01 52.71 5.56
C GLY A 89 -4.40 52.08 4.33
N VAL A 90 -4.80 52.55 3.15
CA VAL A 90 -4.32 52.03 1.88
C VAL A 90 -3.30 52.98 1.28
N TRP A 91 -2.34 52.42 0.56
CA TRP A 91 -1.30 53.20 -0.09
C TRP A 91 -0.98 52.77 -1.51
N GLY A 92 -1.43 51.59 -1.95
CA GLY A 92 -0.91 51.01 -3.17
C GLY A 92 -1.39 51.71 -4.43
N THR A 93 -0.62 51.51 -5.49
CA THR A 93 -0.94 52.01 -6.82
C THR A 93 -0.35 51.03 -7.84
N THR A 94 -1.05 50.86 -8.95
CA THR A 94 -0.61 49.90 -9.96
C THR A 94 0.72 50.31 -10.57
N TRP A 95 1.74 49.47 -10.34
CA TRP A 95 3.10 49.71 -10.85
C TRP A 95 3.61 51.08 -10.41
N GLY A 96 3.41 51.41 -9.13
CA GLY A 96 3.81 52.69 -8.61
C GLY A 96 4.80 52.54 -7.46
N THR A 97 5.36 53.68 -7.05
CA THR A 97 6.33 53.72 -5.98
C THR A 97 5.90 54.75 -4.95
N THR A 98 6.40 54.57 -3.73
CA THR A 98 6.05 55.45 -2.62
C THR A 98 7.23 55.48 -1.65
N TRP A 99 7.40 56.59 -0.97
CA TRP A 99 8.44 56.74 0.04
C TRP A 99 7.77 56.98 1.38
N PHE A 100 8.05 56.09 2.34
CA PHE A 100 7.55 56.20 3.70
C PHE A 100 8.70 56.67 4.59
N GLU A 101 8.61 57.90 5.08
CA GLU A 101 9.55 58.37 6.09
C GLU A 101 9.04 57.91 7.45
N VAL A 102 9.93 57.25 8.21
CA VAL A 102 9.58 56.59 9.46
C VAL A 102 10.44 57.19 10.56
N ASN A 103 9.80 57.64 11.64
CA ASN A 103 10.48 58.19 12.79
C ASN A 103 10.14 57.36 14.02
N GLY A 104 11.17 56.83 14.68
CA GLY A 104 11.02 56.04 15.88
C GLY A 104 11.54 56.77 17.11
N HIS A 105 11.25 56.19 18.27
CA HIS A 105 11.63 56.76 19.56
C HIS A 105 12.20 55.67 20.48
N ILE A 106 13.12 54.86 19.95
CA ILE A 106 13.77 53.84 20.77
C ILE A 106 14.63 54.50 21.83
N ASP A 107 14.66 53.91 23.02
CA ASP A 107 15.41 54.43 24.15
C ASP A 107 16.39 53.38 24.64
N MET A 108 17.64 53.79 24.84
CA MET A 108 18.67 52.90 25.35
C MET A 108 18.56 52.79 26.87
N ALA A 109 19.57 52.20 27.50
CA ALA A 109 19.68 51.96 28.94
C ALA A 109 18.64 50.98 29.46
N ALA A 110 17.80 50.42 28.60
CA ALA A 110 16.83 49.41 29.01
C ALA A 110 16.75 48.23 28.06
N VAL A 111 17.51 48.23 26.97
CA VAL A 111 17.49 47.14 26.01
C VAL A 111 18.92 46.63 25.80
N LYS A 112 19.78 46.86 26.80
CA LYS A 112 21.16 46.44 26.70
C LYS A 112 21.26 44.92 26.56
N GLY A 113 22.08 44.47 25.62
CA GLY A 113 22.27 43.05 25.40
C GLY A 113 21.14 42.35 24.68
N ARG A 114 20.17 43.09 24.16
CA ARG A 114 19.00 42.51 23.51
C ARG A 114 18.83 43.12 22.12
N LYS A 115 18.49 42.28 21.15
CA LYS A 115 18.30 42.74 19.78
C LYS A 115 17.01 43.55 19.65
N VAL A 116 17.05 44.54 18.77
CA VAL A 116 15.91 45.40 18.47
C VAL A 116 15.65 45.36 16.97
N GLU A 117 14.39 45.14 16.60
CA GLU A 117 14.02 45.05 15.18
C GLU A 117 12.90 46.02 14.86
N LEU A 118 12.35 45.93 13.64
CA LEU A 118 11.34 46.87 13.17
C LEU A 118 9.99 46.24 12.87
N MET A 119 9.97 44.99 12.38
CA MET A 119 8.73 44.28 12.06
C MET A 119 7.84 45.10 11.13
N VAL A 120 8.37 45.38 9.94
CA VAL A 120 7.63 46.14 8.95
C VAL A 120 6.59 45.25 8.28
N ASP A 121 5.38 45.77 8.10
CA ASP A 121 4.30 45.00 7.47
C ASP A 121 3.61 45.90 6.47
N LEU A 122 3.91 45.71 5.19
CA LEU A 122 3.21 46.43 4.13
C LEU A 122 1.79 45.92 3.92
N GLY A 123 1.43 44.78 4.52
CA GLY A 123 0.11 44.20 4.35
C GLY A 123 0.06 43.18 3.22
N TRP A 124 0.96 42.21 3.25
CA TRP A 124 1.02 41.21 2.20
C TRP A 124 -0.12 40.21 2.34
N LEU A 125 -0.52 39.64 1.20
CA LEU A 125 -1.56 38.62 1.20
C LEU A 125 -0.98 37.28 1.65
N ASP A 126 -1.87 36.35 1.98
CA ASP A 126 -1.46 35.08 2.58
C ASP A 126 -1.22 33.99 1.53
N HIS A 127 -2.23 33.69 0.74
CA HIS A 127 -2.15 32.59 -0.22
C HIS A 127 -1.87 33.08 -1.64
N ARG A 128 -0.84 33.91 -1.82
CA ARG A 128 -0.50 34.40 -3.15
C ARG A 128 0.90 34.02 -3.58
N GLY A 129 1.89 34.23 -2.72
CA GLY A 129 3.26 33.90 -3.05
C GLY A 129 4.27 34.86 -2.44
N PRO A 130 5.41 34.34 -2.00
CA PRO A 130 6.46 35.16 -1.38
C PRO A 130 7.45 35.79 -2.37
N GLY A 131 7.03 36.92 -2.97
CA GLY A 131 7.90 37.63 -3.88
C GLY A 131 7.19 38.23 -5.08
N PHE A 132 5.88 38.01 -5.19
CA PHE A 132 5.09 38.56 -6.28
C PHE A 132 4.20 39.71 -5.83
N GLN A 133 4.51 40.32 -4.68
CA GLN A 133 3.68 41.39 -4.14
C GLN A 133 4.51 42.65 -3.91
N SER A 134 3.91 43.65 -3.26
CA SER A 134 4.61 44.89 -2.99
C SER A 134 5.77 44.64 -2.02
N GLU A 135 6.91 45.29 -2.30
CA GLU A 135 8.11 45.10 -1.49
C GLU A 135 8.70 46.49 -1.22
N GLY A 136 9.92 46.50 -0.68
CA GLY A 136 10.60 47.77 -0.47
C GLY A 136 11.81 47.73 0.44
N LEU A 137 12.85 48.47 0.09
CA LEU A 137 14.03 48.56 0.92
C LEU A 137 13.85 49.61 2.01
N VAL A 138 14.70 49.54 3.02
CA VAL A 138 14.71 50.50 4.12
C VAL A 138 16.04 51.23 4.05
N TYR A 139 16.05 52.37 3.36
CA TYR A 139 17.27 53.15 3.20
C TYR A 139 17.51 54.04 4.42
N ARG A 140 18.79 54.22 4.74
CA ARG A 140 19.23 55.16 5.76
C ARG A 140 19.15 56.58 5.22
N ALA A 141 19.26 57.56 6.14
CA ALA A 141 19.18 58.95 5.74
C ALA A 141 20.34 59.34 4.83
N ASP A 142 21.53 58.81 5.10
CA ASP A 142 22.70 59.16 4.30
C ASP A 142 22.53 58.71 2.85
N GLY A 143 22.02 57.51 2.63
CA GLY A 143 21.85 57.00 1.28
C GLY A 143 22.11 55.52 1.15
N THR A 144 22.73 54.93 2.17
CA THR A 144 23.03 53.51 2.14
C THR A 144 21.74 52.70 2.36
N ALA A 145 21.85 51.39 2.12
CA ALA A 145 20.73 50.47 2.26
C ALA A 145 20.96 49.54 3.46
N ILE A 146 19.88 49.24 4.16
CA ILE A 146 19.91 48.40 5.35
C ILE A 146 19.39 47.00 5.06
N LYS A 147 18.13 46.88 4.66
CA LYS A 147 17.51 45.60 4.38
C LYS A 147 16.26 45.85 3.54
N SER A 148 15.47 44.80 3.34
CA SER A 148 14.24 44.88 2.56
C SER A 148 13.12 44.17 3.31
N ALA A 149 11.89 44.61 3.05
CA ALA A 149 10.69 44.05 3.67
C ALA A 149 10.06 43.08 2.68
N ASN A 150 10.21 41.79 2.94
CA ASN A 150 9.70 40.72 2.11
C ASN A 150 8.45 40.11 2.75
N PRO A 151 7.61 39.45 1.95
CA PRO A 151 6.42 38.81 2.55
C PRO A 151 6.75 37.79 3.62
N ARG A 152 7.84 37.05 3.46
CA ARG A 152 8.27 36.06 4.45
C ARG A 152 9.47 36.51 5.27
N ASN A 153 10.01 37.69 4.99
CA ASN A 153 11.16 38.23 5.74
C ASN A 153 10.88 39.72 5.94
N HIS A 154 10.40 40.08 7.13
CA HIS A 154 9.88 41.42 7.38
C HIS A 154 10.39 41.96 8.71
N TRP A 155 11.69 41.82 8.95
CA TRP A 155 12.33 42.39 10.13
C TRP A 155 13.58 43.14 9.70
N ILE A 156 13.76 44.34 10.25
CA ILE A 156 14.88 45.22 9.93
C ILE A 156 15.76 45.33 11.16
N PRO A 157 17.05 44.99 11.08
CA PRO A 157 17.92 45.10 12.26
C PRO A 157 18.26 46.56 12.56
N LEU A 158 17.71 47.08 13.66
CA LEU A 158 17.96 48.46 14.07
C LEU A 158 19.11 48.56 15.07
N VAL A 159 18.99 47.90 16.21
CA VAL A 159 20.01 47.90 17.26
C VAL A 159 20.36 46.45 17.56
N TYR A 160 21.61 46.09 17.34
CA TYR A 160 22.07 44.75 17.67
C TYR A 160 22.22 44.59 19.18
N ALA A 161 22.28 43.33 19.62
CA ALA A 161 22.39 43.04 21.05
C ALA A 161 23.68 43.59 21.63
N ASP A 162 24.80 43.43 20.92
CA ASP A 162 26.10 43.83 21.44
C ASP A 162 26.42 45.29 21.13
N GLY A 163 25.50 46.18 21.48
CA GLY A 163 25.77 47.60 21.40
C GLY A 163 25.67 48.21 20.02
N SER A 164 26.17 47.50 19.01
CA SER A 164 26.22 48.04 17.66
C SER A 164 24.83 48.35 17.14
N SER A 165 24.70 49.51 16.49
CA SER A 165 23.44 49.96 15.91
C SER A 165 23.67 50.29 14.44
N THR A 166 22.85 49.69 13.57
CA THR A 166 22.97 49.99 12.15
C THR A 166 22.65 51.44 11.85
N VAL A 167 21.58 51.96 12.46
CA VAL A 167 21.21 53.36 12.30
C VAL A 167 21.96 54.19 13.32
N GLU A 168 21.98 55.50 13.11
CA GLU A 168 22.64 56.44 14.00
C GLU A 168 21.62 57.06 14.94
N LEU A 169 21.86 56.93 16.24
CA LEU A 169 20.94 57.46 17.23
C LEU A 169 21.25 58.91 17.53
N ASP A 170 20.22 59.69 17.83
CA ASP A 170 20.35 61.11 18.08
C ASP A 170 20.56 61.36 19.58
N GLU A 171 20.44 62.63 19.99
CA GLU A 171 20.75 63.00 21.37
C GLU A 171 19.80 62.36 22.36
N HIS A 172 18.50 62.44 22.10
CA HIS A 172 17.48 61.97 23.03
C HIS A 172 16.75 60.73 22.51
N GLY A 173 17.47 59.87 21.80
CA GLY A 173 16.94 58.58 21.42
C GLY A 173 15.83 58.59 20.39
N ASP A 174 16.15 59.00 19.17
CA ASP A 174 15.22 58.89 18.05
C ASP A 174 16.00 58.83 16.75
N PHE A 175 15.36 58.30 15.72
CA PHE A 175 16.02 58.07 14.44
C PHE A 175 15.00 58.28 13.31
N THR A 176 15.44 58.01 12.09
CA THR A 176 14.56 58.11 10.93
C THR A 176 15.10 57.22 9.82
N VAL A 177 14.18 56.62 9.05
CA VAL A 177 14.52 55.79 7.91
C VAL A 177 13.54 56.09 6.78
N TYR A 178 13.86 55.61 5.58
CA TYR A 178 13.01 55.84 4.41
C TYR A 178 12.76 54.51 3.70
N ILE A 179 11.52 54.04 3.75
CA ILE A 179 11.13 52.81 3.06
C ILE A 179 10.71 53.17 1.64
N GLU A 180 11.35 52.52 0.66
CA GLU A 180 11.03 52.76 -0.75
C GLU A 180 10.10 51.64 -1.19
N ALA A 181 8.81 51.82 -0.92
CA ALA A 181 7.82 50.81 -1.23
C ALA A 181 7.52 50.81 -2.73
N ALA A 182 7.51 49.62 -3.31
CA ALA A 182 7.10 49.42 -4.70
C ALA A 182 5.90 48.50 -4.72
N ALA A 183 4.82 48.93 -5.38
CA ALA A 183 3.57 48.19 -5.42
C ALA A 183 3.48 47.45 -6.75
N ASN A 184 3.73 46.14 -6.70
CA ASN A 184 3.67 45.31 -7.91
C ASN A 184 2.39 44.49 -7.87
N PRO A 185 1.42 44.76 -8.74
CA PRO A 185 0.18 43.98 -8.73
C PRO A 185 0.41 42.55 -9.20
N PHE A 186 -0.43 41.65 -8.69
CA PHE A 186 -0.37 40.25 -9.08
C PHE A 186 -0.99 40.10 -10.46
N VAL A 187 -0.19 39.63 -11.43
CA VAL A 187 -0.65 39.54 -12.81
C VAL A 187 -1.80 38.54 -12.94
N GLU A 188 -1.68 37.39 -12.27
CA GLU A 188 -2.69 36.35 -12.37
C GLU A 188 -4.01 36.83 -11.77
N GLY A 189 -5.11 36.42 -12.38
CA GLY A 189 -6.42 36.90 -11.99
C GLY A 189 -7.13 35.97 -11.02
N PRO A 190 -8.47 36.01 -11.03
CA PRO A 190 -9.25 35.20 -10.08
C PRO A 190 -9.05 33.71 -10.28
N THR A 191 -9.31 33.22 -11.50
CA THR A 191 -9.07 31.82 -11.79
C THR A 191 -7.62 31.62 -12.23
N PRO A 192 -7.05 30.44 -11.99
CA PRO A 192 -5.66 30.19 -12.42
C PRO A 192 -5.51 30.34 -13.93
N PHE A 193 -4.46 31.05 -14.32
CA PHE A 193 -4.14 31.29 -15.73
C PHE A 193 -5.31 31.92 -16.47
N SER A 194 -5.69 33.12 -16.02
CA SER A 194 -6.78 33.88 -16.60
C SER A 194 -6.26 35.14 -17.28
N PRO A 195 -6.92 35.62 -18.33
CA PRO A 195 -6.42 36.81 -19.03
C PRO A 195 -6.72 38.07 -18.23
N THR A 196 -5.67 38.83 -17.94
CA THR A 196 -5.77 40.06 -17.16
C THR A 196 -5.06 41.20 -17.90
N GLU A 197 -5.69 42.36 -17.91
CA GLU A 197 -5.10 43.56 -18.52
C GLU A 197 -4.42 44.42 -17.47
N LEU A 198 -3.37 43.86 -16.87
CA LEU A 198 -2.60 44.53 -15.83
C LEU A 198 -1.20 44.90 -16.30
N GLY A 199 -0.45 43.94 -16.85
CA GLY A 199 0.90 44.21 -17.29
C GLY A 199 0.97 44.80 -18.69
N GLU A 200 0.33 45.95 -18.88
CA GLU A 200 0.37 46.63 -20.18
C GLU A 200 1.01 48.00 -20.05
N GLU A 201 0.58 48.78 -19.06
CA GLU A 201 1.13 50.11 -18.84
C GLU A 201 1.09 50.49 -17.37
N ALA A 202 1.23 51.77 -17.07
CA ALA A 202 1.36 52.27 -15.71
C ALA A 202 0.15 53.12 -15.34
N THR A 203 -1.05 52.60 -15.64
CA THR A 203 -2.30 53.31 -15.38
C THR A 203 -2.36 53.81 -13.94
N GLY A 204 -2.68 55.09 -13.79
CA GLY A 204 -2.80 55.70 -12.48
C GLY A 204 -4.18 55.56 -11.88
N THR A 205 -4.61 54.31 -11.66
CA THR A 205 -5.92 54.04 -11.09
C THR A 205 -5.78 52.98 -10.01
N CYS A 206 -6.73 52.97 -9.08
CA CYS A 206 -6.72 52.01 -7.98
C CYS A 206 -7.25 50.68 -8.48
N ASP A 207 -6.36 49.71 -8.70
CA ASP A 207 -6.74 48.38 -9.14
C ASP A 207 -6.55 47.33 -8.06
N PHE A 208 -5.35 47.23 -7.49
CA PHE A 208 -5.05 46.29 -6.41
C PHE A 208 -4.32 47.04 -5.31
N PRO A 209 -5.04 47.86 -4.53
CA PRO A 209 -4.39 48.69 -3.51
C PRO A 209 -4.05 47.86 -2.28
N TYR A 210 -2.81 47.99 -1.81
CA TYR A 210 -2.38 47.31 -0.60
C TYR A 210 -2.78 48.12 0.62
N THR A 211 -3.13 47.42 1.70
CA THR A 211 -3.52 48.03 2.96
C THR A 211 -2.39 47.86 3.96
N LEU A 212 -1.95 48.97 4.57
CA LEU A 212 -0.89 48.91 5.55
C LEU A 212 -1.36 48.21 6.81
N SER A 213 -0.41 47.73 7.60
CA SER A 213 -0.70 46.92 8.78
C SER A 213 0.21 47.37 9.91
N ARG A 214 0.31 46.54 10.94
CA ARG A 214 1.08 46.90 12.13
C ARG A 214 2.53 47.20 11.78
N MET A 215 3.10 48.21 12.43
CA MET A 215 4.49 48.59 12.24
C MET A 215 4.96 49.28 13.51
N ASP A 216 5.74 48.56 14.32
CA ASP A 216 6.12 49.06 15.63
C ASP A 216 7.47 48.47 16.03
N ILE A 217 8.13 49.17 16.96
CA ILE A 217 9.44 48.75 17.45
C ILE A 217 9.26 47.56 18.38
N THR A 218 10.05 46.51 18.16
CA THR A 218 9.93 45.27 18.93
C THR A 218 11.31 44.83 19.40
N ILE A 219 11.31 44.05 20.48
CA ILE A 219 12.49 43.40 21.01
C ILE A 219 12.39 41.92 20.71
N PHE A 220 13.55 41.29 20.49
CA PHE A 220 13.64 39.92 20.01
C PHE A 220 13.96 38.97 21.15
N ASN A 221 13.21 37.87 21.23
CA ASN A 221 13.44 36.83 22.22
C ASN A 221 14.10 35.63 21.56
N GLU A 222 15.23 35.19 22.13
CA GLU A 222 16.03 34.13 21.53
C GLU A 222 15.60 32.74 21.99
N ASP A 223 15.37 32.58 23.31
CA ASP A 223 15.00 31.27 23.84
C ASP A 223 13.66 30.80 23.28
N VAL A 224 12.70 31.71 23.17
CA VAL A 224 11.39 31.34 22.62
C VAL A 224 11.52 30.90 21.17
N PHE A 225 12.33 31.61 20.39
CA PHE A 225 12.53 31.24 18.99
C PHE A 225 13.22 29.87 18.88
N ALA A 226 14.22 29.63 19.74
CA ALA A 226 14.89 28.33 19.72
C ALA A 226 13.93 27.20 20.08
N TYR A 227 13.09 27.42 21.09
CA TYR A 227 12.11 26.41 21.47
C TYR A 227 11.10 26.15 20.35
N ASP A 228 10.65 27.23 19.69
CA ASP A 228 9.74 27.08 18.56
C ASP A 228 10.37 26.29 17.44
N MET A 229 11.65 26.58 17.13
CA MET A 229 12.32 25.85 16.06
C MET A 229 12.51 24.38 16.42
N ASP A 230 12.85 24.09 17.67
CA ASP A 230 12.99 22.71 18.10
C ASP A 230 11.66 21.96 18.00
N LEU A 231 10.57 22.60 18.42
CA LEU A 231 9.25 21.99 18.28
C LEU A 231 8.91 21.73 16.81
N GLU A 232 9.20 22.70 15.95
CA GLU A 232 8.91 22.53 14.53
C GLU A 232 9.71 21.36 13.95
N THR A 233 11.00 21.27 14.28
CA THR A 233 11.82 20.17 13.79
C THR A 233 11.28 18.83 14.27
N VAL A 234 10.96 18.73 15.56
CA VAL A 234 10.47 17.45 16.09
C VAL A 234 9.16 17.08 15.44
N SER A 235 8.23 18.02 15.35
CA SER A 235 6.90 17.74 14.79
C SER A 235 7.00 17.33 13.32
N SER A 236 7.86 18.02 12.55
CA SER A 236 8.01 17.67 11.14
C SER A 236 8.68 16.31 10.98
N LEU A 237 9.60 15.95 11.89
CA LEU A 237 10.22 14.63 11.81
C LEU A 237 9.24 13.52 12.18
N ILE A 238 8.31 13.79 13.11
CA ILE A 238 7.33 12.77 13.50
C ILE A 238 6.40 12.44 12.33
N ARG A 239 5.96 13.45 11.58
CA ARG A 239 4.91 13.25 10.59
C ARG A 239 5.33 12.27 9.50
N GLU A 240 6.56 12.39 9.00
CA GLU A 240 7.00 11.63 7.84
C GLU A 240 7.47 10.22 8.18
N LEU A 241 7.72 9.92 9.46
CA LEU A 241 8.22 8.60 9.81
C LEU A 241 7.09 7.58 9.83
N LYS A 242 7.47 6.31 9.74
CA LYS A 242 6.51 5.21 9.73
C LYS A 242 6.03 4.92 11.15
N ASP A 243 5.08 4.00 11.27
CA ASP A 243 4.54 3.59 12.55
C ASP A 243 5.25 2.36 13.12
N ASP A 244 6.27 1.85 12.44
CA ASP A 244 7.00 0.67 12.87
C ASP A 244 8.45 0.99 13.21
N ASP A 245 8.72 2.21 13.65
CA ASP A 245 10.07 2.65 13.98
C ASP A 245 10.06 3.21 15.41
N PRO A 246 10.94 2.73 16.29
CA PRO A 246 10.97 3.27 17.65
C PRO A 246 11.29 4.75 17.72
N ARG A 247 11.95 5.30 16.70
CA ARG A 247 12.20 6.74 16.68
C ARG A 247 10.90 7.53 16.66
N TYR A 248 9.92 7.05 15.90
CA TYR A 248 8.62 7.72 15.83
C TYR A 248 7.97 7.83 17.21
N TRP A 249 7.88 6.70 17.91
CA TRP A 249 7.25 6.69 19.22
C TRP A 249 8.06 7.49 20.24
N GLN A 250 9.39 7.39 20.19
CA GLN A 250 10.22 8.16 21.11
C GLN A 250 10.05 9.65 20.90
N LEU A 251 10.01 10.08 19.64
CA LEU A 251 9.80 11.51 19.35
C LEU A 251 8.42 11.95 19.79
N ALA A 252 7.40 11.12 19.58
CA ALA A 252 6.05 11.48 20.02
C ALA A 252 5.99 11.62 21.53
N LYS A 253 6.62 10.69 22.26
CA LYS A 253 6.63 10.77 23.72
C LYS A 253 7.38 12.00 24.21
N ALA A 254 8.53 12.30 23.57
CA ALA A 254 9.27 13.50 23.95
C ALA A 254 8.48 14.76 23.70
N LEU A 255 7.78 14.82 22.56
CA LEU A 255 6.95 15.99 22.27
C LEU A 255 5.81 16.12 23.29
N GLN A 256 5.18 15.01 23.65
CA GLN A 256 4.12 15.06 24.64
C GLN A 256 4.64 15.53 25.99
N ARG A 257 5.82 15.03 26.39
CA ARG A 257 6.41 15.45 27.66
C ARG A 257 6.77 16.93 27.65
N SER A 258 7.33 17.42 26.54
CA SER A 258 7.74 18.82 26.46
C SER A 258 6.53 19.75 26.43
N LEU A 259 5.47 19.37 25.73
CA LEU A 259 4.32 20.24 25.57
C LEU A 259 3.53 20.43 26.86
N ASN A 260 3.71 19.52 27.83
CA ASN A 260 3.00 19.61 29.10
C ASN A 260 3.70 20.51 30.10
N ILE A 261 4.87 21.05 29.76
CA ILE A 261 5.61 21.94 30.65
C ILE A 261 5.54 23.39 30.22
N TYR A 262 5.58 23.67 28.92
CA TYR A 262 5.56 25.04 28.44
C TYR A 262 4.23 25.71 28.75
N ASP A 263 4.30 26.92 29.31
CA ASP A 263 3.12 27.70 29.65
C ASP A 263 3.31 29.13 29.15
N GLU A 264 2.30 29.66 28.48
CA GLU A 264 2.38 31.01 27.93
C GLU A 264 2.09 32.10 28.94
N ARG A 265 1.53 31.75 30.11
CA ARG A 265 1.27 32.75 31.14
C ARG A 265 2.55 33.19 31.84
N ASP A 266 3.60 32.37 31.78
CA ASP A 266 4.89 32.72 32.37
C ASP A 266 5.99 32.12 31.52
N LEU A 267 6.85 32.98 30.97
CA LEU A 267 7.84 32.55 29.98
C LEU A 267 9.12 32.00 30.59
N GLU A 268 9.23 31.97 31.93
CA GLU A 268 10.41 31.39 32.56
C GLU A 268 10.45 29.88 32.46
N THR A 269 9.38 29.24 32.01
CA THR A 269 9.32 27.79 31.87
C THR A 269 9.97 27.29 30.58
N VAL A 270 10.40 28.20 29.70
CA VAL A 270 11.04 27.77 28.45
C VAL A 270 12.31 26.96 28.68
N PRO A 271 13.25 27.40 29.53
CA PRO A 271 14.45 26.55 29.75
C PRO A 271 14.13 25.18 30.33
N ALA A 272 13.08 25.07 31.15
CA ALA A 272 12.71 23.77 31.71
C ALA A 272 12.06 22.86 30.68
N ALA A 273 11.64 23.39 29.54
CA ALA A 273 11.02 22.59 28.49
C ALA A 273 11.97 22.26 27.35
N ARG A 274 12.91 23.15 27.04
CA ARG A 274 13.86 22.86 25.97
C ARG A 274 14.78 21.70 26.33
N ALA A 275 15.20 21.62 27.60
CA ALA A 275 16.09 20.53 28.01
C ALA A 275 15.41 19.18 27.88
N ALA A 276 14.12 19.10 28.24
CA ALA A 276 13.39 17.84 28.11
C ALA A 276 13.27 17.41 26.65
N LEU A 277 13.03 18.36 25.75
CA LEU A 277 12.92 18.04 24.33
C LEU A 277 14.28 17.75 23.69
N ALA A 278 15.37 18.26 24.27
CA ALA A 278 16.68 18.09 23.68
C ALA A 278 17.28 16.71 23.94
N GLY A 279 16.62 15.87 24.73
CA GLY A 279 17.16 14.54 25.00
C GLY A 279 17.16 13.64 23.79
N VAL A 280 16.28 13.89 22.82
CA VAL A 280 16.19 13.10 21.61
C VAL A 280 16.63 13.90 20.39
N LEU A 281 17.30 15.03 20.60
CA LEU A 281 17.79 15.87 19.52
C LEU A 281 19.31 15.89 19.44
N ALA A 282 19.97 14.94 20.11
CA ALA A 282 21.43 14.87 20.09
C ALA A 282 21.95 13.48 19.73
N GLU A 283 21.07 12.57 19.31
CA GLU A 283 21.48 11.22 18.94
C GLU A 283 22.03 11.23 17.53
N PRO A 284 23.26 10.74 17.31
CA PRO A 284 23.80 10.73 15.94
C PRO A 284 22.97 9.86 15.01
N ALA A 285 22.91 10.29 13.75
CA ALA A 285 22.16 9.55 12.74
C ALA A 285 22.90 8.28 12.35
N ALA A 286 22.19 7.40 11.65
CA ALA A 286 22.79 6.17 11.15
C ALA A 286 23.87 6.51 10.13
N SER A 287 24.95 5.73 10.14
CA SER A 287 26.08 5.99 9.26
C SER A 287 25.83 5.43 7.86
N SER A 288 24.67 5.75 7.29
CA SER A 288 24.35 5.36 5.93
C SER A 288 23.59 6.43 5.15
N ALA A 289 23.37 7.60 5.74
CA ALA A 289 22.57 8.64 5.10
C ALA A 289 23.40 9.38 4.05
N ILE A 290 22.72 10.22 3.28
CA ILE A 290 23.35 11.01 2.22
C ILE A 290 23.87 12.30 2.82
N ASN A 291 25.14 12.60 2.56
CA ASN A 291 25.77 13.82 3.08
C ASN A 291 25.40 14.98 2.17
N HIS A 292 24.27 15.62 2.48
CA HIS A 292 23.81 16.75 1.70
C HIS A 292 24.67 17.98 1.97
N ILE A 293 24.79 18.83 0.94
CA ILE A 293 25.46 20.12 1.07
C ILE A 293 24.44 21.19 0.73
N ALA A 294 24.25 22.15 1.64
CA ALA A 294 23.23 23.18 1.51
C ALA A 294 23.85 24.44 0.94
N ILE A 295 23.21 25.01 -0.07
CA ILE A 295 23.65 26.22 -0.73
C ILE A 295 22.52 27.23 -0.72
N GLY A 296 22.80 28.45 -0.25
CA GLY A 296 21.83 29.52 -0.34
C GLY A 296 21.76 30.05 -1.76
N HIS A 297 20.55 30.06 -2.32
CA HIS A 297 20.36 30.46 -3.71
C HIS A 297 18.99 31.09 -3.88
N ALA A 298 18.95 32.20 -4.62
CA ALA A 298 17.70 32.95 -4.85
C ALA A 298 17.59 33.33 -6.32
N HIS A 299 16.86 32.58 -7.14
CA HIS A 299 16.83 32.77 -8.61
C HIS A 299 16.06 34.01 -8.98
N ILE A 300 16.73 35.14 -9.19
CA ILE A 300 16.04 36.38 -9.64
C ILE A 300 15.92 36.29 -11.14
N ASP A 301 14.68 36.13 -11.63
CA ASP A 301 14.42 36.07 -13.09
C ASP A 301 14.60 37.50 -13.64
N SER A 302 15.35 37.66 -14.73
CA SER A 302 15.66 39.02 -15.24
C SER A 302 14.41 39.73 -15.76
N ALA A 303 13.51 39.02 -16.46
CA ALA A 303 12.27 39.71 -16.87
C ALA A 303 11.13 38.71 -17.11
N TRP A 304 10.34 38.45 -16.08
CA TRP A 304 9.15 37.57 -16.22
C TRP A 304 8.09 38.19 -15.33
N LEU A 305 7.10 38.90 -15.90
CA LEU A 305 5.99 39.58 -15.15
C LEU A 305 6.38 40.99 -14.68
N TRP A 306 7.67 41.36 -14.71
CA TRP A 306 8.07 42.72 -14.39
C TRP A 306 9.01 43.21 -15.47
N PRO A 307 9.10 44.53 -15.66
CA PRO A 307 9.99 45.06 -16.71
C PRO A 307 11.45 44.95 -16.29
N VAL A 308 12.32 45.31 -17.23
CA VAL A 308 13.75 45.31 -16.97
C VAL A 308 14.17 46.38 -15.97
N ARG A 309 13.29 47.31 -15.65
CA ARG A 309 13.56 48.35 -14.67
C ARG A 309 13.19 47.93 -13.25
N GLU A 310 12.58 46.76 -13.08
CA GLU A 310 12.23 46.24 -11.77
C GLU A 310 13.15 45.12 -11.31
N THR A 311 13.79 44.40 -12.23
CA THR A 311 14.75 43.37 -11.83
C THR A 311 15.95 43.97 -11.12
N ARG A 312 16.31 45.22 -11.45
CA ARG A 312 17.37 45.89 -10.70
C ARG A 312 16.98 46.07 -9.24
N ARG A 313 15.75 46.52 -9.00
CA ARG A 313 15.25 46.65 -7.63
C ARG A 313 15.21 45.30 -6.94
N LYS A 314 14.77 44.25 -7.66
CA LYS A 314 14.66 42.94 -7.05
C LYS A 314 16.03 42.39 -6.66
N VAL A 315 17.02 42.53 -7.53
CA VAL A 315 18.35 42.02 -7.21
C VAL A 315 18.99 42.86 -6.11
N ALA A 316 18.72 44.17 -6.08
CA ALA A 316 19.21 44.99 -4.98
C ALA A 316 18.61 44.53 -3.66
N ARG A 317 17.31 44.24 -3.65
CA ARG A 317 16.66 43.72 -2.44
C ARG A 317 17.28 42.40 -2.01
N THR A 318 17.51 41.51 -2.98
CA THR A 318 18.10 40.21 -2.66
C THR A 318 19.49 40.37 -2.05
N VAL A 319 20.33 41.21 -2.65
CA VAL A 319 21.68 41.39 -2.15
C VAL A 319 21.66 42.02 -0.76
N SER A 320 20.80 43.02 -0.56
CA SER A 320 20.70 43.66 0.75
C SER A 320 20.26 42.65 1.81
N ASN A 321 19.26 41.83 1.49
CA ASN A 321 18.78 40.83 2.45
C ASN A 321 19.88 39.83 2.78
N VAL A 322 20.59 39.34 1.76
CA VAL A 322 21.64 38.34 2.00
C VAL A 322 22.75 38.93 2.86
N LEU A 323 23.19 40.15 2.54
CA LEU A 323 24.25 40.77 3.32
C LEU A 323 23.80 41.03 4.76
N ALA A 324 22.57 41.50 4.95
CA ALA A 324 22.07 41.77 6.30
C ALA A 324 22.01 40.49 7.12
N LEU A 325 21.54 39.39 6.50
CA LEU A 325 21.49 38.13 7.23
C LEU A 325 22.89 37.60 7.52
N MET A 326 23.82 37.75 6.57
CA MET A 326 25.16 37.23 6.75
C MET A 326 25.98 38.07 7.73
N ASP A 327 25.55 39.31 8.00
CA ASP A 327 26.31 40.15 8.92
C ASP A 327 26.37 39.54 10.32
N GLU A 328 25.28 38.95 10.78
CA GLU A 328 25.20 38.45 12.16
C GLU A 328 25.46 36.95 12.27
N ASP A 329 25.19 36.17 11.24
CA ASP A 329 25.29 34.71 11.34
C ASP A 329 26.51 34.21 10.60
N PRO A 330 27.53 33.70 11.29
CA PRO A 330 28.67 33.09 10.60
C PRO A 330 28.31 31.71 10.05
N ASP A 331 29.27 31.13 9.33
CA ASP A 331 29.11 29.81 8.73
C ASP A 331 27.91 29.77 7.79
N PHE A 332 27.88 30.72 6.85
CA PHE A 332 26.79 30.85 5.89
C PHE A 332 27.37 31.01 4.49
N THR A 333 26.64 30.50 3.50
CA THR A 333 27.07 30.54 2.12
C THR A 333 25.94 30.99 1.22
N TYR A 334 26.29 31.54 0.06
CA TYR A 334 25.32 32.02 -0.90
C TYR A 334 25.96 32.02 -2.28
N ALA A 335 25.11 32.00 -3.32
CA ALA A 335 25.56 31.98 -4.70
C ALA A 335 24.69 32.89 -5.53
N MET A 336 25.25 33.41 -6.62
CA MET A 336 24.51 34.31 -7.51
C MET A 336 25.17 34.31 -8.88
N SER A 337 24.44 33.86 -9.89
CA SER A 337 24.89 33.86 -11.28
C SER A 337 24.43 35.15 -11.97
N SER A 338 24.46 35.18 -13.30
CA SER A 338 23.93 36.28 -14.10
C SER A 338 24.65 37.59 -13.79
N ALA A 339 25.92 37.63 -14.22
CA ALA A 339 26.78 38.80 -14.04
C ALA A 339 26.13 40.10 -14.53
N GLN A 340 25.07 40.02 -15.35
CA GLN A 340 24.29 41.21 -15.67
C GLN A 340 23.83 41.91 -14.39
N GLN A 341 23.31 41.13 -13.43
CA GLN A 341 22.88 41.70 -12.17
C GLN A 341 24.05 42.25 -11.37
N TYR A 342 25.21 41.60 -11.46
CA TYR A 342 26.41 42.16 -10.82
C TYR A 342 26.76 43.52 -11.37
N ALA A 343 26.72 43.67 -12.69
CA ALA A 343 27.02 44.96 -13.32
C ALA A 343 25.99 46.01 -12.92
N TRP A 344 24.70 45.63 -12.89
CA TRP A 344 23.67 46.57 -12.47
C TRP A 344 23.88 47.01 -11.02
N LEU A 345 24.19 46.07 -10.14
CA LEU A 345 24.41 46.40 -8.74
C LEU A 345 25.62 47.31 -8.57
N GLU A 346 26.70 47.03 -9.32
CA GLU A 346 27.88 47.88 -9.26
C GLU A 346 27.56 49.29 -9.75
N GLU A 347 26.79 49.40 -10.83
CA GLU A 347 26.50 50.70 -11.41
C GLU A 347 25.58 51.53 -10.52
N GLU A 348 24.56 50.91 -9.92
CA GLU A 348 23.53 51.64 -9.21
C GLU A 348 23.64 51.57 -7.70
N HIS A 349 24.59 50.81 -7.16
CA HIS A 349 24.76 50.68 -5.71
C HIS A 349 26.22 50.43 -5.39
N PRO A 350 27.03 51.49 -5.34
CA PRO A 350 28.47 51.29 -5.03
C PRO A 350 28.71 50.66 -3.67
N ASP A 351 27.94 51.03 -2.65
CA ASP A 351 28.18 50.50 -1.32
C ASP A 351 27.84 49.01 -1.24
N LEU A 352 26.72 48.61 -1.86
CA LEU A 352 26.34 47.21 -1.86
C LEU A 352 27.38 46.36 -2.59
N PHE A 353 27.87 46.86 -3.74
CA PHE A 353 28.90 46.13 -4.47
C PHE A 353 30.19 46.04 -3.66
N ALA A 354 30.57 47.13 -2.98
CA ALA A 354 31.77 47.10 -2.16
C ALA A 354 31.65 46.08 -1.04
N ARG A 355 30.50 46.05 -0.36
CA ARG A 355 30.30 45.08 0.71
C ARG A 355 30.30 43.65 0.17
N MET A 356 29.69 43.44 -1.01
CA MET A 356 29.69 42.11 -1.61
C MET A 356 31.10 41.66 -1.96
N LYS A 357 31.91 42.56 -2.53
CA LYS A 357 33.28 42.21 -2.86
C LYS A 357 34.11 41.94 -1.60
N ARG A 358 33.87 42.71 -0.53
CA ARG A 358 34.55 42.47 0.73
C ARG A 358 34.18 41.10 1.29
N ARG A 359 32.91 40.71 1.19
CA ARG A 359 32.48 39.40 1.68
C ARG A 359 32.99 38.28 0.80
N ILE A 360 33.25 38.57 -0.49
CA ILE A 360 33.77 37.54 -1.39
C ILE A 360 35.15 37.10 -0.96
N GLU A 361 35.97 38.03 -0.47
CA GLU A 361 37.34 37.70 -0.06
C GLU A 361 37.34 36.65 1.04
N GLU A 362 36.37 36.70 1.95
CA GLU A 362 36.28 35.68 3.00
C GLU A 362 35.99 34.31 2.40
N GLY A 363 35.13 34.26 1.38
CA GLY A 363 34.80 33.00 0.75
C GLY A 363 33.45 32.46 1.15
N ARG A 364 32.44 33.35 1.25
CA ARG A 364 31.09 32.95 1.61
C ARG A 364 30.05 33.54 0.67
N PHE A 365 30.47 34.19 -0.41
CA PHE A 365 29.57 34.78 -1.41
C PHE A 365 30.03 34.35 -2.80
N ILE A 366 30.24 33.05 -2.96
CA ILE A 366 30.85 32.47 -4.15
C ILE A 366 30.05 32.82 -5.40
N PRO A 367 30.65 33.57 -6.34
CA PRO A 367 29.98 33.83 -7.63
C PRO A 367 30.13 32.63 -8.55
N VAL A 368 29.04 31.93 -8.80
CA VAL A 368 29.04 30.70 -9.58
C VAL A 368 28.26 30.93 -10.86
N GLY A 369 28.77 30.39 -11.96
CA GLY A 369 28.13 30.53 -13.26
C GLY A 369 28.80 31.58 -14.12
N GLY A 370 29.64 31.14 -15.05
CA GLY A 370 30.39 32.05 -15.89
C GLY A 370 29.63 32.66 -17.04
N MET A 371 28.38 32.27 -17.24
CA MET A 371 27.58 32.83 -18.32
C MET A 371 27.20 34.27 -18.01
N TRP A 372 27.04 35.07 -19.07
CA TRP A 372 26.73 36.48 -18.89
C TRP A 372 25.34 36.66 -18.27
N VAL A 373 24.39 35.81 -18.66
CA VAL A 373 23.06 35.80 -18.06
C VAL A 373 22.49 34.42 -18.29
N GLU A 374 21.56 34.00 -17.42
CA GLU A 374 20.96 32.69 -17.53
C GLU A 374 20.00 32.66 -18.72
N SER A 375 20.50 32.26 -19.89
CA SER A 375 19.74 32.29 -21.13
C SER A 375 19.17 30.91 -21.45
N ASP A 376 18.40 30.85 -22.52
CA ASP A 376 17.89 29.58 -23.01
C ASP A 376 18.96 28.83 -23.78
N ASN A 377 18.65 27.59 -24.13
CA ASN A 377 19.62 26.67 -24.71
C ASN A 377 19.25 26.21 -26.10
N MET A 378 18.00 25.75 -26.31
CA MET A 378 17.63 25.14 -27.58
C MET A 378 17.55 26.16 -28.69
N ILE A 379 16.93 27.31 -28.42
CA ILE A 379 16.68 28.34 -29.44
C ILE A 379 17.95 29.10 -29.83
N PRO A 380 18.70 29.67 -28.88
CA PRO A 380 19.81 30.55 -29.27
C PRO A 380 20.89 29.80 -30.04
N SER A 381 21.54 30.53 -30.96
CA SER A 381 22.64 29.97 -31.73
C SER A 381 23.87 29.80 -30.84
N GLY A 382 24.79 28.95 -31.30
CA GLY A 382 26.00 28.68 -30.54
C GLY A 382 26.87 29.92 -30.38
N GLU A 383 26.84 30.82 -31.37
CA GLU A 383 27.63 32.05 -31.27
C GLU A 383 27.16 32.89 -30.09
N SER A 384 25.85 32.96 -29.86
CA SER A 384 25.33 33.67 -28.70
C SER A 384 25.80 33.01 -27.41
N LEU A 385 25.81 31.67 -27.37
CA LEU A 385 26.25 30.97 -26.17
C LEU A 385 27.71 31.27 -25.86
N VAL A 386 28.58 31.20 -26.88
CA VAL A 386 29.99 31.48 -26.64
C VAL A 386 30.20 32.95 -26.29
N ARG A 387 29.41 33.85 -26.88
CA ARG A 387 29.49 35.26 -26.49
C ARG A 387 29.15 35.45 -25.02
N GLN A 388 28.09 34.79 -24.56
CA GLN A 388 27.73 34.87 -23.14
C GLN A 388 28.85 34.34 -22.27
N ILE A 389 29.41 33.19 -22.65
CA ILE A 389 30.45 32.58 -21.84
C ILE A 389 31.67 33.50 -21.75
N THR A 390 32.13 34.02 -22.88
CA THR A 390 33.34 34.84 -22.86
C THR A 390 33.09 36.17 -22.15
N PHE A 391 31.91 36.78 -22.35
CA PHE A 391 31.61 38.05 -21.69
C PHE A 391 31.56 37.87 -20.18
N GLY A 392 30.85 36.83 -19.72
CA GLY A 392 30.76 36.59 -18.29
C GLY A 392 32.10 36.26 -17.67
N ARG A 393 32.89 35.42 -18.35
CA ARG A 393 34.20 35.06 -17.81
C ARG A 393 35.12 36.27 -17.73
N ARG A 394 35.12 37.12 -18.77
CA ARG A 394 35.94 38.33 -18.73
C ARG A 394 35.48 39.27 -17.62
N TYR A 395 34.17 39.43 -17.46
CA TYR A 395 33.65 40.30 -16.41
C TYR A 395 34.08 39.80 -15.04
N PHE A 396 33.92 38.50 -14.79
CA PHE A 396 34.32 37.93 -13.51
C PHE A 396 35.83 38.06 -13.30
N LYS A 397 36.61 37.91 -14.36
CA LYS A 397 38.06 37.95 -14.22
C LYS A 397 38.56 39.35 -13.88
N GLU A 398 38.04 40.38 -14.56
CA GLU A 398 38.64 41.71 -14.42
C GLU A 398 37.81 42.70 -13.61
N HIS A 399 36.60 42.35 -13.17
CA HIS A 399 35.91 43.18 -12.19
C HIS A 399 35.92 42.60 -10.79
N LEU A 400 35.80 41.28 -10.66
CA LEU A 400 35.73 40.65 -9.35
C LEU A 400 36.98 39.86 -8.98
N GLY A 401 37.85 39.58 -9.93
CA GLY A 401 39.04 38.81 -9.65
C GLY A 401 38.79 37.39 -9.20
N VAL A 402 37.75 36.76 -9.73
CA VAL A 402 37.40 35.38 -9.41
C VAL A 402 37.08 34.64 -10.69
N THR A 403 37.59 33.42 -10.81
CA THR A 403 37.37 32.60 -12.00
C THR A 403 36.39 31.48 -11.69
N PRO A 404 35.25 31.42 -12.37
CA PRO A 404 34.30 30.32 -12.14
C PRO A 404 34.84 29.01 -12.73
N ARG A 405 34.31 27.91 -12.19
CA ARG A 405 34.72 26.58 -12.62
C ARG A 405 33.62 25.75 -13.26
N GLY A 406 32.37 26.20 -13.22
CA GLY A 406 31.30 25.42 -13.77
C GLY A 406 30.11 26.26 -14.19
N ILE A 407 29.25 25.66 -14.99
CA ILE A 407 28.04 26.33 -15.47
C ILE A 407 26.94 26.19 -14.43
N TRP A 408 26.14 27.25 -14.28
CA TRP A 408 25.06 27.29 -13.28
C TRP A 408 23.79 27.75 -13.99
N LEU A 409 22.97 26.79 -14.43
CA LEU A 409 21.72 27.06 -15.13
C LEU A 409 20.61 26.25 -14.48
N PRO A 410 20.10 26.71 -13.33
CA PRO A 410 19.04 25.97 -12.63
C PRO A 410 17.64 26.19 -13.17
N ASP A 411 17.49 26.85 -14.31
CA ASP A 411 16.12 27.01 -14.87
C ASP A 411 16.23 27.26 -16.36
N SER A 412 16.00 26.25 -17.16
CA SER A 412 16.05 26.34 -18.61
C SER A 412 15.21 25.22 -19.19
N PHE A 413 14.83 25.38 -20.46
CA PHE A 413 13.97 24.43 -21.16
C PHE A 413 14.79 23.72 -22.22
N GLY A 414 15.19 22.48 -21.93
CA GLY A 414 15.96 21.69 -22.88
C GLY A 414 17.40 22.12 -22.99
N TYR A 415 18.30 21.16 -23.24
CA TYR A 415 19.73 21.43 -23.34
C TYR A 415 20.27 20.80 -24.62
N ALA A 416 20.97 21.59 -25.42
CA ALA A 416 21.54 21.10 -26.66
C ALA A 416 22.70 20.15 -26.38
N GLY A 417 22.97 19.27 -27.34
CA GLY A 417 24.04 18.29 -27.18
C GLY A 417 25.43 18.86 -27.30
N SER A 418 25.58 20.06 -27.86
CA SER A 418 26.89 20.67 -28.04
C SER A 418 27.41 21.34 -26.78
N TRP A 419 26.60 21.42 -25.72
CA TRP A 419 27.03 22.11 -24.50
C TRP A 419 28.25 21.49 -23.83
N PRO A 420 28.38 20.17 -23.67
CA PRO A 420 29.60 19.65 -23.01
C PRO A 420 30.90 20.08 -23.69
N GLN A 421 30.92 20.08 -25.03
CA GLN A 421 32.14 20.45 -25.74
C GLN A 421 32.51 21.91 -25.49
N ILE A 422 31.53 22.82 -25.62
CA ILE A 422 31.78 24.23 -25.42
C ILE A 422 32.19 24.49 -23.97
N ALA A 423 31.49 23.86 -23.02
CA ALA A 423 31.81 24.06 -21.61
C ALA A 423 33.22 23.59 -21.29
N ARG A 424 33.62 22.42 -21.81
CA ARG A 424 34.95 21.91 -21.53
C ARG A 424 36.02 22.76 -22.21
N ARG A 425 35.77 23.23 -23.43
CA ARG A 425 36.75 24.06 -24.13
C ARG A 425 36.80 25.47 -23.56
N ALA A 426 35.80 25.87 -22.78
CA ALA A 426 35.78 27.19 -22.15
C ALA A 426 36.45 27.19 -20.78
N GLY A 427 36.89 26.04 -20.28
CA GLY A 427 37.57 25.95 -19.00
C GLY A 427 36.73 25.39 -17.88
N PHE A 428 35.42 25.28 -18.05
CA PHE A 428 34.57 24.72 -17.01
C PHE A 428 34.79 23.22 -16.89
N ASP A 429 34.52 22.69 -15.69
CA ASP A 429 34.75 21.26 -15.46
C ASP A 429 33.62 20.59 -14.66
N TRP A 430 32.46 21.22 -14.52
CA TRP A 430 31.28 20.54 -14.01
C TRP A 430 30.04 21.31 -14.46
N PHE A 431 28.88 20.63 -14.33
CA PHE A 431 27.63 21.13 -14.86
C PHE A 431 26.51 20.84 -13.86
N LEU A 432 25.60 21.80 -13.69
CA LEU A 432 24.53 21.67 -12.70
C LEU A 432 23.23 22.21 -13.29
N THR A 433 22.22 21.35 -13.36
CA THR A 433 20.88 21.72 -13.83
C THR A 433 19.85 20.93 -13.04
N GLN A 434 18.61 21.42 -13.05
CA GLN A 434 17.54 20.75 -12.30
C GLN A 434 16.22 20.62 -13.05
N LYS A 435 16.00 21.36 -14.14
CA LYS A 435 14.69 21.39 -14.77
C LYS A 435 14.33 20.09 -15.49
N ILE A 436 15.31 19.21 -15.72
CA ILE A 436 15.03 17.96 -16.42
C ILE A 436 14.05 17.10 -15.64
N SER A 437 14.01 17.26 -14.31
CA SER A 437 13.12 16.46 -13.48
C SER A 437 11.65 16.84 -13.64
N TRP A 438 11.34 17.93 -14.35
CA TRP A 438 9.98 18.37 -14.58
C TRP A 438 9.31 17.66 -15.75
N ASN A 439 9.79 16.47 -16.12
CA ASN A 439 9.23 15.74 -17.25
C ASN A 439 7.80 15.30 -16.93
N ASP A 440 7.09 14.88 -17.98
CA ASP A 440 5.70 14.48 -17.88
C ASP A 440 5.52 12.96 -17.91
N THR A 441 6.36 12.24 -18.67
CA THR A 441 6.18 10.80 -18.86
C THR A 441 7.27 9.99 -18.18
N THR A 442 8.54 10.28 -18.45
CA THR A 442 9.65 9.46 -17.99
C THR A 442 10.47 10.18 -16.94
N LYS A 443 11.29 9.41 -16.22
CA LYS A 443 12.19 9.92 -15.20
C LYS A 443 13.63 9.70 -15.65
N PHE A 444 14.48 10.68 -15.39
CA PHE A 444 15.87 10.59 -15.81
C PHE A 444 16.58 9.46 -15.07
N PRO A 445 17.40 8.67 -15.77
CA PRO A 445 18.04 7.52 -15.11
C PRO A 445 18.97 7.89 -13.96
N HIS A 446 19.65 9.03 -14.03
CA HIS A 446 20.68 9.38 -13.07
C HIS A 446 20.50 10.80 -12.57
N HIS A 447 21.18 11.03 -11.43
CA HIS A 447 21.15 12.34 -10.76
C HIS A 447 22.59 12.82 -10.62
N SER A 448 23.58 12.04 -11.00
CA SER A 448 24.98 12.44 -11.01
C SER A 448 25.71 11.50 -11.96
N PHE A 449 26.20 12.03 -13.07
CA PHE A 449 26.73 11.19 -14.14
C PHE A 449 27.73 11.99 -14.96
N MET A 450 28.17 11.38 -16.06
CA MET A 450 29.03 12.03 -17.05
C MET A 450 28.20 12.26 -18.30
N TRP A 451 27.88 13.52 -18.57
CA TRP A 451 27.17 13.88 -19.79
C TRP A 451 28.16 13.94 -20.94
N GLU A 452 27.95 13.10 -21.95
CA GLU A 452 28.84 13.04 -23.10
C GLU A 452 28.31 13.90 -24.23
N GLY A 453 29.15 14.78 -24.76
CA GLY A 453 28.76 15.63 -25.85
C GLY A 453 28.60 14.84 -27.14
N ILE A 454 28.25 15.58 -28.20
CA ILE A 454 28.01 14.93 -29.48
C ILE A 454 29.32 14.35 -30.03
N ASP A 455 30.44 15.03 -29.78
CA ASP A 455 31.71 14.57 -30.35
C ASP A 455 32.35 13.45 -29.52
N GLY A 456 32.94 13.81 -28.39
CA GLY A 456 33.41 12.83 -27.43
C GLY A 456 33.46 13.39 -26.03
N THR A 457 32.96 14.61 -25.85
CA THR A 457 33.29 15.41 -24.68
C THR A 457 32.44 14.99 -23.49
N ARG A 458 33.10 14.59 -22.41
CA ARG A 458 32.44 14.18 -21.19
C ARG A 458 32.60 15.28 -20.14
N ILE A 459 31.49 15.67 -19.53
CA ILE A 459 31.47 16.68 -18.49
C ILE A 459 30.67 16.15 -17.30
N LEU A 460 31.18 16.39 -16.09
CA LEU A 460 30.47 15.93 -14.91
C LEU A 460 29.19 16.73 -14.72
N THR A 461 28.08 16.03 -14.52
CA THR A 461 26.78 16.67 -14.35
C THR A 461 26.10 16.12 -13.11
N HIS A 462 25.50 17.01 -12.33
CA HIS A 462 24.81 16.65 -11.11
C HIS A 462 23.45 17.34 -11.06
N PHE A 463 22.45 16.62 -10.56
CA PHE A 463 21.10 17.16 -10.38
C PHE A 463 20.76 17.27 -8.90
N PRO A 464 20.02 18.31 -8.51
CA PRO A 464 19.54 18.38 -7.13
C PRO A 464 18.40 17.40 -6.92
N PRO A 465 18.56 16.44 -6.01
CA PRO A 465 17.52 15.43 -5.81
C PRO A 465 16.18 16.00 -5.37
N SER A 466 16.18 17.11 -4.62
CA SER A 466 14.92 17.72 -4.20
C SER A 466 14.12 18.26 -5.38
N ASP A 467 14.75 18.44 -6.53
CA ASP A 467 14.08 18.85 -7.77
C ASP A 467 13.43 20.22 -7.63
N THR A 468 14.06 21.10 -6.85
CA THR A 468 13.55 22.44 -6.65
C THR A 468 14.72 23.37 -6.32
N TYR A 469 14.77 24.52 -7.00
CA TYR A 469 15.79 25.53 -6.72
C TYR A 469 15.35 26.55 -5.68
N CYS A 470 14.09 26.51 -5.26
CA CYS A 470 13.55 27.42 -4.25
C CYS A 470 12.86 26.57 -3.18
N SER A 471 13.65 26.13 -2.20
CA SER A 471 13.19 25.23 -1.15
C SER A 471 13.11 25.96 0.18
N SER A 472 12.11 25.60 0.99
CA SER A 472 11.93 26.15 2.32
C SER A 472 12.67 25.35 3.38
N MET A 473 13.48 24.38 2.97
CA MET A 473 14.23 23.51 3.89
C MET A 473 13.31 22.74 4.82
N SER A 474 12.13 22.38 4.34
CA SER A 474 11.25 21.51 5.11
C SER A 474 11.84 20.11 5.19
N MET A 475 11.61 19.46 6.34
CA MET A 475 12.15 18.11 6.55
C MET A 475 11.54 17.12 5.55
N ARG A 476 10.29 17.35 5.16
CA ARG A 476 9.66 16.51 4.14
C ARG A 476 10.47 16.56 2.85
N GLU A 477 10.84 17.76 2.40
CA GLU A 477 11.69 17.90 1.22
C GLU A 477 13.07 17.30 1.48
N LEU A 478 13.57 17.43 2.71
CA LEU A 478 14.90 16.93 3.03
C LEU A 478 15.00 15.43 2.84
N MET A 479 13.99 14.69 3.31
CA MET A 479 14.00 13.25 3.06
C MET A 479 13.45 12.86 1.69
N TYR A 480 12.66 13.72 1.04
CA TYR A 480 12.27 13.45 -0.33
C TYR A 480 13.46 13.48 -1.27
N SER A 481 14.43 14.37 -1.00
CA SER A 481 15.66 14.38 -1.79
C SER A 481 16.40 13.05 -1.66
N GLN A 482 16.49 12.52 -0.44
CA GLN A 482 17.17 11.24 -0.24
C GLN A 482 16.38 10.10 -0.90
N ARG A 483 15.05 10.13 -0.81
CA ARG A 483 14.24 9.05 -1.36
C ARG A 483 14.26 9.06 -2.89
N ASN A 484 14.33 10.23 -3.51
CA ASN A 484 14.29 10.35 -4.96
C ASN A 484 15.65 10.20 -5.61
N PHE A 485 16.70 9.95 -4.82
CA PHE A 485 18.06 9.83 -5.36
C PHE A 485 18.21 8.47 -6.03
N LEU A 486 18.34 8.47 -7.37
CA LEU A 486 18.53 7.21 -8.09
C LEU A 486 19.93 6.66 -7.88
N ASP A 487 20.94 7.51 -7.87
CA ASP A 487 22.34 7.07 -7.72
C ASP A 487 22.71 6.92 -6.25
N LYS A 488 21.92 6.13 -5.51
CA LYS A 488 22.14 5.96 -4.08
C LYS A 488 23.18 4.90 -3.75
N ASP A 489 23.70 4.18 -4.75
CA ASP A 489 24.57 3.04 -4.47
C ASP A 489 26.05 3.38 -4.55
N LEU A 490 26.42 4.49 -5.20
CA LEU A 490 27.84 4.78 -5.36
C LEU A 490 28.19 6.26 -5.21
N SER A 491 27.26 7.10 -4.73
CA SER A 491 27.51 8.53 -4.63
C SER A 491 27.59 9.02 -3.19
N ARG A 492 26.53 8.80 -2.40
CA ARG A 492 26.47 9.26 -1.01
C ARG A 492 26.75 10.76 -0.89
N ASN A 493 26.31 11.53 -1.88
CA ASN A 493 26.54 12.98 -1.87
C ASN A 493 25.45 13.64 -2.72
N ALA A 494 24.97 14.78 -2.26
CA ALA A 494 23.90 15.48 -2.96
C ALA A 494 23.94 16.96 -2.59
N ILE A 495 23.35 17.78 -3.46
CA ILE A 495 23.28 19.22 -3.27
C ILE A 495 21.83 19.59 -2.96
N LEU A 496 21.67 20.69 -2.23
CA LEU A 496 20.35 21.17 -1.87
C LEU A 496 20.38 22.70 -1.81
N LEU A 497 19.65 23.34 -2.73
CA LEU A 497 19.56 24.79 -2.77
C LEU A 497 18.35 25.25 -1.96
N TYR A 498 18.58 26.16 -1.02
CA TYR A 498 17.52 26.67 -0.16
C TYR A 498 17.46 28.19 -0.26
N GLY A 499 16.24 28.72 -0.23
CA GLY A 499 16.04 30.17 -0.29
C GLY A 499 14.86 30.58 -1.15
N PHE A 500 13.82 31.17 -0.54
CA PHE A 500 12.64 31.62 -1.31
C PHE A 500 13.14 32.34 -2.56
N GLY A 501 12.81 31.81 -3.74
CA GLY A 501 13.37 32.38 -4.98
C GLY A 501 12.30 32.57 -6.05
N ASP A 502 12.56 32.06 -7.27
CA ASP A 502 11.58 32.17 -8.39
C ASP A 502 11.19 33.62 -8.62
N GLY A 503 12.15 34.53 -8.50
CA GLY A 503 11.87 35.95 -8.70
C GLY A 503 11.73 36.69 -7.39
N GLY A 504 12.78 36.69 -6.58
CA GLY A 504 12.75 37.50 -5.35
C GLY A 504 12.91 36.67 -4.08
N GLY A 505 13.65 37.20 -3.11
CA GLY A 505 13.73 36.50 -1.81
C GLY A 505 15.14 36.36 -1.29
N GLY A 506 15.55 35.12 -1.02
CA GLY A 506 16.89 34.87 -0.43
C GLY A 506 16.73 34.17 0.89
N PRO A 507 17.80 33.57 1.46
CA PRO A 507 17.66 32.81 2.69
C PRO A 507 17.20 33.63 3.90
N THR A 508 16.41 33.04 4.80
CA THR A 508 15.94 33.70 6.01
C THR A 508 16.53 33.00 7.23
N ARG A 509 16.09 33.44 8.41
CA ARG A 509 16.59 32.86 9.65
C ARG A 509 16.09 31.44 9.88
N GLU A 510 14.89 31.13 9.38
CA GLU A 510 14.29 29.82 9.66
C GLU A 510 15.09 28.68 9.06
N MET A 511 15.45 28.78 7.78
CA MET A 511 16.17 27.68 7.15
C MET A 511 17.62 27.61 7.65
N THR A 512 18.25 28.75 7.90
CA THR A 512 19.61 28.70 8.45
C THR A 512 19.62 28.20 9.89
N ALA A 513 18.48 28.25 10.58
CA ALA A 513 18.36 27.58 11.87
C ALA A 513 18.10 26.08 11.71
N ARG A 514 17.28 25.71 10.73
CA ARG A 514 17.00 24.30 10.47
C ARG A 514 18.27 23.55 10.08
N ILE A 515 19.12 24.17 9.26
CA ILE A 515 20.36 23.52 8.85
C ILE A 515 21.23 23.23 10.06
N ARG A 516 21.36 24.18 10.97
CA ARG A 516 22.16 23.95 12.17
C ARG A 516 21.52 22.92 13.09
N ARG A 517 20.19 22.90 13.18
CA ARG A 517 19.53 21.89 14.01
C ARG A 517 19.67 20.50 13.42
N ASP A 518 19.82 20.38 12.11
CA ASP A 518 19.85 19.08 11.43
C ASP A 518 21.26 18.69 11.00
N HIS A 519 22.27 19.00 11.81
CA HIS A 519 23.64 18.63 11.46
C HIS A 519 23.79 17.11 11.42
N ASP A 520 23.42 16.44 12.51
CA ASP A 520 23.51 14.98 12.59
C ASP A 520 22.29 14.41 13.30
N LEU A 521 21.10 14.90 12.94
CA LEU A 521 19.88 14.43 13.60
C LEU A 521 19.56 13.01 13.16
N ALA A 522 19.23 12.16 14.13
CA ALA A 522 18.91 10.77 13.82
C ALA A 522 17.59 10.67 13.08
N GLY A 523 17.54 9.80 12.08
CA GLY A 523 16.36 9.61 11.27
C GLY A 523 16.28 10.52 10.06
N ALA A 524 17.21 11.45 9.90
CA ALA A 524 17.23 12.38 8.78
C ALA A 524 18.61 12.41 8.15
N PRO A 525 18.70 12.72 6.85
CA PRO A 525 20.01 12.80 6.21
C PRO A 525 20.86 13.92 6.80
N LYS A 526 22.17 13.70 6.81
CA LYS A 526 23.11 14.69 7.33
C LYS A 526 23.29 15.81 6.32
N ILE A 527 23.19 17.06 6.79
CA ILE A 527 23.33 18.23 5.92
C ILE A 527 24.19 19.26 6.63
N ASP A 528 25.13 19.85 5.88
CA ASP A 528 26.02 20.88 6.39
C ASP A 528 26.17 21.97 5.34
N PHE A 529 26.76 23.08 5.74
CA PHE A 529 27.10 24.14 4.80
C PHE A 529 28.30 23.73 3.95
N GLY A 530 28.49 24.45 2.85
CA GLY A 530 29.60 24.13 1.96
C GLY A 530 29.57 25.00 0.73
N THR A 531 30.38 24.61 -0.25
CA THR A 531 30.50 25.28 -1.53
C THR A 531 30.32 24.28 -2.66
N PRO A 532 29.85 24.73 -3.83
CA PRO A 532 29.65 23.79 -4.94
C PRO A 532 30.93 23.08 -5.37
N ASP A 533 32.08 23.76 -5.31
CA ASP A 533 33.32 23.13 -5.74
C ASP A 533 33.67 21.93 -4.88
N GLN A 534 33.47 22.04 -3.56
CA GLN A 534 33.73 20.92 -2.66
C GLN A 534 32.83 19.74 -2.98
N LEU A 535 31.54 20.00 -3.22
CA LEU A 535 30.62 18.93 -3.55
C LEU A 535 30.99 18.26 -4.87
N PHE A 536 31.39 19.05 -5.87
CA PHE A 536 31.73 18.46 -7.16
C PHE A 536 33.04 17.68 -7.09
N ASP A 537 33.99 18.13 -6.27
CA ASP A 537 35.18 17.33 -6.03
C ASP A 537 34.83 16.02 -5.34
N ARG A 538 33.91 16.06 -4.37
CA ARG A 538 33.45 14.83 -3.72
C ARG A 538 32.80 13.89 -4.72
N VAL A 539 31.98 14.43 -5.63
CA VAL A 539 31.32 13.60 -6.64
C VAL A 539 32.36 12.99 -7.58
N ARG A 540 33.36 13.78 -7.98
CA ARG A 540 34.42 13.26 -8.84
C ARG A 540 35.17 12.13 -8.14
N LYS A 541 35.46 12.29 -6.86
CA LYS A 541 36.12 11.22 -6.12
C LYS A 541 35.24 9.98 -6.01
N ASP A 542 33.93 10.18 -5.83
CA ASP A 542 33.04 9.05 -5.59
C ASP A 542 32.74 8.25 -6.86
N ILE A 543 32.51 8.91 -7.98
CA ILE A 543 31.95 8.24 -9.15
C ILE A 543 32.93 8.19 -10.33
N VAL A 544 34.16 8.66 -10.15
CA VAL A 544 35.13 8.63 -11.24
C VAL A 544 36.39 7.89 -10.81
N ASP A 545 37.01 8.34 -9.73
CA ASP A 545 38.28 7.77 -9.27
C ASP A 545 38.09 6.57 -8.35
N ASP A 546 36.86 6.19 -8.02
CA ASP A 546 36.61 5.07 -7.12
C ASP A 546 35.86 3.93 -7.79
N ALA A 547 34.93 4.23 -8.70
CA ALA A 547 34.18 3.18 -9.37
C ALA A 547 35.09 2.32 -10.24
N ARG A 548 36.00 2.96 -10.98
CA ARG A 548 36.94 2.27 -11.86
C ARG A 548 36.22 1.37 -12.86
N GLY A 549 35.40 2.00 -13.71
CA GLY A 549 34.65 1.32 -14.73
C GLY A 549 33.15 1.30 -14.53
N GLU A 550 32.65 1.84 -13.42
CA GLU A 550 31.22 1.90 -13.15
C GLU A 550 30.69 3.32 -13.21
N THR A 551 31.37 4.19 -13.96
CA THR A 551 30.96 5.58 -14.05
C THR A 551 29.71 5.71 -14.91
N PRO A 552 28.62 6.28 -14.40
CA PRO A 552 27.44 6.49 -15.25
C PRO A 552 27.75 7.48 -16.36
N VAL A 553 27.22 7.19 -17.55
CA VAL A 553 27.43 8.01 -18.73
C VAL A 553 26.10 8.18 -19.46
N PHE A 554 25.81 9.40 -19.89
CA PHE A 554 24.61 9.71 -20.64
C PHE A 554 25.00 10.42 -21.93
N HIS A 555 24.75 9.78 -23.06
CA HIS A 555 25.15 10.30 -24.36
C HIS A 555 23.95 10.87 -25.09
N GLY A 556 24.16 11.98 -25.78
CA GLY A 556 23.10 12.61 -26.54
C GLY A 556 22.81 14.03 -26.08
N GLU A 557 21.52 14.37 -25.96
CA GLU A 557 21.09 15.69 -25.53
C GLU A 557 20.03 15.56 -24.45
N LEU A 558 20.03 16.52 -23.54
CA LEU A 558 19.04 16.58 -22.47
C LEU A 558 17.80 17.30 -23.00
N TYR A 559 16.71 16.56 -23.15
CA TYR A 559 15.48 17.08 -23.73
C TYR A 559 14.40 17.13 -22.65
N LEU A 560 13.95 18.32 -22.32
CA LEU A 560 12.83 18.48 -21.40
C LEU A 560 11.54 18.01 -22.06
N GLU A 561 10.72 17.29 -21.30
CA GLU A 561 9.47 16.73 -21.79
C GLU A 561 8.26 17.57 -21.41
N LEU A 562 8.47 18.79 -20.95
CA LEU A 562 7.39 19.71 -20.63
C LEU A 562 7.39 20.89 -21.60
N HIS A 563 6.36 21.73 -21.47
CA HIS A 563 6.19 22.91 -22.31
C HIS A 563 6.07 22.54 -23.78
N ARG A 564 7.17 22.64 -24.53
CA ARG A 564 7.29 22.33 -25.94
C ARG A 564 6.54 23.32 -26.83
N GLY A 565 5.81 24.27 -26.27
CA GLY A 565 5.12 25.26 -27.07
C GLY A 565 5.88 26.57 -27.14
N THR A 566 6.96 26.66 -26.35
CA THR A 566 7.76 27.87 -26.32
C THR A 566 8.56 28.07 -27.61
N LEU A 567 8.78 27.01 -28.38
CA LEU A 567 9.60 27.11 -29.57
C LEU A 567 8.94 27.93 -30.68
N THR A 568 7.62 28.09 -30.64
CA THR A 568 6.90 28.83 -31.67
C THR A 568 5.92 29.83 -31.06
N ALA A 569 6.29 30.42 -29.93
CA ALA A 569 5.50 31.46 -29.29
C ALA A 569 6.24 32.79 -29.41
N GLN A 570 5.49 33.84 -29.80
CA GLN A 570 6.05 35.16 -30.06
C GLN A 570 7.15 35.08 -31.12
N GLN A 571 6.72 34.70 -32.32
CA GLN A 571 7.65 34.44 -33.42
C GLN A 571 8.47 35.67 -33.77
N ASP A 572 7.96 36.87 -33.51
CA ASP A 572 8.69 38.09 -33.85
C ASP A 572 10.03 38.14 -33.12
N MET A 573 10.07 37.69 -31.86
CA MET A 573 11.30 37.72 -31.10
C MET A 573 12.37 36.84 -31.75
N LYS A 574 12.01 35.59 -32.08
CA LYS A 574 12.98 34.68 -32.67
C LYS A 574 13.41 35.13 -34.05
N ARG A 575 12.46 35.64 -34.85
CA ARG A 575 12.80 36.18 -36.17
C ARG A 575 13.81 37.32 -36.04
N GLY A 576 13.51 38.29 -35.18
CA GLY A 576 14.43 39.39 -34.98
C GLY A 576 15.78 38.93 -34.46
N CYS A 577 15.80 37.94 -33.58
CA CYS A 577 17.06 37.42 -33.05
C CYS A 577 17.91 36.82 -34.15
N ARG A 578 17.31 36.02 -35.04
CA ARG A 578 18.06 35.47 -36.16
C ARG A 578 18.58 36.57 -37.07
N GLN A 579 17.73 37.58 -37.35
CA GLN A 579 18.17 38.67 -38.22
C GLN A 579 19.36 39.41 -37.61
N GLU A 580 19.32 39.70 -36.31
CA GLU A 580 20.44 40.44 -35.73
C GLU A 580 21.67 39.56 -35.57
N GLU A 581 21.50 38.25 -35.41
CA GLU A 581 22.67 37.38 -35.39
C GLU A 581 23.40 37.43 -36.72
N SER A 582 22.65 37.34 -37.82
CA SER A 582 23.25 37.49 -39.13
C SER A 582 23.86 38.88 -39.30
N MET A 583 23.18 39.90 -38.77
CA MET A 583 23.67 41.28 -38.86
C MET A 583 25.02 41.42 -38.14
N LEU A 584 25.11 40.87 -36.93
CA LEU A 584 26.37 40.91 -36.19
C LEU A 584 27.48 40.17 -36.94
N ARG A 585 27.17 38.99 -37.50
CA ARG A 585 28.19 38.27 -38.26
C ARG A 585 28.74 39.13 -39.39
N VAL A 586 27.84 39.68 -40.22
CA VAL A 586 28.28 40.43 -41.39
C VAL A 586 29.01 41.70 -40.95
N VAL A 587 28.50 42.41 -39.95
CA VAL A 587 29.10 43.68 -39.54
C VAL A 587 30.46 43.45 -38.89
N GLU A 588 30.61 42.37 -38.14
CA GLU A 588 31.91 42.06 -37.55
C GLU A 588 32.93 41.71 -38.62
N TYR A 589 32.51 40.94 -39.63
CA TYR A 589 33.43 40.66 -40.74
C TYR A 589 33.84 41.94 -41.45
N LEU A 590 32.88 42.82 -41.72
CA LEU A 590 33.19 44.07 -42.41
C LEU A 590 34.10 44.96 -41.57
N CYS A 591 33.85 45.03 -40.27
CA CYS A 591 34.70 45.83 -39.39
C CYS A 591 36.11 45.29 -39.33
N ALA A 592 36.25 43.96 -39.28
CA ALA A 592 37.58 43.36 -39.30
C ALA A 592 38.31 43.68 -40.60
N VAL A 593 37.61 43.59 -41.73
CA VAL A 593 38.22 43.91 -43.01
C VAL A 593 38.64 45.38 -43.03
N ALA A 594 37.78 46.27 -42.54
CA ALA A 594 38.11 47.70 -42.53
C ALA A 594 39.33 47.98 -41.65
N SER A 595 39.40 47.34 -40.49
CA SER A 595 40.54 47.55 -39.59
C SER A 595 41.82 47.01 -40.19
N ILE A 596 41.75 45.86 -40.88
CA ILE A 596 42.96 45.24 -41.41
C ILE A 596 43.39 45.84 -42.75
N LYS A 597 42.52 46.58 -43.43
CA LYS A 597 42.85 47.11 -44.75
C LYS A 597 43.63 48.43 -44.65
N ASN A 598 43.06 49.44 -44.00
CA ASN A 598 43.73 50.72 -43.92
C ASN A 598 43.90 51.17 -42.47
N PRO A 599 45.03 51.78 -42.14
CA PRO A 599 45.22 52.28 -40.77
C PRO A 599 44.40 53.54 -40.51
N GLY A 600 44.24 53.85 -39.23
CA GLY A 600 43.49 55.01 -38.81
C GLY A 600 42.02 54.78 -38.59
N TYR A 601 41.50 53.60 -38.93
CA TYR A 601 40.10 53.25 -38.71
C TYR A 601 39.97 52.64 -37.33
N VAL A 602 39.41 53.41 -36.39
CA VAL A 602 39.22 52.90 -35.03
C VAL A 602 38.16 51.81 -35.04
N TYR A 603 38.43 50.73 -34.33
CA TYR A 603 37.48 49.63 -34.25
C TYR A 603 36.27 50.05 -33.43
N PRO A 604 35.05 49.94 -33.95
CA PRO A 604 33.87 50.33 -33.17
C PRO A 604 33.59 49.38 -32.03
N ARG A 605 34.54 49.29 -31.09
CA ARG A 605 34.39 48.36 -29.97
C ARG A 605 33.22 48.73 -29.07
N GLU A 606 33.06 50.04 -28.79
CA GLU A 606 32.06 50.48 -27.82
C GLU A 606 30.65 50.13 -28.27
N GLU A 607 30.25 50.62 -29.45
CA GLU A 607 28.90 50.36 -29.93
C GLU A 607 28.66 48.88 -30.19
N LEU A 608 29.70 48.14 -30.56
CA LEU A 608 29.55 46.70 -30.75
C LEU A 608 29.19 46.02 -29.44
N ASP A 609 29.90 46.35 -28.36
CA ASP A 609 29.57 45.77 -27.06
C ASP A 609 28.29 46.36 -26.47
N ARG A 610 27.81 47.49 -26.99
CA ARG A 610 26.49 47.98 -26.59
C ARG A 610 25.38 47.21 -27.28
N ILE A 611 25.58 46.83 -28.55
CA ILE A 611 24.65 45.93 -29.21
C ILE A 611 24.65 44.57 -28.53
N TRP A 612 25.84 44.06 -28.23
CA TRP A 612 25.97 42.96 -27.30
C TRP A 612 25.58 43.42 -25.90
N LYS A 613 25.37 42.46 -25.00
CA LYS A 613 24.90 42.69 -23.63
C LYS A 613 23.47 43.21 -23.62
N THR A 614 22.90 43.51 -24.80
CA THR A 614 21.50 43.84 -24.97
C THR A 614 20.80 42.82 -25.84
N LEU A 615 21.38 42.47 -27.00
CA LEU A 615 20.95 41.27 -27.70
C LEU A 615 21.04 40.06 -26.80
N LEU A 616 22.11 39.95 -26.03
CA LEU A 616 22.30 38.77 -25.19
C LEU A 616 21.36 38.82 -24.00
N LEU A 617 21.08 40.02 -23.48
CA LEU A 617 20.10 40.16 -22.41
C LEU A 617 18.71 39.75 -22.88
N ASN A 618 18.34 40.12 -24.11
CA ASN A 618 17.02 39.78 -24.63
C ASN A 618 16.87 38.29 -24.91
N GLN A 619 17.95 37.51 -24.82
CA GLN A 619 17.90 36.06 -25.01
C GLN A 619 17.70 35.31 -23.71
N PHE A 620 17.06 35.93 -22.72
CA PHE A 620 16.87 35.30 -21.42
C PHE A 620 15.94 34.09 -21.53
N HIS A 621 15.94 33.26 -20.49
CA HIS A 621 15.16 31.99 -20.47
C HIS A 621 13.70 32.25 -20.22
N ASP A 622 13.31 33.50 -20.01
CA ASP A 622 11.87 33.78 -19.87
C ASP A 622 11.54 34.93 -20.80
N ILE A 623 12.43 35.20 -21.74
CA ILE A 623 12.14 36.26 -22.71
C ILE A 623 12.19 35.72 -24.14
N LEU A 624 13.28 35.06 -24.52
CA LEU A 624 13.40 34.56 -25.88
C LEU A 624 12.31 33.54 -26.25
N PRO A 625 12.03 32.52 -25.44
CA PRO A 625 10.87 31.67 -25.78
C PRO A 625 9.57 32.44 -25.80
N GLY A 626 9.42 33.39 -24.89
CA GLY A 626 8.28 34.29 -24.84
C GLY A 626 7.27 33.88 -23.79
N SER A 627 7.38 34.47 -22.60
CA SER A 627 6.37 34.33 -21.57
C SER A 627 6.55 35.51 -20.61
N ALA A 628 5.73 36.54 -20.78
CA ALA A 628 5.86 37.76 -19.98
C ALA A 628 4.71 38.68 -20.31
N ILE A 629 4.64 39.79 -19.58
CA ILE A 629 3.66 40.83 -19.86
C ILE A 629 4.08 41.61 -21.10
N ALA A 630 3.17 42.45 -21.61
CA ALA A 630 3.39 43.14 -22.87
C ALA A 630 4.61 44.05 -22.84
N TRP A 631 4.98 44.53 -21.64
CA TRP A 631 6.14 45.42 -21.50
C TRP A 631 7.41 44.78 -22.05
N VAL A 632 7.71 43.55 -21.63
CA VAL A 632 8.95 42.91 -22.04
C VAL A 632 8.96 42.66 -23.54
N HIS A 633 7.85 42.14 -24.06
CA HIS A 633 7.75 41.80 -25.48
C HIS A 633 7.63 43.02 -26.38
N ARG A 634 7.40 44.20 -25.81
CA ARG A 634 7.46 45.45 -26.55
C ARG A 634 8.84 46.09 -26.52
N GLN A 635 9.48 46.14 -25.35
CA GLN A 635 10.84 46.65 -25.27
C GLN A 635 11.79 45.78 -26.09
N ALA A 636 11.58 44.47 -26.10
CA ALA A 636 12.43 43.60 -26.89
C ALA A 636 12.31 43.93 -28.38
N ARG A 637 11.08 44.14 -28.86
CA ARG A 637 10.88 44.48 -30.26
C ARG A 637 11.54 45.82 -30.60
N GLU A 638 11.36 46.82 -29.74
CA GLU A 638 11.94 48.13 -30.01
C GLU A 638 13.47 48.06 -30.01
N GLU A 639 14.05 47.30 -29.07
CA GLU A 639 15.50 47.14 -29.04
C GLU A 639 16.00 46.39 -30.26
N TYR A 640 15.26 45.37 -30.72
CA TYR A 640 15.66 44.65 -31.91
C TYR A 640 15.69 45.56 -33.12
N ALA A 641 14.64 46.37 -33.30
CA ALA A 641 14.60 47.30 -34.43
C ALA A 641 15.72 48.32 -34.36
N ARG A 642 15.94 48.91 -33.17
CA ARG A 642 16.99 49.90 -33.02
C ARG A 642 18.37 49.30 -33.29
N ASP A 643 18.61 48.09 -32.77
CA ASP A 643 19.89 47.44 -33.00
C ASP A 643 20.09 47.13 -34.48
N ILE A 644 19.04 46.67 -35.17
CA ILE A 644 19.18 46.38 -36.59
C ILE A 644 19.53 47.65 -37.36
N ALA A 645 18.85 48.75 -37.05
CA ALA A 645 19.13 50.01 -37.74
C ALA A 645 20.56 50.48 -37.46
N HIS A 646 21.00 50.42 -36.21
CA HIS A 646 22.34 50.86 -35.87
C HIS A 646 23.40 49.98 -36.51
N LEU A 647 23.17 48.67 -36.56
CA LEU A 647 24.11 47.77 -37.20
C LEU A 647 24.20 48.02 -38.70
N ARG A 648 23.07 48.30 -39.35
CA ARG A 648 23.11 48.64 -40.76
C ARG A 648 23.90 49.93 -40.99
N ASP A 649 23.70 50.93 -40.12
CA ASP A 649 24.46 52.17 -40.23
C ASP A 649 25.96 51.90 -40.05
N ILE A 650 26.31 51.08 -39.07
CA ILE A 650 27.73 50.78 -38.82
C ILE A 650 28.33 50.04 -40.01
N ALA A 651 27.59 49.09 -40.59
CA ALA A 651 28.08 48.37 -41.75
C ALA A 651 28.30 49.29 -42.94
N ALA A 652 27.35 50.22 -43.16
CA ALA A 652 27.51 51.17 -44.25
C ALA A 652 28.73 52.07 -44.03
N ALA A 653 28.93 52.53 -42.79
CA ALA A 653 30.09 53.36 -42.49
C ALA A 653 31.39 52.60 -42.71
N ALA A 654 31.44 51.34 -42.26
CA ALA A 654 32.64 50.53 -42.45
C ALA A 654 32.91 50.29 -43.94
N GLY A 655 31.86 50.02 -44.71
CA GLY A 655 32.03 49.85 -46.15
C GLY A 655 32.56 51.10 -46.82
N GLN A 656 32.02 52.27 -46.43
CA GLN A 656 32.53 53.52 -46.97
C GLN A 656 33.99 53.75 -46.59
N ALA A 657 34.36 53.34 -45.37
CA ALA A 657 35.75 53.45 -44.94
C ALA A 657 36.65 52.54 -45.78
N VAL A 658 36.17 51.35 -46.12
CA VAL A 658 36.97 50.41 -46.91
C VAL A 658 37.28 50.98 -48.28
N LYS A 659 36.28 51.60 -48.91
CA LYS A 659 36.46 52.16 -50.25
C LYS A 659 37.51 53.25 -50.30
N GLU A 660 37.82 53.88 -49.15
CA GLU A 660 38.82 54.94 -49.12
C GLU A 660 40.25 54.40 -49.14
N ALA A 661 40.45 53.11 -48.82
CA ALA A 661 41.79 52.55 -48.79
C ALA A 661 42.46 52.66 -50.16
N GLU A 662 41.75 52.30 -51.22
CA GLU A 662 42.26 52.47 -52.58
C GLU A 662 41.08 52.68 -53.51
N PRO A 663 41.19 53.62 -54.46
CA PRO A 663 40.02 53.97 -55.27
C PRO A 663 39.68 52.90 -56.30
N GLY A 664 38.40 52.88 -56.67
CA GLY A 664 37.92 52.12 -57.82
C GLY A 664 38.14 50.62 -57.79
N ILE A 665 37.80 49.96 -56.68
CA ILE A 665 37.94 48.51 -56.62
C ILE A 665 36.78 47.83 -57.35
N ALA A 666 35.55 48.05 -56.89
CA ALA A 666 34.36 47.45 -57.48
C ALA A 666 33.14 48.00 -56.75
N THR A 667 31.96 47.65 -57.26
CA THR A 667 30.69 47.97 -56.62
C THR A 667 29.73 46.82 -56.85
N VAL A 668 29.04 46.40 -55.80
CA VAL A 668 28.15 45.25 -55.84
C VAL A 668 26.78 45.67 -55.33
N LYS A 669 25.73 45.27 -56.05
CA LYS A 669 24.36 45.60 -55.69
C LYS A 669 23.79 44.54 -54.76
N HIS A 670 23.21 44.99 -53.65
CA HIS A 670 22.49 44.18 -52.66
C HIS A 670 23.43 43.34 -51.81
N ALA A 671 24.70 43.29 -52.19
CA ALA A 671 25.82 42.87 -51.34
C ALA A 671 25.46 41.72 -50.40
N VAL A 672 25.04 40.61 -50.99
CA VAL A 672 24.70 39.43 -50.20
C VAL A 672 25.97 38.70 -49.79
N ILE A 673 26.11 38.47 -48.49
CA ILE A 673 27.26 37.77 -47.92
C ILE A 673 26.77 36.51 -47.22
N ALA A 674 27.37 35.38 -47.53
CA ALA A 674 26.98 34.10 -46.95
C ALA A 674 28.19 33.39 -46.37
N PRO A 675 28.05 32.79 -45.19
CA PRO A 675 29.17 31.99 -44.64
C PRO A 675 29.57 30.82 -45.52
N TYR A 676 28.63 30.19 -46.21
CA TYR A 676 28.90 28.98 -46.98
C TYR A 676 28.29 29.11 -48.37
N ALA A 677 28.87 28.37 -49.32
CA ALA A 677 28.40 28.38 -50.70
C ALA A 677 28.78 27.06 -51.36
N SER A 678 28.15 26.79 -52.50
CA SER A 678 28.42 25.54 -53.22
C SER A 678 29.87 25.48 -53.68
N ASN A 679 30.39 26.59 -54.21
CA ASN A 679 31.78 26.63 -54.66
C ASN A 679 32.69 26.83 -53.46
N PRO A 680 33.68 25.95 -53.25
CA PRO A 680 34.57 26.12 -52.09
C PRO A 680 35.31 27.44 -52.08
N GLN A 681 35.70 27.96 -53.24
CA GLN A 681 36.41 29.23 -53.32
C GLN A 681 35.49 30.43 -53.28
N TYR A 682 34.17 30.22 -53.31
CA TYR A 682 33.19 31.29 -53.23
C TYR A 682 32.51 31.35 -51.87
N SER A 683 33.14 30.80 -50.83
CA SER A 683 32.50 30.68 -49.52
C SER A 683 32.16 32.06 -48.94
N TRP A 684 33.19 32.87 -48.66
CA TRP A 684 32.97 34.22 -48.15
C TRP A 684 33.08 35.26 -49.26
N ALA A 685 32.30 35.06 -50.32
CA ALA A 685 32.34 35.94 -51.48
C ALA A 685 31.50 37.18 -51.22
N VAL A 686 31.54 38.11 -52.18
CA VAL A 686 30.77 39.34 -52.11
C VAL A 686 29.80 39.37 -53.29
N ARG A 687 29.33 38.20 -53.70
CA ARG A 687 28.46 38.09 -54.86
C ARG A 687 27.15 38.85 -54.64
N ASP A 688 26.64 39.43 -55.72
CA ASP A 688 25.43 40.23 -55.64
C ASP A 688 24.21 39.36 -55.37
N GLY A 689 23.17 39.99 -54.83
CA GLY A 689 21.90 39.34 -54.56
C GLY A 689 20.91 39.36 -55.70
N GLY A 690 21.27 39.93 -56.83
CA GLY A 690 20.37 39.99 -57.97
C GLY A 690 20.76 41.06 -58.97
N VAL A 698 19.55 31.19 -69.39
CA VAL A 698 19.96 29.86 -69.82
C VAL A 698 18.73 29.01 -70.12
N ILE A 699 18.05 28.58 -69.07
CA ILE A 699 16.85 27.76 -69.21
C ILE A 699 15.70 28.41 -68.43
N PRO A 700 14.98 29.34 -69.04
CA PRO A 700 13.82 29.94 -68.36
C PRO A 700 12.77 28.88 -68.03
N VAL A 701 12.13 29.04 -66.88
CA VAL A 701 11.13 28.08 -66.42
C VAL A 701 9.91 28.14 -67.32
N SER A 702 9.35 26.97 -67.63
CA SER A 702 8.18 26.85 -68.49
C SER A 702 6.98 26.39 -67.68
N VAL A 703 5.81 26.91 -68.04
CA VAL A 703 4.56 26.58 -67.39
C VAL A 703 3.62 25.97 -68.43
N GLU A 704 2.98 24.86 -68.08
CA GLU A 704 2.08 24.13 -68.96
C GLU A 704 0.73 24.02 -68.27
N ARG A 705 -0.14 25.00 -68.50
CA ARG A 705 -1.45 25.05 -67.89
C ARG A 705 -2.34 24.03 -68.57
N GLY A 706 -2.43 22.83 -67.99
CA GLY A 706 -3.26 21.78 -68.52
C GLY A 706 -4.14 21.13 -67.47
N GLY A 707 -5.44 21.08 -67.73
CA GLY A 707 -6.36 20.52 -66.76
C GLY A 707 -6.52 21.44 -65.55
N ASN A 708 -7.01 20.85 -64.46
CA ASN A 708 -7.20 21.58 -63.21
C ASN A 708 -5.92 21.58 -62.37
N ALA A 709 -4.81 21.98 -62.99
CA ALA A 709 -3.52 22.03 -62.31
C ALA A 709 -2.57 22.91 -63.12
N ILE A 710 -1.52 23.37 -62.45
CA ILE A 710 -0.47 24.18 -63.06
C ILE A 710 0.84 23.42 -62.93
N ILE A 711 1.47 23.12 -64.06
CA ILE A 711 2.68 22.31 -64.10
C ILE A 711 3.86 23.19 -64.48
N LEU A 712 4.92 23.11 -63.69
CA LEU A 712 6.15 23.83 -63.96
C LEU A 712 7.25 22.89 -64.41
N ASP A 713 8.22 23.43 -65.13
CA ASP A 713 9.36 22.63 -65.58
C ASP A 713 10.58 23.54 -65.63
N ASN A 714 11.56 23.27 -64.77
CA ASN A 714 12.80 24.05 -64.72
C ASN A 714 14.01 23.26 -65.19
N GLY A 715 13.81 22.05 -65.71
CA GLY A 715 14.90 21.22 -66.19
C GLY A 715 15.40 20.20 -65.19
N ARG A 716 15.08 20.36 -63.91
CA ARG A 716 15.48 19.39 -62.89
C ARG A 716 14.35 19.02 -61.94
N LEU A 717 13.24 19.74 -61.94
CA LEU A 717 12.09 19.42 -61.12
C LEU A 717 10.81 19.66 -61.91
N ARG A 718 9.78 18.88 -61.60
CA ARG A 718 8.47 19.01 -62.24
C ARG A 718 7.42 19.05 -61.14
N VAL A 719 6.90 20.24 -60.86
CA VAL A 719 5.96 20.46 -59.76
C VAL A 719 4.58 20.72 -60.34
N ARG A 720 3.58 20.08 -59.74
CA ARG A 720 2.18 20.14 -60.18
C ARG A 720 1.34 20.75 -59.07
N ILE A 721 1.13 22.06 -59.14
CA ILE A 721 0.28 22.76 -58.19
C ILE A 721 -1.18 22.45 -58.50
N GLU A 722 -1.94 22.06 -57.48
CA GLU A 722 -3.32 21.65 -57.65
C GLU A 722 -4.22 22.88 -57.76
N ALA A 723 -5.53 22.67 -57.66
CA ALA A 723 -6.49 23.75 -57.88
C ALA A 723 -6.35 24.85 -56.85
N ASP A 724 -6.18 24.49 -55.58
CA ASP A 724 -6.17 25.45 -54.47
C ASP A 724 -4.85 25.35 -53.72
N GLY A 725 -3.83 26.06 -54.23
CA GLY A 725 -2.55 26.25 -53.55
C GLY A 725 -1.94 25.04 -52.87
N THR A 726 -2.03 23.87 -53.51
CA THR A 726 -1.41 22.66 -52.98
C THR A 726 -0.63 21.96 -54.08
N VAL A 727 0.45 21.28 -53.67
CA VAL A 727 1.32 20.55 -54.59
C VAL A 727 1.06 19.07 -54.43
N SER A 728 0.74 18.40 -55.55
CA SER A 728 0.48 16.97 -55.55
C SER A 728 1.60 16.14 -56.14
N SER A 729 2.58 16.77 -56.79
CA SER A 729 3.69 16.03 -57.38
C SER A 729 4.88 16.97 -57.51
N LEU A 730 6.06 16.48 -57.15
CA LEU A 730 7.32 17.20 -57.23
C LEU A 730 8.37 16.29 -57.86
N ILE A 731 8.03 15.73 -59.01
CA ILE A 731 8.86 14.71 -59.64
C ILE A 731 10.27 15.23 -59.87
N ASP A 732 11.25 14.45 -59.45
CA ASP A 732 12.66 14.77 -59.68
C ASP A 732 13.05 14.21 -61.04
N LEU A 733 13.09 15.08 -62.05
CA LEU A 733 13.38 14.62 -63.41
C LEU A 733 14.80 14.08 -63.54
N ALA A 734 15.71 14.52 -62.67
CA ALA A 734 17.09 14.05 -62.75
C ALA A 734 17.23 12.59 -62.35
N LEU A 735 16.28 12.05 -61.58
CA LEU A 735 16.37 10.66 -61.15
C LEU A 735 15.05 9.90 -61.31
N ARG A 736 14.05 10.50 -61.96
CA ARG A 736 12.74 9.87 -62.15
C ARG A 736 12.09 9.49 -60.82
N ARG A 737 12.33 10.30 -59.78
CA ARG A 737 11.83 10.02 -58.45
C ARG A 737 10.68 10.96 -58.11
N GLU A 738 9.60 10.39 -57.57
CA GLU A 738 8.45 11.14 -57.11
C GLU A 738 8.45 11.13 -55.59
N LEU A 739 8.50 12.32 -54.99
CA LEU A 739 8.68 12.45 -53.54
C LEU A 739 7.47 13.06 -52.85
N VAL A 740 6.30 13.04 -53.48
CA VAL A 740 5.08 13.52 -52.85
C VAL A 740 4.12 12.35 -52.68
N PRO A 741 3.82 11.91 -51.47
CA PRO A 741 2.91 10.77 -51.30
C PRO A 741 1.53 11.09 -51.86
N SER A 742 0.91 10.08 -52.47
CA SER A 742 -0.42 10.26 -53.07
C SER A 742 -1.53 9.94 -52.09
N GLY A 743 -1.45 10.51 -50.90
CA GLY A 743 -2.53 10.44 -49.93
C GLY A 743 -2.88 11.81 -49.38
N VAL A 744 -1.94 12.75 -49.51
CA VAL A 744 -2.09 14.11 -49.01
C VAL A 744 -1.51 15.06 -50.04
N ARG A 745 -1.68 16.36 -49.80
CA ARG A 745 -1.18 17.40 -50.68
C ARG A 745 -0.25 18.34 -49.93
N MET A 746 0.83 18.73 -50.60
CA MET A 746 1.81 19.63 -50.00
C MET A 746 1.23 21.03 -49.83
N GLY A 747 1.75 21.75 -48.85
CA GLY A 747 1.38 23.14 -48.64
C GLY A 747 0.07 23.36 -47.91
N ARG A 748 -0.60 22.30 -47.47
CA ARG A 748 -1.86 22.46 -46.76
C ARG A 748 -1.63 23.12 -45.40
N TYR A 749 -2.54 24.01 -45.04
CA TYR A 749 -2.47 24.72 -43.77
C TYR A 749 -3.48 24.13 -42.79
N GLU A 750 -3.01 23.83 -41.58
CA GLU A 750 -3.85 23.24 -40.54
C GLU A 750 -3.95 24.18 -39.35
N LEU A 751 -5.16 24.30 -38.81
CA LEU A 751 -5.45 25.17 -37.68
C LEU A 751 -5.87 24.30 -36.50
N LEU A 752 -4.88 23.86 -35.73
CA LEU A 752 -5.16 23.03 -34.56
C LEU A 752 -5.68 23.88 -33.42
N LYS A 753 -6.65 23.34 -32.69
CA LYS A 753 -7.21 24.01 -31.52
C LYS A 753 -6.48 23.55 -30.28
N ASP A 754 -5.80 24.48 -29.60
CA ASP A 754 -5.06 24.20 -28.39
C ASP A 754 -5.61 25.07 -27.26
N GLU A 755 -5.99 24.42 -26.16
CA GLU A 755 -6.49 25.10 -24.97
C GLU A 755 -5.74 24.57 -23.77
N PRO A 756 -4.47 24.97 -23.58
CA PRO A 756 -3.69 24.45 -22.46
C PRO A 756 -4.29 24.87 -21.12
N PHE A 757 -4.13 24.00 -20.12
CA PHE A 757 -4.69 24.24 -18.79
C PHE A 757 -3.64 24.60 -17.75
N HIS A 758 -2.41 24.11 -17.85
CA HIS A 758 -1.33 24.56 -16.99
C HIS A 758 -0.24 25.16 -17.87
N TRP A 759 0.24 26.34 -17.48
CA TRP A 759 1.30 27.04 -18.21
C TRP A 759 0.88 27.24 -19.68
N ASP A 760 -0.16 28.07 -19.84
CA ASP A 760 -0.83 28.21 -21.13
C ASP A 760 0.15 28.57 -22.25
N ALA A 761 1.00 29.57 -22.03
CA ALA A 761 1.93 29.98 -23.07
C ALA A 761 3.05 28.97 -23.25
N TRP A 762 3.57 28.43 -22.14
CA TRP A 762 4.71 27.53 -22.22
C TRP A 762 4.35 26.22 -22.91
N ASP A 763 3.20 25.65 -22.56
CA ASP A 763 2.92 24.24 -22.81
C ASP A 763 1.84 24.04 -23.86
N ILE A 764 2.04 23.01 -24.69
CA ILE A 764 1.00 22.46 -25.56
C ILE A 764 0.91 20.97 -25.28
N GLN A 765 -0.31 20.48 -25.13
CA GLN A 765 -0.54 19.11 -24.69
C GLN A 765 -0.81 18.20 -25.89
N ARG A 766 -1.17 16.95 -25.61
CA ARG A 766 -1.58 16.01 -26.64
C ARG A 766 -3.00 16.24 -27.13
N ASP A 767 -3.68 17.28 -26.64
CA ASP A 767 -5.01 17.61 -27.13
C ASP A 767 -4.98 17.93 -28.62
N ALA A 768 -3.94 18.62 -29.07
CA ALA A 768 -3.76 18.87 -30.49
C ALA A 768 -3.42 17.57 -31.21
N PHE A 769 -3.30 17.67 -32.54
CA PHE A 769 -3.02 16.54 -33.42
C PHE A 769 -4.16 15.52 -33.41
N LEU A 770 -5.24 15.84 -32.71
CA LEU A 770 -6.47 15.03 -32.72
C LEU A 770 -7.65 15.80 -33.29
N ALA A 771 -7.91 17.00 -32.79
CA ALA A 771 -8.97 17.86 -33.31
C ALA A 771 -8.42 18.79 -34.40
N ALA A 772 -7.74 18.20 -35.38
CA ALA A 772 -7.14 18.98 -36.45
C ALA A 772 -8.20 19.55 -37.38
N ASP A 773 -7.93 20.74 -37.90
CA ASP A 773 -8.81 21.41 -38.85
C ASP A 773 -8.01 21.73 -40.11
N THR A 774 -8.29 21.02 -41.19
CA THR A 774 -7.59 21.22 -42.46
C THR A 774 -8.30 22.32 -43.24
N LEU A 775 -7.59 23.42 -43.48
CA LEU A 775 -8.17 24.53 -44.23
C LEU A 775 -8.44 24.11 -45.67
N THR A 776 -9.66 24.37 -46.15
CA THR A 776 -10.07 24.00 -47.50
C THR A 776 -10.81 25.15 -48.17
N ASP A 777 -10.32 26.37 -47.97
CA ASP A 777 -10.91 27.57 -48.56
C ASP A 777 -9.76 28.39 -49.15
N ALA A 778 -9.44 28.12 -50.42
CA ALA A 778 -8.35 28.82 -51.08
C ALA A 778 -8.56 28.74 -52.59
N MET A 779 -7.87 29.62 -53.30
CA MET A 779 -7.91 29.65 -54.76
C MET A 779 -6.62 30.28 -55.27
N VAL A 780 -6.08 29.70 -56.34
CA VAL A 780 -4.82 30.20 -56.88
C VAL A 780 -5.03 31.56 -57.54
N GLU A 781 -3.92 32.26 -57.77
CA GLU A 781 -3.91 33.57 -58.38
C GLU A 781 -3.11 33.50 -59.68
N HIS A 782 -2.88 34.67 -60.28
CA HIS A 782 -2.18 34.75 -61.55
C HIS A 782 -0.74 34.28 -61.41
N VAL A 783 -0.34 33.31 -62.22
CA VAL A 783 1.04 32.86 -62.25
C VAL A 783 1.88 33.89 -62.98
N GLU A 784 2.99 34.30 -62.36
CA GLU A 784 3.79 35.41 -62.87
C GLU A 784 5.21 34.92 -63.18
N ASP A 785 5.69 35.26 -64.37
CA ASP A 785 7.07 34.99 -64.77
C ASP A 785 7.91 36.20 -64.37
N MET A 786 8.85 36.00 -63.46
CA MET A 786 9.67 37.10 -62.97
C MET A 786 10.53 37.66 -64.09
N PRO A 787 10.81 38.96 -64.09
CA PRO A 787 11.67 39.53 -65.15
C PRO A 787 13.06 38.92 -65.19
N ASP A 788 13.60 38.51 -64.04
CA ASP A 788 14.89 37.83 -64.03
C ASP A 788 14.80 36.48 -64.74
N GLY A 789 13.69 35.77 -64.55
CA GLY A 789 13.52 34.46 -65.15
C GLY A 789 12.80 33.47 -64.26
N SER A 790 12.57 33.86 -63.01
CA SER A 790 11.92 32.97 -62.06
C SER A 790 10.42 32.89 -62.34
N ALA A 791 9.81 31.83 -61.80
CA ALA A 791 8.38 31.60 -61.91
C ALA A 791 7.76 31.58 -60.52
N ALA A 792 6.65 32.29 -60.36
CA ALA A 792 5.98 32.39 -59.07
C ALA A 792 4.49 32.16 -59.24
N ILE A 793 3.89 31.52 -58.23
CA ILE A 793 2.46 31.28 -58.17
C ILE A 793 1.94 31.86 -56.87
N HIS A 794 0.97 32.75 -56.97
CA HIS A 794 0.35 33.38 -55.81
C HIS A 794 -0.93 32.65 -55.45
N VAL A 795 -1.24 32.63 -54.14
CA VAL A 795 -2.45 32.01 -53.65
C VAL A 795 -2.86 32.70 -52.36
N VAL A 796 -4.16 32.70 -52.09
CA VAL A 796 -4.73 33.28 -50.87
C VAL A 796 -5.54 32.22 -50.16
N THR A 797 -5.39 32.14 -48.85
CA THR A 797 -6.12 31.19 -48.01
C THR A 797 -6.82 31.95 -46.90
N ARG A 798 -8.07 31.59 -46.63
CA ARG A 798 -8.87 32.29 -45.64
C ARG A 798 -9.39 31.30 -44.60
N ALA A 799 -9.60 31.80 -43.38
CA ALA A 799 -10.08 31.00 -42.27
C ALA A 799 -11.08 31.85 -41.49
N ARG A 800 -11.38 31.41 -40.26
CA ARG A 800 -12.31 32.15 -39.42
C ARG A 800 -11.84 33.58 -39.19
N GLY A 801 -10.57 33.74 -38.82
CA GLY A 801 -10.01 35.06 -38.63
C GLY A 801 -8.59 35.19 -39.11
N VAL A 802 -8.20 34.35 -40.06
CA VAL A 802 -6.82 34.30 -40.53
C VAL A 802 -6.82 34.36 -42.05
N GLU A 803 -5.94 35.19 -42.61
CA GLU A 803 -5.74 35.18 -44.05
C GLU A 803 -4.26 35.05 -44.32
N ILE A 804 -3.93 34.30 -45.37
CA ILE A 804 -2.54 34.01 -45.72
C ILE A 804 -2.37 34.26 -47.21
N HIS A 805 -1.34 35.05 -47.55
CA HIS A 805 -0.93 35.26 -48.93
C HIS A 805 0.37 34.50 -49.14
N THR A 806 0.32 33.42 -49.92
CA THR A 806 1.44 32.51 -50.06
C THR A 806 1.89 32.49 -51.52
N VAL A 807 3.19 32.64 -51.73
CA VAL A 807 3.80 32.59 -53.06
C VAL A 807 4.76 31.41 -53.10
N ILE A 808 4.66 30.63 -54.17
CA ILE A 808 5.54 29.49 -54.43
C ILE A 808 6.45 29.86 -55.59
N THR A 809 7.76 29.73 -55.39
CA THR A 809 8.75 30.18 -56.35
C THR A 809 9.61 29.01 -56.80
N LEU A 810 9.83 28.92 -58.11
CA LEU A 810 10.69 27.89 -58.72
C LEU A 810 11.80 28.62 -59.47
N ARG A 811 12.89 28.89 -58.77
CA ARG A 811 14.01 29.60 -59.38
C ARG A 811 14.66 28.72 -60.45
N PRO A 812 14.96 29.28 -61.63
CA PRO A 812 15.57 28.47 -62.68
C PRO A 812 16.98 28.04 -62.33
N GLY A 813 17.38 26.90 -62.87
CA GLY A 813 18.73 26.40 -62.65
C GLY A 813 19.06 26.07 -61.21
N SER A 814 18.13 25.40 -60.52
CA SER A 814 18.34 25.03 -59.12
C SER A 814 17.60 23.73 -58.86
N GLY A 815 17.51 23.35 -57.59
CA GLY A 815 16.82 22.15 -57.19
C GLY A 815 16.02 22.33 -55.92
N SER A 816 15.61 23.57 -55.64
CA SER A 816 14.88 23.90 -54.43
C SER A 816 13.60 24.65 -54.79
N LEU A 817 12.53 24.32 -54.07
CA LEU A 817 11.23 24.96 -54.22
C LEU A 817 11.03 25.90 -53.04
N ASP A 818 10.83 27.19 -53.33
CA ASP A 818 10.74 28.20 -52.29
C ASP A 818 9.29 28.51 -51.95
N PHE A 819 9.03 28.72 -50.66
CA PHE A 819 7.69 29.04 -50.18
C PHE A 819 7.79 30.29 -49.31
N THR A 820 6.95 31.28 -49.57
CA THR A 820 6.87 32.47 -48.74
C THR A 820 5.41 32.74 -48.39
N ALA A 821 5.17 33.25 -47.18
CA ALA A 821 3.81 33.44 -46.69
C ALA A 821 3.73 34.70 -45.85
N ASP A 822 2.61 35.43 -46.02
CA ASP A 822 2.27 36.57 -45.18
C ASP A 822 0.96 36.25 -44.48
N VAL A 823 0.99 36.23 -43.15
CA VAL A 823 -0.15 35.81 -42.35
C VAL A 823 -0.69 37.01 -41.59
N ASN A 824 -2.02 37.10 -41.50
CA ASN A 824 -2.65 38.21 -40.79
C ASN A 824 -3.37 37.70 -39.54
N TRP A 825 -2.66 36.88 -38.75
CA TRP A 825 -3.18 36.25 -37.54
C TRP A 825 -4.06 37.18 -36.72
N HIS A 826 -5.31 36.77 -36.51
CA HIS A 826 -6.23 37.51 -35.66
C HIS A 826 -7.09 36.63 -34.77
N ALA A 827 -6.89 35.32 -34.77
CA ALA A 827 -7.71 34.41 -33.99
C ALA A 827 -7.20 34.33 -32.55
N VAL A 828 -7.90 33.55 -31.73
CA VAL A 828 -7.55 33.35 -30.33
C VAL A 828 -7.56 31.87 -30.03
N GLU A 829 -6.54 31.39 -29.30
CA GLU A 829 -6.39 30.00 -28.91
C GLU A 829 -6.45 29.06 -30.12
N LYS A 830 -5.48 29.25 -31.02
CA LYS A 830 -5.33 28.41 -32.19
C LYS A 830 -3.85 28.07 -32.38
N PHE A 831 -3.55 27.38 -33.47
CA PHE A 831 -2.18 26.92 -33.73
C PHE A 831 -2.06 26.65 -35.23
N LEU A 832 -1.17 27.39 -35.90
CA LEU A 832 -1.04 27.29 -37.35
C LEU A 832 0.12 26.37 -37.70
N LYS A 833 -0.12 25.41 -38.60
CA LYS A 833 0.91 24.49 -39.03
C LYS A 833 0.83 24.30 -40.54
N VAL A 834 1.98 23.98 -41.14
CA VAL A 834 2.07 23.64 -42.55
C VAL A 834 2.91 22.38 -42.69
N ASP A 835 2.45 21.46 -43.54
CA ASP A 835 3.07 20.15 -43.67
C ASP A 835 3.74 20.02 -45.03
N MET A 836 4.90 19.35 -45.05
CA MET A 836 5.69 19.13 -46.26
C MET A 836 6.03 17.64 -46.34
N PRO A 837 5.05 16.80 -46.70
CA PRO A 837 5.33 15.35 -46.76
C PRO A 837 6.29 15.00 -47.87
N VAL A 838 7.13 14.01 -47.60
CA VAL A 838 8.09 13.48 -48.57
C VAL A 838 8.07 11.96 -48.48
N THR A 839 8.19 11.30 -49.64
CA THR A 839 8.08 9.85 -49.69
C THR A 839 9.32 9.12 -49.18
N VAL A 840 10.42 9.82 -48.91
CA VAL A 840 11.61 9.15 -48.40
C VAL A 840 11.30 8.56 -47.03
N GLN A 841 11.63 7.28 -46.86
CA GLN A 841 11.29 6.54 -45.65
C GLN A 841 12.55 6.15 -44.92
N ALA A 842 12.62 6.47 -43.63
CA ALA A 842 13.76 6.12 -42.79
C ALA A 842 13.23 5.86 -41.38
N VAL A 843 14.15 5.77 -40.43
CA VAL A 843 13.82 5.54 -39.04
C VAL A 843 14.10 6.77 -38.18
N ASN A 844 15.21 7.45 -38.43
CA ASN A 844 15.63 8.60 -37.65
C ASN A 844 15.76 9.83 -38.55
N ALA A 845 15.30 10.96 -38.04
CA ALA A 845 15.41 12.24 -38.73
C ALA A 845 16.55 13.05 -38.14
N GLN A 846 17.22 13.81 -39.00
CA GLN A 846 18.41 14.57 -38.63
C GLN A 846 18.05 16.04 -38.48
N TYR A 847 18.00 16.52 -37.24
CA TYR A 847 17.99 17.95 -36.99
C TYR A 847 19.42 18.40 -36.74
N GLU A 848 19.62 19.69 -36.50
CA GLU A 848 20.94 20.19 -36.16
C GLU A 848 20.91 20.91 -34.82
N CYS A 849 21.94 20.66 -34.02
CA CYS A 849 22.15 21.37 -32.77
C CYS A 849 22.92 22.66 -33.06
N GLN A 850 23.46 23.29 -32.01
CA GLN A 850 24.20 24.53 -32.19
C GLN A 850 25.37 24.34 -33.15
N TYR A 851 26.21 23.34 -32.89
CA TYR A 851 27.42 23.09 -33.67
C TYR A 851 27.50 21.62 -34.08
N GLY A 852 26.39 21.09 -34.58
CA GLY A 852 26.38 19.70 -35.00
C GLY A 852 24.98 19.25 -35.36
N LEU A 853 24.81 17.94 -35.50
CA LEU A 853 23.55 17.32 -35.86
C LEU A 853 23.08 16.39 -34.76
N VAL A 854 21.78 16.11 -34.76
CA VAL A 854 21.14 15.28 -33.75
C VAL A 854 20.14 14.36 -34.45
N GLU A 855 20.06 13.12 -33.96
CA GLU A 855 19.14 12.12 -34.50
C GLU A 855 17.94 11.98 -33.58
N ARG A 856 16.74 11.99 -34.16
CA ARG A 856 15.53 11.80 -33.38
C ARG A 856 14.62 10.81 -34.07
N PRO A 857 13.99 9.90 -33.31
CA PRO A 857 13.12 8.90 -33.94
C PRO A 857 11.89 9.54 -34.57
N ILE A 858 11.42 8.90 -35.65
CA ILE A 858 10.24 9.37 -36.37
C ILE A 858 9.03 8.59 -35.89
N ASN A 859 9.09 7.27 -35.99
CA ASN A 859 8.01 6.41 -35.50
C ASN A 859 8.22 6.17 -34.01
N LYS A 860 7.38 6.79 -33.19
CA LYS A 860 7.51 6.71 -31.75
C LYS A 860 6.95 5.38 -31.25
N ASN A 861 7.79 4.58 -30.60
CA ASN A 861 7.44 3.22 -30.21
C ASN A 861 6.95 3.14 -28.77
N THR A 862 7.77 3.57 -27.81
CA THR A 862 7.46 3.39 -26.40
C THR A 862 6.79 4.63 -25.82
N ARG A 863 6.55 4.59 -24.51
CA ARG A 863 5.92 5.72 -23.83
C ARG A 863 6.81 6.95 -23.86
N SER A 864 8.09 6.78 -23.53
CA SER A 864 9.01 7.91 -23.51
C SER A 864 9.24 8.48 -24.90
N ASP A 865 9.14 7.65 -25.94
CA ASP A 865 9.35 8.13 -27.30
C ASP A 865 8.20 9.03 -27.75
N ASP A 866 6.99 8.82 -27.21
CA ASP A 866 5.84 9.62 -27.60
C ASP A 866 6.00 11.07 -27.14
N ALA A 867 6.60 11.29 -25.97
CA ALA A 867 6.72 12.63 -25.43
C ALA A 867 7.55 13.57 -26.31
N LYS A 868 8.39 13.03 -27.19
CA LYS A 868 9.20 13.83 -28.10
C LYS A 868 8.46 14.06 -29.42
N PHE A 869 7.25 14.62 -29.31
CA PHE A 869 6.42 14.91 -30.47
C PHE A 869 6.57 16.33 -30.97
N GLU A 870 7.46 17.12 -30.37
CA GLU A 870 7.72 18.48 -30.84
C GLU A 870 9.10 18.89 -30.37
N SER A 871 10.01 19.14 -31.32
CA SER A 871 11.39 19.45 -31.00
C SER A 871 11.84 20.68 -31.78
N CYS A 872 12.82 21.38 -31.22
CA CYS A 872 13.36 22.57 -31.85
C CYS A 872 14.15 22.22 -33.10
N THR A 873 14.07 23.10 -34.10
CA THR A 873 14.78 22.94 -35.35
C THR A 873 15.55 24.21 -35.68
N HIS A 874 16.71 24.04 -36.31
CA HIS A 874 17.57 25.15 -36.70
C HIS A 874 17.78 25.12 -38.20
N ARG A 875 17.05 25.99 -38.91
CA ARG A 875 17.30 26.41 -40.29
C ARG A 875 17.19 25.29 -41.32
N PHE A 876 16.96 24.05 -40.88
CA PHE A 876 16.72 22.94 -41.79
C PHE A 876 16.39 21.65 -41.05
N VAL A 877 15.63 20.77 -41.71
CA VAL A 877 15.36 19.42 -41.24
C VAL A 877 15.63 18.46 -42.39
N ARG A 878 16.47 17.46 -42.16
CA ARG A 878 16.92 16.55 -43.21
C ARG A 878 16.48 15.13 -42.88
N ILE A 879 15.80 14.49 -43.83
CA ILE A 879 15.43 13.09 -43.73
C ILE A 879 16.19 12.34 -44.81
N ALA A 880 16.99 11.36 -44.39
CA ALA A 880 17.92 10.71 -45.30
C ALA A 880 17.82 9.19 -45.17
N ASP A 881 18.15 8.52 -46.28
CA ASP A 881 18.29 7.07 -46.32
C ASP A 881 19.66 6.75 -46.89
N ALA A 882 19.89 5.48 -47.26
CA ALA A 882 21.19 5.05 -47.76
C ALA A 882 21.81 6.03 -48.75
N ASP A 883 21.04 6.47 -49.76
CA ASP A 883 21.55 7.39 -50.76
C ASP A 883 20.80 8.71 -50.82
N TYR A 884 19.47 8.68 -50.87
CA TYR A 884 18.68 9.87 -51.17
C TYR A 884 18.26 10.57 -49.88
N ALA A 885 18.33 11.90 -49.90
CA ALA A 885 17.93 12.73 -48.76
C ALA A 885 17.09 13.89 -49.23
N ALA A 886 16.16 14.31 -48.38
CA ALA A 886 15.30 15.46 -48.64
C ALA A 886 15.34 16.40 -47.44
N ALA A 887 15.41 17.70 -47.71
CA ALA A 887 15.56 18.68 -46.65
C ALA A 887 14.47 19.73 -46.74
N VAL A 888 14.08 20.25 -45.56
CA VAL A 888 13.13 21.35 -45.44
C VAL A 888 13.87 22.47 -44.73
N VAL A 889 14.42 23.40 -45.50
CA VAL A 889 15.24 24.47 -44.95
C VAL A 889 14.33 25.59 -44.45
N ASN A 890 14.57 26.02 -43.21
CA ASN A 890 13.76 27.01 -42.52
C ASN A 890 14.41 28.38 -42.57
N ALA A 891 13.61 29.41 -42.28
CA ALA A 891 14.10 30.78 -42.23
C ALA A 891 13.90 31.44 -40.88
N SER A 892 12.70 31.35 -40.30
CA SER A 892 12.42 32.05 -39.05
C SER A 892 11.60 31.27 -38.03
N THR A 893 11.26 30.01 -38.28
CA THR A 893 10.51 29.23 -37.33
C THR A 893 11.42 28.21 -36.65
N TYR A 894 11.12 27.93 -35.38
CA TYR A 894 11.99 27.11 -34.54
C TYR A 894 11.29 25.82 -34.06
N GLY A 895 10.20 25.42 -34.71
CA GLY A 895 9.50 24.22 -34.29
C GLY A 895 8.91 23.44 -35.44
N SER A 896 8.90 22.11 -35.31
CA SER A 896 8.36 21.22 -36.33
C SER A 896 8.04 19.88 -35.70
N ASP A 897 7.42 19.01 -36.50
CA ASP A 897 7.08 17.66 -36.04
C ASP A 897 7.13 16.71 -37.23
N VAL A 898 7.69 15.53 -37.02
CA VAL A 898 7.83 14.53 -38.07
C VAL A 898 7.03 13.29 -37.68
N SER A 899 6.17 12.82 -38.59
CA SER A 899 5.34 11.66 -38.33
C SER A 899 5.21 10.79 -39.58
N PRO A 900 5.16 9.47 -39.42
CA PRO A 900 4.97 8.61 -40.59
C PRO A 900 3.53 8.66 -41.11
N ILE A 901 3.38 8.45 -42.40
CA ILE A 901 2.08 8.39 -43.07
C ILE A 901 1.98 7.06 -43.79
N HIS A 902 0.92 6.30 -43.46
CA HIS A 902 0.54 5.09 -44.18
C HIS A 902 -0.95 5.23 -44.48
N ALA A 903 -1.28 5.91 -45.58
CA ALA A 903 -2.65 6.21 -45.92
C ALA A 903 -3.25 5.06 -46.73
N ALA A 904 -4.48 5.23 -47.20
CA ALA A 904 -5.17 4.22 -48.00
C ALA A 904 -4.86 4.48 -49.47
N ALA A 905 -4.13 3.54 -50.08
CA ALA A 905 -3.74 3.66 -51.48
C ALA A 905 -3.56 2.26 -52.04
N ALA A 906 -3.05 2.18 -53.26
CA ALA A 906 -2.80 0.91 -53.93
C ALA A 906 -1.37 0.86 -54.44
N HIS A 907 -0.82 -0.36 -54.46
CA HIS A 907 0.55 -0.61 -54.91
C HIS A 907 1.57 0.16 -54.06
N GLY A 908 1.24 0.37 -52.78
CA GLY A 908 2.15 1.05 -51.87
C GLY A 908 2.50 2.47 -52.27
N ALA A 909 1.51 3.23 -52.73
CA ALA A 909 1.71 4.60 -53.15
C ALA A 909 1.40 5.62 -52.07
N GLY A 910 1.03 5.17 -50.87
CA GLY A 910 0.68 6.09 -49.80
C GLY A 910 1.51 5.90 -48.55
N ARG A 911 2.79 5.60 -48.71
CA ARG A 911 3.71 5.37 -47.60
C ARG A 911 4.81 6.43 -47.64
N GLY A 912 5.08 7.05 -46.49
CA GLY A 912 6.14 8.04 -46.43
C GLY A 912 6.19 8.71 -45.06
N THR A 913 6.81 9.89 -45.04
CA THR A 913 6.93 10.68 -43.83
C THR A 913 6.42 12.09 -44.10
N MET A 914 5.98 12.76 -43.04
CA MET A 914 5.44 14.11 -43.12
C MET A 914 6.14 14.99 -42.09
N VAL A 915 6.62 16.15 -42.53
CA VAL A 915 7.27 17.13 -41.68
C VAL A 915 6.39 18.36 -41.65
N ARG A 916 5.64 18.53 -40.56
CA ARG A 916 4.79 19.69 -40.39
C ARG A 916 5.56 20.78 -39.64
N LEU A 917 5.70 21.94 -40.28
CA LEU A 917 6.36 23.08 -39.65
C LEU A 917 5.34 23.89 -38.86
N SER A 918 5.69 24.20 -37.61
CA SER A 918 4.83 25.01 -36.76
C SER A 918 5.10 26.48 -37.05
N LEU A 919 4.04 27.21 -37.43
CA LEU A 919 4.18 28.62 -37.78
C LEU A 919 4.09 29.52 -36.56
N LEU A 920 2.95 29.48 -35.87
CA LEU A 920 2.77 30.31 -34.67
C LEU A 920 1.52 29.85 -33.92
N SER A 921 1.51 30.14 -32.62
CA SER A 921 0.40 29.86 -31.73
C SER A 921 -0.21 31.16 -31.23
N ALA A 922 -1.24 31.04 -30.40
CA ALA A 922 -1.95 32.19 -29.83
C ALA A 922 -2.13 32.00 -28.33
N PRO A 923 -1.06 32.17 -27.55
CA PRO A 923 -1.21 32.13 -26.09
C PRO A 923 -1.98 33.34 -25.58
N LEU A 924 -2.62 33.17 -24.43
CA LEU A 924 -3.52 34.18 -23.90
C LEU A 924 -3.20 34.65 -22.49
N TYR A 925 -2.59 33.80 -21.64
CA TYR A 925 -2.43 34.17 -20.23
C TYR A 925 -1.43 35.30 -20.04
N PRO A 926 -0.15 35.16 -20.41
CA PRO A 926 0.79 36.26 -20.13
C PRO A 926 0.45 37.55 -20.86
N ASP A 927 -0.11 37.46 -22.06
CA ASP A 927 -0.45 38.64 -22.85
C ASP A 927 -1.86 38.46 -23.39
N PRO A 928 -2.79 39.37 -23.10
CA PRO A 928 -4.15 39.23 -23.66
C PRO A 928 -4.16 39.22 -25.18
N ARG A 929 -3.27 39.99 -25.81
CA ARG A 929 -3.14 40.04 -27.26
C ARG A 929 -1.74 39.55 -27.61
N THR A 930 -1.66 38.43 -28.33
CA THR A 930 -0.39 37.85 -28.74
C THR A 930 -0.40 37.65 -30.25
N ASP A 931 0.62 38.20 -30.92
CA ASP A 931 0.83 38.04 -32.35
C ASP A 931 -0.37 38.52 -33.17
N GLN A 932 -0.64 39.82 -33.07
CA GLN A 932 -1.67 40.49 -33.85
C GLN A 932 -1.00 41.39 -34.88
N GLY A 933 -1.42 41.26 -36.13
CA GLY A 933 -0.83 42.03 -37.21
C GLY A 933 -0.39 41.14 -38.36
N GLU A 934 0.72 41.49 -39.00
CA GLU A 934 1.25 40.74 -40.14
C GLU A 934 2.55 40.07 -39.77
N HIS A 935 2.68 38.80 -40.16
CA HIS A 935 3.88 38.01 -39.91
C HIS A 935 4.36 37.42 -41.23
N PHE A 936 5.68 37.37 -41.39
CA PHE A 936 6.31 36.90 -42.62
C PHE A 936 7.04 35.59 -42.35
N PHE A 937 6.74 34.57 -43.16
CA PHE A 937 7.38 33.27 -43.05
C PHE A 937 8.00 32.90 -44.39
N ALA A 938 9.13 32.18 -44.33
CA ALA A 938 9.78 31.70 -45.53
C ALA A 938 10.41 30.36 -45.24
N TRP A 939 10.47 29.51 -46.26
CA TRP A 939 11.13 28.22 -46.16
C TRP A 939 11.34 27.68 -47.57
N SER A 940 11.95 26.50 -47.66
CA SER A 940 12.18 25.87 -48.94
C SER A 940 12.32 24.37 -48.76
N LEU A 941 12.10 23.64 -49.85
CA LEU A 941 12.33 22.21 -49.88
C LEU A 941 13.40 21.88 -50.92
N VAL A 942 14.35 21.04 -50.52
CA VAL A 942 15.48 20.66 -51.37
C VAL A 942 15.46 19.14 -51.54
N ALA A 943 15.53 18.71 -52.80
CA ALA A 943 15.57 17.30 -53.16
C ALA A 943 16.99 16.91 -53.55
N GLY A 944 17.33 15.65 -53.32
CA GLY A 944 18.71 15.21 -53.50
C GLY A 944 19.61 15.94 -52.53
N ALA A 945 19.16 16.02 -51.27
CA ALA A 945 19.77 16.90 -50.29
C ALA A 945 21.12 16.41 -49.81
N GLY A 946 22.19 16.86 -50.46
CA GLY A 946 23.52 16.67 -49.92
C GLY A 946 23.81 17.64 -48.79
N MET A 947 24.75 17.26 -47.93
CA MET A 947 25.07 18.09 -46.77
C MET A 947 25.60 19.44 -47.20
N GLU A 948 26.52 19.45 -48.16
CA GLU A 948 27.05 20.73 -48.66
C GLU A 948 25.96 21.56 -49.32
N SER A 949 25.11 20.93 -50.12
CA SER A 949 24.03 21.67 -50.79
C SER A 949 23.05 22.22 -49.77
N VAL A 950 22.69 21.43 -48.76
CA VAL A 950 21.76 21.89 -47.73
C VAL A 950 22.36 23.07 -46.98
N LEU A 951 23.63 22.96 -46.59
CA LEU A 951 24.28 24.06 -45.87
C LEU A 951 24.34 25.31 -46.73
N ALA A 952 24.70 25.17 -48.01
CA ALA A 952 24.81 26.33 -48.89
C ALA A 952 23.46 27.00 -49.09
N GLU A 953 22.40 26.22 -49.31
CA GLU A 953 21.09 26.82 -49.54
C GLU A 953 20.52 27.42 -48.25
N ALA A 954 20.76 26.78 -47.11
CA ALA A 954 20.35 27.38 -45.84
C ALA A 954 21.08 28.70 -45.59
N SER A 955 22.37 28.75 -45.94
CA SER A 955 23.13 29.99 -45.83
C SER A 955 22.58 31.06 -46.75
N ARG A 956 22.19 30.67 -47.97
CA ARG A 956 21.58 31.62 -48.89
C ARG A 956 20.28 32.18 -48.34
N LEU A 957 19.44 31.30 -47.77
CA LEU A 957 18.14 31.75 -47.25
C LEU A 957 18.32 32.64 -46.03
N ASN A 958 19.19 32.25 -45.11
CA ASN A 958 19.42 33.03 -43.89
C ASN A 958 20.64 33.92 -44.05
N ALA A 959 20.55 34.87 -44.98
CA ALA A 959 21.63 35.80 -45.25
C ALA A 959 21.03 37.20 -45.36
N PRO A 960 21.67 38.21 -44.77
CA PRO A 960 21.17 39.58 -44.91
C PRO A 960 21.34 40.08 -46.33
N ILE A 961 20.44 40.99 -46.72
CA ILE A 961 20.51 41.68 -48.00
C ILE A 961 20.93 43.12 -47.72
N MET A 962 22.12 43.50 -48.19
CA MET A 962 22.69 44.80 -47.91
C MET A 962 22.35 45.78 -49.03
N GLY A 963 23.00 46.94 -49.02
CA GLY A 963 22.80 47.94 -50.06
C GLY A 963 23.92 47.93 -51.09
N GLU A 964 24.85 48.87 -50.97
CA GLU A 964 25.98 48.99 -51.89
C GLU A 964 27.25 49.18 -51.07
N LEU A 965 27.90 48.06 -50.72
CA LEU A 965 29.20 48.11 -50.07
C LEU A 965 30.29 47.62 -51.02
N PRO A 966 31.52 48.13 -50.88
CA PRO A 966 32.57 47.76 -51.83
C PRO A 966 32.89 46.27 -51.81
N ALA A 967 33.20 45.73 -52.98
CA ALA A 967 33.55 44.32 -53.10
C ALA A 967 34.99 44.10 -52.66
N VAL A 968 35.19 43.10 -51.81
CA VAL A 968 36.52 42.75 -51.31
C VAL A 968 36.71 41.25 -51.43
N ARG A 969 37.96 40.84 -51.65
CA ARG A 969 38.27 39.43 -51.74
C ARG A 969 38.09 38.76 -50.38
N PRO A 970 37.72 37.47 -50.36
CA PRO A 970 37.55 36.78 -49.08
C PRO A 970 38.84 36.78 -48.28
N LEU A 971 38.70 36.96 -46.96
CA LEU A 971 39.87 37.06 -46.09
C LEU A 971 40.54 35.70 -45.93
N ALA A 972 39.77 34.66 -45.67
CA ALA A 972 40.29 33.32 -45.49
C ALA A 972 39.45 32.33 -46.31
N THR A 973 40.14 31.39 -46.97
CA THR A 973 39.47 30.43 -47.82
C THR A 973 39.97 29.03 -47.51
N LEU A 974 39.14 28.04 -47.82
CA LEU A 974 39.47 26.63 -47.68
C LEU A 974 39.42 25.99 -49.06
N THR A 975 40.57 25.57 -49.57
CA THR A 975 40.68 25.07 -50.94
C THR A 975 40.74 23.56 -51.04
N ASP A 976 41.47 22.88 -50.15
CA ASP A 976 41.58 21.43 -50.19
C ASP A 976 40.63 20.80 -49.17
N VAL A 977 39.34 20.94 -49.47
CA VAL A 977 38.31 20.42 -48.58
C VAL A 977 38.18 18.92 -48.79
N ALA A 978 38.28 18.16 -47.69
CA ALA A 978 38.11 16.71 -47.70
C ALA A 978 37.10 16.39 -46.59
N GLY A 979 35.82 16.44 -46.94
CA GLY A 979 34.76 16.34 -45.95
C GLY A 979 33.83 17.53 -46.05
N THR A 980 33.31 18.00 -44.90
CA THR A 980 32.45 19.17 -44.86
C THR A 980 32.95 20.15 -43.80
N PRO A 981 34.07 20.82 -44.05
CA PRO A 981 34.46 21.94 -43.19
C PRO A 981 33.71 23.20 -43.59
N VAL A 982 33.58 24.11 -42.63
CA VAL A 982 32.85 25.34 -42.87
C VAL A 982 33.37 26.46 -41.98
N LEU A 983 33.53 27.64 -42.57
CA LEU A 983 33.88 28.83 -41.79
C LEU A 983 32.64 29.34 -41.06
N ASP A 984 32.74 29.44 -39.74
CA ASP A 984 31.62 29.88 -38.92
C ASP A 984 31.74 31.33 -38.48
N TRP A 985 32.91 31.77 -38.03
CA TRP A 985 33.02 33.14 -37.57
C TRP A 985 34.41 33.70 -37.87
N VAL A 986 34.45 34.98 -38.21
CA VAL A 986 35.69 35.72 -38.41
C VAL A 986 35.56 37.05 -37.68
N LYS A 987 36.53 37.38 -36.84
CA LYS A 987 36.47 38.60 -36.05
C LYS A 987 37.89 39.04 -35.68
N LEU A 988 37.98 40.06 -34.85
CA LEU A 988 39.24 40.59 -34.35
C LEU A 988 39.43 40.19 -32.89
N ALA A 989 40.65 40.43 -32.40
CA ALA A 989 40.98 40.11 -31.02
C ALA A 989 40.29 41.09 -30.08
N ASP A 990 39.67 40.56 -29.02
CA ASP A 990 39.01 41.42 -28.04
C ASP A 990 39.99 42.15 -27.13
N ASP A 991 41.28 41.83 -27.19
CA ASP A 991 42.28 42.47 -26.35
C ASP A 991 42.89 43.70 -27.00
N GLY A 992 42.46 44.07 -28.20
CA GLY A 992 42.97 45.24 -28.87
C GLY A 992 44.29 45.07 -29.58
N SER A 993 44.81 43.84 -29.63
CA SER A 993 46.09 43.60 -30.31
C SER A 993 45.96 43.66 -31.82
N GLY A 994 44.74 43.59 -32.36
CA GLY A 994 44.56 43.55 -33.80
C GLY A 994 44.64 42.17 -34.41
N ASP A 995 44.70 41.13 -33.58
CA ASP A 995 44.85 39.77 -34.08
C ASP A 995 43.57 39.30 -34.76
N LEU A 996 43.73 38.44 -35.77
CA LEU A 996 42.58 37.88 -36.44
C LEU A 996 42.16 36.58 -35.74
N ILE A 997 40.84 36.38 -35.65
CA ILE A 997 40.27 35.22 -34.99
C ILE A 997 39.31 34.53 -35.94
N VAL A 998 39.49 33.22 -36.11
CA VAL A 998 38.61 32.42 -36.95
C VAL A 998 38.07 31.25 -36.13
N ARG A 999 36.77 31.00 -36.26
CA ARG A 999 36.10 29.92 -35.55
C ARG A 999 35.48 28.98 -36.59
N LEU A 1000 35.88 27.71 -36.54
CA LEU A 1000 35.50 26.69 -37.51
C LEU A 1000 34.83 25.53 -36.79
N TYR A 1001 33.96 24.83 -37.51
CA TYR A 1001 33.33 23.63 -36.97
C TYR A 1001 32.95 22.71 -38.12
N GLU A 1002 32.54 21.49 -37.75
CA GLU A 1002 32.11 20.47 -38.70
C GLU A 1002 30.63 20.22 -38.53
N ALA A 1003 29.92 20.02 -39.65
CA ALA A 1003 28.46 19.96 -39.63
C ALA A 1003 27.90 18.71 -40.31
N ALA A 1004 28.71 17.66 -40.47
CA ALA A 1004 28.21 16.43 -41.08
C ALA A 1004 28.32 15.22 -40.18
N GLY A 1005 29.48 15.00 -39.56
CA GLY A 1005 29.69 13.82 -38.75
C GLY A 1005 30.92 13.05 -39.15
N GLY A 1006 31.28 13.08 -40.43
CA GLY A 1006 32.52 12.49 -40.88
C GLY A 1006 33.72 13.36 -40.59
N ASP A 1007 34.89 12.74 -40.58
CA ASP A 1007 36.12 13.49 -40.38
C ASP A 1007 36.41 14.41 -41.56
N ALA A 1008 37.09 15.50 -41.29
CA ALA A 1008 37.37 16.51 -42.30
C ALA A 1008 38.82 16.96 -42.24
N LYS A 1009 39.43 17.16 -43.40
CA LYS A 1009 40.77 17.69 -43.53
C LYS A 1009 40.74 18.83 -44.53
N ALA A 1010 41.38 19.95 -44.20
CA ALA A 1010 41.32 21.12 -45.03
C ALA A 1010 42.63 21.90 -44.94
N THR A 1011 42.81 22.81 -45.89
CA THR A 1011 43.94 23.72 -45.90
C THR A 1011 43.42 25.14 -45.99
N LEU A 1012 43.87 25.99 -45.08
CA LEU A 1012 43.41 27.37 -45.02
C LEU A 1012 44.42 28.30 -45.70
N ARG A 1013 43.90 29.26 -46.47
CA ARG A 1013 44.73 30.21 -47.19
C ARG A 1013 44.22 31.62 -46.95
N LEU A 1014 45.12 32.52 -46.61
CA LEU A 1014 44.80 33.92 -46.41
C LEU A 1014 45.01 34.68 -47.72
N ASP A 1015 45.00 36.01 -47.67
CA ASP A 1015 45.10 36.83 -48.87
C ASP A 1015 46.10 37.96 -48.64
N ASP A 1016 47.15 37.98 -49.47
CA ASP A 1016 48.06 39.12 -49.59
C ASP A 1016 48.73 39.50 -48.26
N THR A 1017 48.16 40.48 -47.57
CA THR A 1017 48.83 41.11 -46.43
C THR A 1017 49.12 40.12 -45.30
N PHE A 1018 48.39 39.01 -45.23
CA PHE A 1018 48.63 37.99 -44.20
C PHE A 1018 49.67 36.98 -44.69
N ALA A 1019 50.88 37.48 -44.91
CA ALA A 1019 52.01 36.68 -45.38
C ALA A 1019 53.09 36.70 -44.31
N GLY A 1020 53.77 35.56 -44.15
CA GLY A 1020 54.75 35.44 -43.09
C GLY A 1020 54.15 35.56 -41.71
N CYS A 1021 53.00 34.92 -41.48
CA CYS A 1021 52.25 35.02 -40.24
C CYS A 1021 52.37 33.72 -39.45
N THR A 1022 51.79 33.73 -38.26
CA THR A 1022 51.71 32.56 -37.40
C THR A 1022 50.27 32.35 -36.99
N VAL A 1023 49.81 31.10 -37.02
CA VAL A 1023 48.46 30.74 -36.60
C VAL A 1023 48.57 29.74 -35.46
N GLU A 1024 47.80 29.99 -34.40
CA GLU A 1024 47.84 29.15 -33.21
C GLU A 1024 46.43 28.78 -32.77
N GLU A 1025 46.28 27.56 -32.27
CA GLU A 1025 44.98 27.12 -31.78
C GLU A 1025 44.78 27.60 -30.35
N VAL A 1026 43.62 28.22 -30.10
CA VAL A 1026 43.28 28.74 -28.77
C VAL A 1026 41.89 28.26 -28.40
N ASN A 1027 41.60 28.32 -27.10
CA ASN A 1027 40.30 27.91 -26.60
C ASN A 1027 39.25 28.98 -26.96
N LEU A 1028 38.01 28.72 -26.54
CA LEU A 1028 36.93 29.65 -26.83
C LEU A 1028 37.08 30.95 -26.04
N MET A 1029 37.85 30.94 -24.95
CA MET A 1029 38.15 32.15 -24.21
C MET A 1029 39.16 33.05 -24.92
N GLU A 1030 39.72 32.58 -26.03
CA GLU A 1030 40.69 33.26 -26.89
C GLU A 1030 42.08 33.30 -26.28
N GLU A 1031 42.25 32.85 -25.04
CA GLU A 1031 43.58 32.77 -24.45
C GLU A 1031 44.30 31.51 -24.93
N PRO A 1032 45.65 31.54 -25.04
CA PRO A 1032 46.41 30.43 -25.62
C PRO A 1032 46.76 29.33 -24.62
N VAL A 1033 45.74 28.76 -23.97
CA VAL A 1033 45.89 27.59 -23.11
C VAL A 1033 44.88 26.54 -23.54
N LEU A 1034 45.32 25.30 -23.64
CA LEU A 1034 44.48 24.21 -24.11
C LEU A 1034 44.60 23.03 -23.16
N ALA A 1035 43.54 22.23 -23.11
CA ALA A 1035 43.53 21.03 -22.28
C ALA A 1035 44.28 19.90 -22.97
N ASP A 1036 44.29 18.73 -22.34
CA ASP A 1036 44.99 17.57 -22.85
C ASP A 1036 44.06 16.57 -23.54
N ASP A 1037 42.87 16.33 -22.98
CA ASP A 1037 41.95 15.36 -23.57
C ASP A 1037 41.29 15.86 -24.84
N LEU A 1038 41.36 17.17 -25.12
CA LEU A 1038 40.74 17.69 -26.32
C LEU A 1038 41.48 17.20 -27.56
N PRO A 1039 40.76 16.87 -28.64
CA PRO A 1039 41.44 16.27 -29.81
C PRO A 1039 42.50 17.15 -30.44
N ARG A 1040 42.28 18.48 -30.46
CA ARG A 1040 43.18 19.44 -31.11
C ARG A 1040 43.18 19.27 -32.62
N ALA A 1041 43.43 20.34 -33.36
CA ALA A 1041 43.33 20.33 -34.81
C ALA A 1041 44.66 20.54 -35.54
N LEU A 1042 45.66 21.13 -34.90
CA LEU A 1042 46.94 21.39 -35.56
C LEU A 1042 47.80 20.13 -35.54
N VAL A 1043 49.05 20.27 -36.00
CA VAL A 1043 49.95 19.13 -36.11
C VAL A 1043 50.89 19.04 -34.91
N ALA A 1044 51.40 20.17 -34.43
CA ALA A 1044 52.32 20.19 -33.29
C ALA A 1044 51.82 21.03 -32.14
N GLY A 1045 51.36 22.25 -32.40
CA GLY A 1045 50.89 23.13 -31.34
C GLY A 1045 51.58 24.47 -31.36
N GLY A 1046 52.80 24.52 -31.89
CA GLY A 1046 53.55 25.75 -31.99
C GLY A 1046 53.06 26.61 -33.13
N PRO A 1047 53.66 27.81 -33.24
CA PRO A 1047 53.27 28.73 -34.32
C PRO A 1047 53.60 28.17 -35.70
N VAL A 1048 52.57 27.88 -36.48
CA VAL A 1048 52.71 27.35 -37.82
C VAL A 1048 52.49 28.49 -38.81
N PRO A 1049 53.31 28.61 -39.87
CA PRO A 1049 53.07 29.67 -40.86
C PRO A 1049 51.68 29.54 -41.49
N ALA A 1050 51.04 30.69 -41.71
CA ALA A 1050 49.68 30.74 -42.20
C ALA A 1050 49.61 30.76 -43.72
N GLU A 1051 50.27 29.80 -44.35
CA GLU A 1051 50.22 29.63 -45.81
C GLU A 1051 50.19 28.12 -46.09
N GLY A 1052 49.06 27.62 -46.56
CA GLY A 1052 48.90 26.20 -46.71
C GLY A 1052 48.74 25.44 -45.41
N ALA A 1053 48.32 26.12 -44.34
CA ALA A 1053 48.18 25.47 -43.06
C ALA A 1053 47.09 24.41 -43.10
N SER A 1054 47.39 23.23 -42.56
CA SER A 1054 46.50 22.08 -42.61
C SER A 1054 45.76 21.94 -41.28
N VAL A 1055 44.45 21.72 -41.36
CA VAL A 1055 43.60 21.55 -40.20
C VAL A 1055 42.85 20.22 -40.35
N SER A 1056 42.80 19.45 -39.26
CA SER A 1056 42.12 18.17 -39.24
C SER A 1056 40.93 18.24 -38.29
N PHE A 1057 39.84 17.58 -38.68
CA PHE A 1057 38.59 17.63 -37.92
C PHE A 1057 38.15 16.23 -37.53
N THR A 1058 37.75 16.09 -36.27
CA THR A 1058 37.02 14.95 -35.75
C THR A 1058 35.53 15.25 -35.78
N PRO A 1059 34.66 14.22 -35.79
CA PRO A 1059 33.21 14.46 -35.89
C PRO A 1059 32.68 15.59 -35.01
N PHE A 1060 32.15 16.63 -35.65
CA PHE A 1060 31.56 17.78 -34.95
C PHE A 1060 32.57 18.49 -34.05
N GLN A 1061 33.79 18.65 -34.54
CA GLN A 1061 34.80 19.38 -33.79
C GLN A 1061 34.59 20.89 -33.90
N ILE A 1062 35.05 21.61 -32.89
CA ILE A 1062 35.06 23.08 -32.89
C ILE A 1062 36.50 23.52 -32.67
N VAL A 1063 36.99 24.41 -33.53
CA VAL A 1063 38.37 24.87 -33.46
C VAL A 1063 38.39 26.39 -33.59
N THR A 1064 39.25 27.03 -32.79
CA THR A 1064 39.43 28.47 -32.82
C THR A 1064 40.91 28.78 -33.06
N LEU A 1065 41.19 29.59 -34.07
CA LEU A 1065 42.54 29.90 -34.47
C LEU A 1065 42.78 31.41 -34.42
N ARG A 1066 43.96 31.78 -33.93
CA ARG A 1066 44.39 33.17 -33.83
C ARG A 1066 45.58 33.39 -34.76
N ILE A 1067 45.52 34.44 -35.56
CA ILE A 1067 46.53 34.77 -36.56
C ILE A 1067 47.09 36.14 -36.23
N ARG A 1068 48.43 36.23 -36.18
CA ARG A 1068 49.12 37.46 -35.85
C ARG A 1068 49.19 38.38 -37.06
N ARG A 1069 49.97 39.45 -36.95
CA ARG A 1069 50.14 40.42 -38.03
C ARG A 1069 50.80 39.76 -39.24
N SER B 23 30.12 -0.55 -18.23
CA SER B 23 29.30 -0.31 -17.05
C SER B 23 27.85 -0.72 -17.29
N MET B 24 27.28 -1.47 -16.34
CA MET B 24 25.91 -1.94 -16.44
C MET B 24 25.15 -1.53 -15.18
N PHE B 25 23.83 -1.45 -15.32
CA PHE B 25 22.98 -1.06 -14.19
C PHE B 25 22.91 -2.19 -13.17
N LEU B 26 22.41 -1.84 -11.99
CA LEU B 26 22.31 -2.76 -10.86
C LEU B 26 20.86 -3.14 -10.63
N LEU B 27 20.60 -4.44 -10.51
CA LEU B 27 19.26 -4.96 -10.21
C LEU B 27 19.32 -5.77 -8.93
N PRO B 28 18.98 -5.18 -7.77
CA PRO B 28 19.10 -5.93 -6.51
C PRO B 28 18.25 -7.18 -6.45
N ASN B 29 17.05 -7.16 -7.07
CA ASN B 29 16.20 -8.34 -7.06
C ASN B 29 16.81 -9.50 -7.82
N GLN B 30 17.69 -9.22 -8.79
CA GLN B 30 18.42 -10.25 -9.51
C GLN B 30 19.63 -10.73 -8.71
N GLN B 31 20.32 -9.81 -8.04
CA GLN B 31 21.46 -10.17 -7.19
C GLN B 31 21.02 -11.06 -6.04
N LEU B 32 19.82 -10.82 -5.50
CA LEU B 32 19.31 -11.67 -4.42
C LEU B 32 19.15 -13.11 -4.89
N GLU B 33 18.56 -13.31 -6.06
CA GLU B 33 18.40 -14.66 -6.58
C GLU B 33 19.74 -15.30 -6.91
N ARG B 34 20.67 -14.51 -7.47
CA ARG B 34 22.01 -15.04 -7.73
C ARG B 34 22.67 -15.50 -6.45
N CYS B 35 22.59 -14.71 -5.39
CA CYS B 35 23.19 -15.09 -4.11
C CYS B 35 22.50 -16.32 -3.53
N ASP B 36 21.17 -16.40 -3.65
CA ASP B 36 20.44 -17.55 -3.14
C ASP B 36 20.92 -18.82 -3.84
N ARG B 37 21.08 -18.76 -5.16
CA ARG B 37 21.63 -19.89 -5.89
C ARG B 37 23.06 -20.18 -5.43
N VAL B 38 23.83 -19.14 -5.12
CA VAL B 38 25.21 -19.33 -4.70
C VAL B 38 25.28 -20.16 -3.42
N MET B 39 24.45 -19.82 -2.42
CA MET B 39 24.39 -20.68 -1.23
C MET B 39 23.85 -22.06 -1.57
N GLN B 40 22.80 -22.14 -2.38
CA GLN B 40 22.15 -23.44 -2.60
C GLN B 40 23.10 -24.43 -3.27
N GLN B 41 23.91 -23.98 -4.22
CA GLN B 41 24.71 -24.90 -5.01
C GLN B 41 26.21 -24.85 -4.73
N ARG B 42 26.77 -23.68 -4.41
CA ARG B 42 28.20 -23.49 -4.45
C ARG B 42 28.86 -23.50 -3.08
N VAL B 43 28.42 -22.65 -2.15
CA VAL B 43 29.19 -22.44 -0.93
C VAL B 43 28.84 -23.44 0.17
N LYS B 44 27.61 -23.97 0.18
CA LYS B 44 27.23 -24.92 1.22
C LYS B 44 28.05 -26.21 1.18
N PRO B 45 28.24 -26.89 0.04
CA PRO B 45 28.99 -28.16 0.07
C PRO B 45 30.45 -28.03 0.47
N HIS B 46 31.02 -26.83 0.40
CA HIS B 46 32.44 -26.63 0.66
C HIS B 46 32.75 -26.30 2.12
N ILE B 47 31.89 -26.69 3.05
CA ILE B 47 32.13 -26.47 4.46
C ILE B 47 32.73 -27.69 5.14
N HIS B 48 32.36 -28.89 4.69
CA HIS B 48 32.89 -30.14 5.22
C HIS B 48 33.56 -30.90 4.09
N THR B 49 34.82 -31.30 4.30
CA THR B 49 35.58 -32.03 3.31
C THR B 49 35.79 -33.46 3.80
N THR B 50 35.21 -34.43 3.10
CA THR B 50 35.33 -35.83 3.50
C THR B 50 36.76 -36.32 3.33
N LEU B 51 37.15 -37.29 4.15
CA LEU B 51 38.47 -37.88 4.07
C LEU B 51 38.49 -39.40 4.05
N ALA B 52 37.49 -40.08 4.60
CA ALA B 52 37.45 -41.53 4.63
C ALA B 52 36.01 -41.97 4.89
N ALA B 53 35.82 -43.25 5.16
CA ALA B 53 34.52 -43.81 5.45
C ALA B 53 34.62 -44.73 6.66
N CYS B 54 33.47 -44.92 7.33
CA CYS B 54 33.41 -45.70 8.55
C CYS B 54 32.56 -46.95 8.34
N THR B 55 32.90 -48.01 9.08
CA THR B 55 32.18 -49.27 9.00
C THR B 55 31.05 -49.31 10.02
N LEU B 56 29.90 -49.83 9.60
CA LEU B 56 28.66 -49.82 10.36
C LEU B 56 28.17 -51.23 10.60
N ARG B 57 27.69 -51.50 11.81
CA ARG B 57 26.93 -52.72 12.09
C ARG B 57 25.73 -52.36 12.97
N SER B 58 24.69 -53.18 12.89
CA SER B 58 23.41 -52.83 13.50
C SER B 58 22.87 -53.99 14.33
N PHE B 59 22.17 -53.62 15.41
CA PHE B 59 21.40 -54.56 16.22
C PHE B 59 20.06 -53.93 16.55
N HIS B 60 18.98 -54.65 16.24
CA HIS B 60 17.63 -54.07 16.23
C HIS B 60 16.81 -54.55 17.43
N ASN B 61 15.82 -53.74 17.83
CA ASN B 61 14.92 -54.07 18.92
C ASN B 61 13.57 -53.39 18.72
N PRO B 62 12.53 -54.14 18.32
CA PRO B 62 11.18 -53.57 18.14
C PRO B 62 10.32 -53.70 19.40
N GLY B 63 10.82 -53.20 20.52
CA GLY B 63 10.10 -53.33 21.76
C GLY B 63 10.39 -52.18 22.71
N GLU B 64 10.05 -52.40 23.97
CA GLU B 64 10.30 -51.41 24.99
C GLU B 64 11.81 -51.24 25.19
N PRO B 65 12.34 -50.03 25.12
CA PRO B 65 13.80 -49.85 25.14
C PRO B 65 14.41 -50.26 26.47
N VAL B 66 15.63 -50.80 26.38
CA VAL B 66 16.44 -51.13 27.54
C VAL B 66 17.23 -49.88 27.91
N PRO B 67 17.41 -49.58 29.20
CA PRO B 67 18.23 -48.41 29.57
C PRO B 67 19.63 -48.53 29.01
N SER B 68 20.16 -47.38 28.56
CA SER B 68 21.44 -47.38 27.86
C SER B 68 22.59 -47.78 28.78
N SER B 69 22.45 -47.57 30.09
CA SER B 69 23.54 -47.91 31.01
C SER B 69 23.83 -49.41 31.01
N GLU B 70 22.78 -50.23 30.99
CA GLU B 70 22.99 -51.68 31.03
C GLU B 70 23.47 -52.21 29.69
N PHE B 71 22.93 -51.69 28.59
CA PHE B 71 23.28 -52.21 27.26
C PHE B 71 24.75 -51.97 26.94
N LEU B 72 25.26 -50.79 27.28
CA LEU B 72 26.67 -50.49 27.02
C LEU B 72 27.59 -51.38 27.85
N ALA B 73 27.20 -51.65 29.10
CA ALA B 73 27.98 -52.58 29.92
C ALA B 73 27.96 -53.98 29.33
N LYS B 74 26.80 -54.42 28.84
CA LYS B 74 26.71 -55.72 28.19
C LYS B 74 27.60 -55.79 26.96
N VAL B 75 27.62 -54.71 26.17
CA VAL B 75 28.48 -54.67 24.99
C VAL B 75 29.95 -54.71 25.40
N ARG B 76 30.31 -53.96 26.46
CA ARG B 76 31.70 -53.94 26.93
C ARG B 76 32.15 -55.33 27.36
N ASN B 77 31.31 -56.02 28.14
CA ASN B 77 31.61 -57.41 28.47
C ASN B 77 31.49 -58.31 27.25
N GLY B 78 30.42 -58.11 26.47
CA GLY B 78 30.21 -58.83 25.23
C GLY B 78 29.20 -59.95 25.36
N GLN B 79 27.95 -59.68 25.03
CA GLN B 79 26.89 -60.68 25.02
C GLN B 79 25.91 -60.51 23.88
N VAL B 80 26.11 -59.56 22.98
CA VAL B 80 25.16 -59.22 21.93
C VAL B 80 25.88 -59.31 20.60
N PRO B 81 25.37 -60.05 19.62
CA PRO B 81 26.01 -60.09 18.30
C PRO B 81 25.69 -58.85 17.50
N PHE B 82 26.36 -58.72 16.36
CA PHE B 82 26.16 -57.60 15.46
C PHE B 82 26.28 -58.10 14.02
N GLU B 83 25.37 -57.62 13.16
CA GLU B 83 25.37 -58.04 11.77
C GLU B 83 25.92 -56.94 10.87
N PRO B 84 26.60 -57.31 9.79
CA PRO B 84 27.13 -56.29 8.86
C PRO B 84 26.01 -55.45 8.27
N PHE B 85 26.29 -54.16 8.08
CA PHE B 85 25.31 -53.22 7.54
C PHE B 85 25.97 -52.47 6.39
N ARG B 86 25.33 -52.51 5.22
CA ARG B 86 25.84 -51.78 4.07
C ARG B 86 25.62 -50.28 4.26
N VAL B 87 26.43 -49.49 3.55
CA VAL B 87 26.34 -48.03 3.66
C VAL B 87 24.95 -47.52 3.31
N PRO B 88 24.32 -47.93 2.21
CA PRO B 88 22.91 -47.61 2.01
C PRO B 88 22.01 -48.72 2.53
N GLY B 89 20.72 -48.38 2.64
CA GLY B 89 19.74 -49.35 3.11
C GLY B 89 18.76 -48.80 4.11
N VAL B 90 17.75 -49.60 4.46
CA VAL B 90 16.71 -49.20 5.40
C VAL B 90 16.96 -49.86 6.75
N TRP B 91 16.59 -49.17 7.82
CA TRP B 91 16.75 -49.68 9.17
C TRP B 91 15.55 -49.44 10.07
N GLY B 92 14.60 -48.59 9.69
CA GLY B 92 13.61 -48.12 10.63
C GLY B 92 12.58 -49.16 11.00
N THR B 93 11.94 -48.92 12.15
CA THR B 93 10.85 -49.75 12.64
C THR B 93 9.94 -48.85 13.46
N THR B 94 8.63 -49.13 13.41
CA THR B 94 7.66 -48.29 14.10
C THR B 94 7.86 -48.35 15.60
N TRP B 95 8.21 -47.20 16.20
CA TRP B 95 8.45 -47.08 17.64
C TRP B 95 9.48 -48.10 18.11
N GLY B 96 10.58 -48.22 17.36
CA GLY B 96 11.61 -49.17 17.67
C GLY B 96 12.96 -48.50 17.90
N THR B 97 13.91 -49.29 18.38
CA THR B 97 15.25 -48.80 18.67
C THR B 97 16.27 -49.70 17.97
N THR B 98 17.45 -49.13 17.74
CA THR B 98 18.52 -49.85 17.07
C THR B 98 19.85 -49.29 17.57
N TRP B 99 20.86 -50.14 17.58
CA TRP B 99 22.20 -49.75 17.98
C TRP B 99 23.13 -49.93 16.78
N PHE B 100 23.76 -48.83 16.36
CA PHE B 100 24.73 -48.83 15.28
C PHE B 100 26.12 -48.73 15.88
N GLU B 101 26.90 -49.80 15.80
CA GLU B 101 28.30 -49.73 16.16
C GLU B 101 29.08 -49.20 14.96
N VAL B 102 29.89 -48.17 15.20
CA VAL B 102 30.57 -47.43 14.14
C VAL B 102 32.06 -47.49 14.43
N ASN B 103 32.83 -47.92 13.42
CA ASN B 103 34.29 -47.98 13.53
C ASN B 103 34.90 -47.08 12.46
N GLY B 104 35.73 -46.13 12.89
CA GLY B 104 36.41 -45.22 12.00
C GLY B 104 37.91 -45.47 11.96
N HIS B 105 38.57 -44.81 11.02
CA HIS B 105 40.00 -44.96 10.80
C HIS B 105 40.67 -43.61 10.61
N ILE B 106 40.36 -42.66 11.49
CA ILE B 106 40.99 -41.35 11.44
C ILE B 106 42.47 -41.48 11.75
N ASP B 107 43.29 -40.69 11.05
CA ASP B 107 44.74 -40.71 11.21
C ASP B 107 45.22 -39.32 11.59
N MET B 108 46.07 -39.25 12.62
CA MET B 108 46.65 -37.99 13.06
C MET B 108 47.84 -37.64 12.18
N ALA B 109 48.62 -36.64 12.60
CA ALA B 109 49.80 -36.11 11.92
C ALA B 109 49.47 -35.44 10.58
N ALA B 110 48.20 -35.36 10.21
CA ALA B 110 47.81 -34.67 8.99
C ALA B 110 46.58 -33.78 9.17
N VAL B 111 45.99 -33.74 10.36
CA VAL B 111 44.82 -32.92 10.63
C VAL B 111 45.09 -32.03 11.83
N LYS B 112 46.37 -31.76 12.09
CA LYS B 112 46.75 -30.94 13.23
C LYS B 112 46.18 -29.53 13.09
N GLY B 113 45.59 -29.02 14.17
CA GLY B 113 45.03 -27.69 14.17
C GLY B 113 43.70 -27.55 13.45
N ARG B 114 43.09 -28.65 13.03
CA ARG B 114 41.85 -28.63 12.27
C ARG B 114 40.81 -29.52 12.94
N LYS B 115 39.58 -29.03 12.98
CA LYS B 115 38.49 -29.78 13.61
C LYS B 115 38.09 -30.98 12.74
N VAL B 116 37.68 -32.05 13.42
CA VAL B 116 37.23 -33.28 12.77
C VAL B 116 35.84 -33.61 13.30
N GLU B 117 34.91 -33.88 12.39
CA GLU B 117 33.54 -34.20 12.77
C GLU B 117 33.09 -35.53 12.18
N LEU B 118 31.81 -35.85 12.32
CA LEU B 118 31.28 -37.15 11.89
C LEU B 118 30.24 -37.05 10.78
N MET B 119 29.40 -36.01 10.77
CA MET B 119 28.37 -35.82 9.76
C MET B 119 27.47 -37.04 9.63
N VAL B 120 26.79 -37.35 10.73
CA VAL B 120 25.89 -38.50 10.76
C VAL B 120 24.59 -38.13 10.05
N ASP B 121 24.08 -39.04 9.22
CA ASP B 121 22.84 -38.80 8.48
C ASP B 121 22.00 -40.06 8.58
N LEU B 122 20.98 -40.03 9.45
CA LEU B 122 20.02 -41.13 9.53
C LEU B 122 19.07 -41.16 8.34
N GLY B 123 19.05 -40.11 7.52
CA GLY B 123 18.15 -40.03 6.39
C GLY B 123 16.85 -39.33 6.72
N TRP B 124 16.95 -38.12 7.27
CA TRP B 124 15.75 -37.38 7.66
C TRP B 124 15.05 -36.80 6.44
N LEU B 125 13.74 -36.63 6.57
CA LEU B 125 12.95 -36.02 5.50
C LEU B 125 13.15 -34.50 5.51
N ASP B 126 12.74 -33.87 4.40
CA ASP B 126 13.01 -32.45 4.20
C ASP B 126 11.87 -31.56 4.72
N HIS B 127 10.67 -31.76 4.22
CA HIS B 127 9.53 -30.90 4.56
C HIS B 127 8.62 -31.54 5.62
N ARG B 128 9.19 -32.01 6.71
CA ARG B 128 8.38 -32.61 7.77
C ARG B 128 8.50 -31.88 9.10
N GLY B 129 9.72 -31.58 9.54
CA GLY B 129 9.92 -30.89 10.80
C GLY B 129 11.17 -31.34 11.52
N PRO B 130 11.87 -30.40 12.16
CA PRO B 130 13.12 -30.70 12.89
C PRO B 130 12.90 -31.15 14.33
N GLY B 131 12.60 -32.44 14.50
CA GLY B 131 12.43 -32.99 15.83
C GLY B 131 11.32 -34.01 15.96
N PHE B 132 10.59 -34.26 14.87
CA PHE B 132 9.51 -35.23 14.85
C PHE B 132 9.88 -36.50 14.10
N GLN B 133 11.18 -36.74 13.91
CA GLN B 133 11.62 -37.90 13.14
C GLN B 133 12.58 -38.75 13.95
N SER B 134 13.20 -39.74 13.32
CA SER B 134 14.14 -40.61 14.01
C SER B 134 15.37 -39.82 14.45
N GLU B 135 15.83 -40.10 15.67
CA GLU B 135 16.97 -39.38 16.24
C GLU B 135 17.91 -40.41 16.87
N GLY B 136 18.89 -39.93 17.62
CA GLY B 136 19.78 -40.84 18.32
C GLY B 136 21.05 -40.23 18.87
N LEU B 137 21.45 -40.65 20.08
CA LEU B 137 22.69 -40.19 20.67
C LEU B 137 23.86 -41.01 20.16
N VAL B 138 25.06 -40.47 20.35
CA VAL B 138 26.31 -41.14 19.99
C VAL B 138 27.05 -41.40 21.29
N TYR B 139 26.85 -42.58 21.87
CA TYR B 139 27.50 -42.94 23.12
C TYR B 139 28.92 -43.45 22.87
N ARG B 140 29.80 -43.14 23.83
CA ARG B 140 31.15 -43.67 23.85
C ARG B 140 31.13 -45.11 24.34
N ALA B 141 32.25 -45.79 24.14
CA ALA B 141 32.36 -47.20 24.55
C ALA B 141 32.21 -47.34 26.06
N ASP B 142 32.78 -46.42 26.83
CA ASP B 142 32.71 -46.51 28.29
C ASP B 142 31.28 -46.43 28.80
N GLY B 143 30.48 -45.53 28.24
CA GLY B 143 29.11 -45.37 28.67
C GLY B 143 28.63 -43.94 28.68
N THR B 144 29.56 -43.00 28.57
CA THR B 144 29.19 -41.58 28.56
C THR B 144 28.57 -41.21 27.22
N ALA B 145 27.98 -40.02 27.18
CA ALA B 145 27.32 -39.50 25.99
C ALA B 145 28.12 -38.35 25.41
N ILE B 146 28.15 -38.29 24.07
CA ILE B 146 28.90 -37.26 23.34
C ILE B 146 27.97 -36.19 22.78
N LYS B 147 27.05 -36.58 21.90
CA LYS B 147 26.13 -35.64 21.28
C LYS B 147 24.96 -36.45 20.69
N SER B 148 24.11 -35.77 19.93
CA SER B 148 22.95 -36.39 19.30
C SER B 148 22.87 -35.96 17.84
N ALA B 149 22.26 -36.82 17.03
CA ALA B 149 22.09 -36.57 15.60
C ALA B 149 20.66 -36.07 15.38
N ASN B 150 20.53 -34.77 15.13
CA ASN B 150 19.26 -34.12 14.91
C ASN B 150 19.06 -33.83 13.43
N PRO B 151 17.81 -33.65 12.99
CA PRO B 151 17.59 -33.34 11.56
C PRO B 151 18.30 -32.07 11.10
N ARG B 152 18.40 -31.07 11.97
CA ARG B 152 19.08 -29.82 11.63
C ARG B 152 20.44 -29.68 12.32
N ASN B 153 20.83 -30.66 13.14
CA ASN B 153 22.13 -30.64 13.83
C ASN B 153 22.67 -32.06 13.78
N HIS B 154 23.57 -32.33 12.85
CA HIS B 154 24.00 -33.69 12.54
C HIS B 154 25.51 -33.77 12.41
N TRP B 155 26.23 -33.17 13.34
CA TRP B 155 27.69 -33.25 13.39
C TRP B 155 28.11 -33.63 14.81
N ILE B 156 29.03 -34.58 14.91
CA ILE B 156 29.53 -35.09 16.19
C ILE B 156 30.99 -34.67 16.33
N PRO B 157 31.36 -33.94 17.38
CA PRO B 157 32.77 -33.54 17.55
C PRO B 157 33.65 -34.70 17.95
N LEU B 158 34.50 -35.16 17.04
CA LEU B 158 35.41 -36.28 17.30
C LEU B 158 36.77 -35.81 17.79
N VAL B 159 37.47 -35.02 16.98
CA VAL B 159 38.78 -34.49 17.31
C VAL B 159 38.72 -32.97 17.17
N TYR B 160 38.96 -32.26 18.27
CA TYR B 160 38.99 -30.81 18.23
C TYR B 160 40.27 -30.32 17.57
N ALA B 161 40.26 -29.06 17.16
CA ALA B 161 41.41 -28.49 16.47
C ALA B 161 42.65 -28.46 17.37
N ASP B 162 42.47 -28.08 18.63
CA ASP B 162 43.60 -27.92 19.54
C ASP B 162 43.96 -29.23 20.24
N GLY B 163 44.16 -30.29 19.47
CA GLY B 163 44.66 -31.53 20.01
C GLY B 163 43.65 -32.40 20.73
N SER B 164 42.79 -31.76 21.53
CA SER B 164 41.85 -32.50 22.37
C SER B 164 40.91 -33.35 21.51
N SER B 165 40.69 -34.59 21.95
CA SER B 165 39.81 -35.53 21.27
C SER B 165 38.78 -36.04 22.27
N THR B 166 37.49 -35.91 21.92
CA THR B 166 36.43 -36.42 22.79
C THR B 166 36.53 -37.94 22.94
N VAL B 167 36.75 -38.65 21.84
CA VAL B 167 36.91 -40.09 21.87
C VAL B 167 38.37 -40.42 22.15
N GLU B 168 38.63 -41.67 22.52
CA GLU B 168 39.97 -42.15 22.82
C GLU B 168 40.52 -42.88 21.60
N LEU B 169 41.67 -42.43 21.11
CA LEU B 169 42.29 -43.04 19.94
C LEU B 169 43.15 -44.22 20.34
N ASP B 170 43.21 -45.22 19.46
CA ASP B 170 43.94 -46.44 19.71
C ASP B 170 45.37 -46.32 19.19
N GLU B 171 46.08 -47.44 19.12
CA GLU B 171 47.49 -47.43 18.76
C GLU B 171 47.71 -46.96 17.33
N HIS B 172 46.96 -47.51 16.38
CA HIS B 172 47.15 -47.22 14.96
C HIS B 172 46.00 -46.41 14.38
N GLY B 173 45.42 -45.52 15.18
CA GLY B 173 44.46 -44.57 14.67
C GLY B 173 43.11 -45.15 14.27
N ASP B 174 42.35 -45.66 15.24
CA ASP B 174 40.98 -46.07 14.99
C ASP B 174 40.20 -46.01 16.29
N PHE B 175 38.88 -45.92 16.18
CA PHE B 175 38.01 -45.74 17.34
C PHE B 175 36.70 -46.48 17.08
N THR B 176 35.77 -46.32 18.03
CA THR B 176 34.45 -46.92 17.89
C THR B 176 33.45 -46.14 18.74
N VAL B 177 32.23 -46.03 18.23
CA VAL B 177 31.13 -45.37 18.93
C VAL B 177 29.86 -46.18 18.74
N TYR B 178 28.83 -45.87 19.52
CA TYR B 178 27.56 -46.58 19.45
C TYR B 178 26.42 -45.57 19.33
N ILE B 179 25.77 -45.53 18.18
CA ILE B 179 24.62 -44.65 17.96
C ILE B 179 23.36 -45.39 18.40
N GLU B 180 22.60 -44.78 19.30
CA GLU B 180 21.36 -45.37 19.79
C GLU B 180 20.22 -44.71 19.02
N ALA B 181 19.95 -45.26 17.83
CA ALA B 181 18.93 -44.70 16.96
C ALA B 181 17.55 -45.09 17.46
N ALA B 182 16.65 -44.11 17.51
CA ALA B 182 15.25 -44.33 17.84
C ALA B 182 14.41 -43.87 16.66
N ALA B 183 13.54 -44.75 16.17
CA ALA B 183 12.72 -44.47 14.99
C ALA B 183 11.33 -44.07 15.45
N ASN B 184 11.03 -42.77 15.39
CA ASN B 184 9.73 -42.25 15.79
C ASN B 184 8.94 -41.90 14.53
N PRO B 185 7.88 -42.64 14.21
CA PRO B 185 7.10 -42.32 13.01
C PRO B 185 6.35 -41.02 13.16
N PHE B 186 6.11 -40.36 12.03
CA PHE B 186 5.35 -39.11 12.01
C PHE B 186 3.86 -39.44 12.16
N VAL B 187 3.25 -38.93 13.22
CA VAL B 187 1.85 -39.27 13.52
C VAL B 187 0.93 -38.74 12.42
N GLU B 188 1.17 -37.51 11.97
CA GLU B 188 0.32 -36.89 10.96
C GLU B 188 0.41 -37.65 9.64
N GLY B 189 -0.72 -37.75 8.94
CA GLY B 189 -0.80 -38.54 7.74
C GLY B 189 -0.59 -37.74 6.47
N PRO B 190 -1.16 -38.21 5.36
CA PRO B 190 -0.97 -37.53 4.07
C PRO B 190 -1.54 -36.13 4.05
N THR B 191 -2.83 -35.99 4.35
CA THR B 191 -3.43 -34.67 4.44
C THR B 191 -3.23 -34.09 5.84
N PRO B 192 -3.18 -32.77 5.98
CA PRO B 192 -3.02 -32.17 7.31
C PRO B 192 -4.17 -32.55 8.23
N PHE B 193 -3.82 -32.94 9.46
CA PHE B 193 -4.79 -33.33 10.49
C PHE B 193 -5.71 -34.44 9.97
N SER B 194 -5.10 -35.58 9.66
CA SER B 194 -5.81 -36.75 9.19
C SER B 194 -5.75 -37.88 10.22
N PRO B 195 -6.77 -38.74 10.29
CA PRO B 195 -6.75 -39.82 11.28
C PRO B 195 -5.79 -40.93 10.87
N THR B 196 -4.85 -41.23 11.76
CA THR B 196 -3.84 -42.26 11.52
C THR B 196 -3.78 -43.21 12.69
N GLU B 197 -3.67 -44.51 12.40
CA GLU B 197 -3.56 -45.53 13.42
C GLU B 197 -2.08 -45.91 13.64
N LEU B 198 -1.32 -44.93 14.12
CA LEU B 198 0.11 -45.10 14.36
C LEU B 198 0.44 -45.08 15.84
N GLY B 199 -0.01 -44.06 16.57
CA GLY B 199 0.28 -43.94 17.98
C GLY B 199 -0.66 -44.73 18.86
N GLU B 200 -0.73 -46.05 18.65
CA GLU B 200 -1.58 -46.91 19.45
C GLU B 200 -0.75 -47.94 20.21
N GLU B 201 0.15 -48.62 19.49
CA GLU B 201 1.01 -49.63 20.09
C GLU B 201 2.36 -49.70 19.39
N ALA B 202 3.08 -50.79 19.60
CA ALA B 202 4.45 -50.95 19.11
C ALA B 202 4.51 -52.05 18.07
N THR B 203 3.58 -52.02 17.12
CA THR B 203 3.49 -53.04 16.08
C THR B 203 4.83 -53.25 15.39
N GLY B 204 5.24 -54.51 15.28
CA GLY B 204 6.50 -54.85 14.64
C GLY B 204 6.35 -55.07 13.15
N THR B 205 5.94 -54.01 12.44
CA THR B 205 5.78 -54.07 11.00
C THR B 205 6.39 -52.84 10.38
N CYS B 206 6.76 -52.96 9.10
CA CYS B 206 7.38 -51.86 8.37
C CYS B 206 6.29 -50.90 7.90
N ASP B 207 6.19 -49.76 8.58
CA ASP B 207 5.21 -48.73 8.24
C ASP B 207 5.87 -47.49 7.65
N PHE B 208 6.83 -46.90 8.36
CA PHE B 208 7.55 -45.72 7.88
C PHE B 208 9.05 -45.97 8.08
N PRO B 209 9.65 -46.81 7.24
CA PRO B 209 11.06 -47.17 7.43
C PRO B 209 11.98 -46.06 6.94
N TYR B 210 12.95 -45.68 7.77
CA TYR B 210 13.93 -44.68 7.38
C TYR B 210 15.05 -45.32 6.58
N THR B 211 15.57 -44.58 5.61
CA THR B 211 16.67 -45.04 4.77
C THR B 211 17.95 -44.31 5.17
N LEU B 212 19.00 -45.08 5.45
CA LEU B 212 20.26 -44.49 5.85
C LEU B 212 20.90 -43.75 4.66
N SER B 213 21.81 -42.85 4.98
CA SER B 213 22.41 -41.96 3.98
C SER B 213 23.90 -41.87 4.27
N ARG B 214 24.55 -40.87 3.67
CA ARG B 214 25.99 -40.72 3.79
C ARG B 214 26.43 -40.59 5.25
N MET B 215 27.55 -41.22 5.58
CA MET B 215 28.10 -41.16 6.92
C MET B 215 29.60 -41.39 6.81
N ASP B 216 30.38 -40.31 6.92
CA ASP B 216 31.82 -40.40 6.67
C ASP B 216 32.54 -39.34 7.49
N ILE B 217 33.83 -39.60 7.71
CA ILE B 217 34.67 -38.68 8.48
C ILE B 217 34.99 -37.46 7.63
N THR B 218 34.81 -36.28 8.20
CA THR B 218 35.00 -35.02 7.50
C THR B 218 35.84 -34.07 8.33
N ILE B 219 36.49 -33.14 7.62
CA ILE B 219 37.24 -32.06 8.23
C ILE B 219 36.46 -30.77 8.01
N PHE B 220 36.57 -29.86 8.97
CA PHE B 220 35.75 -28.65 9.03
C PHE B 220 36.54 -27.45 8.54
N ASN B 221 35.92 -26.66 7.66
CA ASN B 221 36.52 -25.43 7.15
C ASN B 221 35.85 -24.23 7.82
N GLU B 222 36.67 -23.35 8.40
CA GLU B 222 36.17 -22.22 9.16
C GLU B 222 35.92 -20.99 8.29
N ASP B 223 36.87 -20.66 7.42
CA ASP B 223 36.73 -19.47 6.59
C ASP B 223 35.53 -19.57 5.65
N VAL B 224 35.32 -20.76 5.06
CA VAL B 224 34.18 -20.95 4.18
C VAL B 224 32.87 -20.77 4.93
N PHE B 225 32.79 -21.32 6.14
CA PHE B 225 31.58 -21.17 6.94
C PHE B 225 31.35 -19.71 7.32
N ALA B 226 32.41 -18.99 7.68
CA ALA B 226 32.26 -17.58 8.01
C ALA B 226 31.78 -16.77 6.80
N TYR B 227 32.34 -17.04 5.62
CA TYR B 227 31.91 -16.36 4.41
C TYR B 227 30.45 -16.67 4.08
N ASP B 228 30.06 -17.94 4.24
CA ASP B 228 28.67 -18.32 4.02
C ASP B 228 27.73 -17.59 4.96
N MET B 229 28.11 -17.50 6.25
CA MET B 229 27.27 -16.82 7.22
C MET B 229 27.17 -15.33 6.91
N ASP B 230 28.28 -14.71 6.51
CA ASP B 230 28.25 -13.30 6.14
C ASP B 230 27.34 -13.06 4.93
N LEU B 231 27.44 -13.93 3.92
CA LEU B 231 26.55 -13.82 2.77
C LEU B 231 25.09 -13.97 3.17
N GLU B 232 24.80 -14.94 4.04
CA GLU B 232 23.43 -15.15 4.48
C GLU B 232 22.90 -13.92 5.22
N THR B 233 23.71 -13.35 6.11
CA THR B 233 23.29 -12.16 6.85
C THR B 233 23.02 -11.00 5.90
N VAL B 234 23.93 -10.77 4.96
CA VAL B 234 23.76 -9.64 4.02
C VAL B 234 22.52 -9.84 3.17
N SER B 235 22.35 -11.05 2.63
CA SER B 235 21.22 -11.32 1.74
C SER B 235 19.89 -11.20 2.49
N SER B 236 19.84 -11.70 3.72
CA SER B 236 18.61 -11.59 4.51
C SER B 236 18.32 -10.15 4.88
N LEU B 237 19.36 -9.34 5.13
CA LEU B 237 19.13 -7.93 5.44
C LEU B 237 18.65 -7.15 4.21
N ILE B 238 19.12 -7.53 3.01
CA ILE B 238 18.69 -6.83 1.80
C ILE B 238 17.20 -7.05 1.54
N ARG B 239 16.72 -8.28 1.75
CA ARG B 239 15.36 -8.62 1.33
C ARG B 239 14.30 -7.79 2.04
N GLU B 240 14.46 -7.61 3.36
CA GLU B 240 13.42 -6.98 4.16
C GLU B 240 13.45 -5.45 4.11
N LEU B 241 14.53 -4.85 3.62
CA LEU B 241 14.61 -3.39 3.61
C LEU B 241 13.81 -2.81 2.46
N LYS B 242 13.48 -1.53 2.57
CA LYS B 242 12.70 -0.84 1.56
C LYS B 242 13.59 -0.44 0.38
N ASP B 243 12.98 0.12 -0.65
CA ASP B 243 13.69 0.58 -1.83
C ASP B 243 14.08 2.05 -1.76
N ASP B 244 13.78 2.72 -0.65
CA ASP B 244 14.07 4.15 -0.49
C ASP B 244 15.08 4.38 0.63
N ASP B 245 15.97 3.42 0.86
CA ASP B 245 16.98 3.52 1.91
C ASP B 245 18.35 3.27 1.29
N PRO B 246 19.31 4.17 1.50
CA PRO B 246 20.66 3.95 0.93
C PRO B 246 21.33 2.69 1.46
N ARG B 247 20.94 2.20 2.63
CA ARG B 247 21.50 0.95 3.13
C ARG B 247 21.18 -0.21 2.20
N TYR B 248 19.95 -0.24 1.66
CA TYR B 248 19.56 -1.30 0.74
C TYR B 248 20.47 -1.34 -0.49
N TRP B 249 20.66 -0.18 -1.13
CA TRP B 249 21.49 -0.13 -2.33
C TRP B 249 22.96 -0.41 -2.01
N GLN B 250 23.45 0.11 -0.88
CA GLN B 250 24.84 -0.15 -0.51
C GLN B 250 25.06 -1.64 -0.25
N LEU B 251 24.13 -2.29 0.44
CA LEU B 251 24.26 -3.73 0.68
C LEU B 251 24.19 -4.51 -0.63
N ALA B 252 23.30 -4.12 -1.53
CA ALA B 252 23.20 -4.81 -2.82
C ALA B 252 24.51 -4.66 -3.61
N LYS B 253 25.08 -3.46 -3.62
CA LYS B 253 26.34 -3.24 -4.34
C LYS B 253 27.47 -4.05 -3.72
N ALA B 254 27.53 -4.08 -2.37
CA ALA B 254 28.57 -4.85 -1.71
C ALA B 254 28.42 -6.34 -2.00
N LEU B 255 27.18 -6.85 -2.01
CA LEU B 255 26.96 -8.25 -2.34
C LEU B 255 27.38 -8.55 -3.77
N GLN B 256 27.03 -7.66 -4.71
CA GLN B 256 27.43 -7.86 -6.10
C GLN B 256 28.94 -7.86 -6.24
N ARG B 257 29.63 -6.94 -5.55
CA ARG B 257 31.09 -6.90 -5.62
C ARG B 257 31.71 -8.16 -5.03
N SER B 258 31.18 -8.63 -3.90
CA SER B 258 31.75 -9.80 -3.25
C SER B 258 31.51 -11.07 -4.06
N LEU B 259 30.33 -11.20 -4.68
CA LEU B 259 29.99 -12.42 -5.39
C LEU B 259 30.81 -12.59 -6.67
N ASN B 260 31.39 -11.52 -7.20
CA ASN B 260 32.18 -11.58 -8.42
C ASN B 260 33.62 -12.00 -8.16
N ILE B 261 34.01 -12.18 -6.90
CA ILE B 261 35.37 -12.59 -6.56
C ILE B 261 35.45 -14.03 -6.12
N TYR B 262 34.47 -14.53 -5.37
CA TYR B 262 34.50 -15.90 -4.88
C TYR B 262 34.41 -16.89 -6.04
N ASP B 263 35.31 -17.88 -6.03
CA ASP B 263 35.35 -18.93 -7.03
C ASP B 263 35.48 -20.28 -6.35
N GLU B 264 34.65 -21.23 -6.76
CA GLU B 264 34.66 -22.56 -6.15
C GLU B 264 35.75 -23.47 -6.70
N ARG B 265 36.36 -23.10 -7.84
CA ARG B 265 37.45 -23.92 -8.37
C ARG B 265 38.73 -23.77 -7.57
N ASP B 266 38.87 -22.68 -6.81
CA ASP B 266 40.04 -22.47 -5.96
C ASP B 266 39.59 -21.72 -4.72
N LEU B 267 39.78 -22.34 -3.56
CA LEU B 267 39.24 -21.81 -2.31
C LEU B 267 40.13 -20.76 -1.64
N GLU B 268 41.28 -20.44 -2.22
CA GLU B 268 42.13 -19.40 -1.66
C GLU B 268 41.58 -18.01 -1.88
N THR B 269 40.52 -17.85 -2.67
CA THR B 269 39.91 -16.56 -2.93
C THR B 269 38.94 -16.13 -1.83
N VAL B 270 38.69 -17.00 -0.83
CA VAL B 270 37.76 -16.64 0.24
C VAL B 270 38.25 -15.43 1.04
N PRO B 271 39.51 -15.35 1.49
CA PRO B 271 39.93 -14.14 2.21
C PRO B 271 39.83 -12.87 1.39
N ALA B 272 40.03 -12.95 0.08
CA ALA B 272 39.93 -11.76 -0.76
C ALA B 272 38.48 -11.32 -0.96
N ALA B 273 37.52 -12.17 -0.64
CA ALA B 273 36.10 -11.84 -0.79
C ALA B 273 35.44 -11.44 0.52
N ARG B 274 35.88 -12.02 1.65
CA ARG B 274 35.29 -11.65 2.94
C ARG B 274 35.61 -10.20 3.29
N ALA B 275 36.83 -9.75 2.99
CA ALA B 275 37.21 -8.37 3.32
C ALA B 275 36.36 -7.37 2.56
N ALA B 276 36.08 -7.65 1.28
CA ALA B 276 35.25 -6.74 0.49
C ALA B 276 33.83 -6.66 1.04
N LEU B 277 33.28 -7.79 1.48
CA LEU B 277 31.93 -7.80 2.04
C LEU B 277 31.88 -7.22 3.45
N ALA B 278 33.01 -7.22 4.17
CA ALA B 278 33.03 -6.74 5.55
C ALA B 278 33.05 -5.23 5.65
N GLY B 279 33.16 -4.50 4.53
CA GLY B 279 33.18 -3.06 4.59
C GLY B 279 31.86 -2.45 5.05
N VAL B 280 30.77 -3.16 4.83
CA VAL B 280 29.44 -2.69 5.21
C VAL B 280 28.87 -3.51 6.36
N LEU B 281 29.70 -4.31 7.03
CA LEU B 281 29.27 -5.14 8.15
C LEU B 281 29.87 -4.67 9.48
N ALA B 282 30.41 -3.45 9.52
CA ALA B 282 31.00 -2.91 10.73
C ALA B 282 30.47 -1.52 11.08
N GLU B 283 29.44 -1.05 10.38
CA GLU B 283 28.86 0.26 10.65
C GLU B 283 27.91 0.16 11.84
N PRO B 284 28.09 0.98 12.88
CA PRO B 284 27.18 0.91 14.03
C PRO B 284 25.75 1.26 13.64
N ALA B 285 24.80 0.60 14.31
CA ALA B 285 23.39 0.84 14.04
C ALA B 285 22.96 2.18 14.61
N ALA B 286 21.78 2.63 14.19
CA ALA B 286 21.22 3.87 14.73
C ALA B 286 20.94 3.72 16.21
N SER B 287 21.16 4.80 16.97
CA SER B 287 20.98 4.75 18.41
C SER B 287 19.52 4.92 18.80
N SER B 288 18.64 4.13 18.17
CA SER B 288 17.23 4.13 18.51
C SER B 288 16.61 2.74 18.48
N ALA B 289 17.39 1.70 18.22
CA ALA B 289 16.85 0.36 18.08
C ALA B 289 16.57 -0.26 19.44
N ILE B 290 15.88 -1.41 19.42
CA ILE B 290 15.53 -2.14 20.63
C ILE B 290 16.69 -3.05 21.02
N ASN B 291 17.11 -2.97 22.28
CA ASN B 291 18.21 -3.77 22.78
C ASN B 291 17.68 -5.15 23.15
N HIS B 292 17.65 -6.04 22.17
CA HIS B 292 17.17 -7.40 22.39
C HIS B 292 18.16 -8.21 23.21
N ILE B 293 17.63 -9.15 23.99
CA ILE B 293 18.44 -10.10 24.74
C ILE B 293 18.07 -11.50 24.26
N ALA B 294 19.07 -12.25 23.83
CA ALA B 294 18.86 -13.57 23.24
C ALA B 294 19.06 -14.65 24.28
N ILE B 295 18.11 -15.58 24.36
CA ILE B 295 18.15 -16.68 25.31
C ILE B 295 17.99 -17.99 24.53
N GLY B 296 18.91 -18.93 24.77
CA GLY B 296 18.77 -20.26 24.20
C GLY B 296 17.71 -21.04 24.96
N HIS B 297 16.73 -21.56 24.23
CA HIS B 297 15.60 -22.25 24.85
C HIS B 297 15.08 -23.32 23.91
N ALA B 298 14.96 -24.54 24.41
CA ALA B 298 14.44 -25.68 23.66
C ALA B 298 13.23 -26.21 24.42
N HIS B 299 12.01 -25.87 23.96
CA HIS B 299 10.77 -26.27 24.67
C HIS B 299 10.57 -27.73 24.43
N ILE B 300 10.67 -28.53 25.46
CA ILE B 300 10.50 -29.97 25.40
C ILE B 300 9.16 -30.31 26.05
N ASP B 301 8.28 -30.87 25.24
CA ASP B 301 6.93 -31.20 25.75
C ASP B 301 7.00 -32.56 26.40
N SER B 302 6.39 -32.73 27.57
CA SER B 302 6.46 -34.00 28.30
C SER B 302 5.81 -35.13 27.52
N ALA B 303 4.65 -34.84 26.93
CA ALA B 303 3.94 -35.93 26.23
C ALA B 303 2.95 -35.43 25.19
N TRP B 304 3.41 -35.10 24.01
CA TRP B 304 2.49 -34.76 22.90
C TRP B 304 3.04 -35.52 21.73
N LEU B 305 2.37 -36.58 21.28
CA LEU B 305 2.79 -37.40 20.11
C LEU B 305 3.91 -38.39 20.48
N TRP B 306 4.19 -38.56 21.77
CA TRP B 306 5.22 -39.54 22.20
C TRP B 306 4.97 -40.01 23.65
N PRO B 307 5.29 -41.25 24.12
CA PRO B 307 4.97 -41.64 25.49
C PRO B 307 5.91 -40.99 26.50
N VAL B 308 5.61 -41.22 27.77
CA VAL B 308 6.45 -40.70 28.85
C VAL B 308 7.82 -41.36 28.90
N ARG B 309 8.01 -42.45 28.17
CA ARG B 309 9.29 -43.13 28.11
C ARG B 309 10.19 -42.59 26.99
N GLU B 310 9.68 -41.68 26.17
CA GLU B 310 10.47 -41.06 25.11
C GLU B 310 10.90 -39.63 25.44
N THR B 311 10.16 -38.94 26.31
CA THR B 311 10.56 -37.60 26.71
C THR B 311 11.88 -37.62 27.48
N ARG B 312 12.17 -38.72 28.19
CA ARG B 312 13.48 -38.85 28.84
C ARG B 312 14.59 -38.86 27.80
N ARG B 313 14.41 -39.64 26.73
CA ARG B 313 15.39 -39.66 25.64
C ARG B 313 15.51 -38.28 25.00
N LYS B 314 14.38 -37.60 24.79
CA LYS B 314 14.41 -36.30 24.14
C LYS B 314 15.15 -35.28 24.99
N VAL B 315 14.89 -35.25 26.29
CA VAL B 315 15.57 -34.28 27.16
C VAL B 315 17.04 -34.64 27.29
N ALA B 316 17.38 -35.93 27.30
CA ALA B 316 18.79 -36.32 27.32
C ALA B 316 19.50 -35.84 26.06
N ARG B 317 18.84 -35.99 24.90
CA ARG B 317 19.40 -35.49 23.64
C ARG B 317 19.60 -33.98 23.69
N THR B 318 18.60 -33.27 24.20
CA THR B 318 18.69 -31.82 24.29
C THR B 318 19.86 -31.38 25.18
N VAL B 319 19.98 -32.00 26.35
CA VAL B 319 21.06 -31.64 27.27
C VAL B 319 22.41 -31.96 26.67
N SER B 320 22.54 -33.14 26.03
CA SER B 320 23.81 -33.50 25.42
C SER B 320 24.19 -32.51 24.32
N ASN B 321 23.22 -32.14 23.49
CA ASN B 321 23.50 -31.19 22.41
C ASN B 321 23.91 -29.84 22.96
N VAL B 322 23.21 -29.34 23.99
CA VAL B 322 23.53 -28.04 24.56
C VAL B 322 24.93 -28.05 25.17
N LEU B 323 25.24 -29.10 25.93
CA LEU B 323 26.56 -29.18 26.55
C LEU B 323 27.67 -29.29 25.50
N ALA B 324 27.45 -30.09 24.46
CA ALA B 324 28.45 -30.24 23.41
C ALA B 324 28.69 -28.92 22.70
N LEU B 325 27.62 -28.18 22.40
CA LEU B 325 27.79 -26.88 21.74
C LEU B 325 28.48 -25.88 22.67
N MET B 326 28.12 -25.90 23.96
CA MET B 326 28.69 -24.94 24.91
C MET B 326 30.14 -25.27 25.27
N ASP B 327 30.58 -26.50 25.00
CA ASP B 327 31.96 -26.86 25.33
C ASP B 327 32.97 -26.00 24.56
N GLU B 328 32.68 -25.72 23.29
CA GLU B 328 33.65 -25.02 22.44
C GLU B 328 33.37 -23.53 22.31
N ASP B 329 32.12 -23.09 22.46
CA ASP B 329 31.77 -21.69 22.20
C ASP B 329 31.52 -20.96 23.52
N PRO B 330 32.37 -20.04 23.92
CA PRO B 330 32.08 -19.23 25.12
C PRO B 330 31.02 -18.18 24.82
N ASP B 331 30.63 -17.46 25.88
CA ASP B 331 29.63 -16.40 25.81
C ASP B 331 28.30 -16.95 25.26
N PHE B 332 27.81 -18.01 25.89
CA PHE B 332 26.58 -18.67 25.48
C PHE B 332 25.71 -18.89 26.71
N THR B 333 24.38 -18.86 26.50
CA THR B 333 23.42 -19.01 27.58
C THR B 333 22.33 -19.98 27.15
N TYR B 334 21.69 -20.58 28.15
CA TYR B 334 20.62 -21.54 27.91
C TYR B 334 19.72 -21.60 29.15
N ALA B 335 18.49 -22.04 28.95
CA ALA B 335 17.52 -22.15 30.02
C ALA B 335 16.73 -23.44 29.88
N MET B 336 16.23 -23.94 31.00
CA MET B 336 15.46 -25.19 31.00
C MET B 336 14.59 -25.24 32.25
N SER B 337 13.27 -25.26 32.06
CA SER B 337 12.30 -25.37 33.14
C SER B 337 11.95 -26.85 33.35
N SER B 338 10.85 -27.12 34.06
CA SER B 338 10.30 -28.47 34.23
C SER B 338 11.29 -29.40 34.93
N ALA B 339 11.51 -29.09 36.22
CA ALA B 339 12.40 -29.86 37.08
C ALA B 339 12.13 -31.37 37.03
N GLN B 340 10.96 -31.80 36.55
CA GLN B 340 10.75 -33.21 36.27
C GLN B 340 11.85 -33.77 35.36
N GLN B 341 12.17 -33.03 34.30
CA GLN B 341 13.24 -33.46 33.40
C GLN B 341 14.60 -33.43 34.09
N TYR B 342 14.82 -32.47 35.00
CA TYR B 342 16.05 -32.46 35.78
C TYR B 342 16.18 -33.72 36.61
N ALA B 343 15.10 -34.13 37.28
CA ALA B 343 15.12 -35.35 38.09
C ALA B 343 15.36 -36.58 37.22
N TRP B 344 14.70 -36.64 36.05
CA TRP B 344 14.92 -37.76 35.15
C TRP B 344 16.37 -37.83 34.68
N LEU B 345 16.94 -36.68 34.31
CA LEU B 345 18.33 -36.65 33.86
C LEU B 345 19.28 -37.06 34.98
N GLU B 346 19.02 -36.59 36.20
CA GLU B 346 19.87 -36.99 37.33
C GLU B 346 19.76 -38.49 37.59
N GLU B 347 18.57 -39.05 37.49
CA GLU B 347 18.38 -40.47 37.79
C GLU B 347 19.00 -41.36 36.74
N GLU B 348 18.87 -40.99 35.46
CA GLU B 348 19.25 -41.87 34.36
C GLU B 348 20.56 -41.49 33.68
N HIS B 349 21.16 -40.37 34.07
CA HIS B 349 22.42 -39.91 33.45
C HIS B 349 23.24 -39.14 34.47
N PRO B 350 23.97 -39.85 35.34
CA PRO B 350 24.78 -39.15 36.34
C PRO B 350 25.83 -38.21 35.74
N ASP B 351 26.47 -38.62 34.65
CA ASP B 351 27.53 -37.78 34.07
C ASP B 351 26.96 -36.51 33.45
N LEU B 352 25.83 -36.62 32.76
CA LEU B 352 25.21 -35.43 32.17
C LEU B 352 24.76 -34.46 33.25
N PHE B 353 24.17 -34.97 34.33
CA PHE B 353 23.76 -34.11 35.43
C PHE B 353 24.96 -33.46 36.09
N ALA B 354 26.05 -34.21 36.28
CA ALA B 354 27.25 -33.64 36.87
C ALA B 354 27.82 -32.51 36.00
N ARG B 355 27.87 -32.73 34.69
CA ARG B 355 28.37 -31.69 33.79
C ARG B 355 27.45 -30.47 33.79
N MET B 356 26.13 -30.70 33.83
CA MET B 356 25.20 -29.59 33.88
C MET B 356 25.36 -28.78 35.15
N LYS B 357 25.52 -29.46 36.29
CA LYS B 357 25.73 -28.75 37.56
C LYS B 357 27.04 -27.99 37.56
N ARG B 358 28.10 -28.57 36.96
CA ARG B 358 29.37 -27.87 36.86
C ARG B 358 29.23 -26.62 36.00
N ARG B 359 28.48 -26.71 34.91
CA ARG B 359 28.29 -25.54 34.05
C ARG B 359 27.38 -24.50 34.70
N ILE B 360 26.51 -24.92 35.62
CA ILE B 360 25.64 -23.98 36.32
C ILE B 360 26.46 -23.04 37.19
N GLU B 361 27.53 -23.55 37.81
CA GLU B 361 28.35 -22.71 38.68
C GLU B 361 28.94 -21.52 37.94
N GLU B 362 29.31 -21.72 36.66
CA GLU B 362 29.81 -20.60 35.86
C GLU B 362 28.74 -19.54 35.64
N GLY B 363 27.49 -19.97 35.43
CA GLY B 363 26.40 -19.04 35.23
C GLY B 363 25.98 -18.90 33.78
N ARG B 364 25.92 -20.02 33.07
CA ARG B 364 25.52 -20.03 31.67
C ARG B 364 24.47 -21.10 31.38
N PHE B 365 23.95 -21.77 32.40
CA PHE B 365 22.93 -22.80 32.27
C PHE B 365 21.80 -22.52 33.27
N ILE B 366 21.34 -21.28 33.28
CA ILE B 366 20.40 -20.77 34.29
C ILE B 366 19.13 -21.60 34.32
N PRO B 367 18.84 -22.28 35.43
CA PRO B 367 17.55 -22.99 35.57
C PRO B 367 16.45 -22.00 35.93
N VAL B 368 15.54 -21.76 35.00
CA VAL B 368 14.49 -20.76 35.17
C VAL B 368 13.14 -21.48 35.21
N GLY B 369 12.27 -21.03 36.08
CA GLY B 369 10.94 -21.62 36.23
C GLY B 369 10.86 -22.53 37.43
N GLY B 370 10.28 -22.04 38.53
CA GLY B 370 10.19 -22.79 39.76
C GLY B 370 9.10 -23.83 39.81
N MET B 371 8.26 -23.90 38.79
CA MET B 371 7.20 -24.89 38.77
C MET B 371 7.76 -26.29 38.57
N TRP B 372 7.06 -27.29 39.12
CA TRP B 372 7.55 -28.66 39.04
C TRP B 372 7.53 -29.16 37.60
N VAL B 373 6.52 -28.76 36.83
CA VAL B 373 6.44 -29.07 35.40
C VAL B 373 5.54 -28.01 34.77
N GLU B 374 5.74 -27.77 33.47
CA GLU B 374 4.96 -26.77 32.77
C GLU B 374 3.53 -27.29 32.55
N SER B 375 2.64 -26.98 33.49
CA SER B 375 1.29 -27.49 33.48
C SER B 375 0.32 -26.46 32.91
N ASP B 376 -0.94 -26.86 32.79
CA ASP B 376 -1.99 -25.95 32.36
C ASP B 376 -2.42 -25.05 33.51
N ASN B 377 -3.25 -24.08 33.18
CA ASN B 377 -3.62 -23.02 34.11
C ASN B 377 -5.11 -22.97 34.42
N MET B 378 -5.96 -23.00 33.38
CA MET B 378 -7.39 -22.80 33.59
C MET B 378 -8.03 -23.99 34.29
N ILE B 379 -7.69 -25.20 33.85
CA ILE B 379 -8.33 -26.43 34.36
C ILE B 379 -7.85 -26.78 35.76
N PRO B 380 -6.54 -26.90 36.03
CA PRO B 380 -6.11 -27.42 37.33
C PRO B 380 -6.53 -26.53 38.48
N SER B 381 -6.80 -27.17 39.63
CA SER B 381 -7.14 -26.44 40.83
C SER B 381 -5.93 -25.70 41.39
N GLY B 382 -6.20 -24.71 42.23
CA GLY B 382 -5.12 -23.92 42.82
C GLY B 382 -4.21 -24.75 43.71
N GLU B 383 -4.76 -25.78 44.35
CA GLU B 383 -3.93 -26.64 45.20
C GLU B 383 -2.87 -27.35 44.37
N SER B 384 -3.22 -27.80 43.16
CA SER B 384 -2.23 -28.40 42.28
C SER B 384 -1.15 -27.39 41.89
N LEU B 385 -1.55 -26.14 41.63
CA LEU B 385 -0.59 -25.12 41.26
C LEU B 385 0.40 -24.86 42.39
N VAL B 386 -0.11 -24.70 43.62
CA VAL B 386 0.80 -24.46 44.74
C VAL B 386 1.66 -25.68 45.02
N ARG B 387 1.13 -26.88 44.82
CA ARG B 387 1.94 -28.09 44.97
C ARG B 387 3.09 -28.09 43.98
N GLN B 388 2.81 -27.74 42.71
CA GLN B 388 3.87 -27.66 41.72
C GLN B 388 4.91 -26.64 42.12
N ILE B 389 4.45 -25.45 42.57
CA ILE B 389 5.39 -24.39 42.91
C ILE B 389 6.29 -24.83 44.06
N THR B 390 5.71 -25.38 45.12
CA THR B 390 6.52 -25.75 46.28
C THR B 390 7.44 -26.92 45.97
N PHE B 391 6.96 -27.91 45.22
CA PHE B 391 7.80 -29.05 44.86
C PHE B 391 8.99 -28.62 44.02
N GLY B 392 8.73 -27.80 42.99
CA GLY B 392 9.82 -27.34 42.15
C GLY B 392 10.81 -26.46 42.90
N ARG B 393 10.31 -25.56 43.74
CA ARG B 393 11.21 -24.70 44.50
C ARG B 393 12.07 -25.51 45.47
N ARG B 394 11.47 -26.49 46.16
CA ARG B 394 12.25 -27.33 47.06
C ARG B 394 13.29 -28.13 46.29
N TYR B 395 12.91 -28.69 45.15
CA TYR B 395 13.86 -29.46 44.33
C TYR B 395 15.03 -28.60 43.91
N PHE B 396 14.74 -27.39 43.41
CA PHE B 396 15.81 -26.48 42.99
C PHE B 396 16.68 -26.08 44.17
N LYS B 397 16.08 -25.88 45.34
CA LYS B 397 16.83 -25.42 46.49
C LYS B 397 17.79 -26.49 47.01
N GLU B 398 17.33 -27.74 47.11
CA GLU B 398 18.14 -28.75 47.80
C GLU B 398 18.79 -29.79 46.89
N HIS B 399 18.52 -29.77 45.59
CA HIS B 399 19.32 -30.58 44.66
C HIS B 399 20.32 -29.77 43.85
N LEU B 400 19.94 -28.56 43.42
CA LEU B 400 20.81 -27.75 42.58
C LEU B 400 21.40 -26.54 43.30
N GLY B 401 20.88 -26.18 44.47
CA GLY B 401 21.39 -25.02 45.19
C GLY B 401 21.18 -23.71 44.47
N VAL B 402 20.09 -23.56 43.73
CA VAL B 402 19.76 -22.33 43.01
C VAL B 402 18.30 -22.00 43.26
N THR B 403 18.02 -20.73 43.51
CA THR B 403 16.66 -20.27 43.76
C THR B 403 16.13 -19.49 42.56
N PRO B 404 15.04 -19.94 41.94
CA PRO B 404 14.47 -19.19 40.83
C PRO B 404 13.78 -17.92 41.31
N ARG B 405 13.65 -16.97 40.38
CA ARG B 405 13.04 -15.68 40.70
C ARG B 405 11.75 -15.40 39.93
N GLY B 406 11.39 -16.22 38.95
CA GLY B 406 10.20 -15.94 38.17
C GLY B 406 9.62 -17.20 37.55
N ILE B 407 8.37 -17.08 37.11
CA ILE B 407 7.67 -18.18 36.47
C ILE B 407 8.02 -18.21 34.99
N TRP B 408 8.15 -19.43 34.43
CA TRP B 408 8.54 -19.62 33.03
C TRP B 408 7.54 -20.60 32.41
N LEU B 409 6.51 -20.06 31.76
CA LEU B 409 5.46 -20.85 31.11
C LEU B 409 5.28 -20.35 29.69
N PRO B 410 6.17 -20.72 28.78
CA PRO B 410 6.07 -20.24 27.40
C PRO B 410 5.08 -21.00 26.53
N ASP B 411 4.28 -21.88 27.10
CA ASP B 411 3.27 -22.59 26.27
C ASP B 411 2.15 -23.07 27.15
N SER B 412 1.05 -22.37 27.17
CA SER B 412 -0.13 -22.71 27.97
C SER B 412 -1.35 -22.06 27.33
N PHE B 413 -2.53 -22.58 27.69
CA PHE B 413 -3.80 -22.11 27.13
C PHE B 413 -4.56 -21.39 28.23
N GLY B 414 -4.55 -20.06 28.18
CA GLY B 414 -5.28 -19.26 29.14
C GLY B 414 -4.60 -19.20 30.50
N TYR B 415 -4.75 -18.07 31.20
CA TYR B 415 -4.13 -17.87 32.51
C TYR B 415 -5.18 -17.36 33.49
N ALA B 416 -5.29 -18.02 34.63
CA ALA B 416 -6.25 -17.60 35.65
C ALA B 416 -5.82 -16.30 36.30
N GLY B 417 -6.80 -15.57 36.84
CA GLY B 417 -6.53 -14.30 37.47
C GLY B 417 -5.85 -14.39 38.82
N SER B 418 -5.85 -15.56 39.44
CA SER B 418 -5.25 -15.73 40.75
C SER B 418 -3.74 -15.94 40.69
N TRP B 419 -3.17 -16.08 39.49
CA TRP B 419 -1.74 -16.33 39.37
C TRP B 419 -0.85 -15.24 39.94
N PRO B 420 -1.10 -13.94 39.71
CA PRO B 420 -0.18 -12.94 40.30
C PRO B 420 -0.07 -13.05 41.82
N GLN B 421 -1.17 -13.29 42.52
CA GLN B 421 -1.12 -13.37 43.97
C GLN B 421 -0.28 -14.56 44.44
N ILE B 422 -0.52 -15.73 43.85
CA ILE B 422 0.23 -16.93 44.23
C ILE B 422 1.70 -16.76 43.89
N ALA B 423 2.00 -16.21 42.71
CA ALA B 423 3.39 -16.03 42.31
C ALA B 423 4.11 -15.07 43.24
N ARG B 424 3.46 -13.96 43.61
CA ARG B 424 4.11 -13.00 44.50
C ARG B 424 4.27 -13.56 45.90
N ARG B 425 3.28 -14.31 46.39
CA ARG B 425 3.40 -14.89 47.72
C ARG B 425 4.36 -16.08 47.75
N ALA B 426 4.72 -16.63 46.60
CA ALA B 426 5.66 -17.73 46.52
C ALA B 426 7.11 -17.26 46.39
N GLY B 427 7.34 -15.95 46.29
CA GLY B 427 8.67 -15.40 46.19
C GLY B 427 9.08 -14.94 44.81
N PHE B 428 8.33 -15.30 43.77
CA PHE B 428 8.67 -14.86 42.43
C PHE B 428 8.37 -13.37 42.26
N ASP B 429 9.09 -12.74 41.32
CA ASP B 429 8.91 -11.30 41.13
C ASP B 429 8.89 -10.88 39.65
N TRP B 430 8.71 -11.83 38.72
CA TRP B 430 8.40 -11.48 37.34
C TRP B 430 7.74 -12.68 36.67
N PHE B 431 7.14 -12.42 35.51
CA PHE B 431 6.31 -13.39 34.81
C PHE B 431 6.58 -13.29 33.31
N LEU B 432 6.64 -14.44 32.64
CA LEU B 432 6.96 -14.49 31.22
C LEU B 432 6.08 -15.52 30.53
N THR B 433 5.31 -15.07 29.54
CA THR B 433 4.47 -15.94 28.73
C THR B 433 4.42 -15.39 27.31
N GLN B 434 4.04 -16.25 26.36
CA GLN B 434 3.99 -15.84 24.96
C GLN B 434 2.75 -16.29 24.21
N LYS B 435 1.98 -17.26 24.71
CA LYS B 435 0.89 -17.84 23.93
C LYS B 435 -0.29 -16.89 23.75
N ILE B 436 -0.35 -15.80 24.52
CA ILE B 436 -1.46 -14.86 24.40
C ILE B 436 -1.51 -14.24 23.00
N SER B 437 -0.36 -14.14 22.33
CA SER B 437 -0.31 -13.54 21.01
C SER B 437 -0.96 -14.40 19.93
N TRP B 438 -1.32 -15.65 20.25
CA TRP B 438 -1.96 -16.54 19.29
C TRP B 438 -3.46 -16.33 19.18
N ASN B 439 -3.96 -15.14 19.55
CA ASN B 439 -5.39 -14.87 19.50
C ASN B 439 -5.88 -14.87 18.05
N ASP B 440 -7.20 -14.91 17.92
CA ASP B 440 -7.86 -14.96 16.61
C ASP B 440 -8.44 -13.63 16.19
N THR B 441 -8.96 -12.84 17.13
CA THR B 441 -9.66 -11.60 16.81
C THR B 441 -8.90 -10.35 17.23
N THR B 442 -8.48 -10.27 18.49
CA THR B 442 -7.89 -9.06 19.02
C THR B 442 -6.40 -9.26 19.33
N LYS B 443 -5.70 -8.14 19.50
CA LYS B 443 -4.29 -8.12 19.84
C LYS B 443 -4.12 -7.53 21.23
N PHE B 444 -3.21 -8.11 22.02
CA PHE B 444 -3.00 -7.66 23.37
C PHE B 444 -2.44 -6.24 23.38
N PRO B 445 -2.93 -5.37 24.26
CA PRO B 445 -2.48 -3.97 24.25
C PRO B 445 -0.99 -3.79 24.53
N HIS B 446 -0.38 -4.64 25.36
CA HIS B 446 0.98 -4.44 25.81
C HIS B 446 1.79 -5.72 25.68
N HIS B 447 3.11 -5.49 25.71
CA HIS B 447 4.09 -6.59 25.60
C HIS B 447 4.99 -6.53 26.83
N SER B 448 4.84 -5.55 27.70
CA SER B 448 5.57 -5.47 28.97
C SER B 448 4.78 -4.54 29.88
N PHE B 449 4.22 -5.09 30.96
CA PHE B 449 3.28 -4.34 31.78
C PHE B 449 3.28 -4.90 33.19
N MET B 450 2.35 -4.42 34.00
CA MET B 450 2.10 -4.92 35.34
C MET B 450 0.76 -5.65 35.33
N TRP B 451 0.81 -6.97 35.44
CA TRP B 451 -0.41 -7.77 35.52
C TRP B 451 -0.93 -7.72 36.95
N GLU B 452 -2.15 -7.22 37.12
CA GLU B 452 -2.74 -7.08 38.44
C GLU B 452 -3.64 -8.27 38.73
N GLY B 453 -3.43 -8.91 39.86
CA GLY B 453 -4.25 -10.04 40.26
C GLY B 453 -5.65 -9.61 40.61
N ILE B 454 -6.46 -10.61 40.99
CA ILE B 454 -7.85 -10.32 41.34
C ILE B 454 -7.93 -9.47 42.59
N ASP B 455 -7.03 -9.68 43.55
CA ASP B 455 -7.11 -8.95 44.81
C ASP B 455 -6.51 -7.56 44.71
N GLY B 456 -5.18 -7.48 44.71
CA GLY B 456 -4.48 -6.23 44.44
C GLY B 456 -3.11 -6.47 43.87
N THR B 457 -2.78 -7.73 43.60
CA THR B 457 -1.38 -8.13 43.44
C THR B 457 -0.89 -7.78 42.04
N ARG B 458 0.18 -7.00 41.97
CA ARG B 458 0.79 -6.60 40.72
C ARG B 458 2.10 -7.36 40.53
N ILE B 459 2.26 -7.97 39.37
CA ILE B 459 3.46 -8.72 39.02
C ILE B 459 3.94 -8.25 37.65
N LEU B 460 5.25 -8.06 37.51
CA LEU B 460 5.80 -7.65 36.23
C LEU B 460 5.66 -8.78 35.21
N THR B 461 5.12 -8.45 34.04
CA THR B 461 4.90 -9.44 32.99
C THR B 461 5.49 -8.91 31.68
N HIS B 462 6.17 -9.79 30.95
CA HIS B 462 6.78 -9.44 29.67
C HIS B 462 6.47 -10.51 28.65
N PHE B 463 6.22 -10.08 27.41
CA PHE B 463 5.96 -10.98 26.30
C PHE B 463 7.10 -10.91 25.28
N PRO B 464 7.46 -12.04 24.66
CA PRO B 464 8.42 -12.00 23.57
C PRO B 464 7.80 -11.42 22.32
N PRO B 465 8.32 -10.30 21.81
CA PRO B 465 7.72 -9.67 20.63
C PRO B 465 7.68 -10.56 19.40
N SER B 466 8.67 -11.44 19.23
CA SER B 466 8.68 -12.34 18.08
C SER B 466 7.53 -13.32 18.11
N ASP B 467 6.89 -13.50 19.26
CA ASP B 467 5.69 -14.33 19.39
C ASP B 467 5.98 -15.79 19.04
N THR B 468 7.19 -16.24 19.35
CA THR B 468 7.58 -17.62 19.08
C THR B 468 8.66 -18.04 20.06
N TYR B 469 8.49 -19.21 20.68
CA TYR B 469 9.49 -19.76 21.58
C TYR B 469 10.51 -20.65 20.88
N CYS B 470 10.31 -20.94 19.59
CA CYS B 470 11.22 -21.77 18.81
C CYS B 470 11.55 -21.00 17.53
N SER B 471 12.58 -20.15 17.62
CA SER B 471 12.96 -19.26 16.52
C SER B 471 14.28 -19.71 15.93
N SER B 472 14.42 -19.55 14.61
CA SER B 472 15.64 -19.86 13.89
C SER B 472 16.59 -18.67 13.82
N MET B 473 16.28 -17.59 14.53
CA MET B 473 17.09 -16.37 14.52
C MET B 473 17.23 -15.77 13.13
N SER B 474 16.20 -15.91 12.31
CA SER B 474 16.18 -15.25 11.02
C SER B 474 16.04 -13.74 11.19
N MET B 475 16.70 -13.00 10.30
CA MET B 475 16.67 -11.54 10.39
C MET B 475 15.25 -11.01 10.19
N ARG B 476 14.45 -11.70 9.38
CA ARG B 476 13.05 -11.33 9.21
C ARG B 476 12.32 -11.36 10.55
N GLU B 477 12.50 -12.44 11.32
CA GLU B 477 11.92 -12.50 12.65
C GLU B 477 12.54 -11.46 13.57
N LEU B 478 13.83 -11.18 13.39
CA LEU B 478 14.51 -10.23 14.26
C LEU B 478 13.89 -8.84 14.14
N MET B 479 13.60 -8.39 12.91
CA MET B 479 12.94 -7.10 12.78
C MET B 479 11.42 -7.18 12.94
N TYR B 480 10.82 -8.37 12.77
CA TYR B 480 9.41 -8.50 13.07
C TYR B 480 9.14 -8.32 14.56
N SER B 481 10.07 -8.78 15.41
CA SER B 481 9.94 -8.54 16.84
C SER B 481 9.94 -7.04 17.14
N GLN B 482 10.83 -6.29 16.51
CA GLN B 482 10.86 -4.84 16.72
C GLN B 482 9.61 -4.17 16.18
N ARG B 483 9.13 -4.62 15.02
CA ARG B 483 7.95 -3.99 14.40
C ARG B 483 6.68 -4.28 15.20
N ASN B 484 6.57 -5.46 15.79
CA ASN B 484 5.38 -5.87 16.52
C ASN B 484 5.37 -5.40 17.97
N PHE B 485 6.40 -4.68 18.40
CA PHE B 485 6.49 -4.23 19.79
C PHE B 485 5.55 -3.05 20.00
N LEU B 486 4.48 -3.27 20.77
CA LEU B 486 3.54 -2.18 21.06
C LEU B 486 4.14 -1.15 22.02
N ASP B 487 4.86 -1.62 23.04
CA ASP B 487 5.45 -0.73 24.04
C ASP B 487 6.79 -0.19 23.59
N LYS B 488 6.82 0.42 22.41
CA LYS B 488 8.06 0.93 21.83
C LYS B 488 8.44 2.31 22.34
N ASP B 489 7.58 2.96 23.13
CA ASP B 489 7.82 4.35 23.51
C ASP B 489 8.51 4.50 24.86
N LEU B 490 8.48 3.48 25.72
CA LEU B 490 9.05 3.63 27.05
C LEU B 490 9.81 2.41 27.54
N SER B 491 10.09 1.42 26.68
CA SER B 491 10.74 0.20 27.12
C SER B 491 12.15 0.05 26.55
N ARG B 492 12.29 0.06 25.22
CA ARG B 492 13.59 -0.12 24.56
C ARG B 492 14.30 -1.39 25.02
N ASN B 493 13.53 -2.44 25.31
CA ASN B 493 14.10 -3.70 25.76
C ASN B 493 13.14 -4.83 25.41
N ALA B 494 13.69 -5.96 24.98
CA ALA B 494 12.87 -7.10 24.58
C ALA B 494 13.68 -8.37 24.70
N ILE B 495 12.96 -9.49 24.81
CA ILE B 495 13.56 -10.81 24.93
C ILE B 495 13.33 -11.57 23.63
N LEU B 496 14.22 -12.50 23.33
CA LEU B 496 14.11 -13.31 22.13
C LEU B 496 14.67 -14.70 22.42
N LEU B 497 13.80 -15.71 22.39
CA LEU B 497 14.21 -17.09 22.61
C LEU B 497 14.51 -17.75 21.28
N TYR B 498 15.70 -18.34 21.17
CA TYR B 498 16.13 -18.99 19.95
C TYR B 498 16.52 -20.43 20.24
N GLY B 499 16.30 -21.29 19.24
CA GLY B 499 16.55 -22.72 19.37
C GLY B 499 15.35 -23.53 18.93
N PHE B 500 15.61 -24.62 18.21
CA PHE B 500 14.50 -25.46 17.69
C PHE B 500 13.82 -26.10 18.89
N GLY B 501 12.50 -26.01 18.98
CA GLY B 501 11.80 -26.52 20.17
C GLY B 501 10.59 -27.33 19.79
N ASP B 502 9.43 -27.05 20.41
CA ASP B 502 8.17 -27.79 20.13
C ASP B 502 8.41 -29.28 20.29
N GLY B 503 9.25 -29.67 21.25
CA GLY B 503 9.54 -31.10 21.45
C GLY B 503 10.77 -31.54 20.71
N GLY B 504 11.94 -31.08 21.15
CA GLY B 504 13.21 -31.56 20.55
C GLY B 504 14.02 -30.44 19.93
N GLY B 505 15.34 -30.48 20.11
CA GLY B 505 16.19 -29.50 19.42
C GLY B 505 17.22 -28.87 20.32
N GLY B 506 17.29 -27.53 20.32
CA GLY B 506 18.33 -26.84 21.11
C GLY B 506 19.15 -25.98 20.18
N PRO B 507 19.86 -24.96 20.68
CA PRO B 507 20.60 -24.06 19.81
C PRO B 507 21.69 -24.75 18.96
N THR B 508 21.91 -24.29 17.73
CA THR B 508 22.94 -24.83 16.85
C THR B 508 23.99 -23.75 16.59
N ARG B 509 24.93 -24.07 15.70
CA ARG B 509 26.01 -23.14 15.39
C ARG B 509 25.52 -21.95 14.58
N GLU B 510 24.48 -22.14 13.77
CA GLU B 510 24.04 -21.08 12.86
C GLU B 510 23.50 -19.88 13.63
N MET B 511 22.60 -20.09 14.60
CA MET B 511 22.03 -18.96 15.31
C MET B 511 23.05 -18.33 16.26
N THR B 512 23.91 -19.13 16.88
CA THR B 512 24.93 -18.54 17.73
C THR B 512 25.99 -17.79 16.93
N ALA B 513 26.10 -18.07 15.62
CA ALA B 513 26.91 -17.25 14.75
C ALA B 513 26.17 -15.98 14.32
N ARG B 514 24.87 -16.09 14.05
CA ARG B 514 24.08 -14.92 13.68
C ARG B 514 24.05 -13.90 14.80
N ILE B 515 23.93 -14.35 16.05
CA ILE B 515 23.91 -13.42 17.17
C ILE B 515 25.20 -12.63 17.23
N ARG B 516 26.34 -13.30 17.06
CA ARG B 516 27.62 -12.59 17.09
C ARG B 516 27.78 -11.67 15.89
N ARG B 517 27.27 -12.07 14.73
CA ARG B 517 27.36 -11.20 13.55
C ARG B 517 26.47 -9.97 13.70
N ASP B 518 25.38 -10.07 14.46
CA ASP B 518 24.41 -8.99 14.59
C ASP B 518 24.52 -8.25 15.92
N HIS B 519 25.74 -8.05 16.42
CA HIS B 519 25.91 -7.33 17.67
C HIS B 519 25.46 -5.88 17.53
N ASP B 520 25.98 -5.17 16.53
CA ASP B 520 25.61 -3.78 16.30
C ASP B 520 25.51 -3.50 14.80
N LEU B 521 24.85 -4.41 14.07
CA LEU B 521 24.73 -4.25 12.63
C LEU B 521 23.75 -3.13 12.30
N ALA B 522 24.15 -2.26 11.38
CA ALA B 522 23.30 -1.14 11.00
C ALA B 522 22.07 -1.62 10.24
N GLY B 523 20.93 -1.01 10.54
CA GLY B 523 19.68 -1.39 9.92
C GLY B 523 18.92 -2.49 10.63
N ALA B 524 19.49 -3.08 11.68
CA ALA B 524 18.86 -4.14 12.44
C ALA B 524 18.93 -3.84 13.93
N PRO B 525 17.99 -4.35 14.71
CA PRO B 525 18.04 -4.11 16.16
C PRO B 525 19.26 -4.77 16.79
N LYS B 526 19.76 -4.14 17.84
CA LYS B 526 20.93 -4.64 18.55
C LYS B 526 20.52 -5.82 19.45
N ILE B 527 21.28 -6.91 19.35
CA ILE B 527 21.00 -8.11 20.14
C ILE B 527 22.30 -8.64 20.70
N ASP B 528 22.27 -9.04 21.98
CA ASP B 528 23.41 -9.60 22.68
C ASP B 528 22.95 -10.76 23.54
N PHE B 529 23.91 -11.52 24.05
CA PHE B 529 23.60 -12.57 25.00
C PHE B 529 23.27 -11.97 26.37
N GLY B 530 22.65 -12.77 27.22
CA GLY B 530 22.29 -12.30 28.54
C GLY B 530 21.52 -13.35 29.30
N THR B 531 20.91 -12.90 30.41
CA THR B 531 20.11 -13.73 31.29
C THR B 531 18.76 -13.09 31.51
N PRO B 532 17.72 -13.88 31.80
CA PRO B 532 16.39 -13.29 32.02
C PRO B 532 16.35 -12.30 33.17
N ASP B 533 17.12 -12.53 34.23
CA ASP B 533 17.09 -11.63 35.37
C ASP B 533 17.57 -10.23 35.00
N GLN B 534 18.64 -10.16 34.19
CA GLN B 534 19.14 -8.86 33.74
C GLN B 534 18.08 -8.12 32.92
N LEU B 535 17.42 -8.83 32.01
CA LEU B 535 16.39 -8.19 31.19
C LEU B 535 15.23 -7.70 32.04
N PHE B 536 14.81 -8.51 33.03
CA PHE B 536 13.69 -8.09 33.85
C PHE B 536 14.05 -6.93 34.77
N ASP B 537 15.30 -6.89 35.25
CA ASP B 537 15.76 -5.70 35.98
C ASP B 537 15.76 -4.47 35.08
N ARG B 538 16.18 -4.63 33.82
CA ARG B 538 16.13 -3.52 32.87
C ARG B 538 14.70 -3.05 32.65
N VAL B 539 13.76 -3.99 32.52
CA VAL B 539 12.35 -3.62 32.31
C VAL B 539 11.81 -2.91 33.54
N ARG B 540 12.16 -3.39 34.74
CA ARG B 540 11.74 -2.73 35.97
C ARG B 540 12.26 -1.31 36.04
N LYS B 541 13.53 -1.11 35.66
CA LYS B 541 14.09 0.23 35.64
C LYS B 541 13.39 1.12 34.60
N ASP B 542 13.04 0.54 33.45
CA ASP B 542 12.50 1.34 32.36
C ASP B 542 11.04 1.75 32.60
N ILE B 543 10.21 0.84 33.11
CA ILE B 543 8.76 1.05 33.09
C ILE B 543 8.18 1.19 34.49
N VAL B 544 9.01 1.19 35.53
CA VAL B 544 8.50 1.33 36.89
C VAL B 544 9.16 2.51 37.59
N ASP B 545 10.49 2.50 37.65
CA ASP B 545 11.24 3.53 38.37
C ASP B 545 11.54 4.76 37.53
N ASP B 546 11.16 4.76 36.26
CA ASP B 546 11.45 5.89 35.37
C ASP B 546 10.19 6.58 34.86
N ALA B 547 9.12 5.82 34.59
CA ALA B 547 7.89 6.43 34.10
C ALA B 547 7.27 7.35 35.14
N ARG B 548 7.24 6.91 36.40
CA ARG B 548 6.69 7.69 37.51
C ARG B 548 5.24 8.10 37.23
N GLY B 549 4.38 7.07 37.10
CA GLY B 549 2.97 7.27 36.85
C GLY B 549 2.49 6.83 35.48
N GLU B 550 3.38 6.38 34.61
CA GLU B 550 3.02 5.92 33.28
C GLU B 550 3.21 4.41 33.13
N THR B 551 3.15 3.69 34.24
CA THR B 551 3.35 2.24 34.22
C THR B 551 2.13 1.55 33.62
N PRO B 552 2.27 0.77 32.56
CA PRO B 552 1.12 0.02 32.03
C PRO B 552 0.64 -1.01 33.04
N VAL B 553 -0.68 -1.12 33.15
CA VAL B 553 -1.32 -2.05 34.09
C VAL B 553 -2.44 -2.78 33.35
N PHE B 554 -2.54 -4.09 33.58
CA PHE B 554 -3.58 -4.92 33.00
C PHE B 554 -4.26 -5.68 34.11
N HIS B 555 -5.53 -5.40 34.35
CA HIS B 555 -6.29 -5.99 35.45
C HIS B 555 -7.24 -7.06 34.92
N GLY B 556 -7.36 -8.15 35.66
CA GLY B 556 -8.25 -9.23 35.27
C GLY B 556 -7.53 -10.55 35.06
N GLU B 557 -7.87 -11.24 33.98
CA GLU B 557 -7.27 -12.53 33.66
C GLU B 557 -6.85 -12.56 32.20
N LEU B 558 -5.77 -13.27 31.92
CA LEU B 558 -5.28 -13.44 30.56
C LEU B 558 -6.03 -14.61 29.92
N TYR B 559 -6.86 -14.32 28.93
CA TYR B 559 -7.71 -15.31 28.29
C TYR B 559 -7.26 -15.49 26.85
N LEU B 560 -6.78 -16.69 26.53
CA LEU B 560 -6.43 -17.02 25.15
C LEU B 560 -7.70 -17.13 24.31
N GLU B 561 -7.64 -16.59 23.10
CA GLU B 561 -8.78 -16.57 22.20
C GLU B 561 -8.72 -17.68 21.15
N LEU B 562 -7.84 -18.65 21.32
CA LEU B 562 -7.73 -19.79 20.42
C LEU B 562 -8.16 -21.06 21.14
N HIS B 563 -8.23 -22.15 20.38
CA HIS B 563 -8.61 -23.46 20.88
C HIS B 563 -10.03 -23.44 21.45
N ARG B 564 -10.14 -23.32 22.77
CA ARG B 564 -11.39 -23.27 23.54
C ARG B 564 -12.14 -24.60 23.54
N GLY B 565 -11.67 -25.61 22.82
CA GLY B 565 -12.31 -26.90 22.84
C GLY B 565 -11.61 -27.88 23.76
N THR B 566 -10.46 -27.46 24.28
CA THR B 566 -9.68 -28.31 25.18
C THR B 566 -10.36 -28.48 26.53
N LEU B 567 -11.26 -27.58 26.91
CA LEU B 567 -11.89 -27.63 28.23
C LEU B 567 -12.83 -28.82 28.39
N THR B 568 -13.32 -29.39 27.29
CA THR B 568 -14.26 -30.51 27.35
C THR B 568 -13.84 -31.63 26.41
N ALA B 569 -12.53 -31.85 26.26
CA ALA B 569 -11.99 -32.95 25.47
C ALA B 569 -11.34 -33.96 26.40
N GLN B 570 -11.65 -35.24 26.18
CA GLN B 570 -11.20 -36.34 27.03
C GLN B 570 -11.64 -36.10 28.48
N GLN B 571 -12.96 -36.13 28.65
CA GLN B 571 -13.57 -35.80 29.93
C GLN B 571 -13.11 -36.73 31.04
N ASP B 572 -12.71 -37.96 30.70
CA ASP B 572 -12.29 -38.91 31.72
C ASP B 572 -11.08 -38.38 32.50
N MET B 573 -10.15 -37.71 31.80
CA MET B 573 -8.97 -37.19 32.47
C MET B 573 -9.34 -36.15 33.52
N LYS B 574 -10.18 -35.18 33.15
CA LYS B 574 -10.56 -34.13 34.08
C LYS B 574 -11.40 -34.67 35.24
N ARG B 575 -12.31 -35.60 34.94
CA ARG B 575 -13.09 -36.24 35.99
C ARG B 575 -12.18 -36.95 36.99
N GLY B 576 -11.26 -37.78 36.49
CA GLY B 576 -10.34 -38.45 37.38
C GLY B 576 -9.48 -37.49 38.17
N CYS B 577 -9.05 -36.40 37.55
CA CYS B 577 -8.23 -35.40 38.24
C CYS B 577 -8.98 -34.79 39.40
N ARG B 578 -10.25 -34.41 39.18
CA ARG B 578 -11.05 -33.87 40.28
C ARG B 578 -11.24 -34.90 41.39
N GLN B 579 -11.51 -36.16 41.01
CA GLN B 579 -11.69 -37.19 42.02
C GLN B 579 -10.43 -37.37 42.86
N GLU B 580 -9.25 -37.40 42.22
CA GLU B 580 -8.05 -37.61 43.01
C GLU B 580 -7.66 -36.37 43.79
N GLU B 581 -8.03 -35.18 43.32
CA GLU B 581 -7.79 -33.98 44.13
C GLU B 581 -8.58 -34.05 45.43
N SER B 582 -9.87 -34.42 45.33
CA SER B 582 -10.65 -34.62 46.54
C SER B 582 -10.08 -35.74 47.40
N MET B 583 -9.61 -36.81 46.76
CA MET B 583 -9.01 -37.93 47.48
C MET B 583 -7.78 -37.49 48.28
N LEU B 584 -6.89 -36.71 47.64
CA LEU B 584 -5.72 -36.19 48.34
C LEU B 584 -6.12 -35.29 49.49
N ARG B 585 -7.10 -34.42 49.30
CA ARG B 585 -7.54 -33.56 50.39
C ARG B 585 -7.97 -34.39 51.59
N VAL B 586 -8.88 -35.34 51.37
CA VAL B 586 -9.42 -36.13 52.47
C VAL B 586 -8.33 -36.98 53.11
N VAL B 587 -7.48 -37.61 52.30
CA VAL B 587 -6.46 -38.51 52.85
C VAL B 587 -5.41 -37.73 53.62
N GLU B 588 -5.06 -36.54 53.15
CA GLU B 588 -4.10 -35.71 53.90
C GLU B 588 -4.68 -35.27 55.22
N TYR B 589 -5.97 -34.87 55.24
CA TYR B 589 -6.59 -34.53 56.51
C TYR B 589 -6.59 -35.72 57.47
N LEU B 590 -6.94 -36.91 56.97
CA LEU B 590 -6.99 -38.09 57.81
C LEU B 590 -5.60 -38.46 58.33
N CYS B 591 -4.58 -38.35 57.47
CA CYS B 591 -3.22 -38.65 57.89
C CYS B 591 -2.74 -37.66 58.95
N ALA B 592 -3.07 -36.38 58.79
CA ALA B 592 -2.70 -35.39 59.80
C ALA B 592 -3.38 -35.70 61.13
N VAL B 593 -4.67 -36.07 61.09
CA VAL B 593 -5.37 -36.42 62.32
C VAL B 593 -4.73 -37.64 62.97
N ALA B 594 -4.40 -38.66 62.17
CA ALA B 594 -3.78 -39.86 62.71
C ALA B 594 -2.43 -39.56 63.34
N SER B 595 -1.62 -38.72 62.69
CA SER B 595 -0.32 -38.37 63.24
C SER B 595 -0.44 -37.57 64.52
N ILE B 596 -1.42 -36.66 64.59
CA ILE B 596 -1.55 -35.80 65.77
C ILE B 596 -2.30 -36.46 66.91
N LYS B 597 -3.00 -37.56 66.67
CA LYS B 597 -3.79 -38.20 67.71
C LYS B 597 -2.95 -39.14 68.57
N ASN B 598 -2.32 -40.14 67.95
CA ASN B 598 -1.54 -41.09 68.73
C ASN B 598 -0.11 -41.18 68.22
N PRO B 599 0.87 -41.31 69.12
CA PRO B 599 2.25 -41.44 68.68
C PRO B 599 2.53 -42.82 68.11
N GLY B 600 3.65 -42.92 67.39
CA GLY B 600 4.06 -44.16 66.77
C GLY B 600 3.53 -44.38 65.36
N TYR B 601 2.63 -43.52 64.88
CA TYR B 601 2.10 -43.63 63.53
C TYR B 601 3.01 -42.83 62.60
N VAL B 602 3.81 -43.54 61.80
CA VAL B 602 4.71 -42.88 60.86
C VAL B 602 3.89 -42.22 59.76
N TYR B 603 4.25 -40.99 59.42
CA TYR B 603 3.55 -40.27 58.37
C TYR B 603 3.86 -40.90 57.01
N PRO B 604 2.84 -41.30 56.24
CA PRO B 604 3.12 -41.90 54.93
C PRO B 604 3.66 -40.88 53.93
N ARG B 605 4.83 -40.31 54.23
CA ARG B 605 5.40 -39.28 53.36
C ARG B 605 5.77 -39.84 52.00
N GLU B 606 6.36 -41.04 51.96
CA GLU B 606 6.90 -41.59 50.72
C GLU B 606 5.79 -41.82 49.70
N GLU B 607 4.80 -42.62 50.05
CA GLU B 607 3.72 -42.92 49.11
C GLU B 607 2.92 -41.67 48.75
N LEU B 608 2.81 -40.72 49.68
CA LEU B 608 2.12 -39.47 49.37
C LEU B 608 2.85 -38.71 48.26
N ASP B 609 4.17 -38.58 48.39
CA ASP B 609 4.93 -37.90 47.34
C ASP B 609 5.07 -38.75 46.08
N ARG B 610 4.79 -40.05 46.16
CA ARG B 610 4.72 -40.86 44.94
C ARG B 610 3.41 -40.64 44.20
N ILE B 611 2.30 -40.47 44.94
CA ILE B 611 1.04 -40.07 44.31
C ILE B 611 1.18 -38.68 43.71
N TRP B 612 1.78 -37.75 44.47
CA TRP B 612 2.26 -36.51 43.90
C TRP B 612 3.42 -36.81 42.95
N LYS B 613 3.77 -35.82 42.13
CA LYS B 613 4.79 -35.92 41.08
C LYS B 613 4.36 -36.87 39.98
N THR B 614 3.22 -37.56 40.15
CA THR B 614 2.58 -38.35 39.12
C THR B 614 1.21 -37.79 38.78
N LEU B 615 0.37 -37.51 39.78
CA LEU B 615 -0.80 -36.68 39.55
C LEU B 615 -0.40 -35.35 38.93
N LEU B 616 0.68 -34.75 39.43
CA LEU B 616 1.08 -33.44 38.94
C LEU B 616 1.70 -33.56 37.55
N LEU B 617 2.40 -34.66 37.28
CA LEU B 617 2.93 -34.91 35.94
C LEU B 617 1.80 -35.07 34.93
N ASN B 618 0.73 -35.77 35.31
CA ASN B 618 -0.39 -35.99 34.41
C ASN B 618 -1.19 -34.71 34.13
N GLN B 619 -0.90 -33.62 34.85
CA GLN B 619 -1.55 -32.33 34.63
C GLN B 619 -0.78 -31.45 33.65
N PHE B 620 -0.03 -32.05 32.73
CA PHE B 620 0.78 -31.28 31.78
C PHE B 620 -0.11 -30.48 30.84
N HIS B 621 0.50 -29.51 30.15
CA HIS B 621 -0.24 -28.59 29.25
C HIS B 621 -0.56 -29.25 27.93
N ASP B 622 -0.16 -30.50 27.75
CA ASP B 622 -0.55 -31.20 26.51
C ASP B 622 -1.11 -32.55 26.92
N ILE B 623 -1.43 -32.69 28.19
CA ILE B 623 -2.03 -33.95 28.66
C ILE B 623 -3.39 -33.71 29.30
N LEU B 624 -3.45 -32.82 30.29
CA LEU B 624 -4.71 -32.57 30.99
C LEU B 624 -5.81 -32.06 30.07
N PRO B 625 -5.60 -31.05 29.22
CA PRO B 625 -6.66 -30.70 28.25
C PRO B 625 -6.98 -31.85 27.31
N GLY B 626 -5.97 -32.60 26.92
CA GLY B 626 -6.12 -33.80 26.11
C GLY B 626 -5.81 -33.55 24.64
N SER B 627 -4.57 -33.83 24.26
CA SER B 627 -4.18 -33.84 22.84
C SER B 627 -2.91 -34.68 22.74
N ALA B 628 -3.07 -35.93 22.35
CA ALA B 628 -1.95 -36.87 22.29
C ALA B 628 -2.42 -38.16 21.65
N ILE B 629 -1.47 -39.07 21.45
CA ILE B 629 -1.80 -40.41 20.96
C ILE B 629 -2.40 -41.23 22.09
N ALA B 630 -2.95 -42.40 21.73
CA ALA B 630 -3.69 -43.22 22.68
C ALA B 630 -2.83 -43.65 23.88
N TRP B 631 -1.52 -43.74 23.68
CA TRP B 631 -0.61 -44.16 24.76
C TRP B 631 -0.73 -43.26 25.99
N VAL B 632 -0.64 -41.94 25.78
CA VAL B 632 -0.66 -41.02 26.90
C VAL B 632 -2.00 -41.07 27.62
N HIS B 633 -3.09 -41.05 26.86
CA HIS B 633 -4.44 -41.04 27.42
C HIS B 633 -4.85 -42.39 28.00
N ARG B 634 -4.08 -43.44 27.76
CA ARG B 634 -4.27 -44.73 28.42
C ARG B 634 -3.44 -44.86 29.69
N GLN B 635 -2.17 -44.47 29.64
CA GLN B 635 -1.35 -44.49 30.85
C GLN B 635 -1.91 -43.53 31.89
N ALA B 636 -2.44 -42.38 31.47
CA ALA B 636 -3.03 -41.45 32.42
C ALA B 636 -4.22 -42.07 33.13
N ARG B 637 -5.09 -42.78 32.38
CA ARG B 637 -6.24 -43.42 32.99
C ARG B 637 -5.80 -44.51 33.97
N GLU B 638 -4.83 -45.33 33.57
CA GLU B 638 -4.38 -46.40 34.46
C GLU B 638 -3.74 -45.84 35.72
N GLU B 639 -2.95 -44.77 35.59
CA GLU B 639 -2.35 -44.14 36.77
C GLU B 639 -3.41 -43.52 37.66
N TYR B 640 -4.44 -42.91 37.06
CA TYR B 640 -5.51 -42.32 37.87
C TYR B 640 -6.22 -43.40 38.69
N ALA B 641 -6.56 -44.53 38.05
CA ALA B 641 -7.23 -45.62 38.77
C ALA B 641 -6.35 -46.19 39.87
N ARG B 642 -5.06 -46.43 39.56
CA ARG B 642 -4.15 -46.98 40.57
C ARG B 642 -3.99 -46.02 41.73
N ASP B 643 -3.84 -44.72 41.45
CA ASP B 643 -3.70 -43.73 42.52
C ASP B 643 -4.95 -43.67 43.38
N ILE B 644 -6.14 -43.73 42.75
CA ILE B 644 -7.38 -43.69 43.53
C ILE B 644 -7.45 -44.90 44.46
N ALA B 645 -7.13 -46.08 43.94
CA ALA B 645 -7.17 -47.28 44.77
C ALA B 645 -6.18 -47.20 45.92
N HIS B 646 -4.95 -46.76 45.63
CA HIS B 646 -3.93 -46.66 46.68
C HIS B 646 -4.31 -45.63 47.73
N LEU B 647 -4.89 -44.50 47.31
CA LEU B 647 -5.30 -43.47 48.26
C LEU B 647 -6.44 -43.97 49.14
N ARG B 648 -7.39 -44.72 48.56
CA ARG B 648 -8.45 -45.30 49.38
C ARG B 648 -7.88 -46.28 50.41
N ASP B 649 -6.91 -47.10 49.99
CA ASP B 649 -6.26 -48.02 50.93
C ASP B 649 -5.56 -47.25 52.04
N ILE B 650 -4.85 -46.18 51.69
CA ILE B 650 -4.14 -45.38 52.69
C ILE B 650 -5.11 -44.74 53.66
N ALA B 651 -6.22 -44.22 53.14
CA ALA B 651 -7.23 -43.60 54.01
C ALA B 651 -7.84 -44.63 54.97
N ALA B 652 -8.13 -45.83 54.46
CA ALA B 652 -8.66 -46.87 55.33
C ALA B 652 -7.66 -47.26 56.41
N ALA B 653 -6.38 -47.38 56.05
CA ALA B 653 -5.36 -47.72 57.03
C ALA B 653 -5.22 -46.63 58.09
N ALA B 654 -5.24 -45.36 57.66
CA ALA B 654 -5.15 -44.26 58.62
C ALA B 654 -6.36 -44.23 59.54
N GLY B 655 -7.56 -44.47 59.00
CA GLY B 655 -8.74 -44.53 59.84
C GLY B 655 -8.66 -45.65 60.85
N GLN B 656 -8.20 -46.83 60.44
CA GLN B 656 -8.03 -47.93 61.38
C GLN B 656 -7.00 -47.59 62.45
N ALA B 657 -5.95 -46.85 62.07
CA ALA B 657 -4.96 -46.41 63.05
C ALA B 657 -5.56 -45.44 64.06
N VAL B 658 -6.45 -44.55 63.60
CA VAL B 658 -7.06 -43.58 64.48
C VAL B 658 -7.91 -44.27 65.55
N LYS B 659 -8.66 -45.30 65.15
CA LYS B 659 -9.54 -46.01 66.08
C LYS B 659 -8.75 -46.69 67.20
N GLU B 660 -7.46 -46.95 67.00
CA GLU B 660 -6.65 -47.59 68.03
C GLU B 660 -6.23 -46.63 69.14
N ALA B 661 -6.30 -45.32 68.90
CA ALA B 661 -5.87 -44.36 69.91
C ALA B 661 -6.70 -44.49 71.18
N GLU B 662 -8.03 -44.59 71.05
CA GLU B 662 -8.88 -44.85 72.20
C GLU B 662 -10.12 -45.61 71.71
N PRO B 663 -10.56 -46.62 72.46
CA PRO B 663 -11.63 -47.49 71.96
C PRO B 663 -12.99 -46.82 71.99
N GLY B 664 -13.86 -47.27 71.09
CA GLY B 664 -15.28 -46.95 71.12
C GLY B 664 -15.65 -45.49 71.01
N ILE B 665 -15.08 -44.78 70.03
CA ILE B 665 -15.44 -43.37 69.85
C ILE B 665 -16.78 -43.26 69.11
N ALA B 666 -16.85 -43.78 67.89
CA ALA B 666 -18.06 -43.73 67.06
C ALA B 666 -17.79 -44.50 65.77
N THR B 667 -18.84 -44.65 64.98
CA THR B 667 -18.74 -45.25 63.65
C THR B 667 -19.73 -44.53 62.73
N VAL B 668 -19.28 -44.17 61.53
CA VAL B 668 -20.07 -43.40 60.58
C VAL B 668 -20.10 -44.15 59.25
N LYS B 669 -21.29 -44.26 58.66
CA LYS B 669 -21.46 -44.94 57.39
C LYS B 669 -21.27 -43.96 56.23
N HIS B 670 -20.44 -44.36 55.27
CA HIS B 670 -20.18 -43.66 54.02
C HIS B 670 -19.34 -42.40 54.21
N ALA B 671 -19.12 -42.02 55.47
CA ALA B 671 -18.05 -41.10 55.90
C ALA B 671 -17.80 -39.96 54.90
N VAL B 672 -18.85 -39.19 54.63
CA VAL B 672 -18.72 -38.06 53.72
C VAL B 672 -18.06 -36.90 54.43
N ILE B 673 -16.97 -36.38 53.86
CA ILE B 673 -16.23 -35.26 54.40
C ILE B 673 -16.27 -34.12 53.38
N ALA B 674 -16.64 -32.93 53.84
CA ALA B 674 -16.74 -31.77 52.97
C ALA B 674 -15.96 -30.60 53.56
N PRO B 675 -15.22 -29.86 52.74
CA PRO B 675 -14.54 -28.65 53.25
C PRO B 675 -15.48 -27.61 53.80
N TYR B 676 -16.68 -27.46 53.23
CA TYR B 676 -17.61 -26.41 53.62
C TYR B 676 -19.00 -26.99 53.84
N ALA B 677 -19.78 -26.30 54.66
CA ALA B 677 -21.14 -26.72 54.96
C ALA B 677 -21.96 -25.51 55.36
N SER B 678 -23.28 -25.68 55.35
CA SER B 678 -24.17 -24.57 55.71
C SER B 678 -23.97 -24.14 57.15
N ASN B 679 -23.83 -25.09 58.07
CA ASN B 679 -23.60 -24.76 59.46
C ASN B 679 -22.13 -24.42 59.67
N PRO B 680 -21.81 -23.24 60.23
CA PRO B 680 -20.39 -22.89 60.42
C PRO B 680 -19.63 -23.86 61.29
N GLN B 681 -20.28 -24.44 62.31
CA GLN B 681 -19.62 -25.39 63.19
C GLN B 681 -19.59 -26.81 62.62
N TYR B 682 -20.26 -27.04 61.49
CA TYR B 682 -20.26 -28.34 60.83
C TYR B 682 -19.39 -28.36 59.58
N SER B 683 -18.43 -27.44 59.47
CA SER B 683 -17.64 -27.30 58.26
C SER B 683 -16.85 -28.56 57.94
N TRP B 684 -15.90 -28.93 58.81
CA TRP B 684 -15.12 -30.15 58.64
C TRP B 684 -15.68 -31.28 59.49
N ALA B 685 -16.97 -31.56 59.34
CA ALA B 685 -17.64 -32.59 60.12
C ALA B 685 -17.38 -33.97 59.52
N VAL B 686 -17.86 -34.98 60.21
CA VAL B 686 -17.73 -36.37 59.77
C VAL B 686 -19.14 -36.94 59.56
N ARG B 687 -20.06 -36.08 59.15
CA ARG B 687 -21.45 -36.49 58.98
C ARG B 687 -21.58 -37.58 57.92
N ASP B 688 -22.52 -38.49 58.13
CA ASP B 688 -22.72 -39.61 57.24
C ASP B 688 -23.30 -39.16 55.90
N GLY B 689 -23.09 -39.98 54.87
CA GLY B 689 -23.61 -39.73 53.55
C GLY B 689 -24.99 -40.29 53.29
N GLY B 690 -25.61 -40.91 54.28
CA GLY B 690 -26.93 -41.49 54.12
C GLY B 690 -27.27 -42.54 55.15
N VAL B 698 -39.76 -35.80 57.50
CA VAL B 698 -40.39 -34.52 57.81
C VAL B 698 -41.44 -34.19 56.76
N ILE B 699 -40.99 -33.81 55.57
CA ILE B 699 -41.89 -33.48 54.48
C ILE B 699 -41.52 -34.31 53.25
N PRO B 700 -42.05 -35.52 53.12
CA PRO B 700 -41.77 -36.32 51.91
C PRO B 700 -42.29 -35.62 50.66
N VAL B 701 -41.55 -35.76 49.57
CA VAL B 701 -41.91 -35.11 48.32
C VAL B 701 -43.18 -35.73 47.76
N SER B 702 -44.06 -34.89 47.22
CA SER B 702 -45.31 -35.33 46.65
C SER B 702 -45.31 -35.14 45.14
N VAL B 703 -45.94 -36.07 44.44
CA VAL B 703 -46.05 -36.04 42.99
C VAL B 703 -47.52 -35.98 42.62
N GLU B 704 -47.86 -35.10 41.69
CA GLU B 704 -49.24 -34.89 41.23
C GLU B 704 -49.27 -35.09 39.72
N ARG B 705 -49.52 -36.34 39.30
CA ARG B 705 -49.56 -36.69 37.89
C ARG B 705 -50.85 -36.16 37.28
N GLY B 706 -50.78 -34.97 36.70
CA GLY B 706 -51.93 -34.37 36.07
C GLY B 706 -51.64 -33.86 34.66
N GLY B 707 -52.44 -34.29 33.69
CA GLY B 707 -52.20 -33.89 32.32
C GLY B 707 -50.94 -34.56 31.76
N ASN B 708 -50.44 -33.96 30.68
CA ASN B 708 -49.22 -34.45 30.03
C ASN B 708 -47.97 -33.88 30.68
N ALA B 709 -47.88 -34.00 32.00
CA ALA B 709 -46.74 -33.50 32.76
C ALA B 709 -46.72 -34.16 34.12
N ILE B 710 -45.55 -34.11 34.76
CA ILE B 710 -45.36 -34.64 36.11
C ILE B 710 -44.93 -33.48 37.00
N ILE B 711 -45.70 -33.21 38.05
CA ILE B 711 -45.49 -32.08 38.92
C ILE B 711 -45.00 -32.58 40.27
N LEU B 712 -43.91 -32.00 40.76
CA LEU B 712 -43.38 -32.33 42.07
C LEU B 712 -43.58 -31.18 43.04
N ASP B 713 -43.60 -31.50 44.32
CA ASP B 713 -43.74 -30.48 45.36
C ASP B 713 -42.96 -30.92 46.59
N ASN B 714 -41.90 -30.20 46.92
CA ASN B 714 -41.07 -30.50 48.09
C ASN B 714 -41.20 -29.47 49.19
N GLY B 715 -42.13 -28.51 49.07
CA GLY B 715 -42.33 -27.48 50.05
C GLY B 715 -41.61 -26.18 49.77
N ARG B 716 -40.61 -26.18 48.90
CA ARG B 716 -39.90 -24.96 48.53
C ARG B 716 -39.71 -24.80 47.03
N LEU B 717 -39.96 -25.84 46.23
CA LEU B 717 -39.86 -25.76 44.78
C LEU B 717 -40.99 -26.55 44.16
N ARG B 718 -41.44 -26.11 42.98
CA ARG B 718 -42.49 -26.77 42.23
C ARG B 718 -42.01 -26.95 40.79
N VAL B 719 -41.61 -28.17 40.45
CA VAL B 719 -41.02 -28.46 39.14
C VAL B 719 -42.02 -29.27 38.32
N ARG B 720 -42.16 -28.89 37.05
CA ARG B 720 -43.11 -29.48 36.11
C ARG B 720 -42.33 -30.11 34.96
N ILE B 721 -42.06 -31.40 35.07
CA ILE B 721 -41.39 -32.15 34.01
C ILE B 721 -42.39 -32.39 32.88
N GLU B 722 -41.98 -32.08 31.66
CA GLU B 722 -42.86 -32.19 30.50
C GLU B 722 -42.92 -33.64 30.03
N ALA B 723 -43.48 -33.85 28.83
CA ALA B 723 -43.73 -35.21 28.35
C ALA B 723 -42.44 -35.98 28.16
N ASP B 724 -41.41 -35.35 27.59
CA ASP B 724 -40.17 -36.03 27.23
C ASP B 724 -39.00 -35.37 27.94
N GLY B 725 -38.76 -35.78 29.18
CA GLY B 725 -37.58 -35.41 29.94
C GLY B 725 -37.13 -33.95 29.89
N THR B 726 -38.08 -33.02 29.92
CA THR B 726 -37.77 -31.60 29.94
C THR B 726 -38.59 -30.91 31.02
N VAL B 727 -38.00 -29.86 31.59
CA VAL B 727 -38.64 -29.07 32.64
C VAL B 727 -39.11 -27.75 32.05
N SER B 728 -40.39 -27.45 32.23
CA SER B 728 -40.98 -26.22 31.73
C SER B 728 -41.27 -25.19 32.82
N SER B 729 -41.18 -25.57 34.09
CA SER B 729 -41.44 -24.65 35.18
C SER B 729 -40.74 -25.15 36.42
N LEU B 730 -40.08 -24.24 37.14
CA LEU B 730 -39.37 -24.52 38.38
C LEU B 730 -39.74 -23.45 39.41
N ILE B 731 -41.05 -23.26 39.60
CA ILE B 731 -41.55 -22.17 40.42
C ILE B 731 -40.97 -22.24 41.82
N ASP B 732 -40.44 -21.11 42.29
CA ASP B 732 -39.92 -20.99 43.65
C ASP B 732 -41.08 -20.61 44.55
N LEU B 733 -41.63 -21.59 45.26
CA LEU B 733 -42.80 -21.33 46.10
C LEU B 733 -42.48 -20.40 47.26
N ALA B 734 -41.21 -20.34 47.67
CA ALA B 734 -40.83 -19.47 48.78
C ALA B 734 -40.92 -18.00 48.42
N LEU B 735 -40.84 -17.66 47.13
CA LEU B 735 -40.91 -16.26 46.71
C LEU B 735 -41.86 -16.02 45.54
N ARG B 736 -42.65 -17.03 45.14
CA ARG B 736 -43.57 -16.91 44.02
C ARG B 736 -42.85 -16.51 42.73
N ARG B 737 -41.62 -16.98 42.56
CA ARG B 737 -40.80 -16.63 41.41
C ARG B 737 -40.69 -17.80 40.46
N GLU B 738 -40.90 -17.53 39.17
CA GLU B 738 -40.77 -18.52 38.10
C GLU B 738 -39.49 -18.21 37.33
N LEU B 739 -38.57 -19.18 37.30
CA LEU B 739 -37.24 -18.97 36.74
C LEU B 739 -36.97 -19.79 35.50
N VAL B 740 -38.01 -20.28 34.83
CA VAL B 740 -37.85 -21.00 33.57
C VAL B 740 -38.51 -20.21 32.45
N PRO B 741 -37.75 -19.66 31.51
CA PRO B 741 -38.38 -18.88 30.44
C PRO B 741 -39.34 -19.72 29.61
N SER B 742 -40.45 -19.10 29.20
CA SER B 742 -41.47 -19.82 28.44
C SER B 742 -41.23 -19.69 26.94
N GLY B 743 -40.00 -19.97 26.52
CA GLY B 743 -39.69 -20.07 25.11
C GLY B 743 -38.92 -21.35 24.80
N VAL B 744 -38.31 -21.93 25.82
CA VAL B 744 -37.52 -23.14 25.72
C VAL B 744 -37.82 -24.03 26.91
N ARG B 745 -37.27 -25.24 26.90
CA ARG B 745 -37.47 -26.22 27.96
C ARG B 745 -36.12 -26.64 28.54
N MET B 746 -36.09 -26.77 29.87
CA MET B 746 -34.87 -27.18 30.56
C MET B 746 -34.52 -28.63 30.25
N GLY B 747 -33.23 -28.94 30.34
CA GLY B 747 -32.76 -30.30 30.18
C GLY B 747 -32.65 -30.79 28.75
N ARG B 748 -32.91 -29.95 27.76
CA ARG B 748 -32.80 -30.37 26.38
C ARG B 748 -31.34 -30.64 26.01
N TYR B 749 -31.14 -31.70 25.23
CA TYR B 749 -29.81 -32.08 24.79
C TYR B 749 -29.61 -31.68 23.33
N GLU B 750 -28.49 -31.02 23.05
CA GLU B 750 -28.17 -30.54 21.71
C GLU B 750 -26.91 -31.22 21.21
N LEU B 751 -26.92 -31.62 19.94
CA LEU B 751 -25.82 -32.31 19.29
C LEU B 751 -25.29 -31.42 18.17
N LEU B 752 -24.37 -30.53 18.53
CA LEU B 752 -23.77 -29.63 17.55
C LEU B 752 -22.75 -30.37 16.70
N LYS B 753 -22.74 -30.04 15.40
CA LYS B 753 -21.78 -30.63 14.47
C LYS B 753 -20.56 -29.72 14.37
N ASP B 754 -19.40 -30.24 14.78
CA ASP B 754 -18.15 -29.50 14.74
C ASP B 754 -17.16 -30.27 13.87
N GLU B 755 -16.60 -29.58 12.88
CA GLU B 755 -15.59 -30.15 11.98
C GLU B 755 -14.43 -29.17 11.90
N PRO B 756 -13.61 -29.10 12.94
CA PRO B 756 -12.49 -28.15 12.93
C PRO B 756 -11.48 -28.47 11.84
N PHE B 757 -10.87 -27.42 11.29
CA PHE B 757 -9.91 -27.57 10.22
C PHE B 757 -8.46 -27.37 10.63
N HIS B 758 -8.18 -26.53 11.62
CA HIS B 758 -6.84 -26.42 12.18
C HIS B 758 -6.90 -26.80 13.66
N TRP B 759 -5.99 -27.66 14.09
CA TRP B 759 -5.93 -28.10 15.48
C TRP B 759 -7.27 -28.70 15.92
N ASP B 760 -7.58 -29.83 15.28
CA ASP B 760 -8.91 -30.44 15.39
C ASP B 760 -9.32 -30.66 16.85
N ALA B 761 -8.44 -31.27 17.65
CA ALA B 761 -8.78 -31.55 19.04
C ALA B 761 -8.78 -30.28 19.88
N TRP B 762 -7.80 -29.40 19.65
CA TRP B 762 -7.66 -28.21 20.48
C TRP B 762 -8.82 -27.24 20.27
N ASP B 763 -9.22 -27.02 19.01
CA ASP B 763 -10.01 -25.86 18.64
C ASP B 763 -11.43 -26.23 18.21
N ILE B 764 -12.37 -25.37 18.60
CA ILE B 764 -13.72 -25.37 18.07
C ILE B 764 -14.03 -23.96 17.58
N GLN B 765 -14.58 -23.87 16.37
CA GLN B 765 -14.76 -22.60 15.70
C GLN B 765 -16.19 -22.08 15.89
N ARG B 766 -16.51 -20.98 15.21
CA ARG B 766 -17.86 -20.44 15.21
C ARG B 766 -18.81 -21.22 14.30
N ASP B 767 -18.34 -22.31 13.69
CA ASP B 767 -19.22 -23.14 12.88
C ASP B 767 -20.36 -23.72 13.71
N ALA B 768 -20.07 -24.10 14.95
CA ALA B 768 -21.10 -24.55 15.86
C ALA B 768 -21.99 -23.37 16.27
N PHE B 769 -23.02 -23.67 17.06
CA PHE B 769 -24.01 -22.70 17.52
C PHE B 769 -24.82 -22.14 16.37
N LEU B 770 -24.60 -22.64 15.16
CA LEU B 770 -25.40 -22.30 13.98
C LEU B 770 -26.13 -23.51 13.42
N ALA B 771 -25.43 -24.61 13.17
CA ALA B 771 -26.06 -25.85 12.73
C ALA B 771 -26.43 -26.74 13.91
N ALA B 772 -27.16 -26.16 14.86
CA ALA B 772 -27.54 -26.90 16.06
C ALA B 772 -28.59 -27.95 15.74
N ASP B 773 -28.52 -29.06 16.46
CA ASP B 773 -29.49 -30.15 16.33
C ASP B 773 -30.09 -30.43 17.70
N THR B 774 -31.35 -30.07 17.88
CA THR B 774 -32.05 -30.26 19.15
C THR B 774 -32.66 -31.66 19.15
N LEU B 775 -32.20 -32.50 20.08
CA LEU B 775 -32.72 -33.86 20.18
C LEU B 775 -34.19 -33.83 20.61
N THR B 776 -35.02 -34.57 19.87
CA THR B 776 -36.45 -34.62 20.14
C THR B 776 -36.96 -36.05 20.07
N ASP B 777 -36.18 -36.98 20.61
CA ASP B 777 -36.54 -38.40 20.66
C ASP B 777 -36.28 -38.90 22.08
N ALA B 778 -37.30 -38.79 22.93
CA ALA B 778 -37.16 -39.20 24.33
C ALA B 778 -38.54 -39.49 24.89
N MET B 779 -38.55 -40.21 26.01
CA MET B 779 -39.79 -40.53 26.70
C MET B 779 -39.46 -40.79 28.17
N VAL B 780 -40.32 -40.29 29.06
CA VAL B 780 -40.06 -40.44 30.49
C VAL B 780 -40.26 -41.90 30.91
N GLU B 781 -39.75 -42.21 32.09
CA GLU B 781 -39.83 -43.55 32.66
C GLU B 781 -40.60 -43.48 33.98
N HIS B 782 -40.63 -44.60 34.70
CA HIS B 782 -41.38 -44.69 35.94
C HIS B 782 -40.78 -43.76 37.00
N VAL B 783 -41.62 -42.88 37.55
CA VAL B 783 -41.19 -42.02 38.63
C VAL B 783 -41.10 -42.85 39.91
N GLU B 784 -39.97 -42.74 40.61
CA GLU B 784 -39.69 -43.59 41.76
C GLU B 784 -39.50 -42.75 43.01
N ASP B 785 -40.19 -43.13 44.08
CA ASP B 785 -40.01 -42.51 45.39
C ASP B 785 -38.93 -43.28 46.13
N MET B 786 -37.81 -42.61 46.42
CA MET B 786 -36.69 -43.27 47.07
C MET B 786 -37.08 -43.72 48.48
N PRO B 787 -36.53 -44.83 48.96
CA PRO B 787 -36.87 -45.28 50.32
C PRO B 787 -36.51 -44.27 51.40
N ASP B 788 -35.43 -43.50 51.20
CA ASP B 788 -35.10 -42.44 52.15
C ASP B 788 -36.17 -41.36 52.17
N GLY B 789 -36.71 -41.02 51.01
CA GLY B 789 -37.73 -39.99 50.91
C GLY B 789 -37.61 -39.14 49.67
N SER B 790 -36.53 -39.33 48.91
CA SER B 790 -36.30 -38.54 47.72
C SER B 790 -37.21 -38.99 46.58
N ALA B 791 -37.36 -38.12 45.60
CA ALA B 791 -38.16 -38.40 44.40
C ALA B 791 -37.25 -38.31 43.18
N ALA B 792 -37.36 -39.30 42.29
CA ALA B 792 -36.53 -39.36 41.10
C ALA B 792 -37.40 -39.67 39.88
N ILE B 793 -37.01 -39.08 38.75
CA ILE B 793 -37.66 -39.30 37.47
C ILE B 793 -36.60 -39.77 36.49
N HIS B 794 -36.81 -40.93 35.89
CA HIS B 794 -35.89 -41.50 34.91
C HIS B 794 -36.37 -41.17 33.51
N VAL B 795 -35.42 -41.00 32.59
CA VAL B 795 -35.73 -40.71 31.19
C VAL B 795 -34.59 -41.24 30.33
N VAL B 796 -34.93 -41.62 29.10
CA VAL B 796 -33.96 -42.11 28.12
C VAL B 796 -34.07 -41.25 26.87
N THR B 797 -32.91 -40.88 26.32
CA THR B 797 -32.84 -40.08 25.10
C THR B 797 -31.95 -40.80 24.10
N ARG B 798 -32.38 -40.82 22.84
CA ARG B 798 -31.67 -41.54 21.79
C ARG B 798 -31.34 -40.59 20.65
N ALA B 799 -30.24 -40.89 19.96
CA ALA B 799 -29.78 -40.09 18.84
C ALA B 799 -29.27 -41.05 17.76
N ARG B 800 -28.51 -40.51 16.81
CA ARG B 800 -27.96 -41.34 15.73
C ARG B 800 -27.09 -42.46 16.29
N GLY B 801 -26.19 -42.13 17.21
CA GLY B 801 -25.35 -43.13 17.82
C GLY B 801 -25.10 -42.89 19.29
N VAL B 802 -26.01 -42.16 19.94
CA VAL B 802 -25.83 -41.75 21.33
C VAL B 802 -27.08 -42.10 22.11
N GLU B 803 -26.91 -42.69 23.29
CA GLU B 803 -28.04 -42.89 24.18
C GLU B 803 -27.67 -42.33 25.54
N ILE B 804 -28.65 -41.74 26.21
CA ILE B 804 -28.45 -41.09 27.49
C ILE B 804 -29.54 -41.54 28.44
N HIS B 805 -29.13 -42.00 29.63
CA HIS B 805 -30.04 -42.33 30.71
C HIS B 805 -29.90 -41.24 31.77
N THR B 806 -30.93 -40.41 31.91
CA THR B 806 -30.88 -39.23 32.75
C THR B 806 -31.91 -39.34 33.86
N VAL B 807 -31.48 -39.10 35.10
CA VAL B 807 -32.35 -39.11 36.26
C VAL B 807 -32.36 -37.71 36.87
N ILE B 808 -33.56 -37.22 37.18
CA ILE B 808 -33.77 -35.93 37.83
C ILE B 808 -34.22 -36.20 39.25
N THR B 809 -33.53 -35.62 40.22
CA THR B 809 -33.78 -35.89 41.63
C THR B 809 -34.17 -34.61 42.35
N LEU B 810 -35.21 -34.71 43.18
CA LEU B 810 -35.68 -33.60 44.01
C LEU B 810 -35.60 -34.05 45.47
N ARG B 811 -34.45 -33.81 46.10
CA ARG B 811 -34.24 -34.21 47.48
C ARG B 811 -35.16 -33.40 48.39
N PRO B 812 -35.84 -34.05 49.34
CA PRO B 812 -36.73 -33.30 50.25
C PRO B 812 -35.95 -32.37 51.17
N GLY B 813 -36.60 -31.28 51.56
CA GLY B 813 -36.01 -30.34 52.50
C GLY B 813 -34.77 -29.65 51.97
N SER B 814 -34.79 -29.20 50.72
CA SER B 814 -33.66 -28.53 50.11
C SER B 814 -34.18 -27.51 49.10
N GLY B 815 -33.26 -26.95 48.32
CA GLY B 815 -33.63 -25.98 47.30
C GLY B 815 -32.83 -26.18 46.02
N SER B 816 -32.38 -27.40 45.77
CA SER B 816 -31.57 -27.71 44.61
C SER B 816 -32.18 -28.88 43.85
N LEU B 817 -32.14 -28.79 42.53
CA LEU B 817 -32.62 -29.84 41.64
C LEU B 817 -31.41 -30.55 41.05
N ASP B 818 -31.31 -31.86 41.28
CA ASP B 818 -30.14 -32.63 40.87
C ASP B 818 -30.39 -33.33 39.54
N PHE B 819 -29.34 -33.36 38.71
CA PHE B 819 -29.41 -34.00 37.40
C PHE B 819 -28.23 -34.95 37.29
N THR B 820 -28.48 -36.20 36.90
CA THR B 820 -27.43 -37.17 36.64
C THR B 820 -27.69 -37.81 35.29
N ALA B 821 -26.60 -38.14 34.57
CA ALA B 821 -26.71 -38.67 33.22
C ALA B 821 -25.64 -39.71 32.96
N ASP B 822 -26.01 -40.77 32.25
CA ASP B 822 -25.09 -41.78 31.77
C ASP B 822 -25.17 -41.78 30.25
N VAL B 823 -24.04 -41.49 29.59
CA VAL B 823 -23.99 -41.32 28.15
C VAL B 823 -23.20 -42.47 27.55
N ASN B 824 -23.66 -42.96 26.40
CA ASN B 824 -22.97 -44.06 25.71
C ASN B 824 -22.39 -43.58 24.38
N TRP B 825 -21.70 -42.44 24.42
CA TRP B 825 -21.11 -41.79 23.26
C TRP B 825 -20.50 -42.78 22.27
N HIS B 826 -20.99 -42.76 21.04
CA HIS B 826 -20.43 -43.59 19.98
C HIS B 826 -20.35 -42.89 18.64
N ALA B 827 -20.68 -41.61 18.55
CA ALA B 827 -20.68 -40.88 17.30
C ALA B 827 -19.27 -40.37 16.98
N VAL B 828 -19.13 -39.72 15.83
CA VAL B 828 -17.86 -39.15 15.38
C VAL B 828 -18.11 -37.72 14.93
N GLU B 829 -17.21 -36.82 15.35
CA GLU B 829 -17.27 -35.40 14.99
C GLU B 829 -18.62 -34.78 15.38
N LYS B 830 -18.89 -34.81 16.68
CA LYS B 830 -20.10 -34.21 17.24
C LYS B 830 -19.72 -33.45 18.51
N PHE B 831 -20.73 -32.92 19.19
CA PHE B 831 -20.52 -32.10 20.38
C PHE B 831 -21.80 -32.10 21.19
N LEU B 832 -21.75 -32.62 22.41
CA LEU B 832 -22.95 -32.76 23.24
C LEU B 832 -23.05 -31.60 24.22
N LYS B 833 -24.22 -30.97 24.28
CA LYS B 833 -24.44 -29.86 25.19
C LYS B 833 -25.80 -30.00 25.85
N VAL B 834 -25.92 -29.44 27.06
CA VAL B 834 -27.18 -29.38 27.78
C VAL B 834 -27.35 -27.96 28.32
N ASP B 835 -28.55 -27.42 28.18
CA ASP B 835 -28.84 -26.02 28.51
C ASP B 835 -29.73 -25.95 29.75
N MET B 836 -29.46 -24.96 30.60
CA MET B 836 -30.21 -24.73 31.83
C MET B 836 -30.62 -23.25 31.87
N PRO B 837 -31.61 -22.86 31.07
CA PRO B 837 -32.03 -21.45 31.05
C PRO B 837 -32.66 -21.02 32.36
N VAL B 838 -32.39 -19.77 32.74
CA VAL B 838 -32.96 -19.16 33.94
C VAL B 838 -33.39 -17.74 33.59
N THR B 839 -34.54 -17.31 34.14
CA THR B 839 -35.10 -16.02 33.81
C THR B 839 -34.37 -14.84 34.44
N VAL B 840 -33.44 -15.08 35.36
CA VAL B 840 -32.72 -13.97 35.98
C VAL B 840 -31.89 -13.26 34.92
N GLN B 841 -32.03 -11.94 34.86
CA GLN B 841 -31.40 -11.13 33.82
C GLN B 841 -30.37 -10.20 34.45
N ALA B 842 -29.16 -10.25 33.91
CA ALA B 842 -28.07 -9.38 34.36
C ALA B 842 -27.19 -9.05 33.18
N VAL B 843 -26.03 -8.47 33.44
CA VAL B 843 -25.07 -8.11 32.41
C VAL B 843 -23.83 -9.00 32.46
N ASN B 844 -23.33 -9.30 33.65
CA ASN B 844 -22.12 -10.08 33.82
C ASN B 844 -22.43 -11.35 34.61
N ALA B 845 -21.83 -12.46 34.20
CA ALA B 845 -21.94 -13.74 34.88
C ALA B 845 -20.69 -14.00 35.70
N GLN B 846 -20.87 -14.65 36.85
CA GLN B 846 -19.81 -14.89 37.80
C GLN B 846 -19.36 -16.34 37.70
N TYR B 847 -18.18 -16.56 37.13
CA TYR B 847 -17.50 -17.84 37.26
C TYR B 847 -16.52 -17.74 38.43
N GLU B 848 -15.81 -18.82 38.73
CA GLU B 848 -14.80 -18.79 39.76
C GLU B 848 -13.45 -19.21 39.21
N CYS B 849 -12.41 -18.49 39.61
CA CYS B 849 -11.03 -18.84 39.30
C CYS B 849 -10.53 -19.83 40.34
N GLN B 850 -9.21 -20.04 40.38
CA GLN B 850 -8.65 -20.98 41.34
C GLN B 850 -9.01 -20.61 42.77
N TYR B 851 -8.75 -19.36 43.16
CA TYR B 851 -8.96 -18.88 44.52
C TYR B 851 -9.75 -17.57 44.51
N GLY B 852 -10.83 -17.54 43.73
CA GLY B 852 -11.64 -16.33 43.66
C GLY B 852 -12.70 -16.45 42.57
N LEU B 853 -13.31 -15.32 42.27
CA LEU B 853 -14.36 -15.23 41.27
C LEU B 853 -13.93 -14.31 40.13
N VAL B 854 -14.59 -14.47 38.99
CA VAL B 854 -14.29 -13.72 37.78
C VAL B 854 -15.60 -13.33 37.10
N GLU B 855 -15.64 -12.11 36.55
CA GLU B 855 -16.81 -11.59 35.87
C GLU B 855 -16.60 -11.68 34.37
N ARG B 856 -17.61 -12.18 33.66
CA ARG B 856 -17.53 -12.26 32.20
C ARG B 856 -18.83 -11.77 31.58
N PRO B 857 -18.76 -10.99 30.51
CA PRO B 857 -19.99 -10.47 29.90
C PRO B 857 -20.85 -11.58 29.30
N ILE B 858 -22.16 -11.35 29.34
CA ILE B 858 -23.11 -12.31 28.79
C ILE B 858 -23.49 -11.89 27.38
N ASN B 859 -23.97 -10.67 27.23
CA ASN B 859 -24.32 -10.13 25.91
C ASN B 859 -23.05 -9.55 25.28
N LYS B 860 -22.52 -10.25 24.28
CA LYS B 860 -21.27 -9.86 23.64
C LYS B 860 -21.53 -8.71 22.67
N ASN B 861 -20.88 -7.58 22.90
CA ASN B 861 -21.15 -6.35 22.14
C ASN B 861 -20.18 -6.16 20.99
N THR B 862 -18.88 -6.11 21.27
CA THR B 862 -17.88 -5.77 20.26
C THR B 862 -17.27 -7.03 19.64
N ARG B 863 -16.29 -6.81 18.77
CA ARG B 863 -15.62 -7.94 18.11
C ARG B 863 -14.86 -8.79 19.11
N SER B 864 -14.10 -8.15 20.00
CA SER B 864 -13.31 -8.89 20.98
C SER B 864 -14.19 -9.62 21.98
N ASP B 865 -15.37 -9.08 22.27
CA ASP B 865 -16.28 -9.73 23.22
C ASP B 865 -16.86 -11.01 22.65
N ASP B 866 -16.98 -11.10 21.33
CA ASP B 866 -17.55 -12.30 20.72
C ASP B 866 -16.62 -13.50 20.88
N ALA B 867 -15.31 -13.28 20.86
CA ALA B 867 -14.36 -14.38 20.93
C ALA B 867 -14.45 -15.15 22.25
N LYS B 868 -15.00 -14.54 23.29
CA LYS B 868 -15.15 -15.19 24.59
C LYS B 868 -16.51 -15.90 24.68
N PHE B 869 -16.75 -16.79 23.71
CA PHE B 869 -17.99 -17.55 23.66
C PHE B 869 -17.89 -18.92 24.32
N GLU B 870 -16.75 -19.24 24.91
CA GLU B 870 -16.58 -20.50 25.63
C GLU B 870 -15.46 -20.34 26.63
N SER B 871 -15.77 -20.46 27.92
CA SER B 871 -14.81 -20.23 28.98
C SER B 871 -14.87 -21.37 30.00
N CYS B 872 -13.76 -21.58 30.67
CA CYS B 872 -13.66 -22.64 31.67
C CYS B 872 -14.49 -22.30 32.90
N THR B 873 -15.07 -23.33 33.50
CA THR B 873 -15.88 -23.19 34.71
C THR B 873 -15.40 -24.17 35.76
N HIS B 874 -15.49 -23.76 37.02
CA HIS B 874 -15.08 -24.59 38.15
C HIS B 874 -16.27 -24.78 39.09
N ARG B 875 -16.90 -25.95 39.00
CA ARG B 875 -17.81 -26.53 39.99
C ARG B 875 -19.09 -25.72 40.20
N PHE B 876 -19.22 -24.57 39.54
CA PHE B 876 -20.46 -23.80 39.60
C PHE B 876 -20.41 -22.56 38.68
N VAL B 877 -21.57 -22.13 38.21
CA VAL B 877 -21.73 -20.87 37.50
C VAL B 877 -22.90 -20.12 38.12
N ARG B 878 -22.67 -18.87 38.52
CA ARG B 878 -23.65 -18.09 39.25
C ARG B 878 -24.03 -16.86 38.43
N ILE B 879 -25.33 -16.67 38.22
CA ILE B 879 -25.87 -15.47 37.58
C ILE B 879 -26.69 -14.74 38.63
N ALA B 880 -26.31 -13.49 38.91
CA ALA B 880 -26.89 -12.75 40.03
C ALA B 880 -27.31 -11.36 39.59
N ASP B 881 -28.33 -10.84 40.29
CA ASP B 881 -28.77 -9.46 40.15
C ASP B 881 -28.77 -8.83 41.54
N ALA B 882 -29.39 -7.65 41.66
CA ALA B 882 -29.41 -6.92 42.93
C ALA B 882 -29.65 -7.82 44.14
N ASP B 883 -30.68 -8.67 44.08
CA ASP B 883 -30.99 -9.55 45.20
C ASP B 883 -30.94 -11.03 44.85
N TYR B 884 -31.56 -11.44 43.75
CA TYR B 884 -31.78 -12.86 43.46
C TYR B 884 -30.65 -13.40 42.60
N ALA B 885 -30.20 -14.61 42.92
CA ALA B 885 -29.14 -15.27 42.18
C ALA B 885 -29.51 -16.73 41.92
N ALA B 886 -29.06 -17.26 40.79
CA ALA B 886 -29.27 -18.65 40.42
C ALA B 886 -27.95 -19.28 40.03
N ALA B 887 -27.71 -20.51 40.46
CA ALA B 887 -26.43 -21.17 40.25
C ALA B 887 -26.63 -22.51 39.58
N VAL B 888 -25.66 -22.89 38.75
CA VAL B 888 -25.60 -24.20 38.10
C VAL B 888 -24.32 -24.85 38.58
N VAL B 889 -24.42 -25.68 39.60
CA VAL B 889 -23.25 -26.30 40.23
C VAL B 889 -22.86 -27.54 39.43
N ASN B 890 -21.57 -27.62 39.09
CA ASN B 890 -21.02 -28.66 38.25
C ASN B 890 -20.33 -29.74 39.09
N ALA B 891 -20.10 -30.88 38.47
CA ALA B 891 -19.40 -31.99 39.12
C ALA B 891 -18.13 -32.40 38.39
N SER B 892 -18.18 -32.60 37.07
CA SER B 892 -17.03 -33.11 36.34
C SER B 892 -16.79 -32.46 34.98
N THR B 893 -17.55 -31.45 34.58
CA THR B 893 -17.32 -30.78 33.31
C THR B 893 -16.70 -29.42 33.54
N TYR B 894 -15.84 -29.01 32.60
CA TYR B 894 -15.03 -27.80 32.74
C TYR B 894 -15.35 -26.75 31.67
N GLY B 895 -16.50 -26.86 31.01
CA GLY B 895 -16.84 -25.90 29.97
C GLY B 895 -18.32 -25.58 29.90
N SER B 896 -18.64 -24.33 29.57
CA SER B 896 -20.03 -23.89 29.47
C SER B 896 -20.07 -22.62 28.63
N ASP B 897 -21.29 -22.17 28.33
CA ASP B 897 -21.50 -20.95 27.56
C ASP B 897 -22.79 -20.29 28.02
N VAL B 898 -22.76 -18.97 28.15
CA VAL B 898 -23.90 -18.19 28.62
C VAL B 898 -24.32 -17.24 27.51
N SER B 899 -25.61 -17.26 27.16
CA SER B 899 -26.13 -16.40 26.10
C SER B 899 -27.52 -15.89 26.46
N PRO B 900 -27.85 -14.65 26.07
CA PRO B 900 -29.19 -14.14 26.34
C PRO B 900 -30.22 -14.76 25.41
N ILE B 901 -31.45 -14.85 25.90
CA ILE B 901 -32.58 -15.35 25.13
C ILE B 901 -33.68 -14.30 25.15
N HIS B 902 -34.10 -13.87 23.95
CA HIS B 902 -35.27 -13.01 23.75
C HIS B 902 -36.11 -13.69 22.68
N ALA B 903 -36.95 -14.64 23.09
CA ALA B 903 -37.74 -15.43 22.17
C ALA B 903 -39.05 -14.71 21.85
N ALA B 904 -39.92 -15.37 21.09
CA ALA B 904 -41.21 -14.81 20.71
C ALA B 904 -42.24 -15.22 21.78
N ALA B 905 -42.74 -14.24 22.51
CA ALA B 905 -43.71 -14.49 23.57
C ALA B 905 -44.57 -13.24 23.74
N ALA B 906 -45.40 -13.23 24.77
CA ALA B 906 -46.28 -12.11 25.07
C ALA B 906 -46.10 -11.69 26.52
N HIS B 907 -46.29 -10.39 26.77
CA HIS B 907 -46.14 -9.80 28.10
C HIS B 907 -44.73 -10.02 28.66
N GLY B 908 -43.74 -10.07 27.79
CA GLY B 908 -42.36 -10.23 28.22
C GLY B 908 -42.08 -11.50 28.99
N ALA B 909 -42.66 -12.62 28.53
CA ALA B 909 -42.47 -13.90 29.18
C ALA B 909 -41.37 -14.74 28.57
N GLY B 910 -40.65 -14.21 27.57
CA GLY B 910 -39.61 -14.97 26.91
C GLY B 910 -38.25 -14.28 26.93
N ARG B 911 -37.94 -13.62 28.04
CA ARG B 911 -36.68 -12.90 28.21
C ARG B 911 -35.90 -13.53 29.35
N GLY B 912 -34.61 -13.79 29.11
CA GLY B 912 -33.79 -14.35 30.16
C GLY B 912 -32.40 -14.69 29.66
N THR B 913 -31.73 -15.58 30.38
CA THR B 913 -30.39 -16.04 30.03
C THR B 913 -30.38 -17.56 30.01
N MET B 914 -29.46 -18.12 29.23
CA MET B 914 -29.32 -19.56 29.09
C MET B 914 -27.86 -19.94 29.31
N VAL B 915 -27.65 -20.95 30.16
CA VAL B 915 -26.33 -21.47 30.46
C VAL B 915 -26.28 -22.90 29.94
N ARG B 916 -25.64 -23.09 28.80
CA ARG B 916 -25.47 -24.42 28.21
C ARG B 916 -24.16 -25.02 28.69
N LEU B 917 -24.26 -26.17 29.36
CA LEU B 917 -23.08 -26.90 29.82
C LEU B 917 -22.59 -27.82 28.73
N SER B 918 -21.28 -27.76 28.44
CA SER B 918 -20.66 -28.63 27.44
C SER B 918 -20.32 -29.96 28.09
N LEU B 919 -20.85 -31.05 27.54
CA LEU B 919 -20.63 -32.37 28.11
C LEU B 919 -19.35 -33.01 27.58
N LEU B 920 -19.27 -33.21 26.26
CA LEU B 920 -18.07 -33.80 25.66
C LEU B 920 -18.13 -33.64 24.15
N SER B 921 -16.94 -33.67 23.55
CA SER B 921 -16.76 -33.59 22.10
C SER B 921 -16.18 -34.90 21.59
N ALA B 922 -15.96 -34.97 20.28
CA ALA B 922 -15.42 -36.15 19.61
C ALA B 922 -14.30 -35.75 18.67
N PRO B 923 -13.13 -35.41 19.20
CA PRO B 923 -11.97 -35.14 18.34
C PRO B 923 -11.49 -36.41 17.67
N LEU B 924 -10.84 -36.24 16.51
CA LEU B 924 -10.45 -37.37 15.67
C LEU B 924 -8.97 -37.43 15.33
N TYR B 925 -8.28 -36.28 15.25
CA TYR B 925 -6.91 -36.30 14.74
C TYR B 925 -5.94 -36.99 15.70
N PRO B 926 -5.74 -36.51 16.94
CA PRO B 926 -4.75 -37.16 17.79
C PRO B 926 -5.08 -38.61 18.13
N ASP B 927 -6.36 -38.94 18.25
CA ASP B 927 -6.79 -40.30 18.58
C ASP B 927 -7.92 -40.69 17.64
N PRO B 928 -7.78 -41.78 16.88
CA PRO B 928 -8.88 -42.20 15.99
C PRO B 928 -10.16 -42.50 16.75
N ARG B 929 -10.06 -43.03 17.96
CA ARG B 929 -11.20 -43.32 18.82
C ARG B 929 -11.06 -42.48 20.09
N THR B 930 -11.99 -41.54 20.29
CA THR B 930 -11.98 -40.67 21.46
C THR B 930 -13.32 -40.78 22.18
N ASP B 931 -13.26 -41.09 23.48
CA ASP B 931 -14.44 -41.14 24.36
C ASP B 931 -15.48 -42.14 23.85
N GLN B 932 -15.08 -43.41 23.82
CA GLN B 932 -15.97 -44.51 23.47
C GLN B 932 -16.25 -45.33 24.72
N GLY B 933 -17.52 -45.58 25.00
CA GLY B 933 -17.94 -46.31 26.18
C GLY B 933 -19.00 -45.58 26.96
N GLU B 934 -18.95 -45.65 28.29
CA GLU B 934 -19.92 -45.01 29.15
C GLU B 934 -19.27 -43.88 29.94
N HIS B 935 -19.95 -42.74 30.00
CA HIS B 935 -19.50 -41.57 30.73
C HIS B 935 -20.59 -41.12 31.70
N PHE B 936 -20.16 -40.68 32.87
CA PHE B 936 -21.08 -40.27 33.94
C PHE B 936 -20.96 -38.76 34.15
N PHE B 937 -22.11 -38.08 34.13
CA PHE B 937 -22.16 -36.65 34.35
C PHE B 937 -23.15 -36.35 35.47
N ALA B 938 -22.85 -35.32 36.25
CA ALA B 938 -23.73 -34.89 37.32
C ALA B 938 -23.65 -33.38 37.45
N TRP B 939 -24.77 -32.77 37.85
CA TRP B 939 -24.82 -31.34 38.11
C TRP B 939 -26.10 -31.05 38.89
N SER B 940 -26.28 -29.77 39.23
CA SER B 940 -27.47 -29.36 39.95
C SER B 940 -27.75 -27.89 39.69
N LEU B 941 -29.00 -27.50 39.91
CA LEU B 941 -29.40 -26.09 39.85
C LEU B 941 -29.92 -25.65 41.20
N VAL B 942 -29.45 -24.49 41.64
CA VAL B 942 -29.79 -23.92 42.94
C VAL B 942 -30.45 -22.57 42.72
N ALA B 943 -31.62 -22.38 43.33
CA ALA B 943 -32.36 -21.13 43.28
C ALA B 943 -32.20 -20.38 44.60
N GLY B 944 -32.28 -19.06 44.54
CA GLY B 944 -31.98 -18.24 45.69
C GLY B 944 -30.53 -18.43 46.10
N ALA B 945 -29.65 -18.41 45.11
CA ALA B 945 -28.27 -18.84 45.29
C ALA B 945 -27.44 -17.85 46.09
N GLY B 946 -27.37 -18.04 47.42
CA GLY B 946 -26.41 -17.33 48.22
C GLY B 946 -25.02 -17.91 48.07
N MET B 947 -24.02 -17.08 48.35
CA MET B 947 -22.64 -17.53 48.19
C MET B 947 -22.32 -18.69 49.12
N GLU B 948 -22.73 -18.59 50.39
CA GLU B 948 -22.50 -19.69 51.33
C GLU B 948 -23.25 -20.94 50.90
N SER B 949 -24.51 -20.80 50.48
CA SER B 949 -25.29 -21.96 50.04
C SER B 949 -24.67 -22.60 48.81
N VAL B 950 -24.24 -21.79 47.84
CA VAL B 950 -23.62 -22.31 46.64
C VAL B 950 -22.35 -23.07 46.98
N LEU B 951 -21.52 -22.47 47.84
CA LEU B 951 -20.27 -23.14 48.22
C LEU B 951 -20.55 -24.44 48.95
N ALA B 952 -21.53 -24.44 49.87
CA ALA B 952 -21.84 -25.66 50.62
C ALA B 952 -22.37 -26.76 49.72
N GLU B 953 -23.26 -26.42 48.79
CA GLU B 953 -23.82 -27.45 47.92
C GLU B 953 -22.80 -27.94 46.92
N ALA B 954 -21.93 -27.05 46.41
CA ALA B 954 -20.85 -27.49 45.55
C ALA B 954 -19.90 -28.43 46.29
N SER B 955 -19.62 -28.11 47.56
CA SER B 955 -18.78 -29.00 48.38
C SER B 955 -19.46 -30.35 48.58
N ARG B 956 -20.77 -30.35 48.81
CA ARG B 956 -21.51 -31.61 48.94
C ARG B 956 -21.42 -32.44 47.66
N LEU B 957 -21.59 -31.79 46.51
CA LEU B 957 -21.57 -32.52 45.24
C LEU B 957 -20.17 -33.06 44.94
N ASN B 958 -19.14 -32.24 45.12
CA ASN B 958 -17.76 -32.65 44.85
C ASN B 958 -17.08 -33.11 46.14
N ALA B 959 -17.60 -34.19 46.71
CA ALA B 959 -17.05 -34.76 47.93
C ALA B 959 -16.94 -36.27 47.77
N PRO B 960 -15.84 -36.88 48.19
CA PRO B 960 -15.72 -38.34 48.11
C PRO B 960 -16.70 -39.03 49.06
N ILE B 961 -17.11 -40.23 48.68
CA ILE B 961 -17.93 -41.09 49.52
C ILE B 961 -17.04 -42.24 50.01
N MET B 962 -16.81 -42.29 51.31
CA MET B 962 -15.90 -43.25 51.90
C MET B 962 -16.67 -44.48 52.36
N GLY B 963 -16.01 -45.35 53.14
CA GLY B 963 -16.63 -46.53 53.68
C GLY B 963 -17.02 -46.36 55.14
N GLU B 964 -16.22 -46.90 56.05
CA GLU B 964 -16.46 -46.81 57.49
C GLU B 964 -15.16 -46.41 58.18
N LEU B 965 -14.96 -45.11 58.33
CA LEU B 965 -13.82 -44.60 59.10
C LEU B 965 -14.32 -43.98 60.41
N PRO B 966 -13.51 -44.01 61.47
CA PRO B 966 -13.97 -43.52 62.77
C PRO B 966 -14.30 -42.03 62.74
N ALA B 967 -15.33 -41.65 63.49
CA ALA B 967 -15.75 -40.26 63.57
C ALA B 967 -14.82 -39.50 64.52
N VAL B 968 -14.35 -38.35 64.06
CA VAL B 968 -13.47 -37.50 64.86
C VAL B 968 -13.98 -36.06 64.79
N ARG B 969 -13.75 -35.32 65.88
CA ARG B 969 -14.16 -33.93 65.91
C ARG B 969 -13.32 -33.11 64.94
N PRO B 970 -13.87 -32.03 64.39
CA PRO B 970 -13.10 -31.20 63.45
C PRO B 970 -11.86 -30.62 64.14
N LEU B 971 -10.76 -30.59 63.38
CA LEU B 971 -9.50 -30.13 63.95
C LEU B 971 -9.51 -28.61 64.17
N ALA B 972 -9.97 -27.86 63.19
CA ALA B 972 -10.03 -26.40 63.27
C ALA B 972 -11.39 -25.93 62.81
N THR B 973 -11.96 -24.96 63.52
CA THR B 973 -13.29 -24.46 63.20
C THR B 973 -13.26 -22.93 63.21
N LEU B 974 -14.21 -22.35 62.48
CA LEU B 974 -14.41 -20.90 62.42
C LEU B 974 -15.80 -20.60 62.94
N THR B 975 -15.87 -19.93 64.09
CA THR B 975 -17.14 -19.70 64.77
C THR B 975 -17.69 -18.30 64.59
N ASP B 976 -16.85 -17.27 64.63
CA ASP B 976 -17.31 -15.89 64.46
C ASP B 976 -17.07 -15.43 63.02
N VAL B 977 -17.82 -16.03 62.12
CA VAL B 977 -17.69 -15.71 60.69
C VAL B 977 -18.42 -14.40 60.40
N ALA B 978 -17.70 -13.47 59.79
CA ALA B 978 -18.25 -12.18 59.36
C ALA B 978 -17.86 -12.00 57.90
N GLY B 979 -18.68 -12.53 57.00
CA GLY B 979 -18.34 -12.60 55.60
C GLY B 979 -18.43 -14.01 55.09
N THR B 980 -17.55 -14.39 54.17
CA THR B 980 -17.50 -15.76 53.64
C THR B 980 -16.07 -16.30 53.72
N PRO B 981 -15.58 -16.60 54.92
CA PRO B 981 -14.33 -17.34 55.03
C PRO B 981 -14.57 -18.83 54.84
N VAL B 982 -13.53 -19.53 54.42
CA VAL B 982 -13.64 -20.96 54.16
C VAL B 982 -12.29 -21.65 54.38
N LEU B 983 -12.33 -22.81 55.03
CA LEU B 983 -11.15 -23.64 55.15
C LEU B 983 -10.89 -24.38 53.84
N ASP B 984 -9.70 -24.19 53.28
CA ASP B 984 -9.35 -24.80 52.01
C ASP B 984 -8.47 -26.02 52.16
N TRP B 985 -7.44 -25.96 53.00
CA TRP B 985 -6.55 -27.10 53.13
C TRP B 985 -6.02 -27.22 54.55
N VAL B 986 -5.88 -28.46 55.01
CA VAL B 986 -5.26 -28.78 56.30
C VAL B 986 -4.28 -29.92 56.07
N LYS B 987 -3.04 -29.73 56.53
CA LYS B 987 -2.00 -30.73 56.31
C LYS B 987 -0.94 -30.61 57.40
N LEU B 988 0.14 -31.37 57.25
CA LEU B 988 1.27 -31.35 58.16
C LEU B 988 2.45 -30.63 57.52
N ALA B 989 3.46 -30.36 58.34
CA ALA B 989 4.66 -29.70 57.85
C ALA B 989 5.48 -30.65 56.99
N ASP B 990 5.93 -30.16 55.83
CA ASP B 990 6.75 -30.97 54.94
C ASP B 990 8.17 -31.17 55.45
N ASP B 991 8.58 -30.45 56.49
CA ASP B 991 9.91 -30.55 57.04
C ASP B 991 10.04 -31.62 58.12
N GLY B 992 8.96 -32.34 58.42
CA GLY B 992 9.00 -33.38 59.42
C GLY B 992 8.91 -32.92 60.86
N SER B 993 8.69 -31.63 61.10
CA SER B 993 8.60 -31.12 62.46
C SER B 993 7.29 -31.50 63.14
N GLY B 994 6.29 -31.95 62.37
CA GLY B 994 4.99 -32.25 62.93
C GLY B 994 4.07 -31.06 63.04
N ASP B 995 4.45 -29.92 62.47
CA ASP B 995 3.65 -28.71 62.59
C ASP B 995 2.37 -28.82 61.78
N LEU B 996 1.31 -28.16 62.25
CA LEU B 996 0.06 -28.14 61.51
C LEU B 996 0.04 -26.95 60.55
N ILE B 997 -0.52 -27.18 59.36
CA ILE B 997 -0.58 -26.17 58.32
C ILE B 997 -2.02 -26.02 57.86
N VAL B 998 -2.52 -24.79 57.85
CA VAL B 998 -3.87 -24.50 57.38
C VAL B 998 -3.79 -23.43 56.29
N ARG B 999 -4.54 -23.64 55.20
CA ARG B 999 -4.59 -22.73 54.07
C ARG B 999 -6.03 -22.27 53.91
N LEU B 1000 -6.23 -20.95 53.97
CA LEU B 1000 -7.54 -20.31 53.95
C LEU B 1000 -7.60 -19.31 52.81
N TYR B 1001 -8.82 -19.09 52.29
CA TYR B 1001 -9.03 -18.09 51.25
C TYR B 1001 -10.46 -17.58 51.34
N GLU B 1002 -10.72 -16.52 50.58
CA GLU B 1002 -12.03 -15.89 50.51
C GLU B 1002 -12.62 -16.11 49.11
N ALA B 1003 -13.93 -16.37 49.05
CA ALA B 1003 -14.55 -16.78 47.80
C ALA B 1003 -15.77 -15.94 47.43
N ALA B 1004 -15.91 -14.75 47.99
CA ALA B 1004 -17.04 -13.88 47.65
C ALA B 1004 -16.61 -12.55 47.05
N GLY B 1005 -15.67 -11.85 47.67
CA GLY B 1005 -15.29 -10.53 47.21
C GLY B 1005 -15.34 -9.49 48.30
N GLY B 1006 -16.26 -9.66 49.26
CA GLY B 1006 -16.30 -8.79 50.41
C GLY B 1006 -15.25 -9.15 51.44
N ASP B 1007 -14.94 -8.19 52.30
CA ASP B 1007 -13.99 -8.44 53.39
C ASP B 1007 -14.57 -9.42 54.39
N ALA B 1008 -13.69 -10.17 55.05
CA ALA B 1008 -14.09 -11.20 55.99
C ALA B 1008 -13.26 -11.11 57.26
N LYS B 1009 -13.92 -11.34 58.39
CA LYS B 1009 -13.28 -11.41 59.70
C LYS B 1009 -13.76 -12.67 60.40
N ALA B 1010 -12.83 -13.42 60.98
CA ALA B 1010 -13.18 -14.71 61.58
C ALA B 1010 -12.29 -14.98 62.78
N THR B 1011 -12.71 -15.94 63.59
CA THR B 1011 -11.92 -16.42 64.72
C THR B 1011 -11.77 -17.92 64.60
N LEU B 1012 -10.53 -18.39 64.68
CA LEU B 1012 -10.22 -19.80 64.53
C LEU B 1012 -10.07 -20.46 65.89
N ARG B 1013 -10.62 -21.66 66.03
CA ARG B 1013 -10.56 -22.41 67.27
C ARG B 1013 -10.12 -23.84 67.00
N LEU B 1014 -9.14 -24.31 67.76
CA LEU B 1014 -8.66 -25.68 67.66
C LEU B 1014 -9.42 -26.56 68.65
N ASP B 1015 -8.95 -27.79 68.86
CA ASP B 1015 -9.66 -28.75 69.72
C ASP B 1015 -8.66 -29.41 70.66
N ASP B 1016 -8.90 -29.25 71.96
CA ASP B 1016 -8.23 -30.02 73.01
C ASP B 1016 -6.71 -29.91 72.97
N THR B 1017 -6.05 -30.88 72.33
CA THR B 1017 -4.60 -31.01 72.43
C THR B 1017 -3.85 -29.78 71.92
N PHE B 1018 -4.46 -28.99 71.05
CA PHE B 1018 -3.82 -27.77 70.55
C PHE B 1018 -4.12 -26.59 71.47
N ALA B 1019 -3.62 -26.70 72.70
CA ALA B 1019 -3.79 -25.68 73.72
C ALA B 1019 -2.42 -25.13 74.11
N GLY B 1020 -2.36 -23.83 74.37
CA GLY B 1020 -1.08 -23.20 74.64
C GLY B 1020 -0.14 -23.23 73.45
N CYS B 1021 -0.66 -22.97 72.26
CA CYS B 1021 0.09 -23.07 71.03
C CYS B 1021 0.38 -21.68 70.48
N THR B 1022 1.14 -21.65 69.39
CA THR B 1022 1.45 -20.43 68.66
C THR B 1022 1.11 -20.63 67.19
N VAL B 1023 0.48 -19.63 66.59
CA VAL B 1023 0.13 -19.66 65.17
C VAL B 1023 0.81 -18.47 64.49
N GLU B 1024 1.44 -18.74 63.36
CA GLU B 1024 2.19 -17.72 62.63
C GLU B 1024 1.85 -17.77 61.15
N GLU B 1025 1.79 -16.59 60.53
CA GLU B 1025 1.51 -16.50 59.10
C GLU B 1025 2.78 -16.75 58.31
N VAL B 1026 2.70 -17.64 57.32
CA VAL B 1026 3.83 -17.99 56.48
C VAL B 1026 3.39 -17.92 55.02
N ASN B 1027 4.38 -17.83 54.13
CA ASN B 1027 4.10 -17.78 52.71
C ASN B 1027 3.70 -19.18 52.21
N LEU B 1028 3.43 -19.26 50.90
CA LEU B 1028 3.03 -20.54 50.32
C LEU B 1028 4.18 -21.54 50.29
N MET B 1029 5.43 -21.07 50.39
CA MET B 1029 6.58 -21.95 50.50
C MET B 1029 6.71 -22.58 51.88
N GLU B 1030 5.86 -22.18 52.84
CA GLU B 1030 5.77 -22.66 54.21
C GLU B 1030 6.91 -22.13 55.08
N GLU B 1031 7.87 -21.41 54.52
CA GLU B 1031 8.91 -20.79 55.31
C GLU B 1031 8.41 -19.47 55.92
N PRO B 1032 8.91 -19.09 57.11
CA PRO B 1032 8.38 -17.93 57.82
C PRO B 1032 9.01 -16.59 57.41
N VAL B 1033 8.94 -16.29 56.11
CA VAL B 1033 9.35 -14.99 55.58
C VAL B 1033 8.21 -14.43 54.75
N LEU B 1034 7.91 -13.15 54.94
CA LEU B 1034 6.79 -12.51 54.25
C LEU B 1034 7.25 -11.20 53.65
N ALA B 1035 6.58 -10.79 52.58
CA ALA B 1035 6.88 -9.53 51.92
C ALA B 1035 6.26 -8.37 52.68
N ASP B 1036 6.41 -7.16 52.14
CA ASP B 1036 5.90 -5.95 52.77
C ASP B 1036 4.59 -5.47 52.15
N ASP B 1037 4.47 -5.52 50.82
CA ASP B 1037 3.27 -5.04 50.15
C ASP B 1037 2.07 -5.97 50.33
N LEU B 1038 2.29 -7.20 50.78
CA LEU B 1038 1.19 -8.13 50.97
C LEU B 1038 0.31 -7.67 52.13
N PRO B 1039 -1.01 -7.79 52.01
CA PRO B 1039 -1.91 -7.25 53.05
C PRO B 1039 -1.70 -7.84 54.42
N ARG B 1040 -1.37 -9.13 54.51
CA ARG B 1040 -1.22 -9.86 55.77
C ARG B 1040 -2.55 -9.99 56.51
N ALA B 1041 -2.70 -11.05 57.31
CA ALA B 1041 -3.97 -11.35 57.96
C ALA B 1041 -3.95 -11.25 59.47
N LEU B 1042 -2.78 -11.34 60.11
CA LEU B 1042 -2.71 -11.30 61.56
C LEU B 1042 -2.73 -9.85 62.04
N VAL B 1043 -2.54 -9.65 63.34
CA VAL B 1043 -2.60 -8.33 63.95
C VAL B 1043 -1.22 -7.71 64.12
N ALA B 1044 -0.22 -8.50 64.51
CA ALA B 1044 1.12 -7.99 64.72
C ALA B 1044 2.16 -8.71 63.87
N GLY B 1045 2.14 -10.04 63.85
CA GLY B 1045 3.11 -10.81 63.09
C GLY B 1045 3.83 -11.83 63.94
N GLY B 1046 3.93 -11.57 65.24
CA GLY B 1046 4.57 -12.49 66.15
C GLY B 1046 3.69 -13.66 66.50
N PRO B 1047 4.23 -14.60 67.28
CA PRO B 1047 3.46 -15.78 67.68
C PRO B 1047 2.26 -15.42 68.54
N VAL B 1048 1.07 -15.64 68.01
CA VAL B 1048 -0.18 -15.36 68.72
C VAL B 1048 -0.73 -16.68 69.24
N PRO B 1049 -1.23 -16.73 70.48
CA PRO B 1049 -1.82 -17.98 70.98
C PRO B 1049 -2.98 -18.43 70.12
N ALA B 1050 -3.07 -19.74 69.92
CA ALA B 1050 -4.06 -20.33 69.02
C ALA B 1050 -5.36 -20.67 69.73
N GLU B 1051 -5.92 -19.68 70.42
CA GLU B 1051 -7.23 -19.81 71.08
C GLU B 1051 -7.95 -18.49 70.92
N GLY B 1052 -9.01 -18.48 70.10
CA GLY B 1052 -9.68 -17.25 69.77
C GLY B 1052 -8.90 -16.34 68.84
N ALA B 1053 -7.96 -16.91 68.08
CA ALA B 1053 -7.14 -16.10 67.18
C ALA B 1053 -8.00 -15.49 66.08
N SER B 1054 -7.80 -14.20 65.84
CA SER B 1054 -8.60 -13.43 64.89
C SER B 1054 -7.85 -13.28 63.57
N VAL B 1055 -8.55 -13.53 62.47
CA VAL B 1055 -7.99 -13.41 61.13
C VAL B 1055 -8.87 -12.47 60.32
N SER B 1056 -8.23 -11.56 59.58
CA SER B 1056 -8.93 -10.59 58.75
C SER B 1056 -8.62 -10.86 57.29
N PHE B 1057 -9.62 -10.68 56.43
CA PHE B 1057 -9.51 -10.99 55.02
C PHE B 1057 -9.82 -9.76 54.17
N THR B 1058 -8.99 -9.52 53.18
CA THR B 1058 -9.23 -8.61 52.08
C THR B 1058 -9.80 -9.38 50.90
N PRO B 1059 -10.53 -8.71 49.97
CA PRO B 1059 -11.16 -9.43 48.85
C PRO B 1059 -10.28 -10.48 48.18
N PHE B 1060 -10.70 -11.74 48.25
CA PHE B 1060 -10.00 -12.86 47.63
C PHE B 1060 -8.56 -13.01 48.15
N GLN B 1061 -8.40 -12.86 49.46
CA GLN B 1061 -7.09 -13.06 50.08
C GLN B 1061 -6.79 -14.55 50.24
N ILE B 1062 -5.50 -14.87 50.26
CA ILE B 1062 -5.02 -16.21 50.54
C ILE B 1062 -4.07 -16.12 51.73
N VAL B 1063 -4.30 -16.94 52.75
CA VAL B 1063 -3.49 -16.91 53.96
C VAL B 1063 -3.09 -18.34 54.34
N THR B 1064 -1.84 -18.50 54.78
CA THR B 1064 -1.32 -19.77 55.23
C THR B 1064 -0.79 -19.63 56.64
N LEU B 1065 -1.25 -20.48 57.54
CA LEU B 1065 -0.90 -20.40 58.95
C LEU B 1065 -0.26 -21.71 59.41
N ARG B 1066 0.77 -21.58 60.24
CA ARG B 1066 1.50 -22.69 60.81
C ARG B 1066 1.30 -22.68 62.32
N ILE B 1067 0.94 -23.84 62.87
CA ILE B 1067 0.65 -24.00 64.29
C ILE B 1067 1.62 -25.02 64.87
N ARG B 1068 2.26 -24.66 65.98
CA ARG B 1068 3.25 -25.51 66.64
C ARG B 1068 2.55 -26.57 67.48
N ARG B 1069 3.33 -27.29 68.29
CA ARG B 1069 2.81 -28.33 69.17
C ARG B 1069 1.86 -27.74 70.20
N SER C 23 -26.08 -15.71 17.68
CA SER C 23 -25.49 -15.05 16.52
C SER C 23 -24.01 -14.76 16.77
N MET C 24 -23.18 -15.09 15.79
CA MET C 24 -21.74 -14.86 15.87
C MET C 24 -21.28 -14.08 14.65
N PHE C 25 -20.15 -13.40 14.81
CA PHE C 25 -19.60 -12.59 13.74
C PHE C 25 -19.02 -13.48 12.64
N LEU C 26 -18.76 -12.86 11.49
CA LEU C 26 -18.26 -13.56 10.31
C LEU C 26 -16.80 -13.19 10.08
N LEU C 27 -15.97 -14.22 9.88
CA LEU C 27 -14.54 -14.03 9.57
C LEU C 27 -14.24 -14.69 8.24
N PRO C 28 -14.23 -13.94 7.13
CA PRO C 28 -14.01 -14.57 5.82
C PRO C 28 -12.67 -15.27 5.70
N ASN C 29 -11.62 -14.74 6.32
CA ASN C 29 -10.31 -15.38 6.25
C ASN C 29 -10.29 -16.74 6.93
N GLN C 30 -11.19 -16.96 7.90
CA GLN C 30 -11.35 -18.26 8.54
C GLN C 30 -12.21 -19.20 7.70
N GLN C 31 -13.26 -18.66 7.08
CA GLN C 31 -14.10 -19.46 6.19
C GLN C 31 -13.32 -19.96 4.99
N LEU C 32 -12.37 -19.16 4.48
CA LEU C 32 -11.56 -19.60 3.35
C LEU C 32 -10.73 -20.82 3.73
N GLU C 33 -10.10 -20.80 4.91
CA GLU C 33 -9.31 -21.94 5.34
C GLU C 33 -10.19 -23.15 5.61
N ARG C 34 -11.38 -22.93 6.19
CA ARG C 34 -12.31 -24.04 6.40
C ARG C 34 -12.70 -24.69 5.09
N CYS C 35 -13.02 -23.86 4.07
CA CYS C 35 -13.38 -24.39 2.77
C CYS C 35 -12.22 -25.13 2.12
N ASP C 36 -11.00 -24.58 2.26
CA ASP C 36 -9.82 -25.23 1.69
C ASP C 36 -9.64 -26.62 2.30
N ARG C 37 -9.79 -26.72 3.62
CA ARG C 37 -9.74 -28.03 4.26
C ARG C 37 -10.87 -28.92 3.77
N VAL C 38 -12.05 -28.34 3.51
CA VAL C 38 -13.19 -29.13 3.05
C VAL C 38 -12.87 -29.80 1.73
N MET C 39 -12.31 -29.05 0.76
CA MET C 39 -11.89 -29.71 -0.48
C MET C 39 -10.76 -30.70 -0.22
N GLN C 40 -9.78 -30.33 0.60
CA GLN C 40 -8.60 -31.18 0.75
C GLN C 40 -8.95 -32.55 1.33
N GLN C 41 -9.87 -32.59 2.30
CA GLN C 41 -10.13 -33.82 3.02
C GLN C 41 -11.49 -34.46 2.72
N ARG C 42 -12.53 -33.67 2.47
CA ARG C 42 -13.90 -34.17 2.49
C ARG C 42 -14.50 -34.41 1.11
N VAL C 43 -14.52 -33.38 0.25
CA VAL C 43 -15.32 -33.49 -0.97
C VAL C 43 -14.55 -34.13 -2.12
N LYS C 44 -13.22 -34.02 -2.15
CA LYS C 44 -12.46 -34.63 -3.24
C LYS C 44 -12.57 -36.15 -3.30
N PRO C 45 -12.41 -36.90 -2.21
CA PRO C 45 -12.47 -38.38 -2.33
C PRO C 45 -13.83 -38.90 -2.75
N HIS C 46 -14.90 -38.13 -2.61
CA HIS C 46 -16.25 -38.61 -2.88
C HIS C 46 -16.70 -38.37 -4.32
N ILE C 47 -15.77 -38.25 -5.25
CA ILE C 47 -16.11 -38.07 -6.66
C ILE C 47 -16.09 -39.39 -7.42
N HIS C 48 -15.18 -40.29 -7.04
CA HIS C 48 -15.08 -41.60 -7.65
C HIS C 48 -15.30 -42.67 -6.60
N THR C 49 -16.22 -43.60 -6.85
CA THR C 49 -16.54 -44.67 -5.91
C THR C 49 -16.07 -45.98 -6.50
N THR C 50 -15.09 -46.62 -5.85
CA THR C 50 -14.56 -47.87 -6.35
C THR C 50 -15.59 -48.99 -6.23
N LEU C 51 -15.48 -49.98 -7.12
CA LEU C 51 -16.39 -51.12 -7.10
C LEU C 51 -15.69 -52.47 -7.18
N ALA C 52 -14.50 -52.57 -7.76
CA ALA C 52 -13.78 -53.83 -7.87
C ALA C 52 -12.32 -53.52 -8.13
N ALA C 53 -11.55 -54.56 -8.49
CA ALA C 53 -10.13 -54.41 -8.79
C ALA C 53 -9.81 -55.18 -10.06
N CYS C 54 -8.73 -54.78 -10.72
CA CYS C 54 -8.33 -55.37 -11.99
C CYS C 54 -6.99 -56.08 -11.84
N THR C 55 -6.80 -57.12 -12.65
CA THR C 55 -5.58 -57.91 -12.64
C THR C 55 -4.58 -57.34 -13.65
N LEU C 56 -3.31 -57.30 -13.23
CA LEU C 56 -2.24 -56.66 -13.98
C LEU C 56 -1.15 -57.67 -14.30
N ARG C 57 -0.61 -57.59 -15.52
CA ARG C 57 0.62 -58.30 -15.87
C ARG C 57 1.49 -57.37 -16.70
N SER C 58 2.81 -57.61 -16.66
CA SER C 58 3.77 -56.67 -17.22
C SER C 58 4.77 -57.37 -18.13
N PHE C 59 5.21 -56.66 -19.16
CA PHE C 59 6.30 -57.08 -20.02
C PHE C 59 7.20 -55.87 -20.29
N HIS C 60 8.49 -56.02 -20.01
CA HIS C 60 9.40 -54.88 -19.94
C HIS C 60 10.33 -54.85 -21.15
N ASN C 61 10.83 -53.64 -21.48
CA ASN C 61 11.77 -53.44 -22.58
C ASN C 61 12.65 -52.23 -22.30
N PRO C 62 13.93 -52.43 -21.95
CA PRO C 62 14.85 -51.31 -21.71
C PRO C 62 15.66 -50.94 -22.96
N GLY C 63 14.95 -50.66 -24.05
CA GLY C 63 15.64 -50.35 -25.28
C GLY C 63 14.83 -49.42 -26.15
N GLU C 64 15.21 -49.37 -27.43
CA GLU C 64 14.51 -48.55 -28.40
C GLU C 64 13.09 -49.10 -28.60
N PRO C 65 12.06 -48.28 -28.46
CA PRO C 65 10.68 -48.80 -28.50
C PRO C 65 10.31 -49.37 -29.86
N VAL C 66 9.49 -50.41 -29.82
CA VAL C 66 8.91 -51.01 -31.02
C VAL C 66 7.62 -50.26 -31.33
N PRO C 67 7.30 -49.99 -32.58
CA PRO C 67 6.04 -49.32 -32.90
C PRO C 67 4.85 -50.11 -32.36
N SER C 68 3.86 -49.38 -31.85
CA SER C 68 2.73 -50.01 -31.18
C SER C 68 1.89 -50.86 -32.13
N SER C 69 1.89 -50.53 -33.42
CA SER C 69 1.07 -51.27 -34.38
C SER C 69 1.52 -52.72 -34.47
N GLU C 70 2.83 -52.97 -34.50
CA GLU C 70 3.32 -54.34 -34.64
C GLU C 70 3.17 -55.12 -33.34
N PHE C 71 3.42 -54.47 -32.19
CA PHE C 71 3.37 -55.17 -30.92
C PHE C 71 1.96 -55.67 -30.60
N LEU C 72 0.96 -54.85 -30.88
CA LEU C 72 -0.42 -55.26 -30.61
C LEU C 72 -0.84 -56.41 -31.53
N ALA C 73 -0.39 -56.40 -32.78
CA ALA C 73 -0.66 -57.52 -33.67
C ALA C 73 0.03 -58.79 -33.16
N LYS C 74 1.27 -58.67 -32.68
CA LYS C 74 1.97 -59.82 -32.12
C LYS C 74 1.23 -60.37 -30.91
N VAL C 75 0.72 -59.48 -30.05
CA VAL C 75 -0.05 -59.93 -28.89
C VAL C 75 -1.33 -60.61 -29.33
N ARG C 76 -2.00 -60.06 -30.33
CA ARG C 76 -3.25 -60.65 -30.83
C ARG C 76 -3.00 -62.06 -31.36
N ASN C 77 -1.96 -62.24 -32.16
CA ASN C 77 -1.58 -63.58 -32.59
C ASN C 77 -1.03 -64.38 -31.42
N GLY C 78 -0.17 -63.77 -30.61
CA GLY C 78 0.37 -64.38 -29.42
C GLY C 78 1.78 -64.89 -29.62
N GLN C 79 2.77 -64.08 -29.24
CA GLN C 79 4.17 -64.48 -29.28
C GLN C 79 4.98 -63.95 -28.10
N VAL C 80 4.36 -63.25 -27.16
CA VAL C 80 5.07 -62.59 -26.07
C VAL C 80 4.49 -63.07 -24.75
N PRO C 81 5.31 -63.55 -23.82
CA PRO C 81 4.78 -63.97 -22.52
C PRO C 81 4.50 -62.77 -21.63
N PHE C 82 3.86 -63.05 -20.49
CA PHE C 82 3.53 -62.03 -19.52
C PHE C 82 3.69 -62.61 -18.13
N GLU C 83 4.27 -61.83 -17.22
CA GLU C 83 4.50 -62.28 -15.86
C GLU C 83 3.51 -61.63 -14.91
N PRO C 84 3.10 -62.34 -13.86
CA PRO C 84 2.17 -61.75 -12.88
C PRO C 84 2.78 -60.53 -12.20
N PHE C 85 1.93 -59.54 -11.96
CA PHE C 85 2.35 -58.29 -11.33
C PHE C 85 1.45 -58.00 -10.14
N ARG C 86 2.04 -57.81 -8.97
CA ARG C 86 1.28 -57.47 -7.78
C ARG C 86 0.76 -56.04 -7.88
N VAL C 87 -0.30 -55.76 -7.12
CA VAL C 87 -0.91 -54.42 -7.16
C VAL C 87 0.09 -53.35 -6.74
N PRO C 88 0.86 -53.48 -5.66
CA PRO C 88 1.96 -52.56 -5.41
C PRO C 88 3.26 -53.08 -5.99
N GLY C 89 4.24 -52.18 -6.07
CA GLY C 89 5.55 -52.55 -6.57
C GLY C 89 6.15 -51.54 -7.52
N VAL C 90 7.41 -51.76 -7.92
CA VAL C 90 8.11 -50.85 -8.80
C VAL C 90 8.19 -51.47 -10.19
N TRP C 91 8.17 -50.61 -11.21
CA TRP C 91 8.25 -51.05 -12.60
C TRP C 91 9.19 -50.23 -13.46
N GLY C 92 9.63 -49.05 -13.01
CA GLY C 92 10.28 -48.11 -13.90
C GLY C 92 11.68 -48.53 -14.32
N THR C 93 12.10 -47.96 -15.44
CA THR C 93 13.45 -48.13 -15.96
C THR C 93 13.83 -46.86 -16.72
N THR C 94 15.10 -46.50 -16.66
CA THR C 94 15.57 -45.26 -17.28
C THR C 94 15.38 -45.32 -18.80
N TRP C 95 14.53 -44.43 -19.31
CA TRP C 95 14.25 -44.34 -20.74
C TRP C 95 13.79 -45.69 -21.30
N GLY C 96 12.89 -46.36 -20.57
CA GLY C 96 12.42 -47.67 -20.96
C GLY C 96 10.92 -47.67 -21.16
N THR C 97 10.43 -48.78 -21.72
CA THR C 97 9.02 -48.97 -21.99
C THR C 97 8.55 -50.27 -21.37
N THR C 98 7.25 -50.35 -21.12
CA THR C 98 6.65 -51.52 -20.52
C THR C 98 5.20 -51.62 -20.99
N TRP C 99 4.70 -52.85 -21.09
CA TRP C 99 3.32 -53.11 -21.47
C TRP C 99 2.60 -53.77 -20.31
N PHE C 100 1.54 -53.12 -19.83
CA PHE C 100 0.70 -53.64 -18.76
C PHE C 100 -0.59 -54.17 -19.38
N GLU C 101 -0.77 -55.48 -19.37
CA GLU C 101 -2.05 -56.04 -19.77
C GLU C 101 -2.96 -56.02 -18.54
N VAL C 102 -4.16 -55.47 -18.72
CA VAL C 102 -5.09 -55.21 -17.64
C VAL C 102 -6.39 -55.94 -17.94
N ASN C 103 -6.86 -56.73 -16.99
CA ASN C 103 -8.12 -57.46 -17.11
C ASN C 103 -9.06 -57.02 -16.01
N GLY C 104 -10.25 -56.54 -16.39
CA GLY C 104 -11.26 -56.11 -15.44
C GLY C 104 -12.46 -57.05 -15.46
N HIS C 105 -13.34 -56.84 -14.47
CA HIS C 105 -14.54 -57.66 -14.29
C HIS C 105 -15.75 -56.78 -14.02
N ILE C 106 -15.94 -55.74 -14.85
CA ILE C 106 -17.10 -54.88 -14.71
C ILE C 106 -18.36 -55.67 -15.05
N ASP C 107 -19.45 -55.40 -14.32
CA ASP C 107 -20.71 -56.09 -14.49
C ASP C 107 -21.80 -55.06 -14.80
N MET C 108 -22.59 -55.34 -15.83
CA MET C 108 -23.70 -54.46 -16.21
C MET C 108 -24.91 -54.77 -15.32
N ALA C 109 -26.07 -54.21 -15.68
CA ALA C 109 -27.35 -54.35 -14.99
C ALA C 109 -27.35 -53.69 -13.62
N ALA C 110 -26.26 -53.05 -13.21
CA ALA C 110 -26.21 -52.33 -11.95
C ALA C 110 -25.55 -50.97 -12.05
N VAL C 111 -25.07 -50.57 -13.22
CA VAL C 111 -24.42 -49.29 -13.42
C VAL C 111 -25.09 -48.56 -14.57
N LYS C 112 -26.35 -48.90 -14.83
CA LYS C 112 -27.09 -48.27 -15.93
C LYS C 112 -27.24 -46.78 -15.69
N GLY C 113 -26.98 -45.99 -16.72
CA GLY C 113 -27.10 -44.55 -16.63
C GLY C 113 -25.98 -43.86 -15.88
N ARG C 114 -24.92 -44.57 -15.52
CA ARG C 114 -23.83 -44.01 -14.74
C ARG C 114 -22.50 -44.27 -15.45
N LYS C 115 -21.64 -43.26 -15.45
CA LYS C 115 -20.34 -43.38 -16.09
C LYS C 115 -19.41 -44.30 -15.30
N VAL C 116 -18.56 -45.01 -16.04
CA VAL C 116 -17.57 -45.92 -15.46
C VAL C 116 -16.20 -45.53 -15.99
N GLU C 117 -15.23 -45.40 -15.08
CA GLU C 117 -13.88 -45.01 -15.47
C GLU C 117 -12.85 -46.01 -14.94
N LEU C 118 -11.57 -45.69 -15.08
CA LEU C 118 -10.50 -46.61 -14.73
C LEU C 118 -9.60 -46.11 -13.60
N MET C 119 -9.35 -44.81 -13.52
CA MET C 119 -8.51 -44.21 -12.47
C MET C 119 -7.14 -44.88 -12.41
N VAL C 120 -6.41 -44.78 -13.53
CA VAL C 120 -5.07 -45.36 -13.61
C VAL C 120 -4.08 -44.47 -12.86
N ASP C 121 -3.21 -45.10 -12.08
CA ASP C 121 -2.21 -44.35 -11.31
C ASP C 121 -0.87 -45.06 -11.47
N LEU C 122 0.01 -44.50 -12.32
CA LEU C 122 1.36 -45.02 -12.45
C LEU C 122 2.23 -44.67 -11.26
N GLY C 123 1.78 -43.79 -10.38
CA GLY C 123 2.55 -43.38 -9.22
C GLY C 123 3.37 -42.13 -9.49
N TRP C 124 2.72 -41.07 -9.96
CA TRP C 124 3.41 -39.84 -10.29
C TRP C 124 3.78 -39.08 -9.02
N LEU C 125 4.86 -38.30 -9.11
CA LEU C 125 5.28 -37.47 -8.00
C LEU C 125 4.41 -36.21 -7.91
N ASP C 126 4.49 -35.54 -6.77
CA ASP C 126 3.59 -34.43 -6.47
C ASP C 126 4.17 -33.09 -6.93
N HIS C 127 5.34 -32.72 -6.41
CA HIS C 127 5.93 -31.41 -6.68
C HIS C 127 7.02 -31.48 -7.75
N ARG C 128 6.72 -32.09 -8.90
CA ARG C 128 7.70 -32.18 -9.97
C ARG C 128 7.23 -31.51 -11.25
N GLY C 129 6.01 -31.78 -11.70
CA GLY C 129 5.49 -31.20 -12.91
C GLY C 129 4.57 -32.13 -13.67
N PRO C 130 3.52 -31.57 -14.26
CA PRO C 130 2.53 -32.38 -15.03
C PRO C 130 2.91 -32.58 -16.50
N GLY C 131 3.79 -33.56 -16.75
CA GLY C 131 4.17 -33.90 -18.11
C GLY C 131 5.63 -34.26 -18.28
N PHE C 132 6.40 -34.21 -17.20
CA PHE C 132 7.82 -34.56 -17.23
C PHE C 132 8.09 -35.90 -16.56
N GLN C 133 7.06 -36.74 -16.40
CA GLN C 133 7.21 -38.02 -15.72
C GLN C 133 6.75 -39.16 -16.60
N SER C 134 6.68 -40.36 -16.04
CA SER C 134 6.24 -41.53 -16.80
C SER C 134 4.78 -41.37 -17.21
N GLU C 135 4.48 -41.75 -18.45
CA GLU C 135 3.13 -41.63 -18.99
C GLU C 135 2.77 -42.93 -19.70
N GLY C 136 1.67 -42.91 -20.45
CA GLY C 136 1.30 -44.09 -21.21
C GLY C 136 -0.12 -44.10 -21.74
N LEU C 137 -0.29 -44.59 -22.97
CA LEU C 137 -1.61 -44.72 -23.56
C LEU C 137 -2.26 -46.02 -23.12
N VAL C 138 -3.57 -46.09 -23.29
CA VAL C 138 -4.35 -47.30 -22.99
C VAL C 138 -4.92 -47.78 -24.32
N TYR C 139 -4.20 -48.70 -24.97
CA TYR C 139 -4.62 -49.23 -26.25
C TYR C 139 -5.64 -50.36 -26.07
N ARG C 140 -6.57 -50.43 -27.00
CA ARG C 140 -7.52 -51.53 -27.10
C ARG C 140 -6.83 -52.76 -27.67
N ALA C 141 -7.51 -53.92 -27.53
CA ALA C 141 -6.94 -55.16 -28.03
C ALA C 141 -6.77 -55.14 -29.54
N ASP C 142 -7.72 -54.53 -30.26
CA ASP C 142 -7.65 -54.49 -31.72
C ASP C 142 -6.42 -53.72 -32.20
N GLY C 143 -6.13 -52.58 -31.57
CA GLY C 143 -5.00 -51.78 -31.97
C GLY C 143 -5.24 -50.29 -31.89
N THR C 144 -6.51 -49.90 -31.73
CA THR C 144 -6.84 -48.49 -31.62
C THR C 144 -6.44 -47.95 -30.25
N ALA C 145 -6.48 -46.63 -30.12
CA ALA C 145 -6.11 -45.94 -28.89
C ALA C 145 -7.35 -45.33 -28.24
N ILE C 146 -7.39 -45.37 -26.91
CA ILE C 146 -8.52 -44.86 -26.13
C ILE C 146 -8.19 -43.53 -25.49
N LYS C 147 -7.18 -43.50 -24.62
CA LYS C 147 -6.78 -42.28 -23.92
C LYS C 147 -5.38 -42.48 -23.38
N SER C 148 -4.91 -41.53 -22.56
CA SER C 148 -3.61 -41.58 -21.95
C SER C 148 -3.70 -41.26 -20.47
N ALA C 149 -2.74 -41.78 -19.70
CA ALA C 149 -2.69 -41.57 -18.26
C ALA C 149 -1.66 -40.48 -17.98
N ASN C 150 -2.15 -39.29 -17.65
CA ASN C 150 -1.33 -38.13 -17.37
C ASN C 150 -1.27 -37.89 -15.86
N PRO C 151 -0.23 -37.16 -15.39
CA PRO C 151 -0.16 -36.87 -13.95
C PRO C 151 -1.37 -36.12 -13.42
N ARG C 152 -1.95 -35.23 -14.22
CA ARG C 152 -3.13 -34.47 -13.81
C ARG C 152 -4.40 -34.95 -14.51
N ASN C 153 -4.31 -35.93 -15.40
CA ASN C 153 -5.46 -36.48 -16.11
C ASN C 153 -5.28 -37.99 -16.16
N HIS C 154 -5.95 -38.70 -15.26
CA HIS C 154 -5.67 -40.11 -15.04
C HIS C 154 -6.97 -40.91 -14.94
N TRP C 155 -7.91 -40.65 -15.85
CA TRP C 155 -9.15 -41.41 -15.93
C TRP C 155 -9.37 -41.85 -17.37
N ILE C 156 -9.76 -43.10 -17.55
CA ILE C 156 -9.97 -43.70 -18.87
C ILE C 156 -11.46 -44.01 -19.01
N PRO C 157 -12.15 -43.47 -20.01
CA PRO C 157 -13.58 -43.77 -20.17
C PRO C 157 -13.82 -45.18 -20.67
N LEU C 158 -14.35 -46.04 -19.80
CA LEU C 158 -14.64 -47.43 -20.14
C LEU C 158 -16.07 -47.62 -20.63
N VAL C 159 -17.04 -47.30 -19.77
CA VAL C 159 -18.46 -47.43 -20.10
C VAL C 159 -19.10 -46.08 -19.87
N TYR C 160 -19.66 -45.49 -20.91
CA TYR C 160 -20.36 -44.22 -20.78
C TYR C 160 -21.71 -44.44 -20.11
N ALA C 161 -22.29 -43.34 -19.61
CA ALA C 161 -23.57 -43.42 -18.91
C ALA C 161 -24.68 -43.91 -19.83
N ASP C 162 -24.73 -43.42 -21.06
CA ASP C 162 -25.82 -43.74 -21.98
C ASP C 162 -25.54 -45.02 -22.77
N GLY C 163 -25.19 -46.09 -22.07
CA GLY C 163 -25.08 -47.40 -22.69
C GLY C 163 -23.79 -47.63 -23.46
N SER C 164 -23.33 -46.63 -24.19
CA SER C 164 -22.17 -46.78 -25.06
C SER C 164 -20.93 -47.15 -24.25
N SER C 165 -20.16 -48.11 -24.76
CA SER C 165 -18.94 -48.57 -24.13
C SER C 165 -17.81 -48.48 -25.14
N THR C 166 -16.72 -47.79 -24.76
CA THR C 166 -15.56 -47.69 -25.65
C THR C 166 -14.94 -49.05 -25.89
N VAL C 167 -14.78 -49.85 -24.85
CA VAL C 167 -14.26 -51.20 -24.97
C VAL C 167 -15.40 -52.16 -25.29
N GLU C 168 -15.04 -53.36 -25.75
CA GLU C 168 -16.01 -54.39 -26.10
C GLU C 168 -16.14 -55.36 -24.94
N LEU C 169 -17.36 -55.54 -24.44
CA LEU C 169 -17.60 -56.43 -23.32
C LEU C 169 -17.82 -57.86 -23.81
N ASP C 170 -17.39 -58.81 -22.99
CA ASP C 170 -17.46 -60.22 -23.34
C ASP C 170 -18.79 -60.81 -22.83
N GLU C 171 -18.89 -62.15 -22.85
CA GLU C 171 -20.14 -62.82 -22.51
C GLU C 171 -20.53 -62.58 -21.06
N HIS C 172 -19.58 -62.78 -20.13
CA HIS C 172 -19.86 -62.71 -18.70
C HIS C 172 -19.21 -61.50 -18.05
N GLY C 173 -19.14 -60.39 -18.78
CA GLY C 173 -18.71 -59.13 -18.20
C GLY C 173 -17.25 -59.03 -17.81
N ASP C 174 -16.35 -59.08 -18.79
CA ASP C 174 -14.95 -58.82 -18.55
C ASP C 174 -14.31 -58.32 -19.85
N PHE C 175 -13.18 -57.63 -19.70
CA PHE C 175 -12.51 -56.99 -20.83
C PHE C 175 -11.01 -57.04 -20.61
N THR C 176 -10.27 -56.41 -21.51
CA THR C 176 -8.83 -56.34 -21.40
C THR C 176 -8.33 -55.13 -22.18
N VAL C 177 -7.28 -54.48 -21.65
CA VAL C 177 -6.63 -53.34 -22.29
C VAL C 177 -5.13 -53.49 -22.13
N TYR C 178 -4.38 -52.67 -22.87
CA TYR C 178 -2.92 -52.71 -22.82
C TYR C 178 -2.39 -51.30 -22.63
N ILE C 179 -1.80 -51.03 -21.46
CA ILE C 179 -1.20 -49.74 -21.18
C ILE C 179 0.25 -49.77 -21.63
N GLU C 180 0.63 -48.82 -22.49
CA GLU C 180 1.99 -48.73 -22.99
C GLU C 180 2.71 -47.67 -22.15
N ALA C 181 3.21 -48.10 -21.00
CA ALA C 181 3.88 -47.18 -20.08
C ALA C 181 5.28 -46.85 -20.58
N ALA C 182 5.60 -45.56 -20.56
CA ALA C 182 6.94 -45.07 -20.88
C ALA C 182 7.49 -44.35 -19.66
N ALA C 183 8.68 -44.75 -19.21
CA ALA C 183 9.29 -44.21 -18.01
C ALA C 183 10.32 -43.17 -18.42
N ASN C 184 9.97 -41.89 -18.26
CA ASN C 184 10.88 -40.81 -18.61
C ASN C 184 11.44 -40.20 -17.32
N PRO C 185 12.72 -40.38 -17.03
CA PRO C 185 13.28 -39.81 -15.81
C PRO C 185 13.33 -38.30 -15.86
N PHE C 186 13.25 -37.67 -14.68
CA PHE C 186 13.35 -36.23 -14.57
C PHE C 186 14.81 -35.81 -14.71
N VAL C 187 15.10 -35.01 -15.73
CA VAL C 187 16.48 -34.63 -16.03
C VAL C 187 17.07 -33.80 -14.89
N GLU C 188 16.29 -32.86 -14.36
CA GLU C 188 16.78 -31.98 -13.30
C GLU C 188 17.07 -32.78 -12.04
N GLY C 189 18.13 -32.39 -11.33
CA GLY C 189 18.59 -33.12 -10.17
C GLY C 189 18.05 -32.60 -8.86
N PRO C 190 18.79 -32.81 -7.77
CA PRO C 190 18.32 -32.39 -6.45
C PRO C 190 18.17 -30.88 -6.33
N THR C 191 19.25 -30.14 -6.61
CA THR C 191 19.15 -28.69 -6.60
C THR C 191 18.70 -28.18 -7.96
N PRO C 192 18.03 -27.04 -8.00
CA PRO C 192 17.59 -26.49 -9.30
C PRO C 192 18.77 -26.24 -10.23
N PHE C 193 18.62 -26.66 -11.48
CA PHE C 193 19.64 -26.48 -12.51
C PHE C 193 20.98 -27.06 -12.07
N SER C 194 20.98 -28.38 -11.84
CA SER C 194 22.16 -29.12 -11.43
C SER C 194 22.61 -30.08 -12.53
N PRO C 195 23.92 -30.35 -12.64
CA PRO C 195 24.39 -31.24 -13.69
C PRO C 195 24.07 -32.70 -13.37
N THR C 196 23.36 -33.35 -14.29
CA THR C 196 22.95 -34.74 -14.13
C THR C 196 23.33 -35.53 -15.38
N GLU C 197 23.84 -36.74 -15.16
CA GLU C 197 24.19 -37.64 -16.25
C GLU C 197 23.07 -38.64 -16.51
N LEU C 198 21.93 -38.11 -16.94
CA LEU C 198 20.75 -38.90 -17.22
C LEU C 198 20.41 -38.95 -18.70
N GLY C 199 20.32 -37.79 -19.36
CA GLY C 199 19.99 -37.73 -20.77
C GLY C 199 21.18 -37.93 -21.67
N GLU C 200 21.86 -39.08 -21.54
CA GLU C 200 23.00 -39.39 -22.39
C GLU C 200 22.74 -40.64 -23.21
N GLU C 201 22.26 -41.70 -22.56
CA GLU C 201 21.97 -42.95 -23.24
C GLU C 201 20.83 -43.69 -22.55
N ALA C 202 20.69 -44.97 -22.86
CA ALA C 202 19.56 -45.78 -22.41
C ALA C 202 20.04 -46.86 -21.44
N THR C 203 20.87 -46.45 -20.47
CA THR C 203 21.44 -47.38 -19.49
C THR C 203 20.36 -48.23 -18.85
N GLY C 204 20.58 -49.54 -18.83
CA GLY C 204 19.65 -50.47 -18.23
C GLY C 204 19.90 -50.69 -16.75
N THR C 205 19.77 -49.62 -15.97
CA THR C 205 19.98 -49.69 -14.52
C THR C 205 18.86 -48.92 -13.83
N CYS C 206 18.61 -49.28 -12.58
CA CYS C 206 17.57 -48.65 -11.79
C CYS C 206 18.09 -47.32 -11.25
N ASP C 207 17.64 -46.23 -11.85
CA ASP C 207 18.02 -44.88 -11.43
C ASP C 207 16.88 -44.14 -10.76
N PHE C 208 15.74 -44.01 -11.45
CA PHE C 208 14.55 -43.35 -10.91
C PHE C 208 13.35 -44.25 -11.15
N PRO C 209 13.22 -45.33 -10.37
CA PRO C 209 12.14 -46.29 -10.60
C PRO C 209 10.81 -45.77 -10.06
N TYR C 210 9.77 -45.83 -10.88
CA TYR C 210 8.44 -45.44 -10.45
C TYR C 210 7.77 -46.59 -9.71
N THR C 211 6.97 -46.23 -8.69
CA THR C 211 6.23 -47.21 -7.90
C THR C 211 4.76 -47.13 -8.28
N LEU C 212 4.17 -48.28 -8.63
CA LEU C 212 2.77 -48.33 -9.00
C LEU C 212 1.89 -48.06 -7.79
N SER C 213 0.65 -47.66 -8.05
CA SER C 213 -0.27 -47.23 -7.02
C SER C 213 -1.64 -47.82 -7.32
N ARG C 214 -2.67 -47.28 -6.67
CA ARG C 214 -4.02 -47.82 -6.80
C ARG C 214 -4.48 -47.80 -8.25
N MET C 215 -5.19 -48.86 -8.64
CA MET C 215 -5.73 -48.99 -9.99
C MET C 215 -6.95 -49.89 -9.91
N ASP C 216 -8.14 -49.31 -9.97
CA ASP C 216 -9.36 -50.06 -9.75
C ASP C 216 -10.52 -49.43 -10.51
N ILE C 217 -11.54 -50.23 -10.77
CA ILE C 217 -12.72 -49.78 -11.49
C ILE C 217 -13.56 -48.90 -10.57
N THR C 218 -13.95 -47.73 -11.05
CA THR C 218 -14.69 -46.76 -10.27
C THR C 218 -15.90 -46.26 -11.05
N ILE C 219 -16.89 -45.79 -10.31
CA ILE C 219 -18.08 -45.14 -10.86
C ILE C 219 -17.98 -43.65 -10.54
N PHE C 220 -18.53 -42.84 -11.44
CA PHE C 220 -18.36 -41.40 -11.40
C PHE C 220 -19.62 -40.73 -10.85
N ASN C 221 -19.43 -39.80 -9.92
CA ASN C 221 -20.52 -39.03 -9.34
C ASN C 221 -20.51 -37.63 -9.92
N GLU C 222 -21.64 -37.19 -10.45
CA GLU C 222 -21.74 -35.90 -11.14
C GLU C 222 -22.09 -34.76 -10.19
N ASP C 223 -23.07 -34.97 -9.31
CA ASP C 223 -23.48 -33.90 -8.40
C ASP C 223 -22.37 -33.50 -7.45
N VAL C 224 -21.62 -34.48 -6.94
CA VAL C 224 -20.50 -34.18 -6.04
C VAL C 224 -19.44 -33.36 -6.77
N PHE C 225 -19.12 -33.73 -8.02
CA PHE C 225 -18.14 -32.98 -8.79
C PHE C 225 -18.62 -31.56 -9.05
N ALA C 226 -19.90 -31.39 -9.38
CA ALA C 226 -20.44 -30.06 -9.63
C ALA C 226 -20.37 -29.20 -8.36
N TYR C 227 -20.72 -29.78 -7.21
CA TYR C 227 -20.64 -29.05 -5.95
C TYR C 227 -19.20 -28.68 -5.62
N ASP C 228 -18.26 -29.59 -5.86
CA ASP C 228 -16.85 -29.29 -5.63
C ASP C 228 -16.38 -28.15 -6.53
N MET C 229 -16.77 -28.18 -7.80
CA MET C 229 -16.37 -27.11 -8.71
C MET C 229 -16.97 -25.77 -8.31
N ASP C 230 -18.24 -25.77 -7.88
CA ASP C 230 -18.85 -24.53 -7.42
C ASP C 230 -18.14 -23.98 -6.19
N LEU C 231 -17.80 -24.86 -5.24
CA LEU C 231 -17.06 -24.41 -4.06
C LEU C 231 -15.70 -23.85 -4.46
N GLU C 232 -15.01 -24.51 -5.38
CA GLU C 232 -13.71 -24.02 -5.81
C GLU C 232 -13.83 -22.65 -6.46
N THR C 233 -14.82 -22.46 -7.34
CA THR C 233 -15.01 -21.17 -7.98
C THR C 233 -15.30 -20.08 -6.95
N VAL C 234 -16.21 -20.36 -6.01
CA VAL C 234 -16.56 -19.35 -5.02
C VAL C 234 -15.35 -19.00 -4.15
N SER C 235 -14.63 -20.02 -3.68
CA SER C 235 -13.49 -19.78 -2.79
C SER C 235 -12.39 -19.02 -3.51
N SER C 236 -12.13 -19.35 -4.79
CA SER C 236 -11.11 -18.63 -5.53
C SER C 236 -11.53 -17.20 -5.82
N LEU C 237 -12.83 -16.95 -6.02
CA LEU C 237 -13.28 -15.58 -6.23
C LEU C 237 -13.21 -14.76 -4.96
N ILE C 238 -13.43 -15.38 -3.79
CA ILE C 238 -13.36 -14.65 -2.52
C ILE C 238 -11.95 -14.17 -2.26
N ARG C 239 -10.94 -15.00 -2.54
CA ARG C 239 -9.57 -14.71 -2.12
C ARG C 239 -9.04 -13.43 -2.76
N GLU C 240 -9.28 -13.25 -4.06
CA GLU C 240 -8.67 -12.15 -4.81
C GLU C 240 -9.41 -10.83 -4.67
N LEU C 241 -10.64 -10.83 -4.15
CA LEU C 241 -11.39 -9.60 -4.05
C LEU C 241 -10.93 -8.78 -2.84
N LYS C 242 -11.25 -7.49 -2.88
CA LYS C 242 -10.87 -6.57 -1.81
C LYS C 242 -11.82 -6.73 -0.62
N ASP C 243 -11.52 -6.00 0.45
CA ASP C 243 -12.34 -6.01 1.65
C ASP C 243 -13.37 -4.88 1.67
N ASP C 244 -13.45 -4.08 0.61
CA ASP C 244 -14.37 -2.96 0.53
C ASP C 244 -15.40 -3.14 -0.58
N ASP C 245 -15.73 -4.40 -0.90
CA ASP C 245 -16.69 -4.71 -1.95
C ASP C 245 -17.77 -5.60 -1.37
N PRO C 246 -19.04 -5.25 -1.53
CA PRO C 246 -20.13 -6.11 -1.00
C PRO C 246 -20.13 -7.50 -1.61
N ARG C 247 -19.59 -7.67 -2.82
CA ARG C 247 -19.50 -9.01 -3.41
C ARG C 247 -18.66 -9.94 -2.55
N TYR C 248 -17.56 -9.43 -1.98
CA TYR C 248 -16.70 -10.23 -1.13
C TYR C 248 -17.47 -10.77 0.07
N TRP C 249 -18.17 -9.89 0.79
CA TRP C 249 -18.90 -10.30 1.98
C TRP C 249 -20.07 -11.21 1.62
N GLN C 250 -20.77 -10.93 0.52
CA GLN C 250 -21.88 -11.77 0.10
C GLN C 250 -21.39 -13.18 -0.25
N LEU C 251 -20.27 -13.28 -0.97
CA LEU C 251 -19.72 -14.58 -1.30
C LEU C 251 -19.27 -15.33 -0.05
N ALA C 252 -18.65 -14.62 0.90
CA ALA C 252 -18.23 -15.26 2.14
C ALA C 252 -19.43 -15.79 2.91
N LYS C 253 -20.50 -14.99 3.00
CA LYS C 253 -21.70 -15.44 3.71
C LYS C 253 -22.34 -16.64 3.01
N ALA C 254 -22.39 -16.61 1.68
CA ALA C 254 -22.95 -17.74 0.94
C ALA C 254 -22.12 -19.00 1.15
N LEU C 255 -20.80 -18.87 1.14
CA LEU C 255 -19.93 -20.03 1.38
C LEU C 255 -20.14 -20.58 2.79
N GLN C 256 -20.25 -19.69 3.78
CA GLN C 256 -20.48 -20.14 5.15
C GLN C 256 -21.82 -20.86 5.27
N ARG C 257 -22.86 -20.33 4.62
CA ARG C 257 -24.17 -20.96 4.67
C ARG C 257 -24.15 -22.33 3.99
N SER C 258 -23.48 -22.43 2.85
CA SER C 258 -23.44 -23.69 2.11
C SER C 258 -22.62 -24.75 2.85
N LEU C 259 -21.51 -24.34 3.47
CA LEU C 259 -20.62 -25.31 4.12
C LEU C 259 -21.24 -25.92 5.37
N ASN C 260 -22.26 -25.28 5.95
CA ASN C 260 -22.91 -25.79 7.15
C ASN C 260 -24.00 -26.82 6.84
N ILE C 261 -24.28 -27.08 5.57
CA ILE C 261 -25.29 -28.04 5.18
C ILE C 261 -24.69 -29.34 4.64
N TYR C 262 -23.60 -29.27 3.88
CA TYR C 262 -23.00 -30.46 3.31
C TYR C 262 -22.44 -31.37 4.39
N ASP C 263 -22.77 -32.65 4.31
CA ASP C 263 -22.29 -33.65 5.25
C ASP C 263 -21.80 -34.86 4.48
N GLU C 264 -20.60 -35.35 4.84
CA GLU C 264 -20.01 -36.48 4.15
C GLU C 264 -20.53 -37.82 4.62
N ARG C 265 -21.23 -37.87 5.76
CA ARG C 265 -21.80 -39.12 6.23
C ARG C 265 -23.02 -39.53 5.41
N ASP C 266 -23.66 -38.60 4.73
CA ASP C 266 -24.81 -38.90 3.88
C ASP C 266 -24.78 -37.95 2.69
N LEU C 267 -24.68 -38.51 1.49
CA LEU C 267 -24.46 -37.72 0.28
C LEU C 267 -25.75 -37.16 -0.32
N GLU C 268 -26.91 -37.46 0.26
CA GLU C 268 -28.16 -36.91 -0.25
C GLU C 268 -28.32 -35.42 0.06
N THR C 269 -27.44 -34.85 0.88
CA THR C 269 -27.50 -33.43 1.23
C THR C 269 -26.87 -32.54 0.17
N VAL C 270 -26.25 -33.11 -0.86
CA VAL C 270 -25.62 -32.30 -1.90
C VAL C 270 -26.63 -31.41 -2.63
N PRO C 271 -27.78 -31.90 -3.09
CA PRO C 271 -28.73 -30.99 -3.75
C PRO C 271 -29.22 -29.88 -2.85
N ALA C 272 -29.34 -30.12 -1.55
CA ALA C 272 -29.79 -29.07 -0.62
C ALA C 272 -28.71 -28.02 -0.37
N ALA C 273 -27.46 -28.31 -0.74
CA ALA C 273 -26.37 -27.36 -0.54
C ALA C 273 -26.00 -26.62 -1.81
N ARG C 274 -26.13 -27.25 -2.98
CA ARG C 274 -25.80 -26.58 -4.24
C ARG C 274 -26.77 -25.43 -4.50
N ALA C 275 -28.05 -25.61 -4.19
CA ALA C 275 -29.03 -24.56 -4.43
C ALA C 275 -28.74 -23.32 -3.59
N ALA C 276 -28.35 -23.52 -2.33
CA ALA C 276 -28.03 -22.38 -1.48
C ALA C 276 -26.82 -21.62 -2.00
N LEU C 277 -25.81 -22.32 -2.50
CA LEU C 277 -24.62 -21.68 -3.04
C LEU C 277 -24.87 -21.04 -4.41
N ALA C 278 -25.87 -21.52 -5.14
CA ALA C 278 -26.14 -21.02 -6.48
C ALA C 278 -26.87 -19.69 -6.50
N GLY C 279 -27.28 -19.18 -5.33
CA GLY C 279 -27.98 -17.91 -5.31
C GLY C 279 -27.11 -16.73 -5.70
N VAL C 280 -25.80 -16.85 -5.51
CA VAL C 280 -24.86 -15.80 -5.84
C VAL C 280 -23.98 -16.18 -7.03
N LEU C 281 -24.36 -17.23 -7.76
CA LEU C 281 -23.61 -17.68 -8.92
C LEU C 281 -24.38 -17.47 -10.22
N ALA C 282 -25.43 -16.64 -10.19
CA ALA C 282 -26.22 -16.36 -11.39
C ALA C 282 -26.39 -14.87 -11.63
N GLU C 283 -25.70 -14.02 -10.89
CA GLU C 283 -25.81 -12.57 -11.07
C GLU C 283 -24.94 -12.13 -12.24
N PRO C 284 -25.49 -11.44 -13.23
CA PRO C 284 -24.67 -11.01 -14.37
C PRO C 284 -23.56 -10.06 -13.93
N ALA C 285 -22.44 -10.14 -14.62
CA ALA C 285 -21.30 -9.29 -14.32
C ALA C 285 -21.55 -7.87 -14.81
N ALA C 286 -20.71 -6.94 -14.34
CA ALA C 286 -20.80 -5.57 -14.78
C ALA C 286 -20.50 -5.47 -16.27
N SER C 287 -21.22 -4.58 -16.96
CA SER C 287 -21.06 -4.45 -18.40
C SER C 287 -19.85 -3.59 -18.75
N SER C 288 -18.70 -3.90 -18.16
CA SER C 288 -17.46 -3.22 -18.48
C SER C 288 -16.27 -4.16 -18.52
N ALA C 289 -16.45 -5.46 -18.35
CA ALA C 289 -15.35 -6.41 -18.28
C ALA C 289 -14.83 -6.72 -19.68
N ILE C 290 -13.70 -7.42 -19.72
CA ILE C 290 -13.06 -7.82 -20.97
C ILE C 290 -13.67 -9.14 -21.43
N ASN C 291 -14.09 -9.18 -22.69
CA ASN C 291 -14.70 -10.38 -23.26
C ASN C 291 -13.59 -11.32 -23.71
N HIS C 292 -13.14 -12.17 -22.79
CA HIS C 292 -12.08 -13.11 -23.08
C HIS C 292 -12.59 -14.24 -23.97
N ILE C 293 -11.70 -14.77 -24.81
CA ILE C 293 -11.98 -15.95 -25.62
C ILE C 293 -10.99 -17.04 -25.23
N ALA C 294 -11.51 -18.20 -24.86
CA ALA C 294 -10.70 -19.29 -24.35
C ALA C 294 -10.40 -20.28 -25.47
N ILE C 295 -9.12 -20.64 -25.59
CA ILE C 295 -8.65 -21.58 -26.61
C ILE C 295 -7.90 -22.71 -25.92
N GLY C 296 -8.27 -23.94 -26.23
CA GLY C 296 -7.51 -25.09 -25.75
C GLY C 296 -6.23 -25.23 -26.54
N HIS C 297 -5.10 -25.27 -25.82
CA HIS C 297 -3.80 -25.32 -26.47
C HIS C 297 -2.82 -26.08 -25.58
N ALA C 298 -2.16 -27.08 -26.16
CA ALA C 298 -1.15 -27.87 -25.48
C ALA C 298 0.16 -27.73 -26.25
N HIS C 299 1.08 -26.90 -25.75
CA HIS C 299 2.36 -26.62 -26.46
C HIS C 299 3.22 -27.83 -26.31
N ILE C 300 3.49 -28.51 -27.40
CA ILE C 300 4.31 -29.72 -27.43
C ILE C 300 5.64 -29.35 -28.08
N ASP C 301 6.70 -29.48 -27.29
CA ASP C 301 8.04 -29.10 -27.80
C ASP C 301 8.60 -30.30 -28.53
N SER C 302 9.19 -30.09 -29.71
CA SER C 302 9.71 -31.19 -30.52
C SER C 302 10.84 -31.94 -29.80
N ALA C 303 11.75 -31.17 -29.20
CA ALA C 303 12.89 -31.86 -28.57
C ALA C 303 13.57 -31.04 -27.49
N TRP C 304 13.01 -31.02 -26.29
CA TRP C 304 13.68 -30.37 -25.14
C TRP C 304 13.56 -31.37 -24.02
N LEU C 305 14.64 -32.01 -23.61
CA LEU C 305 14.67 -33.01 -22.51
C LEU C 305 14.15 -34.37 -22.96
N TRP C 306 13.95 -34.57 -24.26
CA TRP C 306 13.50 -35.89 -24.76
C TRP C 306 13.91 -36.10 -26.24
N PRO C 307 14.20 -37.31 -26.79
CA PRO C 307 14.66 -37.42 -28.19
C PRO C 307 13.50 -37.21 -29.15
N VAL C 308 13.85 -37.20 -30.44
CA VAL C 308 12.85 -37.06 -31.49
C VAL C 308 11.95 -38.28 -31.61
N ARG C 309 12.30 -39.39 -30.96
CA ARG C 309 11.48 -40.59 -30.95
C ARG C 309 10.45 -40.60 -29.82
N GLU C 310 10.49 -39.61 -28.93
CA GLU C 310 9.52 -39.49 -27.85
C GLU C 310 8.48 -38.41 -28.09
N THR C 311 8.79 -37.40 -28.90
CA THR C 311 7.79 -36.38 -29.23
C THR C 311 6.64 -36.97 -30.02
N ARG C 312 6.87 -38.03 -30.80
CA ARG C 312 5.78 -38.71 -31.47
C ARG C 312 4.81 -39.32 -30.45
N ARG C 313 5.35 -39.98 -29.44
CA ARG C 313 4.52 -40.52 -28.37
C ARG C 313 3.77 -39.41 -27.65
N LYS C 314 4.46 -38.30 -27.37
CA LYS C 314 3.84 -37.20 -26.64
C LYS C 314 2.68 -36.59 -27.43
N VAL C 315 2.89 -36.36 -28.73
CA VAL C 315 1.82 -35.77 -29.54
C VAL C 315 0.67 -36.76 -29.72
N ALA C 316 0.98 -38.06 -29.82
CA ALA C 316 -0.08 -39.06 -29.88
C ALA C 316 -0.91 -39.05 -28.60
N ARG C 317 -0.24 -38.95 -27.44
CA ARG C 317 -0.96 -38.85 -26.17
C ARG C 317 -1.83 -37.62 -26.13
N THR C 318 -1.29 -36.48 -26.58
CA THR C 318 -2.05 -35.24 -26.57
C THR C 318 -3.30 -35.35 -27.45
N VAL C 319 -3.14 -35.88 -28.66
CA VAL C 319 -4.28 -35.99 -29.57
C VAL C 319 -5.31 -36.95 -29.01
N SER C 320 -4.87 -38.09 -28.46
CA SER C 320 -5.81 -39.04 -27.88
C SER C 320 -6.58 -38.42 -26.73
N ASN C 321 -5.89 -37.69 -25.85
CA ASN C 321 -6.56 -37.04 -24.73
C ASN C 321 -7.58 -36.01 -25.20
N VAL C 322 -7.19 -35.19 -26.18
CA VAL C 322 -8.10 -34.14 -26.67
C VAL C 322 -9.33 -34.77 -27.30
N LEU C 323 -9.14 -35.80 -28.14
CA LEU C 323 -10.28 -36.44 -28.78
C LEU C 323 -11.19 -37.13 -27.76
N ALA C 324 -10.59 -37.80 -26.76
CA ALA C 324 -11.40 -38.46 -25.75
C ALA C 324 -12.22 -37.45 -24.95
N LEU C 325 -11.62 -36.31 -24.59
CA LEU C 325 -12.36 -35.30 -23.86
C LEU C 325 -13.44 -34.67 -24.73
N MET C 326 -13.15 -34.44 -26.01
CA MET C 326 -14.11 -33.80 -26.90
C MET C 326 -15.24 -34.74 -27.30
N ASP C 327 -15.06 -36.05 -27.13
CA ASP C 327 -16.11 -37.00 -27.50
C ASP C 327 -17.38 -36.77 -26.69
N GLU C 328 -17.25 -36.46 -25.40
CA GLU C 328 -18.41 -36.34 -24.53
C GLU C 328 -18.86 -34.91 -24.29
N ASP C 329 -17.97 -33.93 -24.40
CA ASP C 329 -18.31 -32.55 -24.05
C ASP C 329 -18.44 -31.70 -25.31
N PRO C 330 -19.64 -31.26 -25.67
CA PRO C 330 -19.79 -30.34 -26.80
C PRO C 330 -19.33 -28.94 -26.42
N ASP C 331 -19.33 -28.06 -27.43
CA ASP C 331 -18.93 -26.66 -27.27
C ASP C 331 -17.51 -26.55 -26.74
N PHE C 332 -16.58 -27.22 -27.43
CA PHE C 332 -15.18 -27.25 -27.05
C PHE C 332 -14.32 -26.96 -28.26
N THR C 333 -13.17 -26.33 -28.03
CA THR C 333 -12.27 -25.95 -29.11
C THR C 333 -10.84 -26.31 -28.72
N TYR C 334 -10.01 -26.49 -29.75
CA TYR C 334 -8.60 -26.84 -29.55
C TYR C 334 -7.82 -26.40 -30.77
N ALA C 335 -6.50 -26.23 -30.58
CA ALA C 335 -5.61 -25.79 -31.65
C ALA C 335 -4.32 -26.58 -31.58
N MET C 336 -3.66 -26.71 -32.73
CA MET C 336 -2.39 -27.45 -32.79
C MET C 336 -1.62 -27.02 -34.02
N SER C 337 -0.44 -26.42 -33.82
CA SER C 337 0.45 -26.00 -34.88
C SER C 337 1.45 -27.12 -35.18
N SER C 338 2.54 -26.81 -35.89
CA SER C 338 3.65 -27.73 -36.13
C SER C 338 3.19 -28.96 -36.92
N ALA C 339 2.84 -28.71 -38.18
CA ALA C 339 2.40 -29.75 -39.10
C ALA C 339 3.34 -30.96 -39.15
N GLN C 340 4.58 -30.83 -38.67
CA GLN C 340 5.44 -31.99 -38.48
C GLN C 340 4.74 -33.05 -37.63
N GLN C 341 4.12 -32.62 -36.53
CA GLN C 341 3.39 -33.55 -35.68
C GLN C 341 2.17 -34.12 -36.40
N TYR C 342 1.51 -33.32 -37.24
CA TYR C 342 0.40 -33.83 -38.03
C TYR C 342 0.87 -34.96 -38.95
N ALA C 343 2.01 -34.76 -39.62
CA ALA C 343 2.54 -35.80 -40.50
C ALA C 343 2.91 -37.05 -39.73
N TRP C 344 3.55 -36.87 -38.56
CA TRP C 344 3.89 -38.03 -37.73
C TRP C 344 2.65 -38.79 -37.29
N LEU C 345 1.61 -38.07 -36.85
CA LEU C 345 0.38 -38.72 -36.43
C LEU C 345 -0.29 -39.45 -37.58
N GLU C 346 -0.30 -38.85 -38.76
CA GLU C 346 -0.87 -39.52 -39.93
C GLU C 346 -0.10 -40.78 -40.28
N GLU C 347 1.23 -40.71 -40.20
CA GLU C 347 2.05 -41.85 -40.60
C GLU C 347 1.94 -43.00 -39.60
N GLU C 348 1.91 -42.70 -38.31
CA GLU C 348 1.99 -43.72 -37.28
C GLU C 348 0.67 -44.03 -36.58
N HIS C 349 -0.40 -43.31 -36.91
CA HIS C 349 -1.71 -43.53 -36.28
C HIS C 349 -2.81 -43.17 -37.27
N PRO C 350 -3.14 -44.08 -38.19
CA PRO C 350 -4.21 -43.77 -39.16
C PRO C 350 -5.55 -43.48 -38.52
N ASP C 351 -5.92 -44.21 -37.47
CA ASP C 351 -7.23 -44.01 -36.85
C ASP C 351 -7.32 -42.65 -36.14
N LEU C 352 -6.25 -42.26 -35.43
CA LEU C 352 -6.24 -40.97 -34.76
C LEU C 352 -6.32 -39.84 -35.77
N PHE C 353 -5.58 -39.94 -36.87
CA PHE C 353 -5.64 -38.91 -37.91
C PHE C 353 -7.01 -38.85 -38.55
N ALA C 354 -7.63 -40.02 -38.80
CA ALA C 354 -8.97 -40.03 -39.37
C ALA C 354 -9.98 -39.36 -38.44
N ARG C 355 -9.91 -39.67 -37.15
CA ARG C 355 -10.82 -39.04 -36.19
C ARG C 355 -10.57 -37.54 -36.10
N MET C 356 -9.30 -37.12 -36.13
CA MET C 356 -8.99 -35.69 -36.10
C MET C 356 -9.55 -34.98 -37.32
N LYS C 357 -9.38 -35.58 -38.51
CA LYS C 357 -9.92 -34.97 -39.72
C LYS C 357 -11.44 -34.91 -39.70
N ARG C 358 -12.08 -35.95 -39.16
CA ARG C 358 -13.53 -35.95 -39.03
C ARG C 358 -13.98 -34.83 -38.09
N ARG C 359 -13.26 -34.62 -36.99
CA ARG C 359 -13.62 -33.56 -36.06
C ARG C 359 -13.32 -32.18 -36.63
N ILE C 360 -12.37 -32.09 -37.56
CA ILE C 360 -12.05 -30.81 -38.18
C ILE C 360 -13.23 -30.30 -39.00
N GLU C 361 -13.94 -31.20 -39.67
CA GLU C 361 -15.07 -30.81 -40.50
C GLU C 361 -16.13 -30.08 -39.68
N GLU C 362 -16.34 -30.50 -38.43
CA GLU C 362 -17.30 -29.80 -37.57
C GLU C 362 -16.84 -28.38 -37.28
N GLY C 363 -15.55 -28.19 -37.07
CA GLY C 363 -15.01 -26.87 -36.79
C GLY C 363 -14.68 -26.65 -35.33
N ARG C 364 -14.09 -27.66 -34.69
CA ARG C 364 -13.71 -27.56 -33.29
C ARG C 364 -12.28 -28.03 -33.05
N PHE C 365 -11.53 -28.32 -34.10
CA PHE C 365 -10.13 -28.75 -34.02
C PHE C 365 -9.29 -27.92 -34.98
N ILE C 366 -9.46 -26.60 -34.91
CA ILE C 366 -8.89 -25.66 -35.87
C ILE C 366 -7.37 -25.79 -35.93
N PRO C 367 -6.81 -26.18 -37.08
CA PRO C 367 -5.34 -26.19 -37.24
C PRO C 367 -4.84 -24.79 -37.53
N VAL C 368 -4.14 -24.21 -36.56
CA VAL C 368 -3.68 -22.83 -36.65
C VAL C 368 -2.15 -22.83 -36.70
N GLY C 369 -1.60 -21.97 -37.55
CA GLY C 369 -0.16 -21.86 -37.71
C GLY C 369 0.34 -22.55 -38.96
N GLY C 370 0.59 -21.77 -40.01
CA GLY C 370 1.00 -22.32 -41.29
C GLY C 370 2.45 -22.72 -41.39
N MET C 371 3.26 -22.46 -40.36
CA MET C 371 4.66 -22.83 -40.39
C MET C 371 4.80 -24.35 -40.29
N TRP C 372 5.88 -24.86 -40.89
CA TRP C 372 6.09 -26.30 -40.90
C TRP C 372 6.37 -26.83 -39.50
N VAL C 373 7.09 -26.05 -38.69
CA VAL C 373 7.32 -26.38 -37.30
C VAL C 373 7.64 -25.08 -36.57
N GLU C 374 7.36 -25.05 -35.26
CA GLU C 374 7.61 -23.84 -34.48
C GLU C 374 9.10 -23.64 -34.29
N SER C 375 9.73 -22.88 -35.19
CA SER C 375 11.17 -22.70 -35.18
C SER C 375 11.56 -21.38 -34.53
N ASP C 376 12.86 -21.15 -34.42
CA ASP C 376 13.36 -19.89 -33.92
C ASP C 376 13.30 -18.82 -35.00
N ASN C 377 13.60 -17.59 -34.59
CA ASN C 377 13.40 -16.43 -35.45
C ASN C 377 14.70 -15.67 -35.73
N MET C 378 15.48 -15.37 -34.68
CA MET C 378 16.65 -14.51 -34.85
C MET C 378 17.76 -15.22 -35.62
N ILE C 379 18.04 -16.47 -35.26
CA ILE C 379 19.16 -17.22 -35.84
C ILE C 379 18.88 -17.67 -37.27
N PRO C 380 17.77 -18.36 -37.57
CA PRO C 380 17.62 -18.94 -38.91
C PRO C 380 17.55 -17.88 -39.99
N SER C 381 18.07 -18.25 -41.17
CA SER C 381 18.01 -17.37 -42.33
C SER C 381 16.59 -17.25 -42.85
N GLY C 382 16.35 -16.19 -43.62
CA GLY C 382 15.02 -15.97 -44.17
C GLY C 382 14.59 -17.06 -45.13
N GLU C 383 15.54 -17.68 -45.83
CA GLU C 383 15.20 -18.76 -46.74
C GLU C 383 14.60 -19.95 -45.98
N SER C 384 15.15 -20.25 -44.80
CA SER C 384 14.56 -21.30 -43.97
C SER C 384 13.15 -20.94 -43.54
N LEU C 385 12.92 -19.67 -43.19
CA LEU C 385 11.59 -19.24 -42.77
C LEU C 385 10.58 -19.40 -43.90
N VAL C 386 10.94 -18.95 -45.10
CA VAL C 386 10.01 -19.08 -46.22
C VAL C 386 9.81 -20.54 -46.59
N ARG C 387 10.85 -21.37 -46.47
CA ARG C 387 10.69 -22.80 -46.70
C ARG C 387 9.69 -23.41 -45.73
N GLN C 388 9.80 -23.05 -44.45
CA GLN C 388 8.84 -23.53 -43.45
C GLN C 388 7.43 -23.09 -43.81
N ILE C 389 7.27 -21.81 -44.17
CA ILE C 389 5.94 -21.28 -44.47
C ILE C 389 5.33 -22.03 -45.65
N THR C 390 6.09 -22.17 -46.74
CA THR C 390 5.53 -22.79 -47.94
C THR C 390 5.26 -24.28 -47.71
N PHE C 391 6.17 -24.97 -47.01
CA PHE C 391 5.96 -26.40 -46.75
C PHE C 391 4.72 -26.62 -45.89
N GLY C 392 4.58 -25.85 -44.82
CA GLY C 392 3.41 -26.00 -43.96
C GLY C 392 2.12 -25.65 -44.66
N ARG C 393 2.12 -24.56 -45.45
CA ARG C 393 0.92 -24.17 -46.17
C ARG C 393 0.52 -25.22 -47.19
N ARG C 394 1.50 -25.76 -47.93
CA ARG C 394 1.18 -26.82 -48.90
C ARG C 394 0.65 -28.06 -48.20
N TYR C 395 1.27 -28.45 -47.09
CA TYR C 395 0.80 -29.62 -46.34
C TYR C 395 -0.63 -29.43 -45.87
N PHE C 396 -0.93 -28.27 -45.30
CA PHE C 396 -2.29 -28.00 -44.84
C PHE C 396 -3.27 -27.97 -46.00
N LYS C 397 -2.85 -27.44 -47.16
CA LYS C 397 -3.75 -27.31 -48.29
C LYS C 397 -4.10 -28.67 -48.89
N GLU C 398 -3.11 -29.55 -49.06
CA GLU C 398 -3.36 -30.77 -49.82
C GLU C 398 -3.44 -32.04 -49.00
N HIS C 399 -3.20 -31.99 -47.69
CA HIS C 399 -3.51 -33.13 -46.83
C HIS C 399 -4.75 -32.94 -45.98
N LEU C 400 -4.99 -31.72 -45.47
CA LEU C 400 -6.12 -31.47 -44.60
C LEU C 400 -7.21 -30.63 -45.24
N GLY C 401 -6.93 -29.99 -46.37
CA GLY C 401 -7.93 -29.16 -47.02
C GLY C 401 -8.36 -27.96 -46.22
N VAL C 402 -7.44 -27.36 -45.47
CA VAL C 402 -7.72 -26.18 -44.66
C VAL C 402 -6.59 -25.18 -44.86
N THR C 403 -6.93 -23.91 -45.03
CA THR C 403 -5.96 -22.86 -45.23
C THR C 403 -5.84 -22.01 -43.97
N PRO C 404 -4.65 -21.94 -43.36
CA PRO C 404 -4.48 -21.07 -42.20
C PRO C 404 -4.47 -19.60 -42.59
N ARG C 405 -4.78 -18.75 -41.59
CA ARG C 405 -4.84 -17.32 -41.81
C ARG C 405 -3.83 -16.52 -41.01
N GLY C 406 -3.11 -17.13 -40.08
CA GLY C 406 -2.17 -16.39 -39.26
C GLY C 406 -1.07 -17.26 -38.72
N ILE C 407 -0.02 -16.60 -38.26
CA ILE C 407 1.13 -17.28 -37.67
C ILE C 407 0.85 -17.57 -36.20
N TRP C 408 1.32 -18.74 -35.73
CA TRP C 408 1.09 -19.18 -34.35
C TRP C 408 2.44 -19.62 -33.78
N LEU C 409 3.11 -18.70 -33.08
CA LEU C 409 4.41 -18.96 -32.47
C LEU C 409 4.37 -18.51 -31.02
N PRO C 410 3.76 -19.31 -30.14
CA PRO C 410 3.66 -18.93 -28.72
C PRO C 410 4.90 -19.20 -27.89
N ASP C 411 6.01 -19.56 -28.50
CA ASP C 411 7.25 -19.77 -27.70
C ASP C 411 8.44 -19.61 -28.61
N SER C 412 9.09 -18.48 -28.56
CA SER C 412 10.28 -18.17 -29.35
C SER C 412 11.06 -17.08 -28.66
N PHE C 413 12.34 -16.96 -29.03
CA PHE C 413 13.25 -15.99 -28.42
C PHE C 413 13.58 -14.93 -29.47
N GLY C 414 12.94 -13.76 -29.33
CA GLY C 414 13.20 -12.66 -30.23
C GLY C 414 12.56 -12.83 -31.59
N TYR C 415 12.14 -11.73 -32.22
CA TYR C 415 11.49 -11.76 -33.51
C TYR C 415 12.15 -10.75 -34.44
N ALA C 416 12.54 -11.20 -35.62
CA ALA C 416 13.18 -10.33 -36.60
C ALA C 416 12.18 -9.33 -37.17
N GLY C 417 12.70 -8.21 -37.65
CA GLY C 417 11.85 -7.16 -38.20
C GLY C 417 11.27 -7.48 -39.55
N SER C 418 11.82 -8.46 -40.26
CA SER C 418 11.34 -8.81 -41.59
C SER C 418 10.11 -9.71 -41.56
N TRP C 419 9.69 -10.17 -40.38
CA TRP C 419 8.54 -11.08 -40.30
C TRP C 419 7.23 -10.49 -40.81
N PRO C 420 6.85 -9.24 -40.50
CA PRO C 420 5.56 -8.75 -41.04
C PRO C 420 5.48 -8.80 -42.56
N GLN C 421 6.56 -8.46 -43.26
CA GLN C 421 6.53 -8.46 -44.72
C GLN C 421 6.34 -9.87 -45.27
N ILE C 422 7.12 -10.83 -44.75
CA ILE C 422 7.00 -12.21 -45.22
C ILE C 422 5.63 -12.77 -44.90
N ALA C 423 5.12 -12.50 -43.69
CA ALA C 423 3.82 -13.01 -43.29
C ALA C 423 2.71 -12.44 -44.17
N ARG C 424 2.76 -11.14 -44.46
CA ARG C 424 1.73 -10.54 -45.29
C ARG C 424 1.82 -11.02 -46.73
N ARG C 425 3.04 -11.18 -47.26
CA ARG C 425 3.19 -11.67 -48.63
C ARG C 425 2.89 -13.16 -48.75
N ALA C 426 2.86 -13.89 -47.64
CA ALA C 426 2.53 -15.31 -47.64
C ALA C 426 1.03 -15.57 -47.50
N GLY C 427 0.22 -14.53 -47.32
CA GLY C 427 -1.21 -14.68 -47.21
C GLY C 427 -1.77 -14.55 -45.81
N PHE C 428 -0.92 -14.58 -44.79
CA PHE C 428 -1.40 -14.44 -43.42
C PHE C 428 -1.82 -13.01 -43.16
N ASP C 429 -2.75 -12.84 -42.19
CA ASP C 429 -3.26 -11.50 -41.90
C ASP C 429 -3.40 -11.22 -40.40
N TRP C 430 -2.80 -12.02 -39.53
CA TRP C 430 -2.66 -11.66 -38.13
C TRP C 430 -1.50 -12.45 -37.52
N PHE C 431 -1.07 -12.01 -36.33
CA PHE C 431 0.12 -12.53 -35.69
C PHE C 431 -0.14 -12.67 -34.19
N LEU C 432 0.35 -13.75 -33.60
CA LEU C 432 0.11 -14.03 -32.19
C LEU C 432 1.38 -14.57 -31.55
N THR C 433 1.87 -13.88 -30.53
CA THR C 433 3.03 -14.31 -29.75
C THR C 433 2.84 -13.89 -28.30
N GLN C 434 3.60 -14.54 -27.41
CA GLN C 434 3.47 -14.23 -25.98
C GLN C 434 4.80 -14.11 -25.23
N LYS C 435 5.92 -14.57 -25.79
CA LYS C 435 7.16 -14.62 -25.04
C LYS C 435 7.77 -13.24 -24.77
N ILE C 436 7.30 -12.20 -25.46
CA ILE C 436 7.85 -10.86 -25.27
C ILE C 436 7.62 -10.39 -23.84
N SER C 437 6.57 -10.88 -23.18
CA SER C 437 6.26 -10.46 -21.82
C SER C 437 7.25 -10.98 -20.79
N TRP C 438 8.15 -11.89 -21.18
CA TRP C 438 9.15 -12.44 -20.27
C TRP C 438 10.38 -11.55 -20.13
N ASN C 439 10.26 -10.25 -20.41
CA ASN C 439 11.39 -9.35 -20.32
C ASN C 439 11.86 -9.21 -18.87
N ASP C 440 13.05 -8.64 -18.71
CA ASP C 440 13.66 -8.47 -17.40
C ASP C 440 13.57 -7.04 -16.88
N THR C 441 13.64 -6.04 -17.77
CA THR C 441 13.69 -4.64 -17.36
C THR C 441 12.43 -3.88 -17.71
N THR C 442 12.00 -3.91 -18.97
CA THR C 442 10.90 -3.09 -19.43
C THR C 442 9.68 -3.94 -19.77
N LYS C 443 8.53 -3.27 -19.89
CA LYS C 443 7.27 -3.89 -20.25
C LYS C 443 6.82 -3.36 -21.60
N PHE C 444 6.27 -4.25 -22.43
CA PHE C 444 5.85 -3.86 -23.76
C PHE C 444 4.69 -2.87 -23.69
N PRO C 445 4.71 -1.81 -24.50
CA PRO C 445 3.65 -0.79 -24.41
C PRO C 445 2.25 -1.31 -24.71
N HIS C 446 2.10 -2.29 -25.59
CA HIS C 446 0.79 -2.72 -26.05
C HIS C 446 0.68 -4.24 -26.01
N HIS C 447 -0.60 -4.66 -26.06
CA HIS C 447 -0.95 -6.08 -26.03
C HIS C 447 -1.79 -6.38 -27.26
N SER C 448 -2.13 -5.39 -28.07
CA SER C 448 -2.83 -5.58 -29.34
C SER C 448 -2.58 -4.33 -30.18
N PHE C 449 -1.85 -4.48 -31.28
CA PHE C 449 -1.39 -3.33 -32.03
C PHE C 449 -1.14 -3.74 -33.48
N MET C 450 -0.55 -2.82 -34.24
CA MET C 450 -0.12 -3.07 -35.62
C MET C 450 1.40 -3.08 -35.62
N TRP C 451 1.98 -4.26 -35.82
CA TRP C 451 3.42 -4.39 -35.94
C TRP C 451 3.84 -4.02 -37.35
N GLU C 452 4.68 -2.99 -37.47
CA GLU C 452 5.12 -2.51 -38.77
C GLU C 452 6.46 -3.12 -39.11
N GLY C 453 6.56 -3.70 -40.29
CA GLY C 453 7.80 -4.30 -40.75
C GLY C 453 8.85 -3.23 -41.05
N ILE C 454 10.01 -3.71 -41.48
CA ILE C 454 11.11 -2.79 -41.78
C ILE C 454 10.76 -1.92 -42.98
N ASP C 455 10.04 -2.47 -43.96
CA ASP C 455 9.75 -1.71 -45.17
C ASP C 455 8.57 -0.77 -45.00
N GLY C 456 7.36 -1.32 -45.01
CA GLY C 456 6.17 -0.56 -44.67
C GLY C 456 5.06 -1.45 -44.13
N THR C 457 5.37 -2.73 -43.95
CA THR C 457 4.33 -3.75 -43.84
C THR C 457 3.75 -3.76 -42.43
N ARG C 458 2.45 -3.57 -42.33
CA ARG C 458 1.74 -3.59 -41.06
C ARG C 458 0.94 -4.88 -40.95
N ILE C 459 1.09 -5.57 -39.82
CA ILE C 459 0.39 -6.81 -39.55
C ILE C 459 -0.23 -6.72 -38.15
N LEU C 460 -1.47 -7.17 -38.02
CA LEU C 460 -2.13 -7.15 -36.73
C LEU C 460 -1.46 -8.14 -35.79
N THR C 461 -1.13 -7.67 -34.58
CA THR C 461 -0.46 -8.51 -33.59
C THR C 461 -1.19 -8.39 -32.27
N HIS C 462 -1.38 -9.54 -31.61
CA HIS C 462 -2.06 -9.59 -30.32
C HIS C 462 -1.27 -10.46 -29.35
N PHE C 463 -1.23 -10.04 -28.10
CA PHE C 463 -0.56 -10.79 -27.04
C PHE C 463 -1.58 -11.33 -26.04
N PRO C 464 -1.36 -12.52 -25.49
CA PRO C 464 -2.22 -13.01 -24.42
C PRO C 464 -1.91 -12.29 -23.12
N PRO C 465 -2.90 -11.58 -22.56
CA PRO C 465 -2.62 -10.81 -21.33
C PRO C 465 -2.17 -11.66 -20.16
N SER C 466 -2.63 -12.91 -20.06
CA SER C 466 -2.20 -13.78 -18.96
C SER C 466 -0.72 -14.11 -19.04
N ASP C 467 -0.09 -13.89 -20.19
CA ASP C 467 1.36 -14.06 -20.36
C ASP C 467 1.79 -15.50 -20.10
N THR C 468 0.92 -16.46 -20.46
CA THR C 468 1.23 -17.87 -20.28
C THR C 468 0.45 -18.67 -21.31
N TYR C 469 1.14 -19.59 -21.98
CA TYR C 469 0.50 -20.48 -22.95
C TYR C 469 0.03 -21.78 -22.32
N CYS C 470 0.35 -22.03 -21.05
CA CYS C 470 -0.05 -23.24 -20.34
C CYS C 470 -0.69 -22.79 -19.02
N SER C 471 -1.99 -22.53 -19.07
CA SER C 471 -2.72 -21.98 -17.93
C SER C 471 -3.68 -23.03 -17.38
N SER C 472 -3.84 -23.04 -16.05
CA SER C 472 -4.77 -23.93 -15.38
C SER C 472 -6.16 -23.34 -15.25
N MET C 473 -6.41 -22.19 -15.88
CA MET C 473 -7.70 -21.49 -15.81
C MET C 473 -8.07 -21.12 -14.38
N SER C 474 -7.08 -20.81 -13.55
CA SER C 474 -7.35 -20.31 -12.22
C SER C 474 -7.94 -18.90 -12.30
N MET C 475 -8.86 -18.61 -11.38
CA MET C 475 -9.50 -17.30 -11.37
C MET C 475 -8.50 -16.18 -11.12
N ARG C 476 -7.45 -16.47 -10.33
CA ARG C 476 -6.39 -15.50 -10.12
C ARG C 476 -5.76 -15.10 -11.45
N GLU C 477 -5.42 -16.09 -12.29
CA GLU C 477 -4.90 -15.79 -13.61
C GLU C 477 -5.94 -15.10 -14.47
N LEU C 478 -7.22 -15.47 -14.30
CA LEU C 478 -8.28 -14.89 -15.12
C LEU C 478 -8.38 -13.38 -14.90
N MET C 479 -8.31 -12.93 -13.64
CA MET C 479 -8.33 -11.49 -13.41
C MET C 479 -6.95 -10.85 -13.55
N TYR C 480 -5.87 -11.62 -13.45
CA TYR C 480 -4.55 -11.05 -13.73
C TYR C 480 -4.43 -10.69 -15.21
N SER C 481 -5.05 -11.46 -16.09
CA SER C 481 -5.07 -11.10 -17.50
C SER C 481 -5.77 -9.76 -17.71
N GLN C 482 -6.90 -9.55 -17.04
CA GLN C 482 -7.61 -8.27 -17.17
C GLN C 482 -6.81 -7.14 -16.57
N ARG C 483 -6.15 -7.37 -15.42
CA ARG C 483 -5.40 -6.32 -14.75
C ARG C 483 -4.15 -5.93 -15.54
N ASN C 484 -3.50 -6.88 -16.21
CA ASN C 484 -2.27 -6.63 -16.93
C ASN C 484 -2.51 -6.12 -18.36
N PHE C 485 -3.75 -5.94 -18.76
CA PHE C 485 -4.08 -5.49 -20.12
C PHE C 485 -3.80 -4.00 -20.24
N LEU C 486 -2.77 -3.64 -21.01
CA LEU C 486 -2.45 -2.23 -21.21
C LEU C 486 -3.47 -1.55 -22.11
N ASP C 487 -3.90 -2.23 -23.17
CA ASP C 487 -4.86 -1.65 -24.12
C ASP C 487 -6.30 -1.83 -23.65
N LYS C 488 -6.58 -1.38 -22.44
CA LYS C 488 -7.91 -1.55 -21.85
C LYS C 488 -8.90 -0.47 -22.28
N ASP C 489 -8.46 0.55 -23.01
CA ASP C 489 -9.33 1.68 -23.30
C ASP C 489 -10.03 1.59 -24.65
N LEU C 490 -9.54 0.75 -25.58
CA LEU C 490 -10.13 0.71 -26.91
C LEU C 490 -10.24 -0.70 -27.48
N SER C 491 -10.01 -1.75 -26.69
CA SER C 491 -10.02 -3.12 -27.22
C SER C 491 -11.19 -3.94 -26.68
N ARG C 492 -11.30 -4.08 -25.36
CA ARG C 492 -12.35 -4.88 -24.73
C ARG C 492 -12.39 -6.31 -25.28
N ASN C 493 -11.22 -6.85 -25.62
CA ASN C 493 -11.14 -8.21 -26.17
C ASN C 493 -9.76 -8.77 -25.87
N ALA C 494 -9.72 -10.06 -25.52
CA ALA C 494 -8.46 -10.70 -25.18
C ALA C 494 -8.58 -12.19 -25.40
N ILE C 495 -7.42 -12.84 -25.56
CA ILE C 495 -7.34 -14.28 -25.78
C ILE C 495 -6.75 -14.91 -24.52
N LEU C 496 -7.11 -16.18 -24.30
CA LEU C 496 -6.61 -16.92 -23.15
C LEU C 496 -6.46 -18.38 -23.54
N LEU C 497 -5.22 -18.87 -23.56
CA LEU C 497 -4.94 -20.26 -23.89
C LEU C 497 -4.88 -21.07 -22.60
N TYR C 498 -5.65 -22.15 -22.55
CA TYR C 498 -5.70 -23.01 -21.37
C TYR C 498 -5.37 -24.45 -21.76
N GLY C 499 -4.77 -25.17 -20.81
CA GLY C 499 -4.33 -26.52 -21.04
C GLY C 499 -2.89 -26.72 -20.64
N PHE C 500 -2.63 -27.80 -19.91
CA PHE C 500 -1.27 -28.03 -19.38
C PHE C 500 -0.41 -28.31 -20.58
N GLY C 501 0.68 -27.57 -20.72
CA GLY C 501 1.49 -27.71 -21.94
C GLY C 501 2.96 -27.83 -21.60
N ASP C 502 3.78 -26.99 -22.17
CA ASP C 502 5.25 -26.97 -21.96
C ASP C 502 5.82 -28.38 -22.18
N GLY C 503 5.17 -29.19 -23.02
CA GLY C 503 5.75 -30.50 -23.27
C GLY C 503 4.81 -31.58 -22.84
N GLY C 504 3.59 -31.50 -23.30
CA GLY C 504 2.66 -32.60 -23.03
C GLY C 504 1.44 -32.15 -22.27
N GLY C 505 0.37 -32.93 -22.37
CA GLY C 505 -0.79 -32.63 -21.53
C GLY C 505 -2.01 -32.33 -22.35
N GLY C 506 -2.60 -31.18 -22.07
CA GLY C 506 -3.77 -30.78 -22.83
C GLY C 506 -4.95 -30.50 -21.93
N PRO C 507 -6.09 -29.94 -22.38
CA PRO C 507 -7.20 -29.57 -21.50
C PRO C 507 -7.80 -30.77 -20.79
N THR C 508 -8.30 -30.53 -19.59
CA THR C 508 -8.95 -31.53 -18.77
C THR C 508 -10.38 -31.09 -18.46
N ARG C 509 -11.05 -31.88 -17.60
CA ARG C 509 -12.43 -31.57 -17.26
C ARG C 509 -12.54 -30.35 -16.35
N GLU C 510 -11.51 -30.08 -15.54
CA GLU C 510 -11.60 -29.00 -14.57
C GLU C 510 -11.71 -27.63 -15.24
N MET C 511 -10.82 -27.35 -16.20
CA MET C 511 -10.86 -26.04 -16.84
C MET C 511 -12.07 -25.89 -17.76
N THR C 512 -12.48 -26.96 -18.45
CA THR C 512 -13.67 -26.87 -19.27
C THR C 512 -14.93 -26.76 -18.44
N ALA C 513 -14.89 -27.13 -17.16
CA ALA C 513 -15.98 -26.84 -16.24
C ALA C 513 -15.90 -25.40 -15.73
N ARG C 514 -14.69 -24.91 -15.44
CA ARG C 514 -14.53 -23.54 -14.98
C ARG C 514 -15.01 -22.54 -16.03
N ILE C 515 -14.71 -22.81 -17.31
CA ILE C 515 -15.14 -21.92 -18.37
C ILE C 515 -16.66 -21.81 -18.40
N ARG C 516 -17.35 -22.94 -18.30
CA ARG C 516 -18.81 -22.92 -18.30
C ARG C 516 -19.36 -22.25 -17.04
N ARG C 517 -18.71 -22.44 -15.90
CA ARG C 517 -19.18 -21.79 -14.67
C ARG C 517 -18.97 -20.28 -14.73
N ASP C 518 -17.97 -19.81 -15.48
CA ASP C 518 -17.62 -18.39 -15.52
C ASP C 518 -18.08 -17.72 -16.81
N HIS C 519 -19.26 -18.08 -17.31
CA HIS C 519 -19.77 -17.43 -18.51
C HIS C 519 -20.04 -15.95 -18.27
N ASP C 520 -20.82 -15.63 -17.24
CA ASP C 520 -21.14 -14.25 -16.90
C ASP C 520 -21.14 -14.05 -15.39
N LEU C 521 -20.14 -14.60 -14.72
CA LEU C 521 -20.08 -14.50 -13.26
C LEU C 521 -19.73 -13.08 -12.85
N ALA C 522 -20.48 -12.55 -11.88
CA ALA C 522 -20.24 -11.19 -11.42
C ALA C 522 -18.92 -11.10 -10.67
N GLY C 523 -18.19 -10.00 -10.90
CA GLY C 523 -16.90 -9.79 -10.30
C GLY C 523 -15.73 -10.36 -11.07
N ALA C 524 -15.98 -11.08 -12.16
CA ALA C 524 -14.94 -11.67 -12.98
C ALA C 524 -15.17 -11.35 -14.44
N PRO C 525 -14.11 -11.29 -15.24
CA PRO C 525 -14.29 -11.02 -16.67
C PRO C 525 -15.07 -12.13 -17.36
N LYS C 526 -15.83 -11.74 -18.38
CA LYS C 526 -16.63 -12.69 -19.14
C LYS C 526 -15.74 -13.47 -20.09
N ILE C 527 -15.89 -14.80 -20.09
CA ILE C 527 -15.09 -15.67 -20.94
C ILE C 527 -16.01 -16.72 -21.56
N ASP C 528 -15.81 -16.97 -22.86
CA ASP C 528 -16.57 -17.95 -23.61
C ASP C 528 -15.63 -18.70 -24.54
N PHE C 529 -16.14 -19.79 -25.11
CA PHE C 529 -15.39 -20.52 -26.13
C PHE C 529 -15.41 -19.75 -27.45
N GLY C 530 -14.49 -20.11 -28.33
CA GLY C 530 -14.42 -19.43 -29.62
C GLY C 530 -13.26 -19.95 -30.44
N THR C 531 -12.95 -19.20 -31.50
CA THR C 531 -11.87 -19.50 -32.42
C THR C 531 -10.98 -18.29 -32.58
N PRO C 532 -9.69 -18.48 -32.89
CA PRO C 532 -8.80 -17.33 -33.05
C PRO C 532 -9.25 -16.36 -34.13
N ASP C 533 -9.82 -16.86 -35.23
CA ASP C 533 -10.24 -15.98 -36.31
C ASP C 533 -11.31 -15.00 -35.86
N GLN C 534 -12.27 -15.47 -35.06
CA GLN C 534 -13.31 -14.59 -34.53
C GLN C 534 -12.72 -13.51 -33.65
N LEU C 535 -11.79 -13.87 -32.78
CA LEU C 535 -11.16 -12.89 -31.91
C LEU C 535 -10.38 -11.87 -32.71
N PHE C 536 -9.65 -12.31 -33.74
CA PHE C 536 -8.85 -11.36 -34.51
C PHE C 536 -9.74 -10.46 -35.36
N ASP C 537 -10.87 -10.96 -35.85
CA ASP C 537 -11.84 -10.09 -36.51
C ASP C 537 -12.39 -9.06 -35.53
N ARG C 538 -12.68 -9.49 -34.30
CA ARG C 538 -13.14 -8.54 -33.28
C ARG C 538 -12.09 -7.47 -33.01
N VAL C 539 -10.82 -7.87 -32.92
CA VAL C 539 -9.74 -6.91 -32.67
C VAL C 539 -9.62 -5.94 -33.85
N ARG C 540 -9.72 -6.45 -35.07
CA ARG C 540 -9.67 -5.59 -36.25
C ARG C 540 -10.81 -4.58 -36.23
N LYS C 541 -12.01 -5.02 -35.87
CA LYS C 541 -13.13 -4.09 -35.77
C LYS C 541 -12.91 -3.07 -34.67
N ASP C 542 -12.32 -3.47 -33.55
CA ASP C 542 -12.19 -2.58 -32.40
C ASP C 542 -11.10 -1.54 -32.58
N ILE C 543 -9.94 -1.91 -33.13
CA ILE C 543 -8.77 -1.05 -33.09
C ILE C 543 -8.34 -0.57 -34.47
N VAL C 544 -9.09 -0.89 -35.51
CA VAL C 544 -8.72 -0.44 -36.86
C VAL C 544 -9.87 0.33 -37.50
N ASP C 545 -11.04 -0.29 -37.58
CA ASP C 545 -12.19 0.30 -38.24
C ASP C 545 -13.02 1.20 -37.32
N ASP C 546 -12.67 1.31 -36.04
CA ASP C 546 -13.44 2.12 -35.10
C ASP C 546 -12.64 3.27 -34.52
N ALA C 547 -11.33 3.08 -34.29
CA ALA C 547 -10.52 4.15 -33.74
C ALA C 547 -10.42 5.33 -34.71
N ARG C 548 -10.21 5.04 -35.99
CA ARG C 548 -10.11 6.05 -37.04
C ARG C 548 -9.01 7.06 -36.72
N GLY C 549 -7.78 6.56 -36.62
CA GLY C 549 -6.61 7.38 -36.35
C GLY C 549 -5.96 7.13 -35.01
N GLU C 550 -6.53 6.26 -34.17
CA GLU C 550 -5.96 5.94 -32.87
C GLU C 550 -5.43 4.51 -32.82
N THR C 551 -5.05 3.97 -33.98
CA THR C 551 -4.56 2.59 -34.04
C THR C 551 -3.14 2.52 -33.49
N PRO C 552 -2.89 1.70 -32.47
CA PRO C 552 -1.51 1.55 -31.97
C PRO C 552 -0.62 0.93 -33.04
N VAL C 553 0.60 1.44 -33.14
CA VAL C 553 1.58 0.98 -34.11
C VAL C 553 2.93 0.82 -33.42
N PHE C 554 3.62 -0.28 -33.72
CA PHE C 554 4.93 -0.56 -33.18
C PHE C 554 5.88 -0.85 -34.33
N HIS C 555 6.86 0.02 -34.53
CA HIS C 555 7.79 -0.08 -35.65
C HIS C 555 9.14 -0.61 -35.17
N GLY C 556 9.75 -1.47 -35.98
CA GLY C 556 11.04 -2.03 -35.66
C GLY C 556 11.02 -3.54 -35.54
N GLU C 557 11.67 -4.07 -34.50
CA GLU C 557 11.74 -5.51 -34.27
C GLU C 557 11.41 -5.82 -32.82
N LEU C 558 10.79 -6.97 -32.61
CA LEU C 558 10.45 -7.44 -31.27
C LEU C 558 11.67 -8.15 -30.69
N TYR C 559 12.29 -7.57 -29.67
CA TYR C 559 13.52 -8.09 -29.09
C TYR C 559 13.22 -8.55 -27.67
N LEU C 560 13.36 -9.86 -27.43
CA LEU C 560 13.23 -10.40 -26.08
C LEU C 560 14.42 -9.96 -25.23
N GLU C 561 14.13 -9.58 -23.99
CA GLU C 561 15.16 -9.09 -23.06
C GLU C 561 15.62 -10.17 -22.09
N LEU C 562 15.30 -11.42 -22.34
CA LEU C 562 15.74 -12.54 -21.52
C LEU C 562 16.71 -13.41 -22.31
N HIS C 563 17.29 -14.39 -21.62
CA HIS C 563 18.24 -15.34 -22.20
C HIS C 563 19.47 -14.62 -22.74
N ARG C 564 19.50 -14.37 -24.05
CA ARG C 564 20.56 -13.69 -24.79
C ARG C 564 21.85 -14.52 -24.87
N GLY C 565 21.92 -15.68 -24.22
CA GLY C 565 23.09 -16.51 -24.31
C GLY C 565 22.91 -17.64 -25.31
N THR C 566 21.68 -17.78 -25.82
CA THR C 566 21.39 -18.83 -26.78
C THR C 566 22.04 -18.58 -28.13
N LEU C 567 22.42 -17.34 -28.43
CA LEU C 567 22.96 -17.01 -29.75
C LEU C 567 24.35 -17.61 -29.96
N THR C 568 25.08 -17.95 -28.90
CA THR C 568 26.42 -18.50 -29.01
C THR C 568 26.59 -19.74 -28.15
N ALA C 569 25.53 -20.56 -28.04
CA ALA C 569 25.58 -21.82 -27.33
C ALA C 569 25.47 -22.96 -28.33
N GLN C 570 26.34 -23.97 -28.19
CA GLN C 570 26.44 -25.09 -29.12
C GLN C 570 26.70 -24.58 -30.54
N GLN C 571 27.87 -23.98 -30.69
CA GLN C 571 28.24 -23.32 -31.95
C GLN C 571 28.25 -24.29 -33.12
N ASP C 572 28.48 -25.57 -32.86
CA ASP C 572 28.53 -26.55 -33.94
C ASP C 572 27.21 -26.59 -34.70
N MET C 573 26.08 -26.49 -33.99
CA MET C 573 24.78 -26.53 -34.64
C MET C 573 24.60 -25.37 -35.61
N LYS C 574 24.90 -24.15 -35.17
CA LYS C 574 24.73 -22.99 -36.03
C LYS C 574 25.71 -23.01 -37.20
N ARG C 575 26.96 -23.41 -36.95
CA ARG C 575 27.92 -23.55 -38.02
C ARG C 575 27.43 -24.53 -39.08
N GLY C 576 27.01 -25.72 -38.65
CA GLY C 576 26.50 -26.70 -39.59
C GLY C 576 25.28 -26.20 -40.34
N CYS C 577 24.41 -25.47 -39.64
CA CYS C 577 23.21 -24.93 -40.28
C CYS C 577 23.56 -23.96 -41.40
N ARG C 578 24.51 -23.05 -41.14
CA ARG C 578 24.95 -22.14 -42.18
C ARG C 578 25.57 -22.88 -43.35
N GLN C 579 26.41 -23.89 -43.05
CA GLN C 579 27.03 -24.66 -44.12
C GLN C 579 26.00 -25.35 -44.99
N GLU C 580 24.97 -25.96 -44.38
CA GLU C 580 24.00 -26.66 -45.19
C GLU C 580 23.07 -25.69 -45.91
N GLU C 581 22.84 -24.50 -45.35
CA GLU C 581 22.06 -23.51 -46.08
C GLU C 581 22.77 -23.11 -47.37
N SER C 582 24.08 -22.85 -47.28
CA SER C 582 24.84 -22.58 -48.49
C SER C 582 24.85 -23.78 -49.43
N MET C 583 24.94 -24.99 -48.86
CA MET C 583 24.92 -26.21 -49.66
C MET C 583 23.62 -26.33 -50.44
N LEU C 584 22.48 -26.11 -49.77
CA LEU C 584 21.19 -26.15 -50.45
C LEU C 584 21.11 -25.10 -51.54
N ARG C 585 21.57 -23.88 -51.28
CA ARG C 585 21.54 -22.86 -52.31
C ARG C 585 22.30 -23.31 -53.56
N VAL C 586 23.54 -23.74 -53.38
CA VAL C 586 24.37 -24.11 -54.52
C VAL C 586 23.79 -25.32 -55.23
N VAL C 587 23.35 -26.33 -54.48
CA VAL C 587 22.87 -27.57 -55.09
C VAL C 587 21.55 -27.32 -55.83
N GLU C 588 20.69 -26.45 -55.30
CA GLU C 588 19.45 -26.13 -55.99
C GLU C 588 19.73 -25.38 -57.28
N TYR C 589 20.68 -24.44 -57.26
CA TYR C 589 21.05 -23.76 -58.49
C TYR C 589 21.59 -24.74 -59.52
N LEU C 590 22.47 -25.65 -59.09
CA LEU C 590 23.05 -26.63 -60.01
C LEU C 590 21.99 -27.57 -60.57
N CYS C 591 21.05 -28.00 -59.73
CA CYS C 591 19.98 -28.88 -60.19
C CYS C 591 19.08 -28.16 -61.18
N ALA C 592 18.77 -26.89 -60.94
CA ALA C 592 17.97 -26.13 -61.90
C ALA C 592 18.69 -26.00 -63.23
N VAL C 593 20.00 -25.72 -63.19
CA VAL C 593 20.76 -25.63 -64.43
C VAL C 593 20.76 -26.96 -65.17
N ALA C 594 20.96 -28.06 -64.44
CA ALA C 594 20.97 -29.38 -65.07
C ALA C 594 19.61 -29.70 -65.70
N SER C 595 18.52 -29.38 -65.01
CA SER C 595 17.20 -29.65 -65.55
C SER C 595 16.91 -28.79 -66.78
N ILE C 596 17.35 -27.54 -66.77
CA ILE C 596 17.05 -26.64 -67.88
C ILE C 596 18.00 -26.79 -69.06
N LYS C 597 19.14 -27.45 -68.87
CA LYS C 597 20.12 -27.59 -69.95
C LYS C 597 19.80 -28.76 -70.88
N ASN C 598 19.71 -29.96 -70.33
CA ASN C 598 19.47 -31.12 -71.18
C ASN C 598 18.25 -31.90 -70.71
N PRO C 599 17.43 -32.41 -71.62
CA PRO C 599 16.27 -33.21 -71.22
C PRO C 599 16.68 -34.59 -70.74
N GLY C 600 15.76 -35.24 -70.04
CA GLY C 600 15.97 -36.57 -69.51
C GLY C 600 16.57 -36.60 -68.12
N TYR C 601 16.97 -35.46 -67.57
CA TYR C 601 17.50 -35.39 -66.22
C TYR C 601 16.35 -35.18 -65.25
N VAL C 602 15.98 -36.22 -64.51
CA VAL C 602 14.90 -36.12 -63.55
C VAL C 602 15.33 -35.23 -62.39
N TYR C 603 14.44 -34.33 -61.99
CA TYR C 603 14.76 -33.43 -60.88
C TYR C 603 14.79 -34.22 -59.58
N PRO C 604 15.88 -34.15 -58.80
CA PRO C 604 15.93 -34.89 -57.54
C PRO C 604 15.00 -34.32 -56.49
N ARG C 605 13.69 -34.33 -56.77
CA ARG C 605 12.73 -33.75 -55.85
C ARG C 605 12.67 -34.51 -54.52
N GLU C 606 12.72 -35.84 -54.59
CA GLU C 606 12.52 -36.65 -53.39
C GLU C 606 13.62 -36.41 -52.35
N GLU C 607 14.88 -36.63 -52.74
CA GLU C 607 15.98 -36.45 -51.81
C GLU C 607 16.10 -35.00 -51.36
N LEU C 608 15.74 -34.05 -52.22
CA LEU C 608 15.78 -32.64 -51.82
C LEU C 608 14.79 -32.38 -50.69
N ASP C 609 13.56 -32.88 -50.82
CA ASP C 609 12.60 -32.70 -49.73
C ASP C 609 12.89 -33.59 -48.54
N ARG C 610 13.74 -34.60 -48.69
CA ARG C 610 14.20 -35.37 -47.53
C ARG C 610 15.27 -34.60 -46.76
N ILE C 611 16.15 -33.89 -47.47
CA ILE C 611 17.09 -32.99 -46.80
C ILE C 611 16.33 -31.86 -46.12
N TRP C 612 15.36 -31.28 -46.81
CA TRP C 612 14.36 -30.44 -46.17
C TRP C 612 13.49 -31.31 -45.26
N LYS C 613 12.72 -30.65 -44.39
CA LYS C 613 11.88 -31.29 -43.37
C LYS C 613 12.73 -31.99 -42.32
N THR C 614 14.05 -32.06 -42.52
CA THR C 614 15.02 -32.52 -41.52
C THR C 614 15.97 -31.41 -41.12
N LEU C 615 16.55 -30.71 -42.10
CA LEU C 615 17.21 -29.44 -41.79
C LEU C 615 16.25 -28.50 -41.10
N LEU C 616 15.00 -28.44 -41.58
CA LEU C 616 14.04 -27.50 -41.01
C LEU C 616 13.57 -27.98 -39.64
N LEU C 617 13.47 -29.30 -39.46
CA LEU C 617 13.14 -29.85 -38.14
C LEU C 617 14.24 -29.53 -37.13
N ASN C 618 15.50 -29.63 -37.54
CA ASN C 618 16.61 -29.35 -36.63
C ASN C 618 16.72 -27.88 -36.26
N GLN C 619 15.94 -27.01 -36.91
CA GLN C 619 15.92 -25.58 -36.60
C GLN C 619 14.85 -25.22 -35.58
N PHE C 620 14.48 -26.16 -34.71
CA PHE C 620 13.41 -25.92 -33.74
C PHE C 620 13.84 -24.85 -32.72
N HIS C 621 12.86 -24.33 -31.98
CA HIS C 621 13.10 -23.23 -31.01
C HIS C 621 13.71 -23.75 -29.73
N ASP C 622 13.94 -25.05 -29.63
CA ASP C 622 14.64 -25.57 -28.44
C ASP C 622 15.76 -26.47 -28.93
N ILE C 623 16.10 -26.36 -30.21
CA ILE C 623 17.19 -27.16 -30.73
C ILE C 623 18.28 -26.27 -31.34
N LEU C 624 17.91 -25.40 -32.27
CA LEU C 624 18.88 -24.54 -32.93
C LEU C 624 19.64 -23.64 -31.96
N PRO C 625 18.99 -22.90 -31.05
CA PRO C 625 19.77 -22.16 -30.04
C PRO C 625 20.61 -23.08 -29.19
N GLY C 626 20.08 -24.24 -28.85
CA GLY C 626 20.79 -25.28 -28.11
C GLY C 626 20.42 -25.29 -26.65
N SER C 627 19.45 -26.15 -26.30
CA SER C 627 19.14 -26.42 -24.90
C SER C 627 18.41 -27.77 -24.86
N ALA C 628 19.15 -28.83 -24.54
CA ALA C 628 18.59 -30.18 -24.56
C ALA C 628 19.63 -31.14 -24.00
N ILE C 629 19.21 -32.40 -23.87
CA ILE C 629 20.13 -33.45 -23.47
C ILE C 629 21.03 -33.83 -24.64
N ALA C 630 22.06 -34.63 -24.35
CA ALA C 630 23.09 -34.94 -25.35
C ALA C 630 22.51 -35.64 -26.58
N TRP C 631 21.39 -36.35 -26.40
CA TRP C 631 20.77 -37.08 -27.52
C TRP C 631 20.44 -36.15 -28.68
N VAL C 632 19.76 -35.04 -28.39
CA VAL C 632 19.32 -34.14 -29.46
C VAL C 632 20.51 -33.52 -30.15
N HIS C 633 21.48 -33.04 -29.38
CA HIS C 633 22.66 -32.37 -29.92
C HIS C 633 23.64 -33.33 -30.58
N ARG C 634 23.46 -34.63 -30.41
CA ARG C 634 24.22 -35.63 -31.15
C ARG C 634 23.53 -36.06 -32.43
N GLN C 635 22.22 -36.31 -32.39
CA GLN C 635 21.48 -36.63 -33.61
C GLN C 635 21.51 -35.45 -34.58
N ALA C 636 21.45 -34.23 -34.07
CA ALA C 636 21.52 -33.07 -34.96
C ALA C 636 22.87 -33.01 -35.68
N ARG C 637 23.96 -33.28 -34.97
CA ARG C 637 25.27 -33.27 -35.59
C ARG C 637 25.38 -34.37 -36.66
N GLU C 638 24.91 -35.57 -36.33
CA GLU C 638 25.01 -36.67 -37.28
C GLU C 638 24.15 -36.40 -38.52
N GLU C 639 22.96 -35.82 -38.33
CA GLU C 639 22.11 -35.48 -39.47
C GLU C 639 22.74 -34.38 -40.31
N TYR C 640 23.38 -33.40 -39.67
CA TYR C 640 24.05 -32.33 -40.41
C TYR C 640 25.15 -32.90 -41.28
N ALA C 641 25.99 -33.77 -40.71
CA ALA C 641 27.07 -34.37 -41.48
C ALA C 641 26.54 -35.21 -42.63
N ARG C 642 25.53 -36.05 -42.36
CA ARG C 642 24.97 -36.89 -43.41
C ARG C 642 24.35 -36.05 -44.53
N ASP C 643 23.63 -34.99 -44.16
CA ASP C 643 23.02 -34.12 -45.17
C ASP C 643 24.08 -33.43 -46.00
N ILE C 644 25.16 -32.96 -45.36
CA ILE C 644 26.24 -32.30 -46.11
C ILE C 644 26.85 -33.26 -47.12
N ALA C 645 27.12 -34.50 -46.68
CA ALA C 645 27.71 -35.48 -47.59
C ALA C 645 26.78 -35.80 -48.75
N HIS C 646 25.49 -36.01 -48.46
CA HIS C 646 24.53 -36.33 -49.51
C HIS C 646 24.36 -35.18 -50.48
N LEU C 647 24.35 -33.94 -49.97
CA LEU C 647 24.22 -32.77 -50.85
C LEU C 647 25.46 -32.62 -51.74
N ARG C 648 26.64 -32.88 -51.20
CA ARG C 648 27.84 -32.85 -52.04
C ARG C 648 27.77 -33.91 -53.13
N ASP C 649 27.31 -35.11 -52.78
CA ASP C 649 27.16 -36.16 -53.78
C ASP C 649 26.16 -35.75 -54.86
N ILE C 650 25.03 -35.15 -54.46
CA ILE C 650 24.02 -34.72 -55.41
C ILE C 650 24.56 -33.64 -56.32
N ALA C 651 25.31 -32.68 -55.77
CA ALA C 651 25.89 -31.62 -56.58
C ALA C 651 26.89 -32.18 -57.58
N ALA C 652 27.72 -33.14 -57.15
CA ALA C 652 28.67 -33.76 -58.07
C ALA C 652 27.95 -34.50 -59.19
N ALA C 653 26.87 -35.23 -58.85
CA ALA C 653 26.11 -35.94 -59.88
C ALA C 653 25.47 -34.96 -60.86
N ALA C 654 24.91 -33.87 -60.36
CA ALA C 654 24.30 -32.88 -61.23
C ALA C 654 25.33 -32.23 -62.14
N GLY C 655 26.51 -31.91 -61.59
CA GLY C 655 27.57 -31.37 -62.42
C GLY C 655 28.02 -32.32 -63.51
N GLN C 656 28.16 -33.61 -63.17
CA GLN C 656 28.51 -34.60 -64.19
C GLN C 656 27.42 -34.70 -65.25
N ALA C 657 26.15 -34.57 -64.84
CA ALA C 657 25.06 -34.58 -65.81
C ALA C 657 25.13 -33.38 -66.73
N VAL C 658 25.50 -32.21 -66.20
CA VAL C 658 25.57 -31.00 -67.03
C VAL C 658 26.63 -31.16 -68.11
N LYS C 659 27.78 -31.74 -67.78
CA LYS C 659 28.87 -31.90 -68.73
C LYS C 659 28.49 -32.78 -69.91
N GLU C 660 27.46 -33.63 -69.75
CA GLU C 660 27.03 -34.51 -70.82
C GLU C 660 26.19 -33.79 -71.87
N ALA C 661 25.64 -32.62 -71.55
CA ALA C 661 24.81 -31.90 -72.50
C ALA C 661 25.57 -31.56 -73.77
N GLU C 662 26.80 -31.03 -73.63
CA GLU C 662 27.66 -30.79 -74.76
C GLU C 662 29.10 -30.91 -74.31
N PRO C 663 29.96 -31.55 -75.12
CA PRO C 663 31.32 -31.84 -74.65
C PRO C 663 32.21 -30.61 -74.62
N GLY C 664 33.21 -30.66 -73.74
CA GLY C 664 34.31 -29.72 -73.73
C GLY C 664 33.95 -28.26 -73.52
N ILE C 665 33.14 -27.96 -72.51
CA ILE C 665 32.80 -26.57 -72.22
C ILE C 665 33.94 -25.89 -71.46
N ALA C 666 34.27 -26.40 -70.27
CA ALA C 666 35.32 -25.84 -69.43
C ALA C 666 35.46 -26.73 -68.20
N THR C 667 36.48 -26.42 -67.39
CA THR C 667 36.69 -27.08 -66.11
C THR C 667 37.25 -26.05 -65.13
N VAL C 668 36.70 -26.02 -63.91
CA VAL C 668 37.05 -25.03 -62.91
C VAL C 668 37.45 -25.76 -61.63
N LYS C 669 38.55 -25.33 -61.02
CA LYS C 669 39.05 -25.94 -59.80
C LYS C 669 38.45 -25.24 -58.59
N HIS C 670 37.91 -26.04 -57.66
CA HIS C 670 37.37 -25.62 -56.37
C HIS C 670 36.04 -24.90 -56.49
N ALA C 671 35.64 -24.57 -57.73
CA ALA C 671 34.28 -24.23 -58.12
C ALA C 671 33.54 -23.42 -57.05
N VAL C 672 34.09 -22.26 -56.72
CA VAL C 672 33.47 -21.39 -55.74
C VAL C 672 32.33 -20.63 -56.39
N ILE C 673 31.14 -20.71 -55.80
CA ILE C 673 29.95 -20.03 -56.29
C ILE C 673 29.47 -19.08 -55.20
N ALA C 674 29.23 -17.82 -55.57
CA ALA C 674 28.79 -16.81 -54.62
C ALA C 674 27.55 -16.10 -55.15
N PRO C 675 26.57 -15.85 -54.28
CA PRO C 675 25.39 -15.08 -54.73
C PRO C 675 25.72 -13.67 -55.21
N TYR C 676 26.73 -13.02 -54.61
CA TYR C 676 27.05 -11.64 -54.92
C TYR C 676 28.54 -11.49 -55.14
N ALA C 677 28.90 -10.46 -55.91
CA ALA C 677 30.30 -10.18 -56.22
C ALA C 677 30.45 -8.70 -56.52
N SER C 678 31.70 -8.23 -56.50
CA SER C 678 31.97 -6.82 -56.77
C SER C 678 31.56 -6.44 -58.19
N ASN C 679 31.86 -7.28 -59.17
CA ASN C 679 31.48 -7.02 -60.54
C ASN C 679 30.02 -7.37 -60.75
N PRO C 680 29.18 -6.45 -61.23
CA PRO C 680 27.76 -6.79 -61.42
C PRO C 680 27.53 -7.96 -62.37
N GLN C 681 28.35 -8.09 -63.41
CA GLN C 681 28.20 -9.18 -64.36
C GLN C 681 28.84 -10.48 -63.89
N TYR C 682 29.56 -10.45 -62.76
CA TYR C 682 30.18 -11.63 -62.19
C TYR C 682 29.44 -12.15 -60.96
N SER C 683 28.16 -11.79 -60.81
CA SER C 683 27.41 -12.11 -59.59
C SER C 683 27.31 -13.61 -59.38
N TRP C 684 26.64 -14.31 -60.29
CA TRP C 684 26.51 -15.77 -60.20
C TRP C 684 27.53 -16.46 -61.12
N ALA C 685 28.80 -16.10 -60.96
CA ALA C 685 29.85 -16.65 -61.80
C ALA C 685 30.28 -18.02 -61.29
N VAL C 686 31.18 -18.66 -62.05
CA VAL C 686 31.71 -19.97 -61.69
C VAL C 686 33.22 -19.83 -61.49
N ARG C 687 33.65 -18.67 -61.00
CA ARG C 687 35.07 -18.39 -60.85
C ARG C 687 35.71 -19.35 -59.85
N ASP C 688 36.96 -19.70 -60.11
CA ASP C 688 37.67 -20.67 -59.28
C ASP C 688 38.00 -20.08 -57.91
N GLY C 689 38.21 -20.96 -56.94
CA GLY C 689 38.58 -20.59 -55.60
C GLY C 689 40.06 -20.44 -55.35
N GLY C 690 40.89 -20.65 -56.37
CA GLY C 690 42.32 -20.54 -56.22
C GLY C 690 43.09 -21.25 -57.32
N VAL C 698 50.96 -9.33 -59.03
CA VAL C 698 50.91 -7.89 -59.25
C VAL C 698 51.71 -7.17 -58.17
N ILE C 699 51.15 -7.12 -56.96
CA ILE C 699 51.80 -6.46 -55.83
C ILE C 699 51.89 -7.45 -54.67
N PRO C 700 52.92 -8.29 -54.61
CA PRO C 700 53.07 -9.19 -53.47
C PRO C 700 53.22 -8.41 -52.17
N VAL C 701 52.65 -8.96 -51.09
CA VAL C 701 52.68 -8.28 -49.80
C VAL C 701 54.10 -8.28 -49.26
N SER C 702 54.50 -7.16 -48.66
CA SER C 702 55.82 -7.00 -48.09
C SER C 702 55.75 -6.93 -46.57
N VAL C 703 56.75 -7.51 -45.92
CA VAL C 703 56.86 -7.53 -44.47
C VAL C 703 58.14 -6.81 -44.07
N GLU C 704 58.05 -5.93 -43.07
CA GLU C 704 59.17 -5.14 -42.59
C GLU C 704 59.32 -5.40 -41.10
N ARG C 705 60.13 -6.40 -40.77
CA ARG C 705 60.34 -6.79 -39.37
C ARG C 705 61.25 -5.75 -38.71
N GLY C 706 60.64 -4.77 -38.05
CA GLY C 706 61.39 -3.74 -37.36
C GLY C 706 60.92 -3.53 -35.94
N GLY C 707 61.84 -3.60 -34.98
CA GLY C 707 61.46 -3.44 -33.59
C GLY C 707 60.68 -4.64 -33.08
N ASN C 708 59.96 -4.42 -31.99
CA ASN C 708 59.12 -5.47 -31.39
C ASN C 708 57.74 -5.51 -32.02
N ALA C 709 57.70 -5.58 -33.35
CA ALA C 709 56.45 -5.62 -34.08
C ALA C 709 56.71 -6.12 -35.50
N ILE C 710 55.65 -6.58 -36.14
CA ILE C 710 55.70 -7.04 -37.53
C ILE C 710 54.77 -6.17 -38.34
N ILE C 711 55.31 -5.51 -39.36
CA ILE C 711 54.57 -4.55 -40.17
C ILE C 711 54.36 -5.14 -41.56
N LEU C 712 53.12 -5.11 -42.02
CA LEU C 712 52.78 -5.56 -43.36
C LEU C 712 52.40 -4.38 -44.25
N ASP C 713 52.56 -4.57 -45.56
CA ASP C 713 52.19 -3.54 -46.52
C ASP C 713 51.68 -4.23 -47.78
N ASN C 714 50.40 -4.05 -48.09
CA ASN C 714 49.79 -4.64 -49.28
C ASN C 714 49.41 -3.60 -50.32
N GLY C 715 49.79 -2.33 -50.11
CA GLY C 715 49.46 -1.27 -51.03
C GLY C 715 48.22 -0.47 -50.68
N ARG C 716 47.36 -1.00 -49.81
CA ARG C 716 46.16 -0.28 -49.39
C ARG C 716 45.95 -0.32 -47.87
N LEU C 717 46.66 -1.17 -47.14
CA LEU C 717 46.56 -1.23 -45.70
C LEU C 717 47.94 -1.45 -45.12
N ARG C 718 48.14 -0.92 -43.90
CA ARG C 718 49.40 -1.07 -43.18
C ARG C 718 49.07 -1.54 -41.76
N VAL C 719 49.30 -2.82 -41.50
CA VAL C 719 48.94 -3.44 -40.22
C VAL C 719 50.21 -3.73 -39.44
N ARG C 720 50.17 -3.42 -38.15
CA ARG C 720 51.31 -3.56 -37.24
C ARG C 720 50.92 -4.55 -36.14
N ILE C 721 51.29 -5.81 -36.34
CA ILE C 721 51.07 -6.84 -35.33
C ILE C 721 52.08 -6.66 -34.20
N GLU C 722 51.59 -6.65 -32.97
CA GLU C 722 52.44 -6.42 -31.81
C GLU C 722 53.18 -7.70 -31.43
N ALA C 723 53.80 -7.70 -30.25
CA ALA C 723 54.65 -8.81 -29.85
C ALA C 723 53.88 -10.11 -29.72
N ASP C 724 52.68 -10.07 -29.14
CA ASP C 724 51.91 -11.27 -28.84
C ASP C 724 50.55 -11.18 -29.52
N GLY C 725 50.51 -11.58 -30.79
CA GLY C 725 49.28 -11.76 -31.55
C GLY C 725 48.21 -10.69 -31.42
N THR C 726 48.62 -9.43 -31.36
CA THR C 726 47.67 -8.31 -31.30
C THR C 726 48.05 -7.25 -32.32
N VAL C 727 47.04 -6.55 -32.82
CA VAL C 727 47.21 -5.50 -33.82
C VAL C 727 47.03 -4.16 -33.14
N SER C 728 48.02 -3.28 -33.27
CA SER C 728 47.97 -1.95 -32.68
C SER C 728 47.73 -0.85 -33.70
N SER C 729 47.81 -1.13 -35.00
CA SER C 729 47.59 -0.13 -36.02
C SER C 729 47.18 -0.82 -37.31
N LEU C 730 46.16 -0.28 -37.97
CA LEU C 730 45.65 -0.78 -39.24
C LEU C 730 45.45 0.40 -40.19
N ILE C 731 46.52 1.18 -40.35
CA ILE C 731 46.45 2.44 -41.09
C ILE C 731 45.94 2.20 -42.50
N ASP C 732 44.94 2.97 -42.91
CA ASP C 732 44.40 2.92 -44.26
C ASP C 732 45.23 3.87 -45.12
N LEU C 733 46.17 3.31 -45.88
CA LEU C 733 47.07 4.12 -46.69
C LEU C 733 46.33 4.87 -47.78
N ALA C 734 45.18 4.36 -48.22
CA ALA C 734 44.42 5.02 -49.27
C ALA C 734 43.81 6.34 -48.81
N LEU C 735 43.60 6.53 -47.51
CA LEU C 735 43.01 7.76 -47.00
C LEU C 735 43.76 8.33 -45.80
N ARG C 736 44.93 7.80 -45.46
CA ARG C 736 45.72 8.25 -44.32
C ARG C 736 44.91 8.18 -43.02
N ARG C 737 44.04 7.19 -42.89
CA ARG C 737 43.17 7.04 -41.73
C ARG C 737 43.65 5.89 -40.86
N GLU C 738 43.72 6.15 -39.55
CA GLU C 738 44.08 5.15 -38.56
C GLU C 738 42.82 4.77 -37.79
N LEU C 739 42.46 3.48 -37.84
CA LEU C 739 41.19 3.03 -37.29
C LEU C 739 41.36 2.08 -36.10
N VAL C 740 42.52 2.10 -35.44
CA VAL C 740 42.73 1.30 -34.24
C VAL C 740 42.97 2.25 -33.06
N PRO C 741 42.06 2.31 -32.10
CA PRO C 741 42.25 3.23 -30.96
C PRO C 741 43.52 2.88 -30.19
N SER C 742 44.22 3.91 -29.73
CA SER C 742 45.46 3.71 -28.99
C SER C 742 45.22 3.61 -27.49
N GLY C 743 44.28 2.76 -27.10
CA GLY C 743 44.06 2.44 -25.71
C GLY C 743 43.99 0.94 -25.49
N VAL C 744 43.71 0.20 -26.57
CA VAL C 744 43.56 -1.25 -26.55
C VAL C 744 44.23 -1.81 -27.79
N ARG C 745 44.31 -3.14 -27.86
CA ARG C 745 44.92 -3.84 -28.98
C ARG C 745 43.92 -4.80 -29.61
N MET C 746 43.93 -4.85 -30.94
CA MET C 746 43.04 -5.73 -31.67
C MET C 746 43.41 -7.19 -31.46
N GLY C 747 42.41 -8.06 -31.59
CA GLY C 747 42.63 -9.49 -31.53
C GLY C 747 42.78 -10.07 -30.14
N ARG C 748 42.63 -9.27 -29.09
CA ARG C 748 42.76 -9.78 -27.74
C ARG C 748 41.61 -10.72 -27.41
N TYR C 749 41.93 -11.80 -26.71
CA TYR C 749 40.94 -12.79 -26.31
C TYR C 749 40.60 -12.62 -24.84
N GLU C 750 39.31 -12.58 -24.53
CA GLU C 750 38.83 -12.39 -23.17
C GLU C 750 38.04 -13.61 -22.74
N LEU C 751 38.26 -14.03 -21.49
CA LEU C 751 37.61 -15.20 -20.90
C LEU C 751 36.74 -14.74 -19.74
N LEU C 752 35.50 -14.35 -20.06
CA LEU C 752 34.57 -13.91 -19.03
C LEU C 752 34.04 -15.09 -18.24
N LYS C 753 33.88 -14.89 -16.93
CA LYS C 753 33.33 -15.92 -16.05
C LYS C 753 31.83 -15.69 -15.91
N ASP C 754 31.04 -16.66 -16.38
CA ASP C 754 29.59 -16.60 -16.30
C ASP C 754 29.08 -17.79 -15.50
N GLU C 755 28.29 -17.51 -14.47
CA GLU C 755 27.67 -18.54 -13.64
C GLU C 755 26.19 -18.23 -13.51
N PRO C 756 25.41 -18.48 -14.56
CA PRO C 756 23.98 -18.16 -14.50
C PRO C 756 23.27 -18.99 -13.45
N PHE C 757 22.23 -18.39 -12.85
CA PHE C 757 21.48 -19.03 -11.79
C PHE C 757 20.10 -19.50 -12.22
N HIS C 758 19.43 -18.83 -13.16
CA HIS C 758 18.20 -19.33 -13.74
C HIS C 758 18.41 -19.53 -15.23
N TRP C 759 17.99 -20.69 -15.73
CA TRP C 759 18.12 -21.02 -17.16
C TRP C 759 19.58 -20.89 -17.60
N ASP C 760 20.40 -21.79 -17.04
CA ASP C 760 21.85 -21.69 -17.17
C ASP C 760 22.29 -21.61 -18.63
N ALA C 761 21.78 -22.51 -19.47
CA ALA C 761 22.19 -22.50 -20.87
C ALA C 761 21.59 -21.33 -21.63
N TRP C 762 20.31 -21.03 -21.37
CA TRP C 762 19.63 -19.98 -22.12
C TRP C 762 20.20 -18.60 -21.82
N ASP C 763 20.48 -18.31 -20.56
CA ASP C 763 20.63 -16.94 -20.09
C ASP C 763 22.06 -16.63 -19.67
N ILE C 764 22.49 -15.41 -19.99
CA ILE C 764 23.70 -14.81 -19.43
C ILE C 764 23.32 -13.46 -18.84
N GLN C 765 23.78 -13.20 -17.63
CA GLN C 765 23.35 -12.03 -16.88
C GLN C 765 24.37 -10.91 -17.01
N ARG C 766 24.15 -9.83 -16.26
CA ARG C 766 25.10 -8.72 -16.21
C ARG C 766 26.30 -9.01 -15.33
N ASP C 767 26.41 -10.23 -14.80
CA ASP C 767 27.59 -10.60 -14.03
C ASP C 767 28.86 -10.53 -14.88
N ALA C 768 28.76 -10.92 -16.14
CA ALA C 768 29.87 -10.78 -17.06
C ALA C 768 30.10 -9.30 -17.37
N PHE C 769 31.14 -9.04 -18.17
CA PHE C 769 31.55 -7.68 -18.55
C PHE C 769 32.02 -6.89 -17.35
N LEU C 770 32.08 -7.51 -16.18
CA LEU C 770 32.65 -6.91 -14.97
C LEU C 770 33.87 -7.67 -14.49
N ALA C 771 33.77 -8.99 -14.32
CA ALA C 771 34.90 -9.81 -13.94
C ALA C 771 35.63 -10.35 -15.17
N ALA C 772 35.99 -9.44 -16.07
CA ALA C 772 36.65 -9.83 -17.31
C ALA C 772 38.07 -10.28 -17.04
N ASP C 773 38.53 -11.26 -17.83
CA ASP C 773 39.89 -11.78 -17.75
C ASP C 773 40.53 -11.65 -19.13
N THR C 774 41.48 -10.73 -19.26
CA THR C 774 42.16 -10.50 -20.53
C THR C 774 43.35 -11.45 -20.62
N LEU C 775 43.33 -12.34 -21.60
CA LEU C 775 44.42 -13.29 -21.78
C LEU C 775 45.70 -12.56 -22.18
N THR C 776 46.78 -12.85 -21.49
CA THR C 776 48.07 -12.21 -21.73
C THR C 776 49.19 -13.25 -21.75
N ASP C 777 48.93 -14.40 -22.37
CA ASP C 777 49.91 -15.48 -22.49
C ASP C 777 49.89 -15.95 -23.94
N ALA C 778 50.72 -15.32 -24.77
CA ALA C 778 50.78 -15.66 -26.18
C ALA C 778 52.12 -15.24 -26.75
N MET C 779 52.45 -15.80 -27.92
CA MET C 779 53.68 -15.45 -28.61
C MET C 779 53.50 -15.74 -30.09
N VAL C 780 54.00 -14.84 -30.93
CA VAL C 780 53.82 -15.00 -32.37
C VAL C 780 54.67 -16.16 -32.89
N GLU C 781 54.34 -16.61 -34.09
CA GLU C 781 55.04 -17.72 -34.75
C GLU C 781 55.67 -17.21 -36.04
N HIS C 782 56.19 -18.14 -36.83
CA HIS C 782 56.88 -17.79 -38.07
C HIS C 782 55.90 -17.18 -39.06
N VAL C 783 56.22 -15.97 -39.55
CA VAL C 783 55.43 -15.34 -40.59
C VAL C 783 55.71 -16.03 -41.91
N GLU C 784 54.66 -16.43 -42.63
CA GLU C 784 54.79 -17.23 -43.82
C GLU C 784 54.20 -16.49 -45.02
N ASP C 785 54.97 -16.45 -46.10
CA ASP C 785 54.51 -15.90 -47.37
C ASP C 785 53.89 -17.04 -48.18
N MET C 786 52.59 -16.95 -48.44
CA MET C 786 51.90 -18.02 -49.16
C MET C 786 52.43 -18.13 -50.58
N PRO C 787 52.45 -19.34 -51.14
CA PRO C 787 52.94 -19.50 -52.53
C PRO C 787 52.13 -18.70 -53.54
N ASP C 788 50.83 -18.53 -53.31
CA ASP C 788 50.03 -17.70 -54.20
C ASP C 788 50.47 -16.24 -54.13
N GLY C 789 50.80 -15.76 -52.94
CA GLY C 789 51.23 -14.39 -52.77
C GLY C 789 50.74 -13.77 -51.47
N SER C 790 49.89 -14.49 -50.75
CA SER C 790 49.34 -13.98 -49.50
C SER C 790 50.37 -14.03 -48.39
N ALA C 791 50.11 -13.25 -47.34
CA ALA C 791 50.97 -13.21 -46.16
C ALA C 791 50.14 -13.63 -44.94
N ALA C 792 50.71 -14.50 -44.12
CA ALA C 792 50.03 -15.02 -42.94
C ALA C 792 50.95 -14.96 -41.74
N ILE C 793 50.35 -14.69 -40.58
CA ILE C 793 51.07 -14.67 -39.31
C ILE C 793 50.34 -15.63 -38.37
N HIS C 794 51.09 -16.61 -37.85
CA HIS C 794 50.56 -17.59 -36.92
C HIS C 794 50.85 -17.16 -35.49
N VAL C 795 49.95 -17.53 -34.58
CA VAL C 795 50.11 -17.22 -33.16
C VAL C 795 49.36 -18.28 -32.36
N VAL C 796 49.86 -18.53 -31.15
CA VAL C 796 49.25 -19.47 -30.22
C VAL C 796 48.96 -18.75 -28.91
N THR C 797 47.77 -19.00 -28.36
CA THR C 797 47.36 -18.41 -27.09
C THR C 797 46.92 -19.52 -26.15
N ARG C 798 47.33 -19.42 -24.89
CA ARG C 798 47.05 -20.45 -23.90
C ARG C 798 46.35 -19.84 -22.70
N ALA C 799 45.53 -20.66 -22.05
CA ALA C 799 44.76 -20.24 -20.88
C ALA C 799 44.77 -21.40 -19.89
N ARG C 800 43.86 -21.34 -18.91
CA ARG C 800 43.79 -22.39 -17.90
C ARG C 800 43.53 -23.75 -18.54
N GLY C 801 42.56 -23.82 -19.46
CA GLY C 801 42.28 -25.06 -20.14
C GLY C 801 41.91 -24.86 -21.59
N VAL C 802 42.36 -23.75 -22.18
CA VAL C 802 41.99 -23.39 -23.55
C VAL C 802 43.25 -23.07 -24.32
N GLU C 803 43.35 -23.59 -25.54
CA GLU C 803 44.44 -23.19 -26.44
C GLU C 803 43.83 -22.78 -27.76
N ILE C 804 44.41 -21.75 -28.37
CA ILE C 804 43.91 -21.19 -29.61
C ILE C 804 45.07 -21.02 -30.58
N HIS C 805 44.90 -21.54 -31.78
CA HIS C 805 45.84 -21.34 -32.88
C HIS C 805 45.19 -20.38 -33.86
N THR C 806 45.71 -19.15 -33.93
CA THR C 806 45.11 -18.08 -34.70
C THR C 806 46.05 -17.62 -35.80
N VAL C 807 45.53 -17.54 -37.02
CA VAL C 807 46.28 -17.05 -38.17
C VAL C 807 45.63 -15.77 -38.68
N ILE C 808 46.46 -14.77 -38.95
CA ILE C 808 46.03 -13.49 -39.51
C ILE C 808 46.55 -13.42 -40.94
N THR C 809 45.64 -13.17 -41.88
CA THR C 809 45.96 -13.20 -43.30
C THR C 809 45.70 -11.86 -43.94
N LEU C 810 46.65 -11.40 -44.75
CA LEU C 810 46.54 -10.15 -45.50
C LEU C 810 46.65 -10.50 -46.99
N ARG C 811 45.52 -10.78 -47.61
CA ARG C 811 45.49 -11.14 -49.02
C ARG C 811 45.91 -9.94 -49.87
N PRO C 812 46.80 -10.12 -50.85
CA PRO C 812 47.22 -9.00 -51.68
C PRO C 812 46.08 -8.49 -52.56
N GLY C 813 46.15 -7.19 -52.88
CA GLY C 813 45.17 -6.58 -53.75
C GLY C 813 43.76 -6.59 -53.20
N SER C 814 43.59 -6.26 -51.92
CA SER C 814 42.29 -6.24 -51.30
C SER C 814 42.29 -5.16 -50.21
N GLY C 815 41.22 -5.14 -49.41
CA GLY C 815 41.11 -4.19 -48.33
C GLY C 815 40.52 -4.80 -47.07
N SER C 816 40.70 -6.11 -46.92
CA SER C 816 40.15 -6.84 -45.79
C SER C 816 41.24 -7.63 -45.09
N LEU C 817 41.19 -7.66 -43.77
CA LEU C 817 42.11 -8.42 -42.94
C LEU C 817 41.38 -9.65 -42.42
N ASP C 818 41.91 -10.84 -42.74
CA ASP C 818 41.24 -12.08 -42.39
C ASP C 818 41.80 -12.66 -41.10
N PHE C 819 40.90 -13.24 -40.29
CA PHE C 819 41.28 -13.86 -39.03
C PHE C 819 40.68 -15.26 -38.99
N THR C 820 41.51 -16.26 -38.68
CA THR C 820 41.03 -17.62 -38.50
C THR C 820 41.57 -18.16 -37.19
N ALA C 821 40.78 -18.99 -36.52
CA ALA C 821 41.15 -19.50 -35.20
C ALA C 821 40.69 -20.93 -35.03
N ASP C 822 41.52 -21.73 -34.39
CA ASP C 822 41.19 -23.10 -33.97
C ASP C 822 41.28 -23.16 -32.46
N VAL C 823 40.16 -23.47 -31.81
CA VAL C 823 40.06 -23.44 -30.35
C VAL C 823 39.90 -24.86 -29.83
N ASN C 824 40.56 -25.15 -28.71
CA ASN C 824 40.48 -26.48 -28.11
C ASN C 824 39.77 -26.42 -26.77
N TRP C 825 38.62 -25.73 -26.74
CA TRP C 825 37.81 -25.51 -25.54
C TRP C 825 37.75 -26.73 -24.64
N HIS C 826 38.19 -26.56 -23.39
CA HIS C 826 38.11 -27.63 -22.41
C HIS C 826 37.72 -27.13 -21.02
N ALA C 827 37.43 -25.85 -20.85
CA ALA C 827 37.10 -25.29 -19.55
C ALA C 827 35.62 -25.52 -19.23
N VAL C 828 35.21 -25.08 -18.03
CA VAL C 828 33.84 -25.20 -17.57
C VAL C 828 33.39 -23.86 -17.03
N GLU C 829 32.17 -23.46 -17.39
CA GLU C 829 31.56 -22.20 -16.95
C GLU C 829 32.46 -21.00 -17.27
N LYS C 830 32.70 -20.81 -18.57
CA LYS C 830 33.47 -19.68 -19.07
C LYS C 830 32.77 -19.11 -20.29
N PHE C 831 33.41 -18.12 -20.92
CA PHE C 831 32.81 -17.43 -22.07
C PHE C 831 33.94 -16.77 -22.85
N LEU C 832 34.12 -17.18 -24.11
CA LEU C 832 35.22 -16.69 -24.92
C LEU C 832 34.75 -15.56 -25.82
N LYS C 833 35.49 -14.45 -25.83
CA LYS C 833 35.15 -13.31 -26.66
C LYS C 833 36.41 -12.76 -27.30
N VAL C 834 36.24 -12.12 -28.47
CA VAL C 834 37.31 -11.43 -29.17
C VAL C 834 36.79 -10.07 -29.61
N ASP C 835 37.61 -9.04 -29.42
CA ASP C 835 37.20 -7.66 -29.66
C ASP C 835 37.93 -7.09 -30.87
N MET C 836 37.22 -6.30 -31.67
CA MET C 836 37.76 -5.66 -32.86
C MET C 836 37.43 -4.16 -32.80
N PRO C 837 38.13 -3.41 -31.97
CA PRO C 837 37.84 -1.97 -31.85
C PRO C 837 38.17 -1.21 -33.11
N VAL C 838 37.35 -0.20 -33.42
CA VAL C 838 37.55 0.67 -34.57
C VAL C 838 37.27 2.10 -34.12
N THR C 839 38.07 3.05 -34.62
CA THR C 839 37.97 4.43 -34.19
C THR C 839 36.77 5.17 -34.77
N VAL C 840 36.04 4.58 -35.72
CA VAL C 840 34.88 5.26 -36.28
C VAL C 840 33.83 5.44 -35.19
N GLN C 841 33.33 6.66 -35.04
CA GLN C 841 32.42 7.01 -33.96
C GLN C 841 31.07 7.39 -34.55
N ALA C 842 30.02 6.76 -34.02
CA ALA C 842 28.65 7.03 -34.44
C ALA C 842 27.73 6.84 -33.24
N VAL C 843 26.43 6.82 -33.50
CA VAL C 843 25.44 6.63 -32.46
C VAL C 843 24.74 5.27 -32.58
N ASN C 844 24.43 4.85 -33.80
CA ASN C 844 23.73 3.60 -34.04
C ASN C 844 24.58 2.68 -34.91
N ALA C 845 24.56 1.39 -34.57
CA ALA C 845 25.26 0.37 -35.33
C ALA C 845 24.26 -0.40 -36.19
N GLN C 846 24.71 -0.82 -37.37
CA GLN C 846 23.86 -1.46 -38.36
C GLN C 846 24.14 -2.96 -38.36
N TYR C 847 23.21 -3.74 -37.81
CA TYR C 847 23.21 -5.17 -38.04
C TYR C 847 22.28 -5.47 -39.22
N GLU C 848 22.16 -6.73 -39.59
CA GLU C 848 21.23 -7.11 -40.65
C GLU C 848 20.24 -8.15 -40.14
N CYS C 849 18.98 -7.98 -40.51
CA CYS C 849 17.93 -8.95 -40.24
C CYS C 849 17.93 -9.99 -41.35
N GLN C 850 16.86 -10.79 -41.44
CA GLN C 850 16.79 -11.82 -42.45
C GLN C 850 16.91 -11.23 -43.85
N TYR C 851 16.09 -10.23 -44.16
CA TYR C 851 16.03 -9.62 -45.49
C TYR C 851 16.12 -8.10 -45.39
N GLY C 852 17.07 -7.61 -44.59
CA GLY C 852 17.22 -6.17 -44.42
C GLY C 852 18.23 -5.86 -43.33
N LEU C 853 18.25 -4.59 -42.94
CA LEU C 853 19.15 -4.08 -41.92
C LEU C 853 18.36 -3.54 -40.73
N VAL C 854 19.04 -3.46 -39.59
CA VAL C 854 18.44 -3.01 -38.35
C VAL C 854 19.43 -2.10 -37.63
N GLU C 855 18.90 -1.04 -37.00
CA GLU C 855 19.70 -0.07 -36.27
C GLU C 855 19.59 -0.35 -34.77
N ARG C 856 20.72 -0.37 -34.08
CA ARG C 856 20.71 -0.56 -32.64
C ARG C 856 21.64 0.44 -31.96
N PRO C 857 21.23 1.02 -30.85
CA PRO C 857 22.08 2.01 -30.19
C PRO C 857 23.38 1.40 -29.65
N ILE C 858 24.42 2.21 -29.64
CA ILE C 858 25.73 1.78 -29.15
C ILE C 858 25.88 2.23 -27.71
N ASN C 859 25.74 3.53 -27.47
CA ASN C 859 25.82 4.08 -26.11
C ASN C 859 24.44 3.96 -25.47
N LYS C 860 24.31 3.03 -24.53
CA LYS C 860 23.03 2.75 -23.89
C LYS C 860 22.74 3.82 -22.84
N ASN C 861 21.64 4.53 -23.00
CA ASN C 861 21.31 5.69 -22.17
C ASN C 861 20.38 5.33 -21.02
N THR C 862 19.20 4.79 -21.32
CA THR C 862 18.18 4.56 -20.31
C THR C 862 18.24 3.13 -19.78
N ARG C 863 17.28 2.80 -18.90
CA ARG C 863 17.23 1.45 -18.33
C ARG C 863 16.94 0.41 -19.40
N SER C 864 15.95 0.68 -20.25
CA SER C 864 15.58 -0.29 -21.29
C SER C 864 16.69 -0.45 -22.32
N ASP C 865 17.48 0.60 -22.55
CA ASP C 865 18.56 0.51 -23.53
C ASP C 865 19.69 -0.38 -23.04
N ASP C 866 19.86 -0.50 -21.72
CA ASP C 866 20.93 -1.32 -21.17
C ASP C 866 20.67 -2.80 -21.45
N ALA C 867 19.40 -3.23 -21.42
CA ALA C 867 19.08 -4.65 -21.58
C ALA C 867 19.49 -5.19 -22.94
N LYS C 868 19.68 -4.32 -23.94
CA LYS C 868 20.10 -4.75 -25.27
C LYS C 868 21.62 -4.73 -25.38
N PHE C 869 22.27 -5.47 -24.47
CA PHE C 869 23.72 -5.56 -24.44
C PHE C 869 24.26 -6.77 -25.19
N GLU C 870 23.39 -7.55 -25.82
CA GLU C 870 23.83 -8.70 -26.62
C GLU C 870 22.74 -9.01 -27.63
N SER C 871 23.06 -8.89 -28.91
CA SER C 871 22.09 -9.07 -29.98
C SER C 871 22.66 -9.98 -31.06
N CYS C 872 21.75 -10.65 -31.76
CA CYS C 872 22.16 -11.56 -32.83
C CYS C 872 22.70 -10.80 -34.02
N THR C 873 23.69 -11.40 -34.69
CA THR C 873 24.32 -10.82 -35.86
C THR C 873 24.33 -11.84 -36.98
N HIS C 874 24.20 -11.35 -38.22
CA HIS C 874 24.21 -12.20 -39.40
C HIS C 874 25.34 -11.75 -40.33
N ARG C 875 26.44 -12.50 -40.30
CA ARG C 875 27.50 -12.52 -41.32
C ARG C 875 28.25 -11.20 -41.45
N PHE C 876 27.84 -10.16 -40.72
CA PHE C 876 28.58 -8.90 -40.70
C PHE C 876 27.96 -7.90 -39.72
N VAL C 877 28.80 -7.00 -39.20
CA VAL C 877 28.36 -5.85 -38.41
C VAL C 877 29.04 -4.61 -38.96
N ARG C 878 28.24 -3.60 -39.28
CA ARG C 878 28.73 -2.39 -39.94
C ARG C 878 28.50 -1.19 -39.04
N ILE C 879 29.57 -0.43 -38.80
CA ILE C 879 29.50 0.84 -38.08
C ILE C 879 29.86 1.94 -39.07
N ALA C 880 28.94 2.88 -39.27
CA ALA C 880 29.08 3.88 -40.32
C ALA C 880 28.82 5.28 -39.80
N ASP C 881 29.46 6.24 -40.44
CA ASP C 881 29.22 7.66 -40.21
C ASP C 881 28.90 8.30 -41.55
N ALA C 882 28.89 9.65 -41.60
CA ALA C 882 28.55 10.37 -42.82
C ALA C 882 29.16 9.77 -44.07
N ASP C 883 30.47 9.50 -44.06
CA ASP C 883 31.14 8.95 -45.22
C ASP C 883 31.79 7.60 -44.97
N TYR C 884 32.55 7.45 -43.88
CA TYR C 884 33.40 6.29 -43.68
C TYR C 884 32.68 5.23 -42.88
N ALA C 885 32.83 3.97 -43.28
CA ALA C 885 32.22 2.84 -42.60
C ALA C 885 33.24 1.71 -42.43
N ALA C 886 33.10 0.96 -41.34
CA ALA C 886 33.95 -0.19 -41.06
C ALA C 886 33.07 -1.39 -40.72
N ALA C 887 33.43 -2.55 -41.25
CA ALA C 887 32.62 -3.75 -41.10
C ALA C 887 33.43 -4.88 -40.51
N VAL C 888 32.75 -5.72 -39.73
CA VAL C 888 33.33 -6.94 -39.17
C VAL C 888 32.49 -8.09 -39.70
N VAL C 889 32.95 -8.70 -40.77
CA VAL C 889 32.20 -9.76 -41.46
C VAL C 889 32.44 -11.09 -40.75
N ASN C 890 31.35 -11.78 -40.43
CA ASN C 890 31.36 -13.01 -39.67
C ASN C 890 31.24 -14.23 -40.59
N ALA C 891 31.58 -15.39 -40.05
CA ALA C 891 31.47 -16.65 -40.77
C ALA C 891 30.55 -17.65 -40.09
N SER C 892 30.72 -17.88 -38.78
CA SER C 892 29.94 -18.91 -38.11
C SER C 892 29.44 -18.55 -36.72
N THR C 893 29.65 -17.33 -36.24
CA THR C 893 29.17 -16.92 -34.93
C THR C 893 27.96 -16.00 -35.09
N TYR C 894 27.03 -16.10 -34.13
CA TYR C 894 25.75 -15.40 -34.22
C TYR C 894 25.56 -14.40 -33.07
N GLY C 895 26.64 -14.00 -32.40
CA GLY C 895 26.51 -13.06 -31.30
C GLY C 895 27.66 -12.10 -31.19
N SER C 896 27.37 -10.86 -30.77
CA SER C 896 28.40 -9.83 -30.62
C SER C 896 27.85 -8.75 -29.69
N ASP C 897 28.72 -7.79 -29.35
CA ASP C 897 28.35 -6.68 -28.50
C ASP C 897 29.17 -5.46 -28.89
N VAL C 898 28.53 -4.30 -28.95
CA VAL C 898 29.17 -3.05 -29.34
C VAL C 898 29.11 -2.09 -28.17
N SER C 899 30.27 -1.52 -27.79
CA SER C 899 30.35 -0.59 -26.68
C SER C 899 31.33 0.54 -26.98
N PRO C 900 31.05 1.75 -26.51
CA PRO C 900 31.99 2.85 -26.73
C PRO C 900 33.21 2.73 -25.82
N ILE C 901 34.33 3.25 -26.28
CA ILE C 901 35.58 3.28 -25.54
C ILE C 901 36.04 4.73 -25.46
N HIS C 902 36.24 5.22 -24.24
CA HIS C 902 36.89 6.51 -23.97
C HIS C 902 37.96 6.24 -22.93
N ALA C 903 39.14 5.83 -23.39
CA ALA C 903 40.22 5.44 -22.51
C ALA C 903 41.05 6.66 -22.12
N ALA C 904 42.13 6.44 -21.39
CA ALA C 904 43.02 7.51 -20.96
C ALA C 904 44.10 7.69 -22.02
N ALA C 905 44.08 8.84 -22.69
CA ALA C 905 45.04 9.15 -23.75
C ALA C 905 45.21 10.67 -23.83
N ALA C 906 45.92 11.13 -24.84
CA ALA C 906 46.17 12.54 -25.05
C ALA C 906 45.79 12.92 -26.48
N HIS C 907 45.35 14.17 -26.64
CA HIS C 907 44.92 14.71 -27.93
C HIS C 907 43.77 13.90 -28.53
N GLY C 908 42.94 13.33 -27.68
CA GLY C 908 41.78 12.57 -28.14
C GLY C 908 42.12 11.37 -28.99
N ALA C 909 43.15 10.62 -28.60
CA ALA C 909 43.58 9.44 -29.34
C ALA C 909 43.00 8.14 -28.79
N GLY C 910 42.14 8.22 -27.77
CA GLY C 910 41.58 7.01 -27.18
C GLY C 910 40.07 6.99 -27.18
N ARG C 911 39.46 7.50 -28.25
CA ARG C 911 38.01 7.56 -28.39
C ARG C 911 37.58 6.71 -29.57
N GLY C 912 36.58 5.87 -29.38
CA GLY C 912 36.09 5.05 -30.48
C GLY C 912 35.03 4.07 -30.02
N THR C 913 34.84 3.03 -30.81
CA THR C 913 33.89 1.97 -30.51
C THR C 913 34.58 0.62 -30.59
N MET C 914 34.04 -0.35 -29.86
CA MET C 914 34.59 -1.69 -29.81
C MET C 914 33.49 -2.70 -30.08
N VAL C 915 33.75 -3.62 -30.99
CA VAL C 915 32.82 -4.69 -31.35
C VAL C 915 33.45 -6.01 -30.93
N ARG C 916 32.99 -6.55 -29.81
CA ARG C 916 33.47 -7.83 -29.31
C ARG C 916 32.60 -8.95 -29.86
N LEU C 917 33.20 -9.88 -30.58
CA LEU C 917 32.49 -11.03 -31.11
C LEU C 917 32.50 -12.15 -30.08
N SER C 918 31.33 -12.73 -29.82
CA SER C 918 31.21 -13.84 -28.89
C SER C 918 31.52 -15.13 -29.62
N LEU C 919 32.50 -15.88 -29.13
CA LEU C 919 32.91 -17.12 -29.79
C LEU C 919 32.09 -18.31 -29.32
N LEU C 920 32.13 -18.61 -28.02
CA LEU C 920 31.35 -19.73 -27.48
C LEU C 920 31.35 -19.66 -25.96
N SER C 921 30.34 -20.27 -25.38
CA SER C 921 30.16 -20.38 -23.93
C SER C 921 30.26 -21.84 -23.52
N ALA C 922 30.12 -22.09 -22.22
CA ALA C 922 30.21 -23.43 -21.64
C ALA C 922 29.04 -23.66 -20.69
N PRO C 923 27.83 -23.87 -21.22
CA PRO C 923 26.70 -24.23 -20.35
C PRO C 923 26.88 -25.62 -19.78
N LEU C 924 26.25 -25.84 -18.63
CA LEU C 924 26.45 -27.08 -17.87
C LEU C 924 25.18 -27.84 -17.55
N TYR C 925 24.03 -27.16 -17.41
CA TYR C 925 22.83 -27.84 -16.92
C TYR C 925 22.28 -28.84 -17.94
N PRO C 926 21.87 -28.43 -19.14
CA PRO C 926 21.27 -29.42 -20.06
C PRO C 926 22.24 -30.52 -20.47
N ASP C 927 23.52 -30.20 -20.60
CA ASP C 927 24.53 -31.18 -21.02
C ASP C 927 25.72 -31.06 -20.08
N PRO C 928 26.12 -32.14 -19.39
CA PRO C 928 27.31 -32.05 -18.53
C PRO C 928 28.57 -31.67 -19.28
N ARG C 929 28.71 -32.11 -20.52
CA ARG C 929 29.84 -31.76 -21.38
C ARG C 929 29.30 -31.01 -22.58
N THR C 930 29.68 -29.74 -22.71
CA THR C 930 29.25 -28.90 -23.83
C THR C 930 30.47 -28.33 -24.53
N ASP C 931 30.54 -28.54 -25.85
CA ASP C 931 31.59 -27.98 -26.71
C ASP C 931 32.99 -28.40 -26.25
N GLN C 932 33.23 -29.71 -26.30
CA GLN C 932 34.54 -30.29 -26.02
C GLN C 932 35.15 -30.80 -27.32
N GLY C 933 36.39 -30.41 -27.58
CA GLY C 933 37.07 -30.79 -28.80
C GLY C 933 37.66 -29.59 -29.52
N GLU C 934 37.62 -29.60 -30.85
CA GLU C 934 38.17 -28.52 -31.65
C GLU C 934 37.05 -27.79 -32.37
N HIS C 935 37.13 -26.46 -32.34
CA HIS C 935 36.17 -25.59 -33.01
C HIS C 935 36.90 -24.63 -33.93
N PHE C 936 36.30 -24.35 -35.09
CA PHE C 936 36.91 -23.50 -36.10
C PHE C 936 36.10 -22.21 -36.22
N PHE C 937 36.79 -21.08 -36.14
CA PHE C 937 36.17 -19.77 -36.26
C PHE C 937 36.89 -18.98 -37.36
N ALA C 938 36.12 -18.15 -38.07
CA ALA C 938 36.68 -17.30 -39.10
C ALA C 938 35.90 -15.99 -39.12
N TRP C 939 36.60 -14.91 -39.47
CA TRP C 939 35.97 -13.60 -39.64
C TRP C 939 36.95 -12.69 -40.38
N SER C 940 36.52 -11.46 -40.62
CA SER C 940 37.37 -10.51 -41.31
C SER C 940 36.94 -9.10 -40.95
N LEU C 941 37.85 -8.15 -41.12
CA LEU C 941 37.54 -6.73 -40.96
C LEU C 941 37.78 -6.01 -42.28
N VAL C 942 36.81 -5.18 -42.66
CA VAL C 942 36.83 -4.44 -43.90
C VAL C 942 36.78 -2.95 -43.59
N ALA C 943 37.72 -2.20 -44.17
CA ALA C 943 37.79 -0.76 -44.02
C ALA C 943 37.27 -0.09 -45.30
N GLY C 944 36.73 1.11 -45.15
CA GLY C 944 36.07 1.77 -46.25
C GLY C 944 34.87 0.95 -46.69
N ALA C 945 34.09 0.50 -45.72
CA ALA C 945 33.07 -0.52 -45.95
C ALA C 945 31.86 0.03 -46.70
N GLY C 946 31.88 -0.10 -48.03
CA GLY C 946 30.67 0.15 -48.80
C GLY C 946 29.72 -1.03 -48.71
N MET C 947 28.44 -0.75 -48.96
CA MET C 947 27.43 -1.80 -48.85
C MET C 947 27.68 -2.92 -49.86
N GLU C 948 27.98 -2.56 -51.11
CA GLU C 948 28.28 -3.56 -52.12
C GLU C 948 29.53 -4.36 -51.76
N SER C 949 30.58 -3.67 -51.31
CA SER C 949 31.82 -4.34 -50.93
C SER C 949 31.59 -5.28 -49.75
N VAL C 950 30.84 -4.82 -48.75
CA VAL C 950 30.56 -5.66 -47.59
C VAL C 950 29.78 -6.89 -47.99
N LEU C 951 28.75 -6.71 -48.83
CA LEU C 951 27.96 -7.85 -49.27
C LEU C 951 28.81 -8.83 -50.08
N ALA C 952 29.65 -8.31 -50.98
CA ALA C 952 30.48 -9.18 -51.82
C ALA C 952 31.48 -9.97 -50.98
N GLU C 953 32.12 -9.32 -50.01
CA GLU C 953 33.12 -10.02 -49.20
C GLU C 953 32.46 -11.00 -48.24
N ALA C 954 31.28 -10.65 -47.70
CA ALA C 954 30.54 -11.60 -46.88
C ALA C 954 30.13 -12.82 -47.69
N SER C 955 29.72 -12.59 -48.94
CA SER C 955 29.39 -13.70 -49.83
C SER C 955 30.60 -14.57 -50.11
N ARG C 956 31.76 -13.94 -50.31
CA ARG C 956 33.00 -14.70 -50.51
C ARG C 956 33.33 -15.56 -49.29
N LEU C 957 33.20 -14.98 -48.09
CA LEU C 957 33.53 -15.71 -46.88
C LEU C 957 32.56 -16.86 -46.63
N ASN C 958 31.27 -16.61 -46.78
CA ASN C 958 30.23 -17.63 -46.56
C ASN C 958 29.82 -18.27 -47.89
N ALA C 959 30.79 -18.95 -48.52
CA ALA C 959 30.55 -19.62 -49.78
C ALA C 959 31.17 -21.02 -49.71
N PRO C 960 30.47 -22.04 -50.20
CA PRO C 960 31.06 -23.39 -50.21
C PRO C 960 32.21 -23.48 -51.18
N ILE C 961 33.14 -24.37 -50.87
CA ILE C 961 34.25 -24.70 -51.76
C ILE C 961 33.99 -26.08 -52.33
N MET C 962 33.80 -26.15 -53.64
CA MET C 962 33.43 -27.39 -54.30
C MET C 962 34.68 -28.10 -54.83
N GLY C 963 34.48 -29.12 -55.67
CA GLY C 963 35.58 -29.82 -56.28
C GLY C 963 35.82 -29.40 -57.71
N GLU C 964 35.35 -30.20 -58.67
CA GLU C 964 35.50 -29.92 -60.09
C GLU C 964 34.15 -30.13 -60.79
N LEU C 965 33.36 -29.06 -60.86
CA LEU C 965 32.12 -29.10 -61.61
C LEU C 965 32.24 -28.23 -62.86
N PRO C 966 31.52 -28.57 -63.94
CA PRO C 966 31.68 -27.84 -65.19
C PRO C 966 31.27 -26.38 -65.06
N ALA C 967 32.00 -25.51 -65.77
CA ALA C 967 31.71 -24.09 -65.76
C ALA C 967 30.53 -23.78 -66.66
N VAL C 968 29.57 -23.02 -66.15
CA VAL C 968 28.39 -22.63 -66.91
C VAL C 968 28.17 -21.13 -66.74
N ARG C 969 27.61 -20.51 -67.77
CA ARG C 969 27.31 -19.09 -67.71
C ARG C 969 26.20 -18.82 -66.71
N PRO C 970 26.21 -17.65 -66.07
CA PRO C 970 25.14 -17.33 -65.11
C PRO C 970 23.76 -17.36 -65.77
N LEU C 971 22.79 -17.90 -65.03
CA LEU C 971 21.45 -18.04 -65.59
C LEU C 971 20.75 -16.69 -65.71
N ALA C 972 20.82 -15.87 -64.67
CA ALA C 972 20.19 -14.55 -64.67
C ALA C 972 21.19 -13.53 -64.14
N THR C 973 21.22 -12.37 -64.79
CA THR C 973 22.17 -11.32 -64.43
C THR C 973 21.44 -9.99 -64.33
N LEU C 974 22.01 -9.08 -63.55
CA LEU C 974 21.50 -7.71 -63.39
C LEU C 974 22.58 -6.75 -63.87
N THR C 975 22.32 -6.07 -64.97
CA THR C 975 23.32 -5.23 -65.62
C THR C 975 23.16 -3.73 -65.34
N ASP C 976 21.93 -3.21 -65.32
CA ASP C 976 21.70 -1.80 -65.06
C ASP C 976 21.29 -1.61 -63.60
N VAL C 977 22.25 -1.84 -62.72
CA VAL C 977 22.02 -1.71 -61.28
C VAL C 977 22.04 -0.23 -60.90
N ALA C 978 20.98 0.22 -60.24
CA ALA C 978 20.88 1.58 -59.72
C ALA C 978 20.47 1.46 -58.26
N GLY C 979 21.46 1.32 -57.38
CA GLY C 979 21.21 1.02 -55.99
C GLY C 979 21.97 -0.23 -55.57
N THR C 980 21.38 -1.03 -54.69
CA THR C 980 21.98 -2.30 -54.25
C THR C 980 20.97 -3.43 -54.39
N PRO C 981 20.65 -3.84 -55.62
CA PRO C 981 19.89 -5.09 -55.79
C PRO C 981 20.80 -6.29 -55.69
N VAL C 982 20.21 -7.42 -55.34
CA VAL C 982 20.98 -8.65 -55.17
C VAL C 982 20.12 -9.88 -55.45
N LEU C 983 20.68 -10.83 -56.18
CA LEU C 983 20.02 -12.12 -56.37
C LEU C 983 20.16 -12.97 -55.11
N ASP C 984 19.02 -13.39 -54.56
CA ASP C 984 19.03 -14.18 -53.32
C ASP C 984 18.81 -15.66 -53.57
N TRP C 985 17.86 -16.03 -54.42
CA TRP C 985 17.60 -17.44 -54.65
C TRP C 985 17.18 -17.71 -56.08
N VAL C 986 17.61 -18.84 -56.62
CA VAL C 986 17.20 -19.32 -57.93
C VAL C 986 16.86 -20.80 -57.79
N LYS C 987 15.67 -21.18 -58.26
CA LYS C 987 15.23 -22.56 -58.12
C LYS C 987 14.21 -22.88 -59.22
N LEU C 988 13.62 -24.06 -59.14
CA LEU C 988 12.60 -24.51 -60.06
C LEU C 988 11.22 -24.47 -59.39
N ALA C 989 10.19 -24.66 -60.21
CA ALA C 989 8.83 -24.67 -59.70
C ALA C 989 8.56 -25.95 -58.91
N ASP C 990 7.95 -25.80 -57.73
CA ASP C 990 7.62 -26.95 -56.91
C ASP C 990 6.45 -27.75 -57.44
N ASP C 991 5.75 -27.25 -58.45
CA ASP C 991 4.60 -27.92 -59.02
C ASP C 991 4.97 -28.86 -60.18
N GLY C 992 6.25 -28.97 -60.51
CA GLY C 992 6.69 -29.85 -61.57
C GLY C 992 6.53 -29.30 -62.97
N SER C 993 6.11 -28.05 -63.13
CA SER C 993 5.94 -27.47 -64.45
C SER C 993 7.27 -27.15 -65.13
N GLY C 994 8.37 -27.13 -64.38
CA GLY C 994 9.65 -26.75 -64.93
C GLY C 994 9.91 -25.26 -64.95
N ASP C 995 9.05 -24.47 -64.32
CA ASP C 995 9.19 -23.02 -64.35
C ASP C 995 10.39 -22.57 -63.52
N LEU C 996 11.00 -21.47 -63.94
CA LEU C 996 12.10 -20.91 -63.18
C LEU C 996 11.59 -19.92 -62.14
N ILE C 997 12.21 -19.93 -60.96
CA ILE C 997 11.80 -19.08 -59.86
C ILE C 997 13.02 -18.30 -59.37
N VAL C 998 12.88 -16.98 -59.27
CA VAL C 998 13.95 -16.13 -58.76
C VAL C 998 13.40 -15.29 -57.60
N ARG C 999 14.17 -15.20 -56.52
CA ARG C 999 13.81 -14.44 -55.34
C ARG C 999 14.88 -13.37 -55.11
N LEU C 1000 14.44 -12.11 -55.09
CA LEU C 1000 15.30 -10.94 -55.01
C LEU C 1000 14.91 -10.10 -53.80
N TYR C 1001 15.88 -9.37 -53.26
CA TYR C 1001 15.61 -8.46 -52.15
C TYR C 1001 16.63 -7.33 -52.18
N GLU C 1002 16.39 -6.32 -51.35
CA GLU C 1002 17.25 -5.16 -51.22
C GLU C 1002 17.89 -5.17 -49.83
N ALA C 1003 19.18 -4.80 -49.77
CA ALA C 1003 19.94 -4.95 -48.54
C ALA C 1003 20.63 -3.66 -48.10
N ALA C 1004 20.19 -2.50 -48.58
CA ALA C 1004 20.78 -1.24 -48.15
C ALA C 1004 19.80 -0.30 -47.49
N GLY C 1005 18.63 -0.07 -48.08
CA GLY C 1005 17.68 0.88 -47.54
C GLY C 1005 17.23 1.88 -48.56
N GLY C 1006 18.11 2.23 -49.51
CA GLY C 1006 17.71 3.08 -50.59
C GLY C 1006 16.94 2.34 -51.67
N ASP C 1007 16.20 3.10 -52.47
CA ASP C 1007 15.46 2.51 -53.58
C ASP C 1007 16.42 1.97 -54.64
N ALA C 1008 15.97 0.95 -55.36
CA ALA C 1008 16.80 0.28 -56.36
C ALA C 1008 16.00 0.05 -57.63
N LYS C 1009 16.67 0.24 -58.76
CA LYS C 1009 16.12 -0.04 -60.09
C LYS C 1009 17.12 -0.89 -60.86
N ALA C 1010 16.64 -1.95 -61.50
CA ALA C 1010 17.54 -2.86 -62.17
C ALA C 1010 16.86 -3.44 -63.41
N THR C 1011 17.67 -4.05 -64.27
CA THR C 1011 17.17 -4.76 -65.44
C THR C 1011 17.74 -6.18 -65.42
N LEU C 1012 16.86 -7.16 -65.55
CA LEU C 1012 17.26 -8.56 -65.49
C LEU C 1012 17.41 -9.13 -66.90
N ARG C 1013 18.46 -9.92 -67.11
CA ARG C 1013 18.74 -10.53 -68.39
C ARG C 1013 19.02 -12.01 -68.21
N LEU C 1014 18.36 -12.83 -69.03
CA LEU C 1014 18.57 -14.27 -69.02
C LEU C 1014 19.65 -14.63 -70.04
N ASP C 1015 19.80 -15.91 -70.34
CA ASP C 1015 20.85 -16.37 -71.24
C ASP C 1015 20.27 -17.37 -72.25
N ASP C 1016 20.38 -17.04 -73.53
CA ASP C 1016 20.13 -17.96 -74.64
C ASP C 1016 18.74 -18.58 -74.63
N THR C 1017 18.61 -19.78 -74.05
CA THR C 1017 17.39 -20.56 -74.18
C THR C 1017 16.17 -19.87 -73.61
N PHE C 1018 16.35 -18.94 -72.68
CA PHE C 1018 15.22 -18.19 -72.11
C PHE C 1018 14.92 -16.95 -72.95
N ALA C 1019 14.52 -17.21 -74.19
CA ALA C 1019 14.17 -16.17 -75.15
C ALA C 1019 12.70 -16.29 -75.51
N GLY C 1020 12.03 -15.16 -75.70
CA GLY C 1020 10.60 -15.18 -75.94
C GLY C 1020 9.81 -15.73 -74.78
N CYS C 1021 10.16 -15.33 -73.56
CA CYS C 1021 9.57 -15.85 -72.35
C CYS C 1021 8.67 -14.79 -71.71
N THR C 1022 7.99 -15.19 -70.63
CA THR C 1022 7.17 -14.29 -69.84
C THR C 1022 7.58 -14.41 -68.38
N VAL C 1023 7.69 -13.27 -67.70
CA VAL C 1023 8.03 -13.23 -66.29
C VAL C 1023 6.88 -12.55 -65.54
N GLU C 1024 6.46 -13.15 -64.43
CA GLU C 1024 5.34 -12.65 -63.66
C GLU C 1024 5.69 -12.62 -62.18
N GLU C 1025 5.20 -11.60 -61.48
CA GLU C 1025 5.43 -11.48 -60.06
C GLU C 1025 4.44 -12.34 -59.29
N VAL C 1026 4.94 -13.15 -58.37
CA VAL C 1026 4.12 -14.04 -57.57
C VAL C 1026 4.49 -13.87 -56.10
N ASN C 1027 3.59 -14.30 -55.23
CA ASN C 1027 3.84 -14.23 -53.80
C ASN C 1027 4.85 -15.30 -53.38
N LEU C 1028 5.16 -15.33 -52.07
CA LEU C 1028 6.11 -16.31 -51.57
C LEU C 1028 5.56 -17.73 -51.63
N MET C 1029 4.24 -17.89 -51.71
CA MET C 1029 3.63 -19.20 -51.90
C MET C 1029 3.79 -19.73 -53.32
N GLU C 1030 4.33 -18.92 -54.22
CA GLU C 1030 4.62 -19.21 -55.63
C GLU C 1030 3.35 -19.22 -56.48
N GLU C 1031 2.18 -19.08 -55.89
CA GLU C 1031 0.95 -18.96 -56.66
C GLU C 1031 0.78 -17.52 -57.17
N PRO C 1032 0.14 -17.34 -58.34
CA PRO C 1032 0.04 -16.03 -58.98
C PRO C 1032 -1.13 -15.18 -58.49
N VAL C 1033 -1.19 -14.95 -57.18
CA VAL C 1033 -2.15 -14.03 -56.57
C VAL C 1033 -1.38 -13.06 -55.68
N LEU C 1034 -1.71 -11.78 -55.78
CA LEU C 1034 -1.03 -10.73 -55.04
C LEU C 1034 -2.04 -9.83 -54.36
N ALA C 1035 -1.61 -9.23 -53.25
CA ALA C 1035 -2.46 -8.30 -52.52
C ALA C 1035 -2.46 -6.94 -53.20
N ASP C 1036 -3.16 -5.98 -52.59
CA ASP C 1036 -3.28 -4.63 -53.13
C ASP C 1036 -2.34 -3.63 -52.46
N ASP C 1037 -2.19 -3.70 -51.13
CA ASP C 1037 -1.33 -2.76 -50.42
C ASP C 1037 0.15 -3.01 -50.64
N LEU C 1038 0.53 -4.17 -51.17
CA LEU C 1038 1.93 -4.46 -51.39
C LEU C 1038 2.48 -3.57 -52.51
N PRO C 1039 3.71 -3.07 -52.37
CA PRO C 1039 4.22 -2.11 -53.36
C PRO C 1039 4.30 -2.64 -54.78
N ARG C 1040 4.61 -3.93 -54.95
CA ARG C 1040 4.79 -4.56 -56.26
C ARG C 1040 6.01 -4.00 -56.99
N ALA C 1041 6.64 -4.82 -57.85
CA ALA C 1041 7.89 -4.45 -58.49
C ALA C 1041 7.80 -4.27 -60.00
N LEU C 1042 6.81 -4.86 -60.65
CA LEU C 1042 6.69 -4.76 -62.11
C LEU C 1042 6.03 -3.44 -62.49
N VAL C 1043 5.74 -3.27 -63.78
CA VAL C 1043 5.17 -2.04 -64.30
C VAL C 1043 3.66 -2.13 -64.44
N ALA C 1044 3.14 -3.26 -64.91
CA ALA C 1044 1.71 -3.44 -65.10
C ALA C 1044 1.14 -4.60 -64.32
N GLY C 1045 1.78 -5.77 -64.39
CA GLY C 1045 1.29 -6.95 -63.69
C GLY C 1045 1.12 -8.13 -64.61
N GLY C 1046 0.89 -7.87 -65.90
CA GLY C 1046 0.74 -8.91 -66.88
C GLY C 1046 2.06 -9.52 -67.28
N PRO C 1047 2.00 -10.55 -68.13
CA PRO C 1047 3.23 -11.20 -68.60
C PRO C 1047 4.11 -10.27 -69.41
N VAL C 1048 5.28 -9.94 -68.88
CA VAL C 1048 6.24 -9.07 -69.55
C VAL C 1048 7.34 -9.94 -70.14
N PRO C 1049 7.78 -9.67 -71.38
CA PRO C 1049 8.87 -10.47 -71.95
C PRO C 1049 10.13 -10.38 -71.09
N ALA C 1050 10.82 -11.50 -70.98
CA ALA C 1050 11.99 -11.62 -70.10
C ALA C 1050 13.29 -11.25 -70.83
N GLU C 1051 13.30 -10.07 -71.44
CA GLU C 1051 14.51 -9.55 -72.08
C GLU C 1051 14.54 -8.05 -71.82
N GLY C 1052 15.48 -7.61 -70.99
CA GLY C 1052 15.50 -6.22 -70.57
C GLY C 1052 14.40 -5.85 -69.59
N ALA C 1053 13.84 -6.83 -68.88
CA ALA C 1053 12.76 -6.56 -67.95
C ALA C 1053 13.25 -5.70 -66.80
N SER C 1054 12.48 -4.66 -66.48
CA SER C 1054 12.84 -3.68 -65.47
C SER C 1054 12.13 -3.98 -64.16
N VAL C 1055 12.88 -3.95 -63.06
CA VAL C 1055 12.35 -4.19 -61.73
C VAL C 1055 12.70 -3.00 -60.85
N SER C 1056 11.73 -2.54 -60.06
CA SER C 1056 11.90 -1.42 -59.15
C SER C 1056 11.79 -1.89 -57.71
N PHE C 1057 12.60 -1.31 -56.84
CA PHE C 1057 12.67 -1.73 -55.45
C PHE C 1057 12.38 -0.56 -54.52
N THR C 1058 11.55 -0.80 -53.52
CA THR C 1058 11.35 0.05 -52.37
C THR C 1058 12.24 -0.44 -51.24
N PRO C 1059 12.58 0.44 -50.25
CA PRO C 1059 13.50 0.02 -49.17
C PRO C 1059 13.21 -1.36 -48.58
N PHE C 1060 14.17 -2.27 -48.73
CA PHE C 1060 14.09 -3.63 -48.19
C PHE C 1060 12.89 -4.39 -48.74
N GLN C 1061 12.64 -4.25 -50.05
CA GLN C 1061 11.57 -5.00 -50.69
C GLN C 1061 12.00 -6.44 -50.96
N ILE C 1062 11.02 -7.33 -51.01
CA ILE C 1062 11.21 -8.72 -51.40
C ILE C 1062 10.30 -9.01 -52.59
N VAL C 1063 10.88 -9.56 -53.65
CA VAL C 1063 10.12 -9.83 -54.87
C VAL C 1063 10.43 -11.25 -55.35
N THR C 1064 9.40 -11.95 -55.81
CA THR C 1064 9.53 -13.29 -56.35
C THR C 1064 8.96 -13.31 -57.76
N LEU C 1065 9.76 -13.80 -58.71
CA LEU C 1065 9.39 -13.80 -60.11
C LEU C 1065 9.43 -15.22 -60.67
N ARG C 1066 8.43 -15.54 -61.49
CA ARG C 1066 8.30 -16.83 -62.16
C ARG C 1066 8.45 -16.63 -63.66
N ILE C 1067 9.30 -17.45 -64.28
CA ILE C 1067 9.61 -17.36 -65.70
C ILE C 1067 9.22 -18.67 -66.35
N ARG C 1068 8.47 -18.58 -67.45
CA ARG C 1068 7.98 -19.75 -68.17
C ARG C 1068 9.08 -20.31 -69.07
N ARG C 1069 8.71 -21.24 -69.94
CA ARG C 1069 9.65 -21.88 -70.87
C ARG C 1069 10.19 -20.84 -71.85
N SER D 23 -1.49 9.43 -33.89
CA SER D 23 -2.00 8.79 -32.68
C SER D 23 -1.05 9.05 -31.51
N MET D 24 -1.62 9.44 -30.37
CA MET D 24 -0.87 9.71 -29.16
C MET D 24 -1.44 8.90 -28.00
N PHE D 25 -0.59 8.68 -27.00
CA PHE D 25 -0.99 7.90 -25.84
C PHE D 25 -1.97 8.70 -24.97
N LEU D 26 -2.62 7.99 -24.05
CA LEU D 26 -3.62 8.58 -23.18
C LEU D 26 -3.07 8.67 -21.75
N LEU D 27 -3.21 9.85 -21.16
CA LEU D 27 -2.79 10.08 -19.77
C LEU D 27 -4.00 10.54 -18.96
N PRO D 28 -4.68 9.63 -18.26
CA PRO D 28 -5.89 10.04 -17.52
C PRO D 28 -5.66 11.09 -16.46
N ASN D 29 -4.50 11.07 -15.80
CA ASN D 29 -4.20 12.08 -14.78
C ASN D 29 -4.07 13.47 -15.38
N GLN D 30 -3.71 13.57 -16.66
CA GLN D 30 -3.67 14.84 -17.36
C GLN D 30 -5.05 15.27 -17.84
N GLN D 31 -5.85 14.30 -18.31
CA GLN D 31 -7.22 14.60 -18.72
C GLN D 31 -8.06 15.09 -17.55
N LEU D 32 -7.81 14.56 -16.35
CA LEU D 32 -8.55 15.02 -15.17
C LEU D 32 -8.29 16.49 -14.91
N GLU D 33 -7.01 16.90 -14.96
CA GLU D 33 -6.69 18.30 -14.74
C GLU D 33 -7.23 19.19 -15.86
N ARG D 34 -7.18 18.71 -17.10
CA ARG D 34 -7.76 19.46 -18.20
C ARG D 34 -9.26 19.68 -17.99
N CYS D 35 -9.97 18.63 -17.58
CA CYS D 35 -11.41 18.75 -17.34
C CYS D 35 -11.68 19.68 -16.17
N ASP D 36 -10.87 19.60 -15.11
CA ASP D 36 -11.06 20.47 -13.96
C ASP D 36 -10.92 21.93 -14.38
N ARG D 37 -9.90 22.23 -15.19
CA ARG D 37 -9.77 23.58 -15.73
C ARG D 37 -10.96 23.95 -16.60
N VAL D 38 -11.49 22.97 -17.35
CA VAL D 38 -12.63 23.24 -18.23
C VAL D 38 -13.83 23.72 -17.42
N MET D 39 -14.15 23.02 -16.32
CA MET D 39 -15.22 23.53 -15.46
C MET D 39 -14.86 24.87 -14.83
N GLN D 40 -13.61 25.00 -14.35
CA GLN D 40 -13.26 26.20 -13.59
C GLN D 40 -13.37 27.46 -14.45
N GLN D 41 -12.97 27.39 -15.71
CA GLN D 41 -12.88 28.58 -16.54
C GLN D 41 -13.92 28.67 -17.65
N ARG D 42 -14.32 27.55 -18.25
CA ARG D 42 -15.05 27.58 -19.51
C ARG D 42 -16.54 27.32 -19.35
N VAL D 43 -16.95 26.21 -18.74
CA VAL D 43 -18.35 25.81 -18.82
C VAL D 43 -19.20 26.43 -17.71
N LYS D 44 -18.62 26.77 -16.56
CA LYS D 44 -19.40 27.37 -15.49
C LYS D 44 -20.00 28.72 -15.85
N PRO D 45 -19.25 29.69 -16.40
CA PRO D 45 -19.86 31.00 -16.68
C PRO D 45 -20.98 30.97 -17.71
N HIS D 46 -21.07 29.93 -18.54
CA HIS D 46 -22.03 29.87 -19.63
C HIS D 46 -23.36 29.23 -19.23
N ILE D 47 -23.70 29.24 -17.95
CA ILE D 47 -24.98 28.69 -17.50
C ILE D 47 -26.04 29.78 -17.34
N HIS D 48 -25.63 30.99 -16.94
CA HIS D 48 -26.53 32.12 -16.80
C HIS D 48 -26.08 33.23 -17.73
N THR D 49 -26.99 33.73 -18.54
CA THR D 49 -26.69 34.80 -19.50
C THR D 49 -27.41 36.07 -19.06
N THR D 50 -26.66 37.09 -18.69
CA THR D 50 -27.25 38.34 -18.22
C THR D 50 -27.96 39.06 -19.37
N LEU D 51 -28.98 39.83 -19.01
CA LEU D 51 -29.73 40.60 -20.00
C LEU D 51 -29.94 42.06 -19.64
N ALA D 52 -29.95 42.43 -18.36
CA ALA D 52 -30.14 43.81 -17.95
C ALA D 52 -29.63 43.96 -16.51
N ALA D 53 -29.93 45.09 -15.90
CA ALA D 53 -29.54 45.37 -14.52
C ALA D 53 -30.72 45.93 -13.76
N CYS D 54 -30.68 45.80 -12.43
CA CYS D 54 -31.75 46.22 -11.57
C CYS D 54 -31.29 47.36 -10.66
N THR D 55 -32.24 48.21 -10.29
CA THR D 55 -31.96 49.34 -9.41
C THR D 55 -32.19 48.95 -7.95
N LEU D 56 -31.28 49.41 -7.09
CA LEU D 56 -31.23 49.03 -5.68
C LEU D 56 -31.37 50.25 -4.80
N ARG D 57 -32.14 50.12 -3.72
CA ARG D 57 -32.13 51.10 -2.65
C ARG D 57 -32.14 50.37 -1.32
N SER D 58 -31.62 51.04 -0.27
CA SER D 58 -31.38 50.37 1.00
C SER D 58 -31.94 51.18 2.16
N PHE D 59 -32.39 50.46 3.19
CA PHE D 59 -32.77 51.04 4.47
C PHE D 59 -32.22 50.17 5.58
N HIS D 60 -31.46 50.77 6.50
CA HIS D 60 -30.65 50.04 7.46
C HIS D 60 -31.26 50.08 8.86
N ASN D 61 -30.92 49.06 9.67
CA ASN D 61 -31.38 48.97 11.05
C ASN D 61 -30.38 48.18 11.90
N PRO D 62 -29.59 48.86 12.74
CA PRO D 62 -28.62 48.17 13.62
C PRO D 62 -29.20 47.85 15.00
N GLY D 63 -30.33 47.14 15.02
CA GLY D 63 -30.98 46.85 16.27
C GLY D 63 -31.76 45.55 16.21
N GLU D 64 -32.65 45.39 17.19
CA GLU D 64 -33.50 44.21 17.23
C GLU D 64 -34.45 44.22 16.06
N PRO D 65 -34.52 43.15 15.27
CA PRO D 65 -35.31 43.19 14.04
C PRO D 65 -36.80 43.33 14.30
N VAL D 66 -37.46 44.03 13.39
CA VAL D 66 -38.92 44.16 13.38
C VAL D 66 -39.48 42.99 12.60
N PRO D 67 -40.60 42.39 13.03
CA PRO D 67 -41.18 41.29 12.24
C PRO D 67 -41.50 41.74 10.82
N SER D 68 -41.26 40.84 9.86
CA SER D 68 -41.39 41.19 8.46
C SER D 68 -42.83 41.51 8.08
N SER D 69 -43.80 40.95 8.80
CA SER D 69 -45.20 41.19 8.45
C SER D 69 -45.57 42.67 8.58
N GLU D 70 -45.10 43.31 9.65
CA GLU D 70 -45.45 44.71 9.88
C GLU D 70 -44.68 45.64 8.94
N PHE D 71 -43.40 45.34 8.69
CA PHE D 71 -42.58 46.22 7.87
C PHE D 71 -43.08 46.28 6.44
N LEU D 72 -43.48 45.14 5.88
CA LEU D 72 -43.99 45.12 4.52
C LEU D 72 -45.30 45.88 4.41
N ALA D 73 -46.17 45.77 5.42
CA ALA D 73 -47.39 46.56 5.43
C ALA D 73 -47.09 48.05 5.51
N LYS D 74 -46.11 48.43 6.33
CA LYS D 74 -45.71 49.84 6.41
C LYS D 74 -45.19 50.33 5.07
N VAL D 75 -44.40 49.51 4.39
CA VAL D 75 -43.90 49.89 3.07
C VAL D 75 -45.05 50.03 2.07
N ARG D 76 -46.00 49.10 2.12
CA ARG D 76 -47.14 49.15 1.21
C ARG D 76 -47.95 50.43 1.41
N ASN D 77 -48.23 50.78 2.66
CA ASN D 77 -48.86 52.06 2.94
C ASN D 77 -47.91 53.21 2.66
N GLY D 78 -46.65 53.08 3.09
CA GLY D 78 -45.62 54.05 2.83
C GLY D 78 -45.34 54.95 4.01
N GLN D 79 -44.33 54.59 4.81
CA GLN D 79 -43.90 55.42 5.93
C GLN D 79 -42.39 55.41 6.13
N VAL D 80 -41.62 54.75 5.26
CA VAL D 80 -40.19 54.57 5.44
C VAL D 80 -39.49 55.08 4.19
N PRO D 81 -38.52 55.98 4.31
CA PRO D 81 -37.79 56.44 3.13
C PRO D 81 -36.76 55.41 2.68
N PHE D 82 -36.18 55.68 1.51
CA PHE D 82 -35.17 54.82 0.94
C PHE D 82 -34.11 55.67 0.24
N GLU D 83 -32.85 55.31 0.44
CA GLU D 83 -31.75 56.06 -0.15
C GLU D 83 -31.16 55.32 -1.35
N PRO D 84 -30.69 56.05 -2.36
CA PRO D 84 -30.08 55.38 -3.51
C PRO D 84 -28.85 54.58 -3.11
N PHE D 85 -28.67 53.43 -3.76
CA PHE D 85 -27.56 52.53 -3.48
C PHE D 85 -26.86 52.21 -4.78
N ARG D 86 -25.55 52.45 -4.84
CA ARG D 86 -24.78 52.12 -6.02
C ARG D 86 -24.60 50.61 -6.13
N VAL D 87 -24.34 50.15 -7.36
CA VAL D 87 -24.19 48.71 -7.59
C VAL D 87 -23.06 48.11 -6.75
N PRO D 88 -21.86 48.70 -6.69
CA PRO D 88 -20.88 48.25 -5.70
C PRO D 88 -20.98 49.04 -4.41
N GLY D 89 -20.32 48.51 -3.38
CA GLY D 89 -20.30 49.18 -2.09
C GLY D 89 -20.52 48.27 -0.91
N VAL D 90 -20.38 48.80 0.29
CA VAL D 90 -20.52 48.03 1.52
C VAL D 90 -21.86 48.36 2.16
N TRP D 91 -22.44 47.36 2.84
CA TRP D 91 -23.72 47.53 3.51
C TRP D 91 -23.77 46.90 4.90
N GLY D 92 -22.82 46.05 5.27
CA GLY D 92 -22.98 45.22 6.44
C GLY D 92 -22.87 45.98 7.74
N THR D 93 -23.44 45.37 8.78
CA THR D 93 -23.36 45.87 10.14
C THR D 93 -23.41 44.68 11.08
N THR D 94 -22.70 44.77 12.21
CA THR D 94 -22.62 43.66 13.14
C THR D 94 -23.98 43.35 13.74
N TRP D 95 -24.50 42.15 13.46
CA TRP D 95 -25.79 41.70 13.95
C TRP D 95 -26.90 42.69 13.61
N GLY D 96 -26.89 43.16 12.36
CA GLY D 96 -27.85 44.14 11.90
C GLY D 96 -28.67 43.62 10.73
N THR D 97 -29.72 44.39 10.39
CA THR D 97 -30.60 44.05 9.30
C THR D 97 -30.72 45.21 8.34
N THR D 98 -31.09 44.91 7.10
CA THR D 98 -31.23 45.92 6.07
C THR D 98 -32.29 45.44 5.09
N TRP D 99 -32.97 46.40 4.47
CA TRP D 99 -33.97 46.11 3.45
C TRP D 99 -33.52 46.71 2.15
N PHE D 100 -33.37 45.86 1.13
CA PHE D 100 -33.00 46.27 -0.22
C PHE D 100 -34.25 46.21 -1.08
N GLU D 101 -34.76 47.37 -1.50
CA GLU D 101 -35.81 47.40 -2.49
C GLU D 101 -35.17 47.32 -3.87
N VAL D 102 -35.66 46.38 -4.68
CA VAL D 102 -35.07 46.04 -5.97
C VAL D 102 -36.12 46.24 -7.04
N ASN D 103 -35.78 47.00 -8.08
CA ASN D 103 -36.67 47.24 -9.20
C ASN D 103 -36.00 46.74 -10.48
N GLY D 104 -36.68 45.83 -11.19
CA GLY D 104 -36.18 45.30 -12.43
C GLY D 104 -37.00 45.76 -13.62
N HIS D 105 -36.50 45.46 -14.81
CA HIS D 105 -37.12 45.87 -16.06
C HIS D 105 -37.13 44.71 -17.06
N ILE D 106 -37.56 43.53 -16.60
CA ILE D 106 -37.67 42.39 -17.49
C ILE D 106 -38.76 42.64 -18.53
N ASP D 107 -38.52 42.17 -19.75
CA ASP D 107 -39.44 42.36 -20.87
C ASP D 107 -39.83 41.00 -21.43
N MET D 108 -41.13 40.79 -21.62
CA MET D 108 -41.63 39.55 -22.20
C MET D 108 -41.51 39.62 -23.72
N ALA D 109 -42.13 38.65 -24.40
CA ALA D 109 -42.15 38.48 -25.86
C ALA D 109 -40.78 38.15 -26.42
N ALA D 110 -39.76 37.98 -25.59
CA ALA D 110 -38.44 37.58 -26.05
C ALA D 110 -37.79 36.52 -25.19
N VAL D 111 -38.44 36.08 -24.11
CA VAL D 111 -37.91 35.06 -23.22
C VAL D 111 -38.92 33.95 -23.06
N LYS D 112 -39.80 33.80 -24.05
CA LYS D 112 -40.84 32.77 -24.00
C LYS D 112 -40.21 31.39 -23.96
N GLY D 113 -40.71 30.54 -23.07
CA GLY D 113 -40.21 29.19 -22.94
C GLY D 113 -38.88 29.05 -22.25
N ARG D 114 -38.35 30.13 -21.67
CA ARG D 114 -37.04 30.12 -21.04
C ARG D 114 -37.15 30.65 -19.62
N LYS D 115 -36.44 30.00 -18.70
CA LYS D 115 -36.47 30.41 -17.30
C LYS D 115 -35.71 31.72 -17.10
N VAL D 116 -36.19 32.51 -16.14
CA VAL D 116 -35.58 33.79 -15.79
C VAL D 116 -35.30 33.78 -14.28
N GLU D 117 -34.08 34.15 -13.90
CA GLU D 117 -33.69 34.15 -12.50
C GLU D 117 -33.14 35.51 -12.09
N LEU D 118 -32.60 35.61 -10.88
CA LEU D 118 -32.14 36.88 -10.33
C LEU D 118 -30.64 36.93 -10.05
N MET D 119 -30.04 35.82 -9.63
CA MET D 119 -28.60 35.74 -9.34
C MET D 119 -28.18 36.83 -8.35
N VAL D 120 -28.76 36.75 -7.15
CA VAL D 120 -28.45 37.71 -6.10
C VAL D 120 -27.11 37.35 -5.47
N ASP D 121 -26.27 38.37 -5.25
CA ASP D 121 -24.95 38.15 -4.64
C ASP D 121 -24.75 39.22 -3.58
N LEU D 122 -24.90 38.82 -2.31
CA LEU D 122 -24.60 39.72 -1.21
C LEU D 122 -23.10 39.92 -1.00
N GLY D 123 -22.27 39.12 -1.66
CA GLY D 123 -20.83 39.21 -1.51
C GLY D 123 -20.29 38.27 -0.46
N TRP D 124 -20.63 36.99 -0.56
CA TRP D 124 -20.20 36.01 0.43
C TRP D 124 -18.72 35.67 0.24
N LEU D 125 -18.08 35.29 1.34
CA LEU D 125 -16.69 34.87 1.30
C LEU D 125 -16.59 33.44 0.75
N ASP D 126 -15.37 33.07 0.38
CA ASP D 126 -15.15 31.80 -0.31
C ASP D 126 -14.84 30.66 0.66
N HIS D 127 -13.77 30.81 1.46
CA HIS D 127 -13.33 29.74 2.34
C HIS D 127 -13.78 29.95 3.79
N ARG D 128 -15.07 30.19 4.00
CA ARG D 128 -15.58 30.38 5.35
C ARG D 128 -16.64 29.36 5.73
N GLY D 129 -17.63 29.14 4.87
CA GLY D 129 -18.68 28.19 5.16
C GLY D 129 -20.02 28.61 4.59
N PRO D 130 -20.79 27.64 4.11
CA PRO D 130 -22.13 27.91 3.52
C PRO D 130 -23.27 27.95 4.53
N GLY D 131 -23.42 29.08 5.21
CA GLY D 131 -24.50 29.25 6.15
C GLY D 131 -24.14 30.03 7.40
N PHE D 132 -22.88 30.45 7.51
CA PHE D 132 -22.42 31.23 8.65
C PHE D 132 -22.17 32.70 8.29
N GLN D 133 -22.75 33.16 7.18
CA GLN D 133 -22.53 34.52 6.72
C GLN D 133 -23.85 35.27 6.56
N SER D 134 -23.80 36.47 5.98
CA SER D 134 -25.01 37.25 5.77
C SER D 134 -25.93 36.55 4.79
N GLU D 135 -27.23 36.57 5.08
CA GLU D 135 -28.22 35.90 4.24
C GLU D 135 -29.40 36.85 4.05
N GLY D 136 -30.50 36.34 3.50
CA GLY D 136 -31.68 37.16 3.35
C GLY D 136 -32.75 36.60 2.43
N LEU D 137 -34.01 36.76 2.81
CA LEU D 137 -35.12 36.34 1.97
C LEU D 137 -35.45 37.42 0.96
N VAL D 138 -36.18 37.02 -0.08
CA VAL D 138 -36.67 37.94 -1.12
C VAL D 138 -38.18 37.95 -1.02
N TYR D 139 -38.72 38.90 -0.26
CA TYR D 139 -40.15 39.01 -0.07
C TYR D 139 -40.80 39.76 -1.23
N ARG D 140 -42.03 39.34 -1.55
CA ARG D 140 -42.86 40.03 -2.52
C ARG D 140 -43.46 41.29 -1.89
N ALA D 141 -44.02 42.16 -2.74
CA ALA D 141 -44.60 43.40 -2.26
C ALA D 141 -45.79 43.14 -1.34
N ASP D 142 -46.60 42.13 -1.66
CA ASP D 142 -47.78 41.84 -0.86
C ASP D 142 -47.40 41.43 0.56
N GLY D 143 -46.38 40.60 0.71
CA GLY D 143 -45.97 40.15 2.02
C GLY D 143 -45.51 38.71 2.06
N THR D 144 -45.80 37.96 1.00
CA THR D 144 -45.39 36.57 0.93
C THR D 144 -43.89 36.46 0.67
N ALA D 145 -43.36 35.25 0.83
CA ALA D 145 -41.95 34.97 0.64
C ALA D 145 -41.74 34.12 -0.61
N ILE D 146 -40.64 34.41 -1.32
CA ILE D 146 -40.31 33.72 -2.57
C ILE D 146 -39.18 32.71 -2.35
N LYS D 147 -38.01 33.18 -1.94
CA LYS D 147 -36.86 32.32 -1.73
C LYS D 147 -35.86 33.07 -0.85
N SER D 148 -34.67 32.50 -0.71
CA SER D 148 -33.60 33.09 0.09
C SER D 148 -32.29 33.05 -0.68
N ALA D 149 -31.41 33.99 -0.37
CA ALA D 149 -30.09 34.09 -1.02
C ALA D 149 -29.06 33.47 -0.08
N ASN D 150 -28.61 32.27 -0.43
CA ASN D 150 -27.64 31.52 0.34
C ASN D 150 -26.27 31.60 -0.31
N PRO D 151 -25.19 31.36 0.45
CA PRO D 151 -23.85 31.40 -0.16
C PRO D 151 -23.68 30.41 -1.31
N ARG D 152 -24.31 29.24 -1.21
CA ARG D 152 -24.23 28.24 -2.27
C ARG D 152 -25.51 28.12 -3.07
N ASN D 153 -26.55 28.88 -2.73
CA ASN D 153 -27.82 28.88 -3.45
C ASN D 153 -28.27 30.33 -3.56
N HIS D 154 -28.04 30.94 -4.72
CA HIS D 154 -28.20 32.39 -4.87
C HIS D 154 -28.94 32.72 -6.17
N TRP D 155 -30.02 31.99 -6.44
CA TRP D 155 -30.87 32.27 -7.59
C TRP D 155 -32.32 32.33 -7.14
N ILE D 156 -33.04 33.33 -7.61
CA ILE D 156 -34.44 33.56 -7.24
C ILE D 156 -35.30 33.34 -8.48
N PRO D 157 -36.27 32.42 -8.44
CA PRO D 157 -37.12 32.20 -9.63
C PRO D 157 -38.10 33.33 -9.85
N LEU D 158 -37.88 34.12 -10.90
CA LEU D 158 -38.75 35.25 -11.22
C LEU D 158 -39.83 34.86 -12.23
N VAL D 159 -39.43 34.41 -13.42
CA VAL D 159 -40.35 34.00 -14.47
C VAL D 159 -39.99 32.58 -14.87
N TYR D 160 -40.92 31.66 -14.70
CA TYR D 160 -40.69 30.29 -15.12
C TYR D 160 -40.79 30.17 -16.63
N ALA D 161 -40.27 29.06 -17.16
CA ALA D 161 -40.25 28.86 -18.60
C ALA D 161 -41.65 28.77 -19.17
N ASP D 162 -42.55 28.07 -18.49
CA ASP D 162 -43.90 27.83 -19.00
C ASP D 162 -44.86 28.95 -18.61
N GLY D 163 -44.47 30.19 -18.89
CA GLY D 163 -45.37 31.31 -18.71
C GLY D 163 -45.54 31.81 -17.29
N SER D 164 -45.64 30.88 -16.35
CA SER D 164 -45.91 31.25 -14.96
C SER D 164 -44.81 32.14 -14.40
N SER D 165 -45.24 33.17 -13.67
CA SER D 165 -44.32 34.13 -13.04
C SER D 165 -44.65 34.22 -11.57
N THR D 166 -43.64 34.02 -10.72
CA THR D 166 -43.85 34.13 -9.28
C THR D 166 -44.24 35.55 -8.89
N VAL D 167 -43.56 36.54 -9.45
CA VAL D 167 -43.89 37.93 -9.19
C VAL D 167 -44.95 38.38 -10.17
N GLU D 168 -45.57 39.52 -9.88
CA GLU D 168 -46.62 40.09 -10.72
C GLU D 168 -46.02 41.18 -11.60
N LEU D 169 -46.18 41.04 -12.91
CA LEU D 169 -45.64 42.00 -13.84
C LEU D 169 -46.61 43.16 -14.07
N ASP D 170 -46.05 44.33 -14.29
CA ASP D 170 -46.84 45.55 -14.45
C ASP D 170 -47.17 45.76 -15.94
N GLU D 171 -47.67 46.96 -16.26
CA GLU D 171 -48.14 47.23 -17.61
C GLU D 171 -46.99 47.17 -18.63
N HIS D 172 -45.88 47.84 -18.35
CA HIS D 172 -44.78 47.96 -19.29
C HIS D 172 -43.55 47.18 -18.84
N GLY D 173 -43.76 46.03 -18.20
CA GLY D 173 -42.69 45.11 -17.89
C GLY D 173 -41.70 45.58 -16.84
N ASP D 174 -42.16 45.73 -15.60
CA ASP D 174 -41.27 45.99 -14.48
C ASP D 174 -41.91 45.48 -13.20
N PHE D 175 -41.07 45.25 -12.19
CA PHE D 175 -41.53 44.66 -10.94
C PHE D 175 -40.72 45.24 -9.80
N THR D 176 -40.95 44.72 -8.59
CA THR D 176 -40.20 45.14 -7.42
C THR D 176 -40.25 44.04 -6.37
N VAL D 177 -39.14 43.89 -5.63
CA VAL D 177 -39.03 42.92 -4.55
C VAL D 177 -38.29 43.58 -3.39
N TYR D 178 -38.32 42.92 -2.23
CA TYR D 178 -37.67 43.45 -1.03
C TYR D 178 -36.82 42.35 -0.41
N ILE D 179 -35.50 42.52 -0.46
CA ILE D 179 -34.57 41.58 0.15
C ILE D 179 -34.35 42.00 1.60
N GLU D 180 -34.59 41.07 2.53
CA GLU D 180 -34.40 41.34 3.96
C GLU D 180 -33.04 40.74 4.33
N ALA D 181 -31.99 41.53 4.09
CA ALA D 181 -30.64 41.08 4.35
C ALA D 181 -30.34 41.12 5.85
N ALA D 182 -29.77 40.04 6.37
CA ALA D 182 -29.30 39.97 7.74
C ALA D 182 -27.80 39.71 7.72
N ALA D 183 -27.05 40.57 8.42
CA ALA D 183 -25.59 40.48 8.43
C ALA D 183 -25.15 39.79 9.72
N ASN D 184 -24.75 38.53 9.59
CA ASN D 184 -24.29 37.75 10.73
C ASN D 184 -22.78 37.62 10.67
N PRO D 185 -22.03 38.26 11.57
CA PRO D 185 -20.57 38.15 11.52
C PRO D 185 -20.10 36.75 11.89
N PHE D 186 -18.94 36.39 11.34
CA PHE D 186 -18.34 35.09 11.64
C PHE D 186 -17.69 35.17 13.02
N VAL D 187 -18.17 34.31 13.94
CA VAL D 187 -17.69 34.37 15.32
C VAL D 187 -16.21 34.01 15.40
N GLU D 188 -15.79 32.98 14.66
CA GLU D 188 -14.41 32.53 14.71
C GLU D 188 -13.48 33.61 14.16
N GLY D 189 -12.29 33.72 14.76
CA GLY D 189 -11.37 34.78 14.43
C GLY D 189 -10.32 34.36 13.41
N PRO D 190 -9.16 35.02 13.45
CA PRO D 190 -8.11 34.73 12.45
C PRO D 190 -7.58 33.31 12.56
N THR D 191 -7.11 32.92 13.75
CA THR D 191 -6.67 31.55 13.94
C THR D 191 -7.84 30.67 14.34
N PRO D 192 -7.80 29.38 14.02
CA PRO D 192 -8.90 28.49 14.42
C PRO D 192 -9.08 28.45 15.93
N PHE D 193 -10.34 28.56 16.35
CA PHE D 193 -10.72 28.53 17.76
C PHE D 193 -9.95 29.59 18.56
N SER D 194 -10.19 30.85 18.19
CA SER D 194 -9.57 31.99 18.83
C SER D 194 -10.62 32.81 19.58
N PRO D 195 -10.23 33.48 20.68
CA PRO D 195 -11.22 34.26 21.45
C PRO D 195 -11.57 35.56 20.73
N THR D 196 -12.84 35.75 20.48
CA THR D 196 -13.34 36.94 19.78
C THR D 196 -14.48 37.56 20.58
N GLU D 197 -14.48 38.88 20.66
CA GLU D 197 -15.54 39.62 21.35
C GLU D 197 -16.58 40.13 20.34
N LEU D 198 -17.25 39.17 19.70
CA LEU D 198 -18.26 39.48 18.68
C LEU D 198 -19.66 39.12 19.16
N GLY D 199 -19.87 37.90 19.63
CA GLY D 199 -21.19 37.47 20.07
C GLY D 199 -21.50 37.87 21.49
N GLU D 200 -21.47 39.17 21.78
CA GLU D 200 -21.78 39.66 23.11
C GLU D 200 -23.01 40.59 23.06
N GLU D 201 -23.00 41.54 22.13
CA GLU D 201 -24.11 42.46 21.99
C GLU D 201 -24.28 42.90 20.54
N ALA D 202 -25.00 44.00 20.33
CA ALA D 202 -25.37 44.47 19.00
C ALA D 202 -24.71 45.80 18.70
N THR D 203 -23.41 45.88 18.99
CA THR D 203 -22.64 47.11 18.80
C THR D 203 -22.83 47.67 17.39
N GLY D 204 -23.16 48.96 17.33
CA GLY D 204 -23.35 49.64 16.06
C GLY D 204 -22.07 50.19 15.48
N THR D 205 -21.12 49.31 15.18
CA THR D 205 -19.84 49.72 14.62
C THR D 205 -19.49 48.78 13.48
N CYS D 206 -18.66 49.28 12.56
CA CYS D 206 -18.24 48.50 11.40
C CYS D 206 -17.13 47.55 11.81
N ASP D 207 -17.47 46.27 11.96
CA ASP D 207 -16.50 45.24 12.32
C ASP D 207 -16.20 44.30 11.17
N PHE D 208 -17.23 43.68 10.58
CA PHE D 208 -17.08 42.78 9.44
C PHE D 208 -18.08 43.17 8.37
N PRO D 209 -17.83 44.28 7.67
CA PRO D 209 -18.82 44.77 6.68
C PRO D 209 -18.75 43.97 5.39
N TYR D 210 -19.92 43.53 4.92
CA TYR D 210 -19.99 42.81 3.66
C TYR D 210 -20.04 43.78 2.50
N THR D 211 -19.42 43.40 1.39
CA THR D 211 -19.39 44.20 0.17
C THR D 211 -20.32 43.58 -0.86
N LEU D 212 -21.23 44.39 -1.39
CA LEU D 212 -22.17 43.91 -2.39
C LEU D 212 -21.43 43.60 -3.70
N SER D 213 -22.07 42.78 -4.52
CA SER D 213 -21.45 42.27 -5.74
C SER D 213 -22.49 42.32 -6.86
N ARG D 214 -22.20 41.60 -7.94
CA ARG D 214 -23.07 41.63 -9.12
C ARG D 214 -24.49 41.20 -8.77
N MET D 215 -25.47 41.87 -9.38
CA MET D 215 -26.87 41.55 -9.17
C MET D 215 -27.63 42.01 -10.41
N ASP D 216 -28.00 41.06 -11.26
CA ASP D 216 -28.59 41.41 -12.55
C ASP D 216 -29.51 40.29 -13.02
N ILE D 217 -30.44 40.66 -13.90
CA ILE D 217 -31.41 39.70 -14.44
C ILE D 217 -30.70 38.80 -15.45
N THR D 218 -30.90 37.49 -15.30
CA THR D 218 -30.24 36.51 -16.14
C THR D 218 -31.25 35.50 -16.66
N ILE D 219 -30.90 34.88 -17.79
CA ILE D 219 -31.67 33.79 -18.38
C ILE D 219 -30.88 32.51 -18.18
N PHE D 220 -31.60 31.40 -18.01
CA PHE D 220 -31.02 30.12 -17.62
C PHE D 220 -30.89 29.21 -18.82
N ASN D 221 -29.72 28.59 -18.97
CA ASN D 221 -29.44 27.63 -20.03
C ASN D 221 -29.47 26.22 -19.45
N GLU D 222 -30.26 25.35 -20.06
CA GLU D 222 -30.47 23.99 -19.55
C GLU D 222 -29.44 23.00 -20.10
N ASP D 223 -29.18 23.05 -21.41
CA ASP D 223 -28.26 22.11 -22.01
C ASP D 223 -26.84 22.27 -21.47
N VAL D 224 -26.42 23.53 -21.29
CA VAL D 224 -25.08 23.78 -20.75
C VAL D 224 -24.96 23.23 -19.33
N PHE D 225 -25.99 23.43 -18.52
CA PHE D 225 -25.98 22.92 -17.15
C PHE D 225 -25.95 21.39 -17.14
N ALA D 226 -26.72 20.75 -18.02
CA ALA D 226 -26.71 19.29 -18.10
C ALA D 226 -25.34 18.77 -18.51
N TYR D 227 -24.72 19.41 -19.50
CA TYR D 227 -23.38 19.01 -19.93
C TYR D 227 -22.37 19.19 -18.82
N ASP D 228 -22.46 20.31 -18.08
CA ASP D 228 -21.56 20.53 -16.95
C ASP D 228 -21.74 19.45 -15.89
N MET D 229 -22.99 19.10 -15.57
CA MET D 229 -23.23 18.08 -14.56
C MET D 229 -22.72 16.72 -15.02
N ASP D 230 -22.90 16.39 -16.30
CA ASP D 230 -22.38 15.13 -16.82
C ASP D 230 -20.86 15.08 -16.74
N LEU D 231 -20.20 16.19 -17.10
CA LEU D 231 -18.74 16.25 -16.98
C LEU D 231 -18.30 16.09 -15.54
N GLU D 232 -18.99 16.75 -14.61
CA GLU D 232 -18.64 16.65 -13.20
C GLU D 232 -18.78 15.20 -12.71
N THR D 233 -19.88 14.55 -13.07
CA THR D 233 -20.09 13.16 -12.66
C THR D 233 -19.00 12.26 -13.21
N VAL D 234 -18.68 12.40 -14.50
CA VAL D 234 -17.67 11.54 -15.11
C VAL D 234 -16.31 11.77 -14.47
N SER D 235 -15.93 13.05 -14.30
CA SER D 235 -14.63 13.37 -13.73
C SER D 235 -14.51 12.88 -12.30
N SER D 236 -15.57 13.03 -11.50
CA SER D 236 -15.52 12.55 -10.13
C SER D 236 -15.47 11.04 -10.06
N LEU D 237 -16.12 10.35 -11.01
CA LEU D 237 -16.05 8.90 -11.02
C LEU D 237 -14.67 8.40 -11.45
N ILE D 238 -14.00 9.13 -12.33
CA ILE D 238 -12.67 8.71 -12.77
C ILE D 238 -11.66 8.78 -11.62
N ARG D 239 -11.74 9.83 -10.79
CA ARG D 239 -10.70 10.08 -9.80
C ARG D 239 -10.60 8.95 -8.78
N GLU D 240 -11.74 8.46 -8.30
CA GLU D 240 -11.75 7.50 -7.20
C GLU D 240 -11.51 6.06 -7.64
N LEU D 241 -11.62 5.76 -8.92
CA LEU D 241 -11.44 4.39 -9.37
C LEU D 241 -9.96 4.01 -9.44
N LYS D 242 -9.70 2.71 -9.44
CA LYS D 242 -8.34 2.20 -9.49
C LYS D 242 -7.80 2.26 -10.91
N ASP D 243 -6.54 1.89 -11.07
CA ASP D 243 -5.88 1.86 -12.37
C ASP D 243 -5.94 0.48 -13.03
N ASP D 244 -6.61 -0.49 -12.40
CA ASP D 244 -6.70 -1.84 -12.92
C ASP D 244 -8.15 -2.22 -13.26
N ASP D 245 -8.96 -1.23 -13.63
CA ASP D 245 -10.36 -1.46 -13.95
C ASP D 245 -10.63 -0.87 -15.33
N PRO D 246 -11.20 -1.65 -16.25
CA PRO D 246 -11.51 -1.10 -17.59
C PRO D 246 -12.47 0.07 -17.56
N ARG D 247 -13.31 0.18 -16.53
CA ARG D 247 -14.20 1.32 -16.42
C ARG D 247 -13.42 2.63 -16.32
N TYR D 248 -12.31 2.62 -15.57
CA TYR D 248 -11.48 3.81 -15.44
C TYR D 248 -10.98 4.29 -16.80
N TRP D 249 -10.38 3.38 -17.58
CA TRP D 249 -9.84 3.76 -18.88
C TRP D 249 -10.94 4.14 -19.86
N GLN D 250 -12.08 3.43 -19.83
CA GLN D 250 -13.18 3.78 -20.71
C GLN D 250 -13.72 5.17 -20.40
N LEU D 251 -13.88 5.49 -19.12
CA LEU D 251 -14.35 6.82 -18.72
C LEU D 251 -13.34 7.89 -19.12
N ALA D 252 -12.05 7.62 -18.94
CA ALA D 252 -11.03 8.59 -19.34
C ALA D 252 -11.07 8.84 -20.85
N LYS D 253 -11.20 7.77 -21.64
CA LYS D 253 -11.27 7.93 -23.08
C LYS D 253 -12.52 8.69 -23.50
N ALA D 254 -13.66 8.39 -22.88
CA ALA D 254 -14.90 9.11 -23.19
C ALA D 254 -14.77 10.58 -22.85
N LEU D 255 -14.16 10.90 -21.69
CA LEU D 255 -13.97 12.29 -21.31
C LEU D 255 -13.05 13.00 -22.30
N GLN D 256 -11.97 12.35 -22.72
CA GLN D 256 -11.06 12.96 -23.70
C GLN D 256 -11.77 13.20 -25.02
N ARG D 257 -12.59 12.24 -25.46
CA ARG D 257 -13.33 12.41 -26.71
C ARG D 257 -14.33 13.55 -26.61
N SER D 258 -15.04 13.65 -25.48
CA SER D 258 -16.05 14.69 -25.33
C SER D 258 -15.43 16.07 -25.22
N LEU D 259 -14.30 16.18 -24.52
CA LEU D 259 -13.69 17.49 -24.29
C LEU D 259 -13.11 18.09 -25.56
N ASN D 260 -12.84 17.28 -26.58
CA ASN D 260 -12.28 17.77 -27.84
C ASN D 260 -13.34 18.31 -28.78
N ILE D 261 -14.61 18.21 -28.43
CA ILE D 261 -15.69 18.70 -29.27
C ILE D 261 -16.32 19.99 -28.75
N TYR D 262 -16.45 20.13 -27.43
CA TYR D 262 -17.07 21.31 -26.86
C TYR D 262 -16.21 22.55 -27.11
N ASP D 263 -16.85 23.61 -27.61
CA ASP D 263 -16.18 24.88 -27.87
C ASP D 263 -17.01 26.01 -27.28
N GLU D 264 -16.35 26.92 -26.56
CA GLU D 264 -17.05 28.03 -25.92
C GLU D 264 -17.32 29.19 -26.87
N ARG D 265 -16.67 29.23 -28.04
CA ARG D 265 -16.93 30.29 -28.99
C ARG D 265 -18.27 30.12 -29.68
N ASP D 266 -18.82 28.91 -29.70
CA ASP D 266 -20.13 28.65 -30.29
C ASP D 266 -20.81 27.56 -29.49
N LEU D 267 -21.96 27.87 -28.90
CA LEU D 267 -22.62 26.97 -27.96
C LEU D 267 -23.50 25.93 -28.63
N GLU D 268 -23.61 25.93 -29.95
CA GLU D 268 -24.39 24.92 -30.65
C GLU D 268 -23.72 23.56 -30.65
N THR D 269 -22.47 23.47 -30.22
CA THR D 269 -21.74 22.21 -30.17
C THR D 269 -22.06 21.37 -28.93
N VAL D 270 -22.85 21.92 -28.00
CA VAL D 270 -23.18 21.17 -26.78
C VAL D 270 -23.94 19.88 -27.09
N PRO D 271 -24.99 19.87 -27.93
CA PRO D 271 -25.66 18.58 -28.22
C PRO D 271 -24.74 17.56 -28.87
N ALA D 272 -23.77 18.00 -29.68
CA ALA D 272 -22.86 17.06 -30.32
C ALA D 272 -21.84 16.49 -29.35
N ALA D 273 -21.70 17.09 -28.17
CA ALA D 273 -20.76 16.61 -27.16
C ALA D 273 -21.41 15.80 -26.06
N ARG D 274 -22.66 16.12 -25.71
CA ARG D 274 -23.36 15.36 -24.67
C ARG D 274 -23.62 13.93 -25.12
N ALA D 275 -23.97 13.74 -26.39
CA ALA D 275 -24.26 12.40 -26.89
C ALA D 275 -23.03 11.52 -26.84
N ALA D 276 -21.86 12.07 -27.18
CA ALA D 276 -20.62 11.29 -27.12
C ALA D 276 -20.29 10.87 -25.70
N LEU D 277 -20.51 11.76 -24.72
CA LEU D 277 -20.24 11.44 -23.33
C LEU D 277 -21.29 10.51 -22.72
N ALA D 278 -22.50 10.48 -23.29
CA ALA D 278 -23.59 9.68 -22.74
C ALA D 278 -23.47 8.21 -23.09
N GLY D 279 -22.51 7.81 -23.93
CA GLY D 279 -22.36 6.42 -24.29
C GLY D 279 -21.93 5.54 -23.13
N VAL D 280 -21.24 6.12 -22.15
CA VAL D 280 -20.77 5.38 -20.99
C VAL D 280 -21.53 5.79 -19.73
N LEU D 281 -22.64 6.50 -19.87
CA LEU D 281 -23.44 6.94 -18.75
C LEU D 281 -24.81 6.24 -18.69
N ALA D 282 -24.96 5.14 -19.43
CA ALA D 282 -26.22 4.39 -19.43
C ALA D 282 -26.01 2.91 -19.18
N GLU D 283 -24.80 2.49 -18.81
CA GLU D 283 -24.53 1.09 -18.53
C GLU D 283 -25.00 0.74 -17.13
N PRO D 284 -25.84 -0.27 -16.95
CA PRO D 284 -26.30 -0.63 -15.61
C PRO D 284 -25.16 -1.06 -14.72
N ALA D 285 -25.28 -0.75 -13.43
CA ALA D 285 -24.25 -1.10 -12.46
C ALA D 285 -24.30 -2.60 -12.16
N ALA D 286 -23.25 -3.08 -11.51
CA ALA D 286 -23.21 -4.48 -11.09
C ALA D 286 -24.30 -4.75 -10.08
N SER D 287 -24.89 -5.95 -10.15
CA SER D 287 -25.99 -6.29 -9.27
C SER D 287 -25.49 -6.76 -7.91
N SER D 288 -24.60 -5.98 -7.30
CA SER D 288 -24.11 -6.27 -5.96
C SER D 288 -23.93 -5.01 -5.11
N ALA D 289 -24.30 -3.84 -5.62
CA ALA D 289 -24.07 -2.59 -4.90
C ALA D 289 -25.14 -2.40 -3.81
N ILE D 290 -24.90 -1.39 -2.98
CA ILE D 290 -25.81 -1.05 -1.89
C ILE D 290 -26.89 -0.12 -2.42
N ASN D 291 -28.15 -0.46 -2.15
CA ASN D 291 -29.29 0.35 -2.60
C ASN D 291 -29.49 1.49 -1.62
N HIS D 292 -28.79 2.60 -1.87
CA HIS D 292 -28.90 3.76 -1.00
C HIS D 292 -30.24 4.46 -1.20
N ILE D 293 -30.72 5.09 -0.14
CA ILE D 293 -31.92 5.93 -0.18
C ILE D 293 -31.52 7.33 0.25
N ALA D 294 -31.80 8.31 -0.61
CA ALA D 294 -31.39 9.69 -0.40
C ALA D 294 -32.52 10.48 0.24
N ILE D 295 -32.19 11.21 1.30
CA ILE D 295 -33.15 12.03 2.03
C ILE D 295 -32.62 13.46 2.10
N GLY D 296 -33.44 14.43 1.71
CA GLY D 296 -33.09 15.83 1.88
C GLY D 296 -33.24 16.22 3.34
N HIS D 297 -32.17 16.78 3.91
CA HIS D 297 -32.17 17.11 5.32
C HIS D 297 -31.25 18.30 5.56
N ALA D 298 -31.78 19.33 6.21
CA ALA D 298 -31.03 20.53 6.56
C ALA D 298 -31.07 20.67 8.08
N HIS D 299 -29.98 20.30 8.76
CA HIS D 299 -29.94 20.32 10.26
C HIS D 299 -29.83 21.76 10.67
N ILE D 300 -30.86 22.26 11.31
CA ILE D 300 -30.92 23.64 11.79
C ILE D 300 -30.77 23.61 13.31
N ASP D 301 -29.70 24.23 13.78
CA ASP D 301 -29.42 24.22 15.23
C ASP D 301 -30.19 25.37 15.84
N SER D 302 -30.85 25.16 16.98
CA SER D 302 -31.67 26.18 17.61
C SER D 302 -30.83 27.37 18.05
N ALA D 303 -29.67 27.08 18.64
CA ALA D 303 -28.86 28.21 19.16
C ALA D 303 -27.39 27.85 19.33
N TRP D 304 -26.61 27.91 18.25
CA TRP D 304 -25.15 27.73 18.36
C TRP D 304 -24.59 28.84 17.51
N LEU D 305 -24.00 29.87 18.11
CA LEU D 305 -23.38 31.02 17.39
C LEU D 305 -24.44 32.02 16.91
N TRP D 306 -25.68 31.89 17.37
CA TRP D 306 -26.73 32.87 16.99
C TRP D 306 -27.86 32.91 18.05
N PRO D 307 -28.60 34.02 18.34
CA PRO D 307 -29.61 34.01 19.39
C PRO D 307 -30.86 33.25 18.95
N VAL D 308 -31.80 33.11 19.90
CA VAL D 308 -33.06 32.45 19.61
C VAL D 308 -33.94 33.26 18.69
N ARG D 309 -33.61 34.53 18.44
CA ARG D 309 -34.35 35.37 17.51
C ARG D 309 -33.85 35.26 16.08
N GLU D 310 -32.76 34.53 15.85
CA GLU D 310 -32.22 34.31 14.51
C GLU D 310 -32.52 32.93 13.96
N THR D 311 -32.74 31.94 14.82
CA THR D 311 -33.11 30.61 14.35
C THR D 311 -34.47 30.62 13.66
N ARG D 312 -35.36 31.53 14.05
CA ARG D 312 -36.63 31.67 13.33
C ARG D 312 -36.39 32.11 11.90
N ARG D 313 -35.51 33.10 11.71
CA ARG D 313 -35.16 33.53 10.37
C ARG D 313 -34.50 32.40 9.59
N LYS D 314 -33.61 31.65 10.24
CA LYS D 314 -32.90 30.57 9.55
C LYS D 314 -33.86 29.47 9.10
N VAL D 315 -34.81 29.07 9.97
CA VAL D 315 -35.75 28.03 9.60
C VAL D 315 -36.71 28.54 8.53
N ALA D 316 -37.09 29.82 8.59
CA ALA D 316 -37.92 30.38 7.54
C ALA D 316 -37.20 30.35 6.20
N ARG D 317 -35.91 30.70 6.19
CA ARG D 317 -35.12 30.63 4.98
C ARG D 317 -35.05 29.20 4.45
N THR D 318 -34.83 28.23 5.35
CA THR D 318 -34.74 26.84 4.94
C THR D 318 -36.05 26.37 4.32
N VAL D 319 -37.18 26.68 4.96
CA VAL D 319 -38.47 26.24 4.44
C VAL D 319 -38.76 26.89 3.10
N SER D 320 -38.48 28.19 2.98
CA SER D 320 -38.71 28.88 1.71
C SER D 320 -37.87 28.27 0.60
N ASN D 321 -36.59 27.99 0.88
CA ASN D 321 -35.73 27.39 -0.13
C ASN D 321 -36.23 26.02 -0.54
N VAL D 322 -36.62 25.19 0.43
CA VAL D 322 -37.07 23.83 0.12
C VAL D 322 -38.34 23.89 -0.72
N LEU D 323 -39.30 24.74 -0.34
CA LEU D 323 -40.54 24.84 -1.09
C LEU D 323 -40.29 25.37 -2.51
N ALA D 324 -39.42 26.38 -2.64
CA ALA D 324 -39.13 26.93 -3.96
C ALA D 324 -38.49 25.88 -4.85
N LEU D 325 -37.55 25.09 -4.31
CA LEU D 325 -36.92 24.05 -5.11
C LEU D 325 -37.92 22.95 -5.47
N MET D 326 -38.79 22.59 -4.52
CA MET D 326 -39.75 21.51 -4.76
C MET D 326 -40.88 21.93 -5.68
N ASP D 327 -41.09 23.24 -5.88
CA ASP D 327 -42.15 23.69 -6.75
C ASP D 327 -41.96 23.22 -8.19
N GLU D 328 -40.71 23.23 -8.67
CA GLU D 328 -40.43 22.92 -10.07
C GLU D 328 -39.96 21.48 -10.29
N ASP D 329 -39.35 20.85 -9.30
CA ASP D 329 -38.75 19.53 -9.49
C ASP D 329 -39.59 18.46 -8.81
N PRO D 330 -40.26 17.59 -9.55
CA PRO D 330 -40.97 16.47 -8.92
C PRO D 330 -40.00 15.39 -8.45
N ASP D 331 -40.57 14.38 -7.78
CA ASP D 331 -39.80 13.24 -7.26
C ASP D 331 -38.71 13.72 -6.31
N PHE D 332 -39.11 14.50 -5.31
CA PHE D 332 -38.19 15.07 -4.33
C PHE D 332 -38.75 14.84 -2.93
N THR D 333 -37.85 14.68 -1.97
CA THR D 333 -38.24 14.43 -0.59
C THR D 333 -37.43 15.30 0.35
N TYR D 334 -37.99 15.54 1.54
CA TYR D 334 -37.33 16.36 2.55
C TYR D 334 -37.88 15.97 3.91
N ALA D 335 -37.09 16.27 4.96
CA ALA D 335 -37.46 15.96 6.33
C ALA D 335 -37.10 17.12 7.23
N MET D 336 -37.83 17.24 8.34
CA MET D 336 -37.57 18.33 9.30
C MET D 336 -38.14 17.93 10.65
N SER D 337 -37.27 17.82 11.65
CA SER D 337 -37.64 17.51 13.02
C SER D 337 -37.83 18.82 13.80
N SER D 338 -37.85 18.75 15.14
CA SER D 338 -37.88 19.92 16.01
C SER D 338 -39.14 20.76 15.79
N ALA D 339 -40.27 20.17 16.18
CA ALA D 339 -41.58 20.81 16.07
C ALA D 339 -41.61 22.23 16.65
N GLN D 340 -40.63 22.60 17.48
CA GLN D 340 -40.48 23.99 17.88
C GLN D 340 -40.42 24.91 16.67
N GLN D 341 -39.61 24.52 15.67
CA GLN D 341 -39.51 25.31 14.45
C GLN D 341 -40.82 25.30 13.67
N TYR D 342 -41.56 24.18 13.70
CA TYR D 342 -42.87 24.14 13.07
C TYR D 342 -43.81 25.15 13.70
N ALA D 343 -43.82 25.22 15.05
CA ALA D 343 -44.67 26.18 15.73
C ALA D 343 -44.26 27.60 15.42
N TRP D 344 -42.96 27.88 15.40
CA TRP D 344 -42.48 29.21 15.05
C TRP D 344 -42.90 29.60 13.64
N LEU D 345 -42.74 28.68 12.68
CA LEU D 345 -43.13 28.96 11.30
C LEU D 345 -44.62 29.20 11.18
N GLU D 346 -45.42 28.40 11.88
CA GLU D 346 -46.88 28.61 11.86
C GLU D 346 -47.25 29.96 12.45
N GLU D 347 -46.59 30.36 13.55
CA GLU D 347 -46.94 31.61 14.21
C GLU D 347 -46.53 32.82 13.39
N GLU D 348 -45.35 32.77 12.77
CA GLU D 348 -44.78 33.96 12.13
C GLU D 348 -44.87 33.95 10.60
N HIS D 349 -45.37 32.86 10.01
CA HIS D 349 -45.47 32.76 8.55
C HIS D 349 -46.66 31.87 8.19
N PRO D 350 -47.88 32.43 8.20
CA PRO D 350 -49.05 31.61 7.86
C PRO D 350 -49.00 31.02 6.46
N ASP D 351 -48.51 31.78 5.47
CA ASP D 351 -48.49 31.28 4.09
C ASP D 351 -47.50 30.14 3.94
N LEU D 352 -46.31 30.27 4.54
CA LEU D 352 -45.32 29.20 4.45
C LEU D 352 -45.83 27.92 5.12
N PHE D 353 -46.46 28.06 6.28
CA PHE D 353 -47.03 26.90 6.95
C PHE D 353 -48.15 26.26 6.13
N ALA D 354 -48.99 27.09 5.51
CA ALA D 354 -50.06 26.55 4.68
C ALA D 354 -49.49 25.78 3.49
N ARG D 355 -48.47 26.34 2.83
CA ARG D 355 -47.85 25.64 1.71
C ARG D 355 -47.18 24.35 2.15
N MET D 356 -46.52 24.37 3.31
CA MET D 356 -45.90 23.17 3.83
C MET D 356 -46.93 22.09 4.12
N LYS D 357 -48.05 22.47 4.74
CA LYS D 357 -49.11 21.49 5.03
C LYS D 357 -49.72 20.95 3.75
N ARG D 358 -49.89 21.81 2.73
CA ARG D 358 -50.40 21.35 1.45
C ARG D 358 -49.44 20.35 0.80
N ARG D 359 -48.13 20.61 0.89
CA ARG D 359 -47.16 19.69 0.32
C ARG D 359 -47.06 18.39 1.14
N ILE D 360 -47.40 18.44 2.42
CA ILE D 360 -47.37 17.25 3.25
C ILE D 360 -48.40 16.23 2.77
N GLU D 361 -49.56 16.71 2.33
CA GLU D 361 -50.62 15.81 1.88
C GLU D 361 -50.15 14.94 0.72
N GLU D 362 -49.33 15.50 -0.17
CA GLU D 362 -48.79 14.72 -1.28
C GLU D 362 -47.88 13.61 -0.77
N GLY D 363 -47.09 13.89 0.25
CA GLY D 363 -46.20 12.90 0.82
C GLY D 363 -44.75 13.08 0.39
N ARG D 364 -44.28 14.33 0.38
CA ARG D 364 -42.91 14.64 0.01
C ARG D 364 -42.25 15.58 1.00
N PHE D 365 -42.90 15.90 2.11
CA PHE D 365 -42.37 16.76 3.16
C PHE D 365 -42.55 16.09 4.51
N ILE D 366 -42.13 14.83 4.59
CA ILE D 366 -42.38 13.96 5.73
C ILE D 366 -41.81 14.57 7.01
N PRO D 367 -42.67 14.89 7.99
CA PRO D 367 -42.18 15.34 9.31
C PRO D 367 -41.75 14.16 10.14
N VAL D 368 -40.44 14.03 10.36
CA VAL D 368 -39.86 12.89 11.06
C VAL D 368 -39.25 13.38 12.37
N GLY D 369 -39.44 12.59 13.42
CA GLY D 369 -38.92 12.94 14.73
C GLY D 369 -39.99 13.49 15.65
N GLY D 370 -40.51 12.66 16.54
CA GLY D 370 -41.58 13.06 17.42
C GLY D 370 -41.18 13.88 18.63
N MET D 371 -39.88 14.09 18.82
CA MET D 371 -39.42 14.90 19.95
C MET D 371 -39.77 16.37 19.73
N TRP D 372 -39.98 17.08 20.84
CA TRP D 372 -40.37 18.48 20.75
C TRP D 372 -39.24 19.33 20.18
N VAL D 373 -38.00 19.00 20.52
CA VAL D 373 -36.83 19.65 19.95
C VAL D 373 -35.66 18.68 20.10
N GLU D 374 -34.67 18.80 19.21
CA GLU D 374 -33.51 17.92 19.26
C GLU D 374 -32.64 18.27 20.45
N SER D 375 -32.88 17.60 21.58
CA SER D 375 -32.20 17.90 22.82
C SER D 375 -31.05 16.93 23.07
N ASP D 376 -30.32 17.17 24.16
CA ASP D 376 -29.27 16.26 24.57
C ASP D 376 -29.85 15.05 25.27
N ASN D 377 -28.98 14.08 25.55
CA ASN D 377 -29.41 12.77 26.04
C ASN D 377 -28.84 12.46 27.42
N MET D 378 -27.53 12.62 27.60
CA MET D 378 -26.88 12.17 28.84
C MET D 378 -27.27 13.04 30.03
N ILE D 379 -27.26 14.36 29.84
CA ILE D 379 -27.52 15.31 30.93
C ILE D 379 -28.98 15.37 31.33
N PRO D 380 -29.94 15.59 30.42
CA PRO D 380 -31.32 15.82 30.85
C PRO D 380 -31.92 14.60 31.55
N SER D 381 -32.80 14.89 32.51
CA SER D 381 -33.51 13.83 33.21
C SER D 381 -34.53 13.16 32.31
N GLY D 382 -34.92 11.94 32.69
CA GLY D 382 -35.90 11.20 31.90
C GLY D 382 -37.24 11.89 31.81
N GLU D 383 -37.62 12.64 32.85
CA GLU D 383 -38.89 13.36 32.82
C GLU D 383 -38.90 14.39 31.70
N SER D 384 -37.77 15.08 31.50
CA SER D 384 -37.67 16.02 30.39
C SER D 384 -37.79 15.31 29.05
N LEU D 385 -37.18 14.13 28.93
CA LEU D 385 -37.26 13.38 27.68
C LEU D 385 -38.70 12.98 27.37
N VAL D 386 -39.41 12.45 28.36
CA VAL D 386 -40.79 12.04 28.11
C VAL D 386 -41.67 13.27 27.86
N ARG D 387 -41.38 14.40 28.51
CA ARG D 387 -42.12 15.62 28.22
C ARG D 387 -41.93 16.04 26.77
N GLN D 388 -40.69 16.00 26.28
CA GLN D 388 -40.44 16.32 24.88
C GLN D 388 -41.19 15.37 23.96
N ILE D 389 -41.14 14.08 24.25
CA ILE D 389 -41.79 13.10 23.39
C ILE D 389 -43.29 13.36 23.33
N THR D 390 -43.93 13.52 24.49
CA THR D 390 -45.38 13.70 24.50
C THR D 390 -45.80 15.03 23.89
N PHE D 391 -45.05 16.10 24.16
CA PHE D 391 -45.38 17.40 23.58
C PHE D 391 -45.26 17.37 22.07
N GLY D 392 -44.16 16.80 21.55
CA GLY D 392 -44.00 16.74 20.10
C GLY D 392 -45.04 15.84 19.44
N ARG D 393 -45.33 14.70 20.05
CA ARG D 393 -46.32 13.80 19.47
C ARG D 393 -47.71 14.45 19.45
N ARG D 394 -48.09 15.12 20.55
CA ARG D 394 -49.38 15.81 20.57
C ARG D 394 -49.43 16.92 19.53
N TYR D 395 -48.35 17.70 19.41
CA TYR D 395 -48.31 18.78 18.42
C TYR D 395 -48.48 18.21 17.01
N PHE D 396 -47.74 17.15 16.69
CA PHE D 396 -47.85 16.55 15.36
C PHE D 396 -49.24 15.99 15.14
N LYS D 397 -49.85 15.41 16.18
CA LYS D 397 -51.15 14.77 16.02
C LYS D 397 -52.25 15.80 15.76
N GLU D 398 -52.26 16.91 16.51
CA GLU D 398 -53.41 17.80 16.45
C GLU D 398 -53.16 19.13 15.71
N HIS D 399 -51.93 19.41 15.27
CA HIS D 399 -51.73 20.53 14.36
C HIS D 399 -51.48 20.09 12.92
N LEU D 400 -50.76 19.00 12.71
CA LEU D 400 -50.42 18.56 11.36
C LEU D 400 -51.17 17.30 10.92
N GLY D 401 -51.80 16.58 11.85
CA GLY D 401 -52.50 15.36 11.50
C GLY D 401 -51.61 14.26 10.97
N VAL D 402 -50.38 14.16 11.47
CA VAL D 402 -49.44 13.13 11.06
C VAL D 402 -48.80 12.54 12.30
N THR D 403 -48.67 11.21 12.33
CA THR D 403 -48.07 10.52 13.46
C THR D 403 -46.68 10.02 13.10
N PRO D 404 -45.64 10.45 13.79
CA PRO D 404 -44.29 9.94 13.51
C PRO D 404 -44.15 8.51 14.00
N ARG D 405 -43.17 7.81 13.41
CA ARG D 405 -42.92 6.42 13.74
C ARG D 405 -41.54 6.16 14.33
N GLY D 406 -40.65 7.14 14.35
CA GLY D 406 -39.31 6.91 14.88
C GLY D 406 -38.67 8.19 15.36
N ILE D 407 -37.60 8.02 16.14
CA ILE D 407 -36.85 9.13 16.68
C ILE D 407 -35.81 9.59 15.65
N TRP D 408 -35.61 10.91 15.57
CA TRP D 408 -34.69 11.51 14.60
C TRP D 408 -33.77 12.47 15.36
N LEU D 409 -32.60 11.97 15.75
CA LEU D 409 -31.60 12.75 16.49
C LEU D 409 -30.25 12.60 15.79
N PRO D 410 -30.03 13.32 14.70
CA PRO D 410 -28.77 13.20 13.96
C PRO D 410 -27.62 14.01 14.54
N ASP D 411 -27.77 14.59 15.72
CA ASP D 411 -26.64 15.34 16.31
C ASP D 411 -26.83 15.42 17.79
N SER D 412 -26.14 14.59 18.54
CA SER D 412 -26.20 14.55 20.00
C SER D 412 -24.91 13.92 20.52
N PHE D 413 -24.64 14.15 21.80
CA PHE D 413 -23.42 13.68 22.45
C PHE D 413 -23.80 12.59 23.45
N GLY D 414 -23.59 11.33 23.08
CA GLY D 414 -23.87 10.22 23.95
C GLY D 414 -25.35 9.91 24.07
N TYR D 415 -25.70 8.63 24.25
CA TYR D 415 -27.07 8.19 24.35
C TYR D 415 -27.23 7.31 25.57
N ALA D 416 -28.22 7.62 26.41
CA ALA D 416 -28.47 6.84 27.60
C ALA D 416 -29.06 5.48 27.24
N GLY D 417 -28.87 4.51 28.15
CA GLY D 417 -29.35 3.16 27.91
C GLY D 417 -30.86 3.01 28.04
N SER D 418 -31.53 3.96 28.67
CA SER D 418 -32.98 3.88 28.87
C SER D 418 -33.78 4.31 27.65
N TRP D 419 -33.11 4.82 26.61
CA TRP D 419 -33.82 5.30 25.44
C TRP D 419 -34.64 4.23 24.69
N PRO D 420 -34.13 3.02 24.45
CA PRO D 420 -34.98 2.04 23.75
C PRO D 420 -36.31 1.77 24.43
N GLN D 421 -36.31 1.67 25.77
CA GLN D 421 -37.55 1.38 26.48
C GLN D 421 -38.56 2.51 26.32
N ILE D 422 -38.11 3.75 26.52
CA ILE D 422 -39.01 4.89 26.41
C ILE D 422 -39.51 5.03 24.98
N ALA D 423 -38.62 4.86 24.00
CA ALA D 423 -39.02 4.98 22.60
C ALA D 423 -40.05 3.92 22.22
N ARG D 424 -39.84 2.67 22.67
CA ARG D 424 -40.79 1.61 22.34
C ARG D 424 -42.12 1.81 23.04
N ARG D 425 -42.09 2.27 24.30
CA ARG D 425 -43.34 2.51 25.02
C ARG D 425 -44.05 3.76 24.55
N ALA D 426 -43.36 4.63 23.81
CA ALA D 426 -43.98 5.84 23.27
C ALA D 426 -44.60 5.63 21.90
N GLY D 427 -44.45 4.44 21.32
CA GLY D 427 -45.03 4.12 20.03
C GLY D 427 -44.05 4.09 18.88
N PHE D 428 -42.83 4.60 19.06
CA PHE D 428 -41.84 4.57 18.01
C PHE D 428 -41.33 3.15 17.78
N ASP D 429 -40.86 2.88 16.56
CA ASP D 429 -40.39 1.54 16.23
C ASP D 429 -39.11 1.51 15.41
N TRP D 430 -38.38 2.62 15.33
CA TRP D 430 -37.02 2.61 14.80
C TRP D 430 -36.28 3.83 15.32
N PHE D 431 -34.95 3.79 15.16
CA PHE D 431 -34.05 4.79 15.74
C PHE D 431 -32.96 5.11 14.74
N LEU D 432 -32.59 6.39 14.64
CA LEU D 432 -31.60 6.85 13.67
C LEU D 432 -30.70 7.88 14.31
N THR D 433 -29.40 7.60 14.35
CA THR D 433 -28.39 8.52 14.85
C THR D 433 -27.11 8.35 14.04
N GLN D 434 -26.25 9.37 14.09
CA GLN D 434 -25.00 9.32 13.33
C GLN D 434 -23.77 9.79 14.09
N LYS D 435 -23.90 10.47 15.23
CA LYS D 435 -22.73 11.06 15.87
C LYS D 435 -21.81 10.03 16.52
N ILE D 436 -22.26 8.78 16.67
CA ILE D 436 -21.42 7.77 17.29
C ILE D 436 -20.16 7.53 16.47
N SER D 437 -20.21 7.77 15.16
CA SER D 437 -19.07 7.53 14.29
C SER D 437 -17.95 8.55 14.51
N TRP D 438 -18.18 9.61 15.29
CA TRP D 438 -17.16 10.61 15.56
C TRP D 438 -16.23 10.22 16.70
N ASN D 439 -16.10 8.93 16.98
CA ASN D 439 -15.24 8.48 18.06
C ASN D 439 -13.77 8.78 17.74
N ASP D 440 -12.94 8.67 18.78
CA ASP D 440 -11.51 8.96 18.67
C ASP D 440 -10.65 7.71 18.60
N THR D 441 -11.03 6.65 19.31
CA THR D 441 -10.21 5.44 19.40
C THR D 441 -10.80 4.25 18.66
N THR D 442 -12.05 3.90 18.93
CA THR D 442 -12.66 2.69 18.40
C THR D 442 -13.74 3.02 17.38
N LYS D 443 -14.11 1.99 16.61
CA LYS D 443 -15.16 2.09 15.61
C LYS D 443 -16.33 1.20 16.01
N PHE D 444 -17.55 1.68 15.80
CA PHE D 444 -18.73 0.92 16.20
C PHE D 444 -18.84 -0.35 15.37
N PRO D 445 -19.17 -1.49 16.01
CA PRO D 445 -19.22 -2.75 15.27
C PRO D 445 -20.23 -2.79 14.13
N HIS D 446 -21.36 -2.10 14.26
CA HIS D 446 -22.45 -2.22 13.31
C HIS D 446 -22.97 -0.85 12.90
N HIS D 447 -23.69 -0.89 11.77
CA HIS D 447 -24.28 0.33 11.19
C HIS D 447 -25.78 0.09 11.05
N SER D 448 -26.29 -1.10 11.37
CA SER D 448 -27.72 -1.40 11.38
C SER D 448 -27.91 -2.63 12.25
N PHE D 449 -28.57 -2.46 13.39
CA PHE D 449 -28.62 -3.52 14.39
C PHE D 449 -29.87 -3.33 15.25
N MET D 450 -29.96 -4.14 16.31
CA MET D 450 -31.01 -4.05 17.31
C MET D 450 -30.35 -3.54 18.60
N TRP D 451 -30.66 -2.30 18.96
CA TRP D 451 -30.18 -1.71 20.20
C TRP D 451 -31.06 -2.20 21.34
N GLU D 452 -30.48 -2.90 22.30
CA GLU D 452 -31.21 -3.45 23.42
C GLU D 452 -31.12 -2.51 24.61
N GLY D 453 -32.27 -2.16 25.18
CA GLY D 453 -32.31 -1.30 26.33
C GLY D 453 -31.77 -2.00 27.57
N ILE D 454 -31.79 -1.26 28.68
CA ILE D 454 -31.27 -1.81 29.93
C ILE D 454 -32.14 -2.96 30.41
N ASP D 455 -33.46 -2.88 30.20
CA ASP D 455 -34.34 -3.91 30.71
C ASP D 455 -34.40 -5.13 29.80
N GLY D 456 -35.11 -5.02 28.69
CA GLY D 456 -35.09 -6.04 27.66
C GLY D 456 -35.41 -5.49 26.29
N THR D 457 -35.55 -4.17 26.21
CA THR D 457 -36.23 -3.54 25.09
C THR D 457 -35.30 -3.44 23.89
N ARG D 458 -35.72 -4.02 22.76
CA ARG D 458 -34.96 -4.00 21.52
C ARG D 458 -35.62 -3.04 20.55
N ILE D 459 -34.83 -2.14 19.98
CA ILE D 459 -35.31 -1.16 19.01
C ILE D 459 -34.39 -1.19 17.81
N LEU D 460 -34.96 -1.15 16.61
CA LEU D 460 -34.14 -1.14 15.40
C LEU D 460 -33.38 0.17 15.30
N THR D 461 -32.07 0.09 15.06
CA THR D 461 -31.22 1.28 14.97
C THR D 461 -30.39 1.19 13.69
N HIS D 462 -30.29 2.31 12.98
CA HIS D 462 -29.52 2.39 11.76
C HIS D 462 -28.65 3.63 11.77
N PHE D 463 -27.43 3.50 11.24
CA PHE D 463 -26.50 4.61 11.13
C PHE D 463 -26.27 4.96 9.66
N PRO D 464 -26.12 6.25 9.34
CA PRO D 464 -25.74 6.64 7.98
C PRO D 464 -24.28 6.31 7.72
N PRO D 465 -23.99 5.45 6.74
CA PRO D 465 -22.60 5.06 6.49
C PRO D 465 -21.69 6.22 6.12
N SER D 466 -22.22 7.25 5.45
CA SER D 466 -21.39 8.39 5.09
C SER D 466 -20.92 9.18 6.31
N ASP D 467 -21.56 8.96 7.47
CA ASP D 467 -21.13 9.55 8.74
C ASP D 467 -21.19 11.08 8.68
N THR D 468 -22.18 11.60 7.97
CA THR D 468 -22.36 13.05 7.86
C THR D 468 -23.83 13.34 7.56
N TYR D 469 -24.40 14.28 8.31
CA TYR D 469 -25.78 14.71 8.09
C TYR D 469 -25.88 15.88 7.13
N CYS D 470 -24.75 16.46 6.71
CA CYS D 470 -24.72 17.59 5.78
C CYS D 470 -23.73 17.22 4.67
N SER D 471 -24.24 16.54 3.65
CA SER D 471 -23.43 16.03 2.56
C SER D 471 -23.73 16.78 1.27
N SER D 472 -22.68 16.98 0.46
CA SER D 472 -22.81 17.64 -0.83
C SER D 472 -23.10 16.66 -1.96
N MET D 473 -23.36 15.39 -1.62
CA MET D 473 -23.63 14.35 -2.60
C MET D 473 -22.47 14.15 -3.58
N SER D 474 -21.25 14.35 -3.10
CA SER D 474 -20.08 14.05 -3.90
C SER D 474 -19.94 12.54 -4.08
N MET D 475 -19.47 12.15 -5.27
CA MET D 475 -19.31 10.73 -5.57
C MET D 475 -18.29 10.07 -4.63
N ARG D 476 -17.28 10.82 -4.21
CA ARG D 476 -16.33 10.32 -3.23
C ARG D 476 -17.04 9.91 -1.95
N GLU D 477 -17.92 10.77 -1.44
CA GLU D 477 -18.71 10.41 -0.26
C GLU D 477 -19.66 9.25 -0.58
N LEU D 478 -20.18 9.22 -1.81
CA LEU D 478 -21.14 8.18 -2.17
C LEU D 478 -20.51 6.80 -2.08
N MET D 479 -19.27 6.63 -2.58
CA MET D 479 -18.62 5.34 -2.42
C MET D 479 -17.93 5.17 -1.08
N TYR D 480 -17.63 6.27 -0.36
CA TYR D 480 -17.13 6.12 0.99
C TYR D 480 -18.18 5.53 1.91
N SER D 481 -19.45 5.88 1.68
CA SER D 481 -20.53 5.25 2.45
C SER D 481 -20.58 3.76 2.23
N GLN D 482 -20.42 3.32 0.97
CA GLN D 482 -20.41 1.89 0.69
C GLN D 482 -19.19 1.20 1.28
N ARG D 483 -18.03 1.86 1.20
CA ARG D 483 -16.79 1.26 1.71
C ARG D 483 -16.79 1.15 3.23
N ASN D 484 -17.39 2.12 3.92
CA ASN D 484 -17.39 2.14 5.38
C ASN D 484 -18.51 1.34 5.99
N PHE D 485 -19.34 0.67 5.18
CA PHE D 485 -20.47 -0.10 5.69
C PHE D 485 -19.96 -1.42 6.27
N LEU D 486 -20.05 -1.56 7.60
CA LEU D 486 -19.62 -2.80 8.23
C LEU D 486 -20.60 -3.94 7.97
N ASP D 487 -21.89 -3.65 8.00
CA ASP D 487 -22.92 -4.69 7.80
C ASP D 487 -23.20 -4.90 6.31
N LYS D 488 -22.15 -5.18 5.54
CA LYS D 488 -22.28 -5.34 4.10
C LYS D 488 -22.72 -6.74 3.68
N ASP D 489 -22.81 -7.69 4.62
CA ASP D 489 -23.06 -9.08 4.26
C ASP D 489 -24.53 -9.47 4.33
N LEU D 490 -25.36 -8.71 5.06
CA LEU D 490 -26.75 -9.13 5.21
C LEU D 490 -27.75 -7.97 5.15
N SER D 491 -27.33 -6.77 4.73
CA SER D 491 -28.23 -5.62 4.73
C SER D 491 -28.54 -5.13 3.32
N ARG D 492 -27.52 -4.77 2.53
CA ARG D 492 -27.70 -4.26 1.17
C ARG D 492 -28.66 -3.06 1.14
N ASN D 493 -28.62 -2.24 2.19
CA ASN D 493 -29.48 -1.06 2.27
C ASN D 493 -28.83 -0.04 3.18
N ALA D 494 -28.93 1.23 2.80
CA ALA D 494 -28.31 2.31 3.56
C ALA D 494 -29.04 3.62 3.29
N ILE D 495 -28.89 4.55 4.21
CA ILE D 495 -29.50 5.87 4.12
C ILE D 495 -28.40 6.89 3.85
N LEU D 496 -28.79 7.98 3.20
CA LEU D 496 -27.85 9.06 2.90
C LEU D 496 -28.58 10.38 2.94
N LEU D 497 -28.22 11.23 3.89
CA LEU D 497 -28.83 12.55 4.03
C LEU D 497 -27.99 13.57 3.28
N TYR D 498 -28.63 14.33 2.40
CA TYR D 498 -27.95 15.33 1.59
C TYR D 498 -28.60 16.70 1.78
N GLY D 499 -27.78 17.74 1.68
CA GLY D 499 -28.23 19.09 1.91
C GLY D 499 -27.33 19.83 2.88
N PHE D 500 -26.97 21.05 2.53
CA PHE D 500 -26.01 21.80 3.36
C PHE D 500 -26.73 22.12 4.64
N GLY D 501 -26.14 21.77 5.77
CA GLY D 501 -26.85 21.92 7.04
C GLY D 501 -25.98 22.57 8.08
N ASP D 502 -25.87 21.95 9.26
CA ASP D 502 -25.02 22.47 10.37
C ASP D 502 -25.47 23.87 10.80
N GLY D 503 -26.66 24.31 10.38
CA GLY D 503 -27.05 25.66 10.74
C GLY D 503 -27.45 26.42 9.52
N GLY D 504 -28.34 25.85 8.74
CA GLY D 504 -28.87 26.62 7.61
C GLY D 504 -28.63 25.95 6.29
N GLY D 505 -29.41 26.31 5.29
CA GLY D 505 -29.11 25.81 3.95
C GLY D 505 -30.23 24.97 3.41
N GLY D 506 -29.87 23.77 2.99
CA GLY D 506 -30.88 22.87 2.47
C GLY D 506 -30.54 22.41 1.05
N PRO D 507 -31.23 21.42 0.45
CA PRO D 507 -30.85 20.88 -0.86
C PRO D 507 -30.89 21.95 -1.95
N THR D 508 -30.02 21.78 -2.93
CA THR D 508 -29.94 22.66 -4.10
C THR D 508 -30.15 21.84 -5.37
N ARG D 509 -29.98 22.51 -6.51
CA ARG D 509 -30.18 21.85 -7.80
C ARG D 509 -29.07 20.85 -8.10
N GLU D 510 -27.85 21.10 -7.61
CA GLU D 510 -26.72 20.26 -7.97
C GLU D 510 -26.89 18.83 -7.45
N MET D 511 -27.23 18.67 -6.16
CA MET D 511 -27.35 17.32 -5.63
C MET D 511 -28.60 16.61 -6.15
N THR D 512 -29.69 17.34 -6.34
CA THR D 512 -30.88 16.70 -6.91
C THR D 512 -30.68 16.34 -8.37
N ALA D 513 -29.71 16.97 -9.05
CA ALA D 513 -29.31 16.50 -10.37
C ALA D 513 -28.37 15.30 -10.31
N ARG D 514 -27.46 15.30 -9.33
CA ARG D 514 -26.55 14.17 -9.17
C ARG D 514 -27.31 12.88 -8.84
N ILE D 515 -28.34 12.99 -8.00
CA ILE D 515 -29.14 11.81 -7.65
C ILE D 515 -29.78 11.21 -8.89
N ARG D 516 -30.36 12.05 -9.75
CA ARG D 516 -30.97 11.56 -10.96
C ARG D 516 -29.95 11.00 -11.94
N ARG D 517 -28.75 11.61 -12.01
CA ARG D 517 -27.72 11.09 -12.89
C ARG D 517 -27.17 9.75 -12.40
N ASP D 518 -27.23 9.50 -11.09
CA ASP D 518 -26.65 8.30 -10.50
C ASP D 518 -27.70 7.27 -10.12
N HIS D 519 -28.75 7.12 -10.93
CA HIS D 519 -29.77 6.13 -10.62
C HIS D 519 -29.21 4.71 -10.69
N ASP D 520 -28.58 4.36 -11.81
CA ASP D 520 -27.98 3.04 -11.97
C ASP D 520 -26.65 3.15 -12.70
N LEU D 521 -25.81 4.11 -12.31
CA LEU D 521 -24.54 4.32 -12.97
C LEU D 521 -23.57 3.20 -12.61
N ALA D 522 -22.91 2.65 -13.62
CA ALA D 522 -21.97 1.56 -13.41
C ALA D 522 -20.74 2.04 -12.65
N GLY D 523 -20.28 1.22 -11.72
CA GLY D 523 -19.14 1.57 -10.89
C GLY D 523 -19.46 2.33 -9.63
N ALA D 524 -20.72 2.70 -9.42
CA ALA D 524 -21.16 3.44 -8.25
C ALA D 524 -22.38 2.78 -7.64
N PRO D 525 -22.58 2.92 -6.33
CA PRO D 525 -23.78 2.34 -5.70
C PRO D 525 -25.05 2.97 -6.23
N LYS D 526 -26.10 2.17 -6.28
CA LYS D 526 -27.40 2.64 -6.75
C LYS D 526 -28.08 3.47 -5.67
N ILE D 527 -28.58 4.65 -6.05
CA ILE D 527 -29.24 5.56 -5.12
C ILE D 527 -30.49 6.11 -5.77
N ASP D 528 -31.58 6.15 -5.00
CA ASP D 528 -32.86 6.67 -5.45
C ASP D 528 -33.48 7.50 -4.34
N PHE D 529 -34.53 8.23 -4.68
CA PHE D 529 -35.31 8.95 -3.68
C PHE D 529 -36.16 7.97 -2.88
N GLY D 530 -36.64 8.44 -1.72
CA GLY D 530 -37.47 7.59 -0.89
C GLY D 530 -37.83 8.29 0.40
N THR D 531 -38.34 7.50 1.34
CA THR D 531 -38.75 7.95 2.65
C THR D 531 -38.10 7.09 3.73
N PRO D 532 -37.88 7.63 4.92
CA PRO D 532 -37.25 6.82 5.98
C PRO D 532 -38.03 5.57 6.34
N ASP D 533 -39.37 5.63 6.30
CA ASP D 533 -40.18 4.47 6.68
C ASP D 533 -39.93 3.30 5.72
N GLN D 534 -39.83 3.58 4.43
CA GLN D 534 -39.55 2.52 3.46
C GLN D 534 -38.20 1.88 3.71
N LEU D 535 -37.17 2.70 3.99
CA LEU D 535 -35.85 2.15 4.27
C LEU D 535 -35.85 1.31 5.54
N PHE D 536 -36.55 1.76 6.58
CA PHE D 536 -36.56 1.00 7.82
C PHE D 536 -37.35 -0.29 7.68
N ASP D 537 -38.41 -0.28 6.87
CA ASP D 537 -39.10 -1.54 6.56
C ASP D 537 -38.18 -2.49 5.79
N ARG D 538 -37.40 -1.95 4.85
CA ARG D 538 -36.43 -2.78 4.13
C ARG D 538 -35.42 -3.37 5.08
N VAL D 539 -34.91 -2.57 6.03
CA VAL D 539 -33.93 -3.06 6.99
C VAL D 539 -34.54 -4.14 7.88
N ARG D 540 -35.79 -3.94 8.31
CA ARG D 540 -36.48 -4.94 9.11
C ARG D 540 -36.62 -6.25 8.35
N LYS D 541 -36.97 -6.16 7.06
CA LYS D 541 -37.08 -7.36 6.25
C LYS D 541 -35.71 -8.04 6.07
N ASP D 542 -34.65 -7.24 5.93
CA ASP D 542 -33.34 -7.81 5.63
C ASP D 542 -32.69 -8.46 6.84
N ILE D 543 -32.77 -7.84 8.02
CA ILE D 543 -31.94 -8.24 9.15
C ILE D 543 -32.76 -8.81 10.31
N VAL D 544 -34.08 -8.97 10.13
CA VAL D 544 -34.90 -9.52 11.21
C VAL D 544 -35.67 -10.73 10.71
N ASP D 545 -36.45 -10.55 9.65
CA ASP D 545 -37.31 -11.61 9.13
C ASP D 545 -36.60 -12.54 8.14
N ASP D 546 -35.35 -12.27 7.82
CA ASP D 546 -34.62 -13.08 6.85
C ASP D 546 -33.40 -13.78 7.45
N ALA D 547 -32.71 -13.13 8.39
CA ALA D 547 -31.54 -13.76 9.00
C ALA D 547 -31.93 -15.00 9.80
N ARG D 548 -33.02 -14.90 10.57
CA ARG D 548 -33.52 -16.02 11.39
C ARG D 548 -32.45 -16.53 12.34
N GLY D 549 -32.01 -15.64 13.24
CA GLY D 549 -31.00 -15.97 14.23
C GLY D 549 -29.68 -15.27 14.05
N GLU D 550 -29.50 -14.48 12.99
CA GLU D 550 -28.27 -13.75 12.74
C GLU D 550 -28.47 -12.25 12.90
N THR D 551 -29.45 -11.85 13.69
CA THR D 551 -29.74 -10.43 13.88
C THR D 551 -28.69 -9.79 14.77
N PRO D 552 -27.99 -8.74 14.31
CA PRO D 552 -27.05 -8.06 15.19
C PRO D 552 -27.76 -7.40 16.36
N VAL D 553 -27.13 -7.50 17.53
CA VAL D 553 -27.69 -6.94 18.76
C VAL D 553 -26.57 -6.22 19.52
N PHE D 554 -26.89 -5.04 20.03
CA PHE D 554 -25.96 -4.24 20.82
C PHE D 554 -26.62 -3.89 22.14
N HIS D 555 -26.08 -4.41 23.24
CA HIS D 555 -26.65 -4.22 24.56
C HIS D 555 -25.84 -3.20 25.35
N GLY D 556 -26.54 -2.36 26.11
CA GLY D 556 -25.88 -1.36 26.92
C GLY D 556 -26.29 0.06 26.56
N GLU D 557 -25.31 0.96 26.48
CA GLU D 557 -25.57 2.35 26.15
C GLU D 557 -24.58 2.81 25.08
N LEU D 558 -25.04 3.71 24.22
CA LEU D 558 -24.21 4.29 23.17
C LEU D 558 -23.45 5.47 23.77
N TYR D 559 -22.13 5.32 23.89
CA TYR D 559 -21.27 6.32 24.52
C TYR D 559 -20.37 6.93 23.47
N LEU D 560 -20.54 8.23 23.22
CA LEU D 560 -19.63 8.93 22.32
C LEU D 560 -18.26 9.08 22.97
N GLU D 561 -17.21 8.89 22.18
CA GLU D 561 -15.84 8.95 22.67
C GLU D 561 -15.16 10.28 22.36
N LEU D 562 -15.93 11.29 21.98
CA LEU D 562 -15.41 12.62 21.72
C LEU D 562 -15.94 13.59 22.77
N HIS D 563 -15.43 14.82 22.71
CA HIS D 563 -15.82 15.89 23.62
C HIS D 563 -15.52 15.53 25.07
N ARG D 564 -16.52 15.06 25.80
CA ARG D 564 -16.46 14.64 27.21
C ARG D 564 -16.25 15.79 28.16
N GLY D 565 -16.05 17.01 27.67
CA GLY D 565 -15.89 18.17 28.55
C GLY D 565 -17.18 18.96 28.68
N THR D 566 -18.18 18.59 27.88
CA THR D 566 -19.46 19.27 27.92
C THR D 566 -20.24 19.00 29.20
N LEU D 567 -19.92 17.92 29.90
CA LEU D 567 -20.68 17.54 31.09
C LEU D 567 -20.46 18.49 32.25
N THR D 568 -19.36 19.25 32.26
CA THR D 568 -19.06 20.19 33.34
C THR D 568 -18.67 21.56 32.81
N ALA D 569 -19.30 21.99 31.71
CA ALA D 569 -19.10 23.31 31.16
C ALA D 569 -20.36 24.14 31.34
N GLN D 570 -20.19 25.37 31.81
CA GLN D 570 -21.30 26.27 32.15
C GLN D 570 -22.22 25.60 33.18
N GLN D 571 -21.63 25.40 34.36
CA GLN D 571 -22.32 24.67 35.43
C GLN D 571 -23.62 25.34 35.85
N ASP D 572 -23.73 26.66 35.67
CA ASP D 572 -24.93 27.37 36.07
C ASP D 572 -26.16 26.83 35.33
N MET D 573 -26.00 26.50 34.04
CA MET D 573 -27.13 26.00 33.26
C MET D 573 -27.64 24.68 33.84
N LYS D 574 -26.73 23.73 34.09
CA LYS D 574 -27.15 22.43 34.60
C LYS D 574 -27.72 22.54 36.01
N ARG D 575 -27.11 23.38 36.86
CA ARG D 575 -27.64 23.61 38.20
C ARG D 575 -29.06 24.16 38.13
N GLY D 576 -29.28 25.21 37.33
CA GLY D 576 -30.60 25.76 37.19
C GLY D 576 -31.59 24.76 36.63
N CYS D 577 -31.15 23.93 35.68
CA CYS D 577 -32.03 22.92 35.10
C CYS D 577 -32.49 21.92 36.15
N ARG D 578 -31.57 21.44 36.99
CA ARG D 578 -31.96 20.54 38.06
C ARG D 578 -32.92 21.20 39.04
N GLN D 579 -32.64 22.47 39.39
CA GLN D 579 -33.51 23.18 40.31
C GLN D 579 -34.93 23.31 39.74
N GLU D 580 -35.04 23.66 38.46
CA GLU D 580 -36.39 23.83 37.91
C GLU D 580 -37.07 22.50 37.68
N GLU D 581 -36.30 21.43 37.43
CA GLU D 581 -36.94 20.11 37.33
C GLU D 581 -37.59 19.73 38.66
N SER D 582 -36.86 19.93 39.77
CA SER D 582 -37.45 19.70 41.08
C SER D 582 -38.64 20.63 41.32
N MET D 583 -38.52 21.89 40.88
CA MET D 583 -39.59 22.85 41.04
C MET D 583 -40.86 22.40 40.31
N LEU D 584 -40.70 21.95 39.06
CA LEU D 584 -41.85 21.43 38.31
C LEU D 584 -42.46 20.22 38.99
N ARG D 585 -41.64 19.30 39.48
CA ARG D 585 -42.19 18.13 40.17
C ARG D 585 -43.05 18.56 41.36
N VAL D 586 -42.51 19.41 42.23
CA VAL D 586 -43.23 19.80 43.43
C VAL D 586 -44.48 20.60 43.08
N VAL D 587 -44.37 21.52 42.12
CA VAL D 587 -45.49 22.39 41.79
C VAL D 587 -46.60 21.60 41.11
N GLU D 588 -46.25 20.62 40.28
CA GLU D 588 -47.26 19.78 39.65
C GLU D 588 -47.98 18.93 40.68
N TYR D 589 -47.23 18.37 41.65
CA TYR D 589 -47.89 17.62 42.72
C TYR D 589 -48.84 18.52 43.50
N LEU D 590 -48.40 19.73 43.85
CA LEU D 590 -49.25 20.64 44.61
C LEU D 590 -50.47 21.05 43.82
N CYS D 591 -50.32 21.32 42.52
CA CYS D 591 -51.46 21.69 41.69
C CYS D 591 -52.45 20.55 41.57
N ALA D 592 -51.96 19.31 41.43
CA ALA D 592 -52.85 18.17 41.39
C ALA D 592 -53.62 18.02 42.70
N VAL D 593 -52.94 18.20 43.83
CA VAL D 593 -53.62 18.12 45.13
C VAL D 593 -54.68 19.21 45.24
N ALA D 594 -54.34 20.43 44.81
CA ALA D 594 -55.30 21.53 44.89
C ALA D 594 -56.51 21.27 44.02
N SER D 595 -56.29 20.75 42.80
CA SER D 595 -57.41 20.46 41.91
C SER D 595 -58.29 19.35 42.46
N ILE D 596 -57.68 18.32 43.06
CA ILE D 596 -58.46 17.18 43.54
C ILE D 596 -59.08 17.41 44.90
N LYS D 597 -58.65 18.43 45.64
CA LYS D 597 -59.18 18.66 46.99
C LYS D 597 -60.48 19.46 46.96
N ASN D 598 -60.46 20.65 46.38
CA ASN D 598 -61.65 21.48 46.39
C ASN D 598 -62.04 21.90 44.97
N PRO D 599 -63.32 21.93 44.65
CA PRO D 599 -63.75 22.36 43.32
C PRO D 599 -63.61 23.87 43.16
N GLY D 600 -63.64 24.30 41.90
CA GLY D 600 -63.53 25.71 41.56
C GLY D 600 -62.12 26.20 41.35
N TYR D 601 -61.11 25.38 41.63
CA TYR D 601 -59.71 25.75 41.41
C TYR D 601 -59.33 25.36 39.98
N VAL D 602 -59.21 26.35 39.11
CA VAL D 602 -58.83 26.08 37.73
C VAL D 602 -57.38 25.62 37.67
N TYR D 603 -57.13 24.58 36.90
CA TYR D 603 -55.77 24.06 36.77
C TYR D 603 -54.91 25.05 35.99
N PRO D 604 -53.78 25.49 36.52
CA PRO D 604 -52.93 26.44 35.79
C PRO D 604 -52.25 25.80 34.59
N ARG D 605 -53.06 25.34 33.63
CA ARG D 605 -52.52 24.66 32.46
C ARG D 605 -51.68 25.59 31.60
N GLU D 606 -52.15 26.83 31.41
CA GLU D 606 -51.49 27.75 30.48
C GLU D 606 -50.07 28.08 30.93
N GLU D 607 -49.93 28.63 32.15
CA GLU D 607 -48.60 28.99 32.63
C GLU D 607 -47.69 27.78 32.79
N LEU D 608 -48.26 26.62 33.11
CA LEU D 608 -47.45 25.41 33.20
C LEU D 608 -46.83 25.06 31.85
N ASP D 609 -47.64 25.09 30.78
CA ASP D 609 -47.09 24.82 29.46
C ASP D 609 -46.25 25.97 28.93
N ARG D 610 -46.34 27.16 29.53
CA ARG D 610 -45.42 28.23 29.18
C ARG D 610 -44.06 28.03 29.84
N ILE D 611 -44.04 27.53 31.07
CA ILE D 611 -42.78 27.13 31.70
C ILE D 611 -42.16 25.97 30.93
N TRP D 612 -42.98 24.97 30.58
CA TRP D 612 -42.60 24.00 29.57
C TRP D 612 -42.49 24.69 28.22
N LYS D 613 -41.87 24.00 27.26
CA LYS D 613 -41.58 24.51 25.92
C LYS D 613 -40.57 25.64 25.97
N THR D 614 -40.17 26.08 27.16
CA THR D 614 -39.09 27.03 27.38
C THR D 614 -37.97 26.39 28.19
N LEU D 615 -38.32 25.74 29.31
CA LEU D 615 -37.36 24.84 29.95
C LEU D 615 -36.88 23.79 28.97
N LEU D 616 -37.80 23.23 28.19
CA LEU D 616 -37.43 22.16 27.26
C LEU D 616 -36.63 22.71 26.09
N LEU D 617 -36.95 23.93 25.66
CA LEU D 617 -36.17 24.60 24.61
C LEU D 617 -34.74 24.85 25.08
N ASN D 618 -34.57 25.28 26.33
CA ASN D 618 -33.24 25.56 26.85
C ASN D 618 -32.40 24.30 27.04
N GLN D 619 -32.99 23.11 26.88
CA GLN D 619 -32.28 21.84 26.98
C GLN D 619 -31.76 21.36 25.63
N PHE D 620 -31.51 22.27 24.70
CA PHE D 620 -31.06 21.89 23.36
C PHE D 620 -29.68 21.24 23.41
N HIS D 621 -29.31 20.58 22.32
CA HIS D 621 -28.02 19.82 22.24
C HIS D 621 -26.86 20.75 22.01
N ASP D 622 -27.10 22.04 21.90
CA ASP D 622 -25.96 22.98 21.78
C ASP D 622 -26.19 24.10 22.81
N ILE D 623 -27.09 23.85 23.75
CA ILE D 623 -27.31 24.85 24.79
C ILE D 623 -27.08 24.28 26.18
N LEU D 624 -27.73 23.15 26.49
CA LEU D 624 -27.58 22.56 27.82
C LEU D 624 -26.14 22.15 28.14
N PRO D 625 -25.42 21.43 27.27
CA PRO D 625 -23.99 21.20 27.57
C PRO D 625 -23.21 22.49 27.67
N GLY D 626 -23.53 23.46 26.82
CA GLY D 626 -22.94 24.78 26.85
C GLY D 626 -21.88 24.97 25.79
N SER D 627 -22.28 25.51 24.64
CA SER D 627 -21.33 25.92 23.62
C SER D 627 -22.05 26.94 22.73
N ALA D 628 -21.82 28.23 22.98
CA ALA D 628 -22.51 29.28 22.26
C ALA D 628 -21.91 30.63 22.67
N ILE D 629 -22.38 31.68 22.01
CA ILE D 629 -21.99 33.04 22.37
C ILE D 629 -22.71 33.44 23.65
N ALA D 630 -22.29 34.57 24.23
CA ALA D 630 -22.79 35.01 25.52
C ALA D 630 -24.29 35.24 25.53
N TRP D 631 -24.87 35.56 24.38
CA TRP D 631 -26.30 35.81 24.26
C TRP D 631 -27.13 34.63 24.75
N VAL D 632 -26.82 33.43 24.24
CA VAL D 632 -27.61 32.25 24.59
C VAL D 632 -27.48 31.93 26.07
N HIS D 633 -26.25 31.95 26.58
CA HIS D 633 -25.98 31.61 27.97
C HIS D 633 -26.42 32.69 28.95
N ARG D 634 -26.79 33.88 28.46
CA ARG D 634 -27.41 34.90 29.28
C ARG D 634 -28.93 34.82 29.28
N GLN D 635 -29.53 34.65 28.10
CA GLN D 635 -30.98 34.46 28.03
C GLN D 635 -31.40 33.20 28.77
N ALA D 636 -30.60 32.14 28.70
CA ALA D 636 -30.93 30.92 29.43
C ALA D 636 -30.95 31.17 30.94
N ARG D 637 -29.95 31.91 31.45
CA ARG D 637 -29.92 32.21 32.88
C ARG D 637 -31.12 33.06 33.29
N GLU D 638 -31.44 34.08 32.49
CA GLU D 638 -32.57 34.94 32.85
C GLU D 638 -33.88 34.18 32.80
N GLU D 639 -34.06 33.29 31.82
CA GLU D 639 -35.26 32.48 31.74
C GLU D 639 -35.33 31.50 32.91
N TYR D 640 -34.20 30.92 33.31
CA TYR D 640 -34.19 30.01 34.45
C TYR D 640 -34.63 30.74 35.72
N ALA D 641 -34.07 31.93 35.96
CA ALA D 641 -34.45 32.68 37.15
C ALA D 641 -35.93 33.08 37.13
N ARG D 642 -36.41 33.56 35.98
CA ARG D 642 -37.81 33.96 35.87
C ARG D 642 -38.74 32.77 36.08
N ASP D 643 -38.40 31.62 35.48
CA ASP D 643 -39.21 30.43 35.65
C ASP D 643 -39.23 29.97 37.10
N ILE D 644 -38.09 30.00 37.78
CA ILE D 644 -38.04 29.61 39.18
C ILE D 644 -38.93 30.50 40.02
N ALA D 645 -38.85 31.82 39.79
CA ALA D 645 -39.69 32.75 40.56
C ALA D 645 -41.17 32.50 40.29
N HIS D 646 -41.54 32.33 39.02
CA HIS D 646 -42.94 32.12 38.69
C HIS D 646 -43.46 30.81 39.26
N LEU D 647 -42.63 29.76 39.23
CA LEU D 647 -43.04 28.48 39.80
C LEU D 647 -43.21 28.56 41.30
N ARG D 648 -42.33 29.30 41.98
CA ARG D 648 -42.51 29.50 43.42
C ARG D 648 -43.80 30.25 43.71
N ASP D 649 -44.10 31.27 42.91
CA ASP D 649 -45.36 32.00 43.10
C ASP D 649 -46.56 31.09 42.88
N ILE D 650 -46.51 30.25 41.85
CA ILE D 650 -47.61 29.34 41.55
C ILE D 650 -47.79 28.34 42.68
N ALA D 651 -46.68 27.80 43.20
CA ALA D 651 -46.76 26.86 44.31
C ALA D 651 -47.36 27.50 45.55
N ALA D 652 -46.95 28.75 45.84
CA ALA D 652 -47.52 29.45 46.99
C ALA D 652 -49.02 29.68 46.81
N ALA D 653 -49.44 30.07 45.60
CA ALA D 653 -50.86 30.28 45.33
C ALA D 653 -51.64 28.99 45.48
N ALA D 654 -51.11 27.88 44.96
CA ALA D 654 -51.78 26.60 45.08
C ALA D 654 -51.89 26.16 46.54
N GLY D 655 -50.82 26.37 47.31
CA GLY D 655 -50.86 26.04 48.73
C GLY D 655 -51.91 26.86 49.47
N GLN D 656 -51.98 28.16 49.16
CA GLN D 656 -53.01 29.00 49.78
C GLN D 656 -54.41 28.54 49.38
N ALA D 657 -54.57 28.08 48.14
CA ALA D 657 -55.86 27.55 47.71
C ALA D 657 -56.21 26.28 48.46
N VAL D 658 -55.22 25.42 48.73
CA VAL D 658 -55.48 24.17 49.45
C VAL D 658 -56.00 24.44 50.85
N LYS D 659 -55.40 25.42 51.54
CA LYS D 659 -55.79 25.75 52.90
C LYS D 659 -57.24 26.22 53.01
N GLU D 660 -57.82 26.70 51.90
CA GLU D 660 -59.20 27.16 51.92
C GLU D 660 -60.21 26.02 51.87
N ALA D 661 -59.78 24.81 51.48
CA ALA D 661 -60.72 23.70 51.39
C ALA D 661 -61.34 23.38 52.75
N GLU D 662 -60.52 23.32 53.80
CA GLU D 662 -61.03 23.16 55.15
C GLU D 662 -60.07 23.83 56.11
N PRO D 663 -60.59 24.55 57.11
CA PRO D 663 -59.70 25.36 57.97
C PRO D 663 -58.89 24.51 58.94
N GLY D 664 -57.73 25.06 59.32
CA GLY D 664 -56.95 24.54 60.42
C GLY D 664 -56.44 23.12 60.30
N ILE D 665 -55.85 22.77 59.16
CA ILE D 665 -55.30 21.42 59.00
C ILE D 665 -53.94 21.31 59.70
N ALA D 666 -52.97 22.12 59.28
CA ALA D 666 -51.62 22.11 59.84
C ALA D 666 -50.81 23.21 59.17
N THR D 667 -49.60 23.41 59.68
CA THR D 667 -48.64 24.34 59.08
C THR D 667 -47.24 23.76 59.25
N VAL D 668 -46.46 23.79 58.19
CA VAL D 668 -45.13 23.18 58.17
C VAL D 668 -44.12 24.22 57.71
N LYS D 669 -43.00 24.31 58.42
CA LYS D 669 -41.95 25.27 58.10
C LYS D 669 -40.96 24.66 57.11
N HIS D 670 -40.68 25.41 56.04
CA HIS D 670 -39.68 25.10 55.02
C HIS D 670 -40.13 23.95 54.10
N ALA D 671 -41.23 23.30 54.45
CA ALA D 671 -42.04 22.46 53.56
C ALA D 671 -41.19 21.67 52.55
N VAL D 672 -40.30 20.84 53.08
CA VAL D 672 -39.44 20.02 52.23
C VAL D 672 -40.24 18.81 51.74
N ILE D 673 -40.28 18.62 50.43
CA ILE D 673 -40.98 17.51 49.80
C ILE D 673 -39.96 16.68 49.03
N ALA D 674 -39.96 15.37 49.26
CA ALA D 674 -39.03 14.47 48.61
C ALA D 674 -39.78 13.31 47.96
N PRO D 675 -39.40 12.91 46.74
CA PRO D 675 -40.02 11.73 46.13
C PRO D 675 -39.82 10.45 46.92
N TYR D 676 -38.67 10.29 47.58
CA TYR D 676 -38.34 9.06 48.28
C TYR D 676 -37.83 9.36 49.68
N ALA D 677 -37.99 8.38 50.57
CA ALA D 677 -37.56 8.52 51.95
C ALA D 677 -37.26 7.13 52.51
N SER D 678 -36.55 7.11 53.65
CA SER D 678 -36.20 5.85 54.28
C SER D 678 -37.45 5.08 54.73
N ASN D 679 -38.41 5.78 55.32
CA ASN D 679 -39.65 5.14 55.74
C ASN D 679 -40.57 4.96 54.54
N PRO D 680 -41.04 3.74 54.26
CA PRO D 680 -41.92 3.55 53.10
C PRO D 680 -43.20 4.38 53.15
N GLN D 681 -43.76 4.57 54.35
CA GLN D 681 -44.98 5.34 54.49
C GLN D 681 -44.73 6.85 54.55
N TYR D 682 -43.47 7.27 54.59
CA TYR D 682 -43.10 8.68 54.59
C TYR D 682 -42.55 9.14 53.25
N SER D 683 -42.86 8.42 52.16
CA SER D 683 -42.27 8.71 50.86
C SER D 683 -42.62 10.11 50.38
N TRP D 684 -43.91 10.37 50.13
CA TRP D 684 -44.36 11.69 49.71
C TRP D 684 -44.92 12.49 50.89
N ALA D 685 -44.12 12.60 51.95
CA ALA D 685 -44.56 13.29 53.15
C ALA D 685 -44.39 14.80 53.00
N VAL D 686 -44.85 15.54 54.00
CA VAL D 686 -44.74 16.99 54.03
C VAL D 686 -43.89 17.38 55.22
N ARG D 687 -42.91 16.54 55.56
CA ARG D 687 -42.07 16.78 56.73
C ARG D 687 -41.28 18.08 56.57
N ASP D 688 -41.07 18.76 57.70
CA ASP D 688 -40.38 20.04 57.69
C ASP D 688 -38.89 19.87 57.38
N GLY D 689 -38.29 20.94 56.91
CA GLY D 689 -36.87 20.98 56.61
C GLY D 689 -35.98 21.37 57.75
N GLY D 690 -36.54 21.64 58.93
CA GLY D 690 -35.76 22.04 60.08
C GLY D 690 -36.58 22.74 61.15
N VAL D 698 -30.74 13.94 70.92
CA VAL D 698 -30.48 12.55 71.27
C VAL D 698 -28.99 12.35 71.53
N ILE D 699 -28.20 12.36 70.46
CA ILE D 699 -26.75 12.18 70.56
C ILE D 699 -26.06 13.34 69.86
N PRO D 700 -25.84 14.47 70.53
CA PRO D 700 -25.11 15.58 69.91
C PRO D 700 -23.69 15.16 69.53
N VAL D 701 -23.22 15.67 68.39
CA VAL D 701 -21.90 15.32 67.90
C VAL D 701 -20.83 15.88 68.83
N SER D 702 -19.79 15.09 69.07
CA SER D 702 -18.69 15.48 69.92
C SER D 702 -17.41 15.68 69.11
N VAL D 703 -16.62 16.66 69.51
CA VAL D 703 -15.36 17.00 68.87
C VAL D 703 -14.25 16.83 69.89
N GLU D 704 -13.16 16.18 69.46
CA GLU D 704 -12.01 15.90 70.33
C GLU D 704 -10.77 16.48 69.64
N ARG D 705 -10.47 17.73 69.96
CA ARG D 705 -9.33 18.44 69.37
C ARG D 705 -8.05 17.90 69.99
N GLY D 706 -7.44 16.92 69.33
CA GLY D 706 -6.19 16.35 69.81
C GLY D 706 -5.13 16.27 68.73
N GLY D 707 -3.95 16.82 69.01
CA GLY D 707 -2.90 16.81 68.02
C GLY D 707 -3.20 17.77 66.88
N ASN D 708 -2.51 17.54 65.76
CA ASN D 708 -2.71 18.35 64.56
C ASN D 708 -3.85 17.81 63.70
N ALA D 709 -5.01 17.61 64.33
CA ALA D 709 -6.18 17.10 63.64
C ALA D 709 -7.42 17.37 64.48
N ILE D 710 -8.57 17.33 63.83
CA ILE D 710 -9.86 17.51 64.48
C ILE D 710 -10.67 16.24 64.28
N ILE D 711 -11.07 15.61 65.37
CA ILE D 711 -11.76 14.32 65.34
C ILE D 711 -13.21 14.53 65.76
N LEU D 712 -14.12 14.01 64.94
CA LEU D 712 -15.54 14.06 65.25
C LEU D 712 -16.07 12.68 65.61
N ASP D 713 -17.17 12.66 66.36
CA ASP D 713 -17.80 11.38 66.73
C ASP D 713 -19.30 11.62 66.82
N ASN D 714 -20.06 10.98 65.93
CA ASN D 714 -21.51 11.09 65.91
C ASN D 714 -22.21 9.80 66.31
N GLY D 715 -21.46 8.80 66.77
CA GLY D 715 -22.02 7.53 67.16
C GLY D 715 -21.99 6.45 66.10
N ARG D 716 -21.82 6.82 64.84
CA ARG D 716 -21.74 5.85 63.75
C ARG D 716 -20.57 6.11 62.79
N LEU D 717 -19.93 7.27 62.86
CA LEU D 717 -18.78 7.57 62.03
C LEU D 717 -17.75 8.33 62.86
N ARG D 718 -16.48 8.15 62.52
CA ARG D 718 -15.38 8.84 63.18
C ARG D 718 -14.48 9.43 62.10
N VAL D 719 -14.58 10.74 61.91
CA VAL D 719 -13.87 11.44 60.84
C VAL D 719 -12.76 12.28 61.46
N ARG D 720 -11.58 12.22 60.83
CA ARG D 720 -10.37 12.90 61.30
C ARG D 720 -9.94 13.91 60.24
N ILE D 721 -10.36 15.16 60.40
CA ILE D 721 -9.95 16.23 59.51
C ILE D 721 -8.50 16.61 59.82
N GLU D 722 -7.68 16.68 58.79
CA GLU D 722 -6.26 16.97 58.96
C GLU D 722 -6.04 18.47 59.16
N ALA D 723 -4.78 18.90 59.07
CA ALA D 723 -4.43 20.28 59.37
C ALA D 723 -5.08 21.26 58.41
N ASP D 724 -5.10 20.94 57.11
CA ASP D 724 -5.57 21.85 56.08
C ASP D 724 -6.70 21.20 55.30
N GLY D 725 -7.92 21.31 55.83
CA GLY D 725 -9.14 20.92 55.15
C GLY D 725 -9.14 19.61 54.39
N THR D 726 -8.51 18.58 54.94
CA THR D 726 -8.50 17.26 54.33
C THR D 726 -8.84 16.20 55.37
N VAL D 727 -9.47 15.13 54.91
CA VAL D 727 -9.90 14.03 55.76
C VAL D 727 -8.97 12.85 55.51
N SER D 728 -8.37 12.33 56.58
CA SER D 728 -7.46 11.21 56.50
C SER D 728 -8.05 9.91 57.03
N SER D 729 -9.21 9.95 57.69
CA SER D 729 -9.83 8.75 58.22
C SER D 729 -11.32 9.01 58.39
N LEU D 730 -12.13 8.05 57.98
CA LEU D 730 -13.59 8.10 58.08
C LEU D 730 -14.09 6.76 58.63
N ILE D 731 -13.50 6.36 59.76
CA ILE D 731 -13.75 5.02 60.31
C ILE D 731 -15.24 4.82 60.55
N ASP D 732 -15.74 3.69 60.06
CA ASP D 732 -17.14 3.29 60.29
C ASP D 732 -17.19 2.53 61.61
N LEU D 733 -17.62 3.22 62.67
CA LEU D 733 -17.64 2.59 63.99
C LEU D 733 -18.63 1.45 64.06
N ALA D 734 -19.67 1.46 63.21
CA ALA D 734 -20.66 0.40 63.23
C ALA D 734 -20.11 -0.93 62.75
N LEU D 735 -19.04 -0.91 61.96
CA LEU D 735 -18.47 -2.16 61.43
C LEU D 735 -16.95 -2.22 61.57
N ARG D 736 -16.33 -1.27 62.27
CA ARG D 736 -14.87 -1.22 62.44
C ARG D 736 -14.15 -1.17 61.10
N ARG D 737 -14.75 -0.50 60.11
CA ARG D 737 -14.20 -0.43 58.77
C ARG D 737 -13.63 0.96 58.51
N GLU D 738 -12.42 1.00 57.96
CA GLU D 738 -11.76 2.24 57.56
C GLU D 738 -11.78 2.32 56.04
N LEU D 739 -12.38 3.38 55.51
CA LEU D 739 -12.62 3.50 54.08
C LEU D 739 -11.85 4.65 53.45
N VAL D 740 -10.81 5.15 54.09
CA VAL D 740 -9.96 6.18 53.50
C VAL D 740 -8.56 5.61 53.29
N PRO D 741 -8.12 5.44 52.05
CA PRO D 741 -6.77 4.88 51.82
C PRO D 741 -5.70 5.76 52.42
N SER D 742 -4.67 5.12 52.97
CA SER D 742 -3.57 5.85 53.62
C SER D 742 -2.45 6.15 52.63
N GLY D 743 -2.82 6.71 51.48
CA GLY D 743 -1.84 7.21 50.53
C GLY D 743 -2.18 8.61 50.08
N VAL D 744 -3.44 8.99 50.23
CA VAL D 744 -3.96 10.29 49.83
C VAL D 744 -4.90 10.79 50.91
N ARG D 745 -5.37 12.03 50.75
CA ARG D 745 -6.27 12.66 51.70
C ARG D 745 -7.55 13.09 50.99
N MET D 746 -8.68 12.89 51.67
CA MET D 746 -9.97 13.27 51.12
C MET D 746 -10.11 14.80 51.04
N GLY D 747 -10.93 15.25 50.10
CA GLY D 747 -11.25 16.65 49.98
C GLY D 747 -10.21 17.51 49.29
N ARG D 748 -9.12 16.91 48.79
CA ARG D 748 -8.10 17.68 48.12
C ARG D 748 -8.63 18.25 46.81
N TYR D 749 -8.25 19.49 46.51
CA TYR D 749 -8.67 20.16 45.29
C TYR D 749 -7.52 20.17 44.29
N GLU D 750 -7.80 19.78 43.05
CA GLU D 750 -6.81 19.71 42.00
C GLU D 750 -7.18 20.66 40.88
N LEU D 751 -6.17 21.36 40.35
CA LEU D 751 -6.34 22.35 39.29
C LEU D 751 -5.58 21.85 38.06
N LEU D 752 -6.26 21.03 37.25
CA LEU D 752 -5.65 20.51 36.04
C LEU D 752 -5.60 21.58 34.96
N LYS D 753 -4.50 21.60 34.21
CA LYS D 753 -4.33 22.53 33.10
C LYS D 753 -4.79 21.87 31.81
N ASP D 754 -5.84 22.42 31.20
CA ASP D 754 -6.38 21.90 29.95
C ASP D 754 -6.32 22.99 28.89
N GLU D 755 -5.70 22.67 27.76
CA GLU D 755 -5.59 23.59 26.62
C GLU D 755 -6.03 22.84 25.36
N PRO D 756 -7.33 22.61 25.19
CA PRO D 756 -7.80 21.86 24.02
C PRO D 756 -7.49 22.60 22.73
N PHE D 757 -7.23 21.82 21.67
CA PHE D 757 -6.88 22.37 20.38
C PHE D 757 -7.99 22.28 19.34
N HIS D 758 -8.85 21.26 19.39
CA HIS D 758 -10.03 21.20 18.54
C HIS D 758 -11.26 21.17 19.43
N TRP D 759 -12.24 22.01 19.12
CA TRP D 759 -13.49 22.09 19.88
C TRP D 759 -13.19 22.36 21.36
N ASP D 760 -12.66 23.57 21.60
CA ASP D 760 -12.11 23.92 22.90
C ASP D 760 -13.12 23.71 24.02
N ALA D 761 -14.34 24.22 23.85
CA ALA D 761 -15.35 24.08 24.90
C ALA D 761 -15.86 22.65 25.00
N TRP D 762 -16.09 22.00 23.85
CA TRP D 762 -16.67 20.66 23.86
C TRP D 762 -15.72 19.63 24.46
N ASP D 763 -14.44 19.69 24.11
CA ASP D 763 -13.54 18.56 24.26
C ASP D 763 -12.47 18.82 25.31
N ILE D 764 -12.16 17.78 26.07
CA ILE D 764 -10.97 17.72 26.92
C ILE D 764 -10.20 16.46 26.56
N GLN D 765 -8.89 16.60 26.38
CA GLN D 765 -8.06 15.53 25.87
C GLN D 765 -7.37 14.79 27.01
N ARG D 766 -6.47 13.87 26.65
CA ARG D 766 -5.66 13.16 27.62
C ARG D 766 -4.50 14.00 28.15
N ASP D 767 -4.40 15.26 27.74
CA ASP D 767 -3.36 16.14 28.27
C ASP D 767 -3.52 16.32 29.78
N ALA D 768 -4.75 16.41 30.26
CA ALA D 768 -5.00 16.46 31.68
C ALA D 768 -4.68 15.11 32.32
N PHE D 769 -4.82 15.05 33.64
CA PHE D 769 -4.52 13.86 34.45
C PHE D 769 -3.04 13.50 34.39
N LEU D 770 -2.23 14.33 33.73
CA LEU D 770 -0.79 14.19 33.72
C LEU D 770 -0.09 15.39 34.34
N ALA D 771 -0.43 16.61 33.92
CA ALA D 771 0.11 17.82 34.53
C ALA D 771 -0.78 18.31 35.65
N ALA D 772 -1.09 17.41 36.59
CA ALA D 772 -1.98 17.75 37.69
C ALA D 772 -1.28 18.70 38.68
N ASP D 773 -2.07 19.58 39.27
CA ASP D 773 -1.59 20.52 40.27
C ASP D 773 -2.43 20.35 41.53
N THR D 774 -1.83 19.79 42.57
CA THR D 774 -2.52 19.55 43.84
C THR D 774 -2.40 20.80 44.69
N LEU D 775 -3.53 21.43 45.01
CA LEU D 775 -3.52 22.63 45.83
C LEU D 775 -3.07 22.29 47.24
N THR D 776 -2.11 23.06 47.76
CA THR D 776 -1.55 22.84 49.08
C THR D 776 -1.42 24.16 49.84
N ASP D 777 -2.43 25.01 49.71
CA ASP D 777 -2.46 26.31 50.38
C ASP D 777 -3.85 26.46 51.02
N ALA D 778 -3.98 26.00 52.25
CA ALA D 778 -5.27 26.05 52.95
C ALA D 778 -5.02 25.99 54.45
N MET D 779 -6.04 26.40 55.21
CA MET D 779 -5.98 26.34 56.66
C MET D 779 -7.41 26.27 57.19
N VAL D 780 -7.60 25.43 58.22
CA VAL D 780 -8.94 25.25 58.77
C VAL D 780 -9.38 26.50 59.51
N GLU D 781 -10.68 26.58 59.76
CA GLU D 781 -11.29 27.70 60.47
C GLU D 781 -11.95 27.19 61.75
N HIS D 782 -12.69 28.07 62.42
CA HIS D 782 -13.32 27.73 63.68
C HIS D 782 -14.39 26.65 63.48
N VAL D 783 -14.25 25.56 64.22
CA VAL D 783 -15.28 24.51 64.20
C VAL D 783 -16.49 24.99 64.98
N GLU D 784 -17.66 24.87 64.38
CA GLU D 784 -18.89 25.43 64.94
C GLU D 784 -19.90 24.33 65.19
N ASP D 785 -20.48 24.32 66.40
CA ASP D 785 -21.56 23.42 66.74
C ASP D 785 -22.88 24.11 66.42
N MET D 786 -23.62 23.56 65.47
CA MET D 786 -24.86 24.18 65.05
C MET D 786 -25.87 24.18 66.20
N PRO D 787 -26.73 25.21 66.27
CA PRO D 787 -27.73 25.25 67.34
C PRO D 787 -28.67 24.05 67.33
N ASP D 788 -28.99 23.51 66.15
CA ASP D 788 -29.81 22.31 66.08
C ASP D 788 -29.09 21.12 66.69
N GLY D 789 -27.78 21.02 66.47
CA GLY D 789 -27.01 19.92 67.01
C GLY D 789 -25.93 19.43 66.07
N SER D 790 -25.93 19.96 64.84
CA SER D 790 -24.95 19.54 63.84
C SER D 790 -23.58 20.14 64.14
N ALA D 791 -22.55 19.54 63.54
CA ALA D 791 -21.18 20.00 63.67
C ALA D 791 -20.66 20.35 62.29
N ALA D 792 -19.99 21.51 62.18
CA ALA D 792 -19.47 21.99 60.91
C ALA D 792 -18.04 22.47 61.08
N ILE D 793 -17.24 22.26 60.06
CA ILE D 793 -15.86 22.71 60.01
C ILE D 793 -15.69 23.55 58.75
N HIS D 794 -15.25 24.80 58.93
CA HIS D 794 -15.02 25.71 57.82
C HIS D 794 -13.55 25.68 57.42
N VAL D 795 -13.29 25.90 56.13
CA VAL D 795 -11.93 25.94 55.62
C VAL D 795 -11.92 26.83 54.38
N VAL D 796 -10.76 27.45 54.13
CA VAL D 796 -10.56 28.30 52.97
C VAL D 796 -9.34 27.79 52.20
N THR D 797 -9.47 27.74 50.87
CA THR D 797 -8.40 27.30 50.00
C THR D 797 -8.15 28.37 48.95
N ARG D 798 -6.89 28.66 48.68
CA ARG D 798 -6.51 29.71 47.74
C ARG D 798 -5.61 29.14 46.66
N ALA D 799 -5.68 29.75 45.48
CA ALA D 799 -4.90 29.35 44.32
C ALA D 799 -4.42 30.61 43.60
N ARG D 800 -3.98 30.45 42.37
CA ARG D 800 -3.51 31.59 41.59
C ARG D 800 -4.60 32.64 41.43
N GLY D 801 -5.80 32.21 41.07
CA GLY D 801 -6.91 33.14 40.94
C GLY D 801 -8.22 32.56 41.41
N VAL D 802 -8.16 31.57 42.29
CA VAL D 802 -9.35 30.84 42.74
C VAL D 802 -9.36 30.81 44.26
N GLU D 803 -10.51 31.09 44.86
CA GLU D 803 -10.66 30.90 46.30
C GLU D 803 -11.91 30.07 46.53
N ILE D 804 -11.83 29.19 47.52
CA ILE D 804 -12.91 28.26 47.84
C ILE D 804 -13.17 28.31 49.33
N HIS D 805 -14.43 28.50 49.70
CA HIS D 805 -14.87 28.41 51.09
C HIS D 805 -15.66 27.12 51.22
N THR D 806 -15.10 26.15 51.93
CA THR D 806 -15.66 24.81 52.02
C THR D 806 -16.03 24.48 53.46
N VAL D 807 -17.25 24.00 53.65
CA VAL D 807 -17.73 23.57 54.96
C VAL D 807 -18.03 22.08 54.91
N ILE D 808 -17.56 21.37 55.93
CA ILE D 808 -17.80 19.94 56.10
C ILE D 808 -18.77 19.77 57.27
N THR D 809 -19.86 19.06 57.04
CA THR D 809 -20.94 18.92 58.01
C THR D 809 -21.14 17.46 58.38
N LEU D 810 -21.26 17.20 59.68
CA LEU D 810 -21.53 15.86 60.20
C LEU D 810 -22.85 15.93 60.98
N ARG D 811 -23.96 15.69 60.28
CA ARG D 811 -25.26 15.75 60.91
C ARG D 811 -25.41 14.62 61.92
N PRO D 812 -25.91 14.89 63.13
CA PRO D 812 -26.06 13.83 64.13
C PRO D 812 -27.12 12.81 63.71
N GLY D 813 -26.94 11.58 64.17
CA GLY D 813 -27.90 10.51 63.91
C GLY D 813 -28.04 10.17 62.44
N SER D 814 -26.93 10.06 61.72
CA SER D 814 -26.96 9.73 60.31
C SER D 814 -25.70 8.94 59.97
N GLY D 815 -25.47 8.73 58.67
CA GLY D 815 -24.30 8.02 58.21
C GLY D 815 -23.69 8.64 56.96
N SER D 816 -23.92 9.94 56.78
CA SER D 816 -23.45 10.65 55.61
C SER D 816 -22.65 11.87 56.02
N LEU D 817 -21.57 12.14 55.30
CA LEU D 817 -20.72 13.30 55.52
C LEU D 817 -21.00 14.30 54.40
N ASP D 818 -21.42 15.51 54.77
CA ASP D 818 -21.84 16.51 53.80
C ASP D 818 -20.69 17.49 53.51
N PHE D 819 -20.59 17.88 52.24
CA PHE D 819 -19.56 18.82 51.80
C PHE D 819 -20.25 19.92 51.01
N THR D 820 -19.96 21.17 51.34
CA THR D 820 -20.46 22.31 50.60
C THR D 820 -19.30 23.25 50.29
N ALA D 821 -19.35 23.89 49.12
CA ALA D 821 -18.25 24.72 48.67
C ALA D 821 -18.78 25.94 47.92
N ASP D 822 -18.13 27.08 48.14
CA ASP D 822 -18.37 28.30 47.39
C ASP D 822 -17.07 28.68 46.69
N VAL D 823 -17.11 28.73 45.36
CA VAL D 823 -15.92 28.95 44.54
C VAL D 823 -16.02 30.31 43.88
N ASN D 824 -14.89 31.02 43.81
CA ASN D 824 -14.86 32.34 43.19
C ASN D 824 -14.01 32.29 41.92
N TRP D 825 -14.26 31.30 41.07
CA TRP D 825 -13.52 31.05 39.83
C TRP D 825 -13.19 32.34 39.08
N HIS D 826 -11.90 32.57 38.86
CA HIS D 826 -11.45 33.72 38.08
C HIS D 826 -10.29 33.40 37.16
N ALA D 827 -9.86 32.15 37.06
CA ALA D 827 -8.71 31.78 36.23
C ALA D 827 -9.15 31.56 34.79
N VAL D 828 -8.19 31.26 33.93
CA VAL D 828 -8.42 31.01 32.51
C VAL D 828 -7.73 29.71 32.12
N GLU D 829 -8.42 28.87 31.35
CA GLU D 829 -7.90 27.61 30.86
C GLU D 829 -7.40 26.72 32.01
N LYS D 830 -8.33 26.38 32.91
CA LYS D 830 -8.05 25.49 34.03
C LYS D 830 -9.19 24.49 34.16
N PHE D 831 -9.13 23.67 35.19
CA PHE D 831 -10.11 22.61 35.41
C PHE D 831 -10.07 22.22 36.88
N LEU D 832 -11.18 22.41 37.60
CA LEU D 832 -11.24 22.17 39.03
C LEU D 832 -11.83 20.80 39.30
N LYS D 833 -11.15 20.01 40.14
CA LYS D 833 -11.62 18.68 40.49
C LYS D 833 -11.45 18.45 41.99
N VAL D 834 -12.29 17.60 42.55
CA VAL D 834 -12.19 17.17 43.94
C VAL D 834 -12.35 15.66 43.99
N ASP D 835 -11.49 15.01 44.77
CA ASP D 835 -11.42 13.55 44.82
C ASP D 835 -11.93 13.03 46.15
N MET D 836 -12.65 11.90 46.11
CA MET D 836 -13.22 11.26 47.29
C MET D 836 -12.82 9.79 47.27
N PRO D 837 -11.56 9.47 47.58
CA PRO D 837 -11.13 8.07 47.55
C PRO D 837 -11.80 7.23 48.62
N VAL D 838 -12.08 5.98 48.27
CA VAL D 838 -12.68 5.01 49.19
C VAL D 838 -11.94 3.68 49.01
N THR D 839 -11.72 2.97 50.12
CA THR D 839 -10.94 1.74 50.08
C THR D 839 -11.71 0.56 49.50
N VAL D 840 -13.01 0.67 49.25
CA VAL D 840 -13.77 -0.44 48.69
C VAL D 840 -13.24 -0.74 47.29
N GLN D 841 -12.93 -2.00 47.04
CA GLN D 841 -12.30 -2.41 45.79
C GLN D 841 -13.25 -3.31 45.01
N ALA D 842 -13.48 -2.98 43.75
CA ALA D 842 -14.33 -3.77 42.87
C ALA D 842 -13.77 -3.65 41.45
N VAL D 843 -14.55 -4.10 40.48
CA VAL D 843 -14.17 -4.05 39.07
C VAL D 843 -15.01 -3.05 38.30
N ASN D 844 -16.32 -2.99 38.57
CA ASN D 844 -17.23 -2.12 37.87
C ASN D 844 -17.90 -1.15 38.84
N ALA D 845 -18.03 0.10 38.41
CA ALA D 845 -18.71 1.13 39.18
C ALA D 845 -20.11 1.34 38.62
N GLN D 846 -21.05 1.65 39.52
CA GLN D 846 -22.46 1.78 39.19
C GLN D 846 -22.83 3.26 39.13
N TYR D 847 -23.03 3.78 37.92
CA TYR D 847 -23.69 5.06 37.77
C TYR D 847 -25.17 4.81 37.52
N GLU D 848 -25.95 5.87 37.36
CA GLU D 848 -27.36 5.71 37.04
C GLU D 848 -27.70 6.44 35.75
N CYS D 849 -28.50 5.80 34.91
CA CYS D 849 -29.04 6.41 33.71
C CYS D 849 -30.32 7.16 34.07
N GLN D 850 -31.11 7.54 33.05
CA GLN D 850 -32.34 8.27 33.31
C GLN D 850 -33.27 7.50 34.24
N TYR D 851 -33.55 6.24 33.89
CA TYR D 851 -34.48 5.40 34.64
C TYR D 851 -33.86 4.05 34.95
N GLY D 852 -32.62 4.06 35.44
CA GLY D 852 -31.95 2.81 35.76
C GLY D 852 -30.50 3.06 36.12
N LEU D 853 -29.75 1.96 36.17
CA LEU D 853 -28.34 1.98 36.51
C LEU D 853 -27.50 1.46 35.36
N VAL D 854 -26.23 1.81 35.37
CA VAL D 854 -25.28 1.45 34.32
C VAL D 854 -23.95 1.06 34.97
N GLU D 855 -23.31 0.03 34.41
CA GLU D 855 -22.03 -0.46 34.89
C GLU D 855 -20.92 0.04 33.98
N ARG D 856 -19.85 0.57 34.59
CA ARG D 856 -18.71 1.02 33.82
C ARG D 856 -17.42 0.53 34.45
N PRO D 857 -16.46 0.08 33.66
CA PRO D 857 -15.20 -0.44 34.22
C PRO D 857 -14.41 0.65 34.91
N ILE D 858 -13.69 0.25 35.96
CA ILE D 858 -12.84 1.16 36.72
C ILE D 858 -11.42 1.08 36.20
N ASN D 859 -10.85 -0.13 36.22
CA ASN D 859 -9.51 -0.36 35.70
C ASN D 859 -9.60 -0.57 34.20
N LYS D 860 -9.16 0.43 33.43
CA LYS D 860 -9.26 0.39 31.97
C LYS D 860 -8.15 -0.48 31.41
N ASN D 861 -8.54 -1.55 30.70
CA ASN D 861 -7.61 -2.56 30.22
C ASN D 861 -7.14 -2.31 28.79
N THR D 862 -8.09 -2.24 27.84
CA THR D 862 -7.75 -2.17 26.44
C THR D 862 -7.76 -0.73 25.94
N ARG D 863 -7.53 -0.56 24.64
CA ARG D 863 -7.51 0.77 24.04
C ARG D 863 -8.88 1.44 24.14
N SER D 864 -9.94 0.70 23.78
CA SER D 864 -11.29 1.27 23.81
C SER D 864 -11.72 1.58 25.24
N ASP D 865 -11.24 0.82 26.22
CA ASP D 865 -11.62 1.07 27.60
C ASP D 865 -11.01 2.37 28.13
N ASP D 866 -9.87 2.78 27.59
CA ASP D 866 -9.22 4.01 28.06
C ASP D 866 -10.04 5.24 27.69
N ALA D 867 -10.70 5.23 26.53
CA ALA D 867 -11.44 6.39 26.07
C ALA D 867 -12.58 6.76 27.00
N LYS D 868 -13.06 5.83 27.83
CA LYS D 868 -14.14 6.12 28.77
C LYS D 868 -13.57 6.58 30.12
N PHE D 869 -12.77 7.63 30.06
CA PHE D 869 -12.15 8.21 31.25
C PHE D 869 -12.94 9.35 31.85
N GLU D 870 -14.11 9.68 31.28
CA GLU D 870 -14.96 10.73 31.84
C GLU D 870 -16.38 10.46 31.37
N SER D 871 -17.28 10.21 32.31
CA SER D 871 -18.66 9.86 31.99
C SER D 871 -19.61 10.67 32.84
N CYS D 872 -20.82 10.87 32.31
CA CYS D 872 -21.84 11.64 33.01
C CYS D 872 -22.36 10.87 34.22
N THR D 873 -22.69 11.62 35.27
CA THR D 873 -23.22 11.07 36.51
C THR D 873 -24.48 11.80 36.90
N HIS D 874 -25.42 11.08 37.51
CA HIS D 874 -26.69 11.63 37.94
C HIS D 874 -26.84 11.41 39.44
N ARG D 875 -26.59 12.47 40.21
CA ARG D 875 -26.99 12.64 41.61
C ARG D 875 -26.34 11.63 42.57
N PHE D 876 -25.58 10.68 42.06
CA PHE D 876 -24.83 9.75 42.91
C PHE D 876 -23.94 8.81 42.09
N VAL D 877 -22.85 8.35 42.70
CA VAL D 877 -21.99 7.31 42.14
C VAL D 877 -21.77 6.27 43.24
N ARG D 878 -22.05 5.01 42.92
CA ARG D 878 -22.00 3.93 43.90
C ARG D 878 -20.94 2.91 43.49
N ILE D 879 -20.03 2.60 44.41
CA ILE D 879 -19.04 1.54 44.23
C ILE D 879 -19.36 0.46 45.24
N ALA D 880 -19.61 -0.75 44.75
CA ALA D 880 -20.12 -1.82 45.59
C ALA D 880 -19.32 -3.10 45.37
N ASP D 881 -19.28 -3.92 46.42
CA ASP D 881 -18.72 -5.27 46.38
C ASP D 881 -19.78 -6.23 46.91
N ALA D 882 -19.38 -7.48 47.19
CA ALA D 882 -20.31 -8.50 47.65
C ALA D 882 -21.31 -7.99 48.68
N ASP D 883 -20.82 -7.30 49.72
CA ASP D 883 -21.69 -6.79 50.78
C ASP D 883 -21.64 -5.28 50.93
N TYR D 884 -20.45 -4.69 51.00
CA TYR D 884 -20.30 -3.29 51.39
C TYR D 884 -20.27 -2.40 50.16
N ALA D 885 -20.96 -1.25 50.26
CA ALA D 885 -21.01 -0.28 49.18
C ALA D 885 -20.81 1.12 49.74
N ALA D 886 -20.20 1.98 48.93
CA ALA D 886 -19.97 3.38 49.28
C ALA D 886 -20.45 4.27 48.14
N ALA D 887 -21.12 5.37 48.49
CA ALA D 887 -21.74 6.23 47.49
C ALA D 887 -21.26 7.66 47.66
N VAL D 888 -21.17 8.37 46.54
CA VAL D 888 -20.84 9.79 46.50
C VAL D 888 -22.04 10.48 45.85
N VAL D 889 -22.94 11.00 46.66
CA VAL D 889 -24.18 11.59 46.18
C VAL D 889 -23.92 13.03 45.76
N ASN D 890 -24.35 13.38 44.55
CA ASN D 890 -24.10 14.68 43.93
C ASN D 890 -25.32 15.58 44.07
N ALA D 891 -25.10 16.88 43.86
CA ALA D 891 -26.17 17.86 43.89
C ALA D 891 -26.32 18.62 42.57
N SER D 892 -25.22 19.14 42.01
CA SER D 892 -25.33 19.96 40.82
C SER D 892 -24.25 19.74 39.77
N THR D 893 -23.37 18.77 39.94
CA THR D 893 -22.35 18.48 38.94
C THR D 893 -22.69 17.20 38.19
N TYR D 894 -22.31 17.18 36.90
CA TYR D 894 -22.71 16.10 36.00
C TYR D 894 -21.50 15.33 35.45
N GLY D 895 -20.34 15.43 36.10
CA GLY D 895 -19.17 14.74 35.61
C GLY D 895 -18.25 14.24 36.72
N SER D 896 -17.63 13.08 36.49
CA SER D 896 -16.73 12.49 37.48
C SER D 896 -15.83 11.49 36.76
N ASP D 897 -14.86 10.96 37.51
CA ASP D 897 -13.93 9.97 36.98
C ASP D 897 -13.50 9.03 38.11
N VAL D 898 -13.46 7.74 37.81
CA VAL D 898 -13.10 6.73 38.79
C VAL D 898 -11.82 6.03 38.33
N SER D 899 -10.83 5.97 39.22
CA SER D 899 -9.55 5.35 38.91
C SER D 899 -9.01 4.56 40.10
N PRO D 900 -8.35 3.44 39.86
CA PRO D 900 -7.76 2.69 40.97
C PRO D 900 -6.51 3.37 41.50
N ILE D 901 -6.25 3.16 42.79
CA ILE D 901 -5.07 3.69 43.47
C ILE D 901 -4.34 2.52 44.11
N HIS D 902 -3.06 2.36 43.75
CA HIS D 902 -2.14 1.42 44.40
C HIS D 902 -0.89 2.23 44.73
N ALA D 903 -0.90 2.90 45.87
CA ALA D 903 0.18 3.79 46.26
C ALA D 903 1.27 3.00 47.00
N ALA D 904 2.28 3.70 47.50
CA ALA D 904 3.37 3.08 48.24
C ALA D 904 3.00 3.06 49.71
N ALA D 905 2.80 1.86 50.25
CA ALA D 905 2.42 1.69 51.65
C ALA D 905 2.93 0.33 52.12
N ALA D 906 2.52 -0.06 53.33
CA ALA D 906 2.92 -1.33 53.91
C ALA D 906 1.69 -2.08 54.38
N HIS D 907 1.77 -3.41 54.34
CA HIS D 907 0.68 -4.29 54.73
C HIS D 907 -0.59 -4.04 53.91
N GLY D 908 -0.42 -3.62 52.66
CA GLY D 908 -1.56 -3.38 51.79
C GLY D 908 -2.52 -2.32 52.26
N ALA D 909 -1.99 -1.22 52.79
CA ALA D 909 -2.81 -0.13 53.30
C ALA D 909 -3.03 0.99 52.29
N GLY D 910 -2.51 0.84 51.07
CA GLY D 910 -2.65 1.88 50.07
C GLY D 910 -3.31 1.41 48.78
N ARG D 911 -4.30 0.53 48.92
CA ARG D 911 -5.03 -0.03 47.78
C ARG D 911 -6.48 0.39 47.86
N GLY D 912 -7.03 0.88 46.75
CA GLY D 912 -8.43 1.26 46.74
C GLY D 912 -8.81 1.91 45.42
N THR D 913 -9.91 2.66 45.46
CA THR D 913 -10.41 3.38 44.31
C THR D 913 -10.62 4.86 44.68
N MET D 914 -10.56 5.71 43.66
CA MET D 914 -10.71 7.15 43.84
C MET D 914 -11.75 7.67 42.86
N VAL D 915 -12.71 8.43 43.36
CA VAL D 915 -13.76 9.04 42.56
C VAL D 915 -13.56 10.55 42.62
N ARG D 916 -13.00 11.12 41.56
CA ARG D 916 -12.78 12.56 41.48
C ARG D 916 -13.98 13.19 40.79
N LEU D 917 -14.65 14.12 41.49
CA LEU D 917 -15.77 14.85 40.94
C LEU D 917 -15.27 16.09 40.22
N SER D 918 -15.74 16.28 38.99
CA SER D 918 -15.37 17.45 38.21
C SER D 918 -16.28 18.62 38.58
N LEU D 919 -15.69 19.73 39.02
CA LEU D 919 -16.47 20.87 39.46
C LEU D 919 -16.82 21.79 38.29
N LEU D 920 -15.81 22.34 37.62
CA LEU D 920 -16.05 23.22 36.49
C LEU D 920 -14.75 23.45 35.73
N SER D 921 -14.89 23.80 34.46
CA SER D 921 -13.80 24.12 33.56
C SER D 921 -13.87 25.59 33.15
N ALA D 922 -12.92 26.02 32.33
CA ALA D 922 -12.84 27.40 31.86
C ALA D 922 -12.62 27.41 30.35
N PRO D 923 -13.65 27.10 29.57
CA PRO D 923 -13.53 27.23 28.11
C PRO D 923 -13.42 28.70 27.69
N LEU D 924 -12.80 28.92 26.54
CA LEU D 924 -12.48 30.27 26.09
C LEU D 924 -13.01 30.62 24.70
N TYR D 925 -13.16 29.63 23.80
CA TYR D 925 -13.49 29.97 22.41
C TYR D 925 -14.90 30.52 22.27
N PRO D 926 -15.97 29.78 22.61
CA PRO D 926 -17.32 30.33 22.39
C PRO D 926 -17.61 31.58 23.19
N ASP D 927 -17.06 31.69 24.40
CA ASP D 927 -17.29 32.84 25.28
C ASP D 927 -15.95 33.30 25.83
N PRO D 928 -15.55 34.56 25.61
CA PRO D 928 -14.28 35.03 26.18
C PRO D 928 -14.24 34.93 27.70
N ARG D 929 -15.38 35.16 28.36
CA ARG D 929 -15.50 35.05 29.81
C ARG D 929 -16.50 33.93 30.11
N THR D 930 -16.03 32.86 30.75
CA THR D 930 -16.88 31.73 31.10
C THR D 930 -16.77 31.46 32.60
N ASP D 931 -17.90 31.42 33.27
CA ASP D 931 -17.99 31.10 34.70
C ASP D 931 -17.14 32.03 35.57
N GLN D 932 -17.52 33.31 35.55
CA GLN D 932 -16.90 34.32 36.39
C GLN D 932 -17.90 34.74 37.46
N GLY D 933 -17.45 34.74 38.71
CA GLY D 933 -18.32 35.07 39.83
C GLY D 933 -18.27 34.02 40.92
N GLU D 934 -19.41 33.76 41.55
CA GLU D 934 -19.50 32.79 42.64
C GLU D 934 -20.34 31.60 42.21
N HIS D 935 -19.86 30.40 42.51
CA HIS D 935 -20.55 29.16 42.20
C HIS D 935 -20.68 28.34 43.47
N PHE D 936 -21.82 27.66 43.60
CA PHE D 936 -22.14 26.87 44.79
C PHE D 936 -22.18 25.39 44.42
N PHE D 937 -21.43 24.58 45.17
CA PHE D 937 -21.38 23.14 44.97
C PHE D 937 -21.73 22.43 46.27
N ALA D 938 -22.39 21.28 46.14
CA ALA D 938 -22.73 20.48 47.31
C ALA D 938 -22.66 19.02 46.91
N TRP D 939 -22.29 18.18 47.88
CA TRP D 939 -22.29 16.73 47.69
C TRP D 939 -22.19 16.07 49.06
N SER D 940 -22.18 14.74 49.06
CA SER D 940 -22.08 14.00 50.30
C SER D 940 -21.49 12.62 50.02
N LEU D 941 -20.94 12.02 51.06
CA LEU D 941 -20.48 10.64 51.00
C LEU D 941 -21.25 9.78 52.00
N VAL D 942 -21.70 8.62 51.53
CA VAL D 942 -22.51 7.71 52.33
C VAL D 942 -21.78 6.37 52.41
N ALA D 943 -21.61 5.87 53.63
CA ALA D 943 -20.99 4.59 53.90
C ALA D 943 -22.06 3.56 54.24
N GLY D 944 -21.78 2.30 53.93
CA GLY D 944 -22.79 1.26 54.06
C GLY D 944 -23.93 1.54 53.12
N ALA D 945 -23.60 1.89 51.88
CA ALA D 945 -24.57 2.46 50.95
C ALA D 945 -25.54 1.41 50.41
N GLY D 946 -26.69 1.28 51.07
CA GLY D 946 -27.77 0.51 50.50
C GLY D 946 -28.51 1.31 49.43
N MET D 947 -29.17 0.58 48.53
CA MET D 947 -29.85 1.25 47.42
C MET D 947 -30.96 2.17 47.93
N GLU D 948 -31.76 1.69 48.89
CA GLU D 948 -32.82 2.52 49.45
C GLU D 948 -32.24 3.74 50.17
N SER D 949 -31.17 3.52 50.95
CA SER D 949 -30.55 4.63 51.68
C SER D 949 -29.96 5.66 50.71
N VAL D 950 -29.29 5.18 49.66
CA VAL D 950 -28.70 6.09 48.67
C VAL D 950 -29.79 6.89 47.99
N LEU D 951 -30.87 6.23 47.58
CA LEU D 951 -31.96 6.94 46.92
C LEU D 951 -32.59 7.96 47.86
N ALA D 952 -32.82 7.59 49.12
CA ALA D 952 -33.44 8.50 50.07
C ALA D 952 -32.56 9.72 50.33
N GLU D 953 -31.26 9.51 50.51
CA GLU D 953 -30.38 10.64 50.81
C GLU D 953 -30.18 11.51 49.58
N ALA D 954 -30.12 10.91 48.38
CA ALA D 954 -30.06 11.71 47.17
C ALA D 954 -31.32 12.55 47.00
N SER D 955 -32.48 11.96 47.32
CA SER D 955 -33.73 12.70 47.28
C SER D 955 -33.72 13.86 48.28
N ARG D 956 -33.19 13.62 49.48
CA ARG D 956 -33.07 14.68 50.47
C ARG D 956 -32.18 15.82 49.97
N LEU D 957 -31.05 15.47 49.36
CA LEU D 957 -30.12 16.49 48.89
C LEU D 957 -30.70 17.28 47.73
N ASN D 958 -31.31 16.60 46.77
CA ASN D 958 -31.89 17.24 45.59
C ASN D 958 -33.40 17.45 45.79
N ALA D 959 -33.74 18.27 46.79
CA ALA D 959 -35.12 18.58 47.09
C ALA D 959 -35.25 20.08 47.31
N PRO D 960 -36.30 20.71 46.77
CA PRO D 960 -36.49 22.14 47.01
C PRO D 960 -36.84 22.42 48.46
N ILE D 961 -36.47 23.61 48.91
CA ILE D 961 -36.84 24.11 50.24
C ILE D 961 -37.89 25.19 50.04
N MET D 962 -39.10 24.94 50.52
CA MET D 962 -40.22 25.84 50.31
C MET D 962 -40.36 26.79 51.50
N GLY D 963 -41.48 27.51 51.56
CA GLY D 963 -41.75 28.41 52.66
C GLY D 963 -42.72 27.82 53.66
N GLU D 964 -43.99 28.23 53.59
CA GLU D 964 -45.03 27.74 54.50
C GLU D 964 -46.25 27.37 53.68
N LEU D 965 -46.31 26.10 53.24
CA LEU D 965 -47.49 25.58 52.58
C LEU D 965 -48.21 24.58 53.48
N PRO D 966 -49.53 24.45 53.35
CA PRO D 966 -50.28 23.58 54.27
C PRO D 966 -49.86 22.12 54.13
N ALA D 967 -49.87 21.42 55.27
CA ALA D 967 -49.52 20.02 55.29
C ALA D 967 -50.70 19.17 54.82
N VAL D 968 -50.42 18.25 53.89
CA VAL D 968 -51.44 17.36 53.36
C VAL D 968 -50.89 15.94 53.38
N ARG D 969 -51.81 14.98 53.54
CA ARG D 969 -51.42 13.58 53.54
C ARG D 969 -50.98 13.16 52.15
N PRO D 970 -50.05 12.20 52.05
CA PRO D 970 -49.60 11.75 50.73
C PRO D 970 -50.75 11.19 49.91
N LEU D 971 -50.73 11.51 48.61
CA LEU D 971 -51.82 11.10 47.74
C LEU D 971 -51.78 9.60 47.48
N ALA D 972 -50.61 9.06 47.16
CA ALA D 972 -50.44 7.64 46.89
C ALA D 972 -49.25 7.12 47.65
N THR D 973 -49.39 5.93 48.23
CA THR D 973 -48.33 5.34 49.04
C THR D 973 -48.13 3.89 48.63
N LEU D 974 -46.93 3.38 48.90
CA LEU D 974 -46.57 1.98 48.65
C LEU D 974 -46.20 1.36 49.98
N THR D 975 -47.02 0.42 50.46
CA THR D 975 -46.85 -0.15 51.79
C THR D 975 -46.20 -1.52 51.79
N ASP D 976 -46.54 -2.40 50.85
CA ASP D 976 -45.96 -3.74 50.80
C ASP D 976 -44.84 -3.78 49.76
N VAL D 977 -43.76 -3.08 50.07
CA VAL D 977 -42.62 -3.00 49.17
C VAL D 977 -41.81 -4.28 49.29
N ALA D 978 -41.54 -4.92 48.15
CA ALA D 978 -40.72 -6.12 48.06
C ALA D 978 -39.71 -5.86 46.95
N GLY D 979 -38.58 -5.24 47.32
CA GLY D 979 -37.62 -4.77 46.34
C GLY D 979 -37.35 -3.29 46.53
N THR D 980 -37.13 -2.56 45.43
CA THR D 980 -36.92 -1.12 45.47
C THR D 980 -37.83 -0.43 44.48
N PRO D 981 -39.14 -0.38 44.74
CA PRO D 981 -40.02 0.48 43.95
C PRO D 981 -39.94 1.92 44.45
N VAL D 982 -40.26 2.85 43.54
CA VAL D 982 -40.18 4.26 43.87
C VAL D 982 -41.19 5.05 43.06
N LEU D 983 -41.88 6.00 43.71
CA LEU D 983 -42.74 6.92 43.01
C LEU D 983 -41.90 8.00 42.33
N ASP D 984 -42.07 8.12 41.01
CA ASP D 984 -41.28 9.09 40.25
C ASP D 984 -42.07 10.35 39.90
N TRP D 985 -43.32 10.21 39.46
CA TRP D 985 -44.07 11.39 39.07
C TRP D 985 -45.55 11.22 39.40
N VAL D 986 -46.19 12.31 39.82
CA VAL D 986 -47.63 12.36 40.04
C VAL D 986 -48.14 13.65 39.40
N LYS D 987 -49.17 13.54 38.57
CA LYS D 987 -49.70 14.69 37.86
C LYS D 987 -51.16 14.44 37.50
N LEU D 988 -51.73 15.36 36.73
CA LEU D 988 -53.10 15.27 36.25
C LEU D 988 -53.11 14.91 34.77
N ALA D 989 -54.31 14.58 34.27
CA ALA D 989 -54.47 14.24 32.87
C ALA D 989 -54.34 15.49 32.00
N ASP D 990 -53.56 15.38 30.92
CA ASP D 990 -53.39 16.50 30.01
C ASP D 990 -54.61 16.75 29.14
N ASP D 991 -55.59 15.86 29.15
CA ASP D 991 -56.80 16.01 28.34
C ASP D 991 -57.90 16.76 29.06
N GLY D 992 -57.66 17.23 30.29
CA GLY D 992 -58.66 17.97 31.02
C GLY D 992 -59.72 17.15 31.70
N SER D 993 -59.62 15.82 31.67
CA SER D 993 -60.62 14.98 32.31
C SER D 993 -60.52 14.98 33.83
N GLY D 994 -59.40 15.47 34.37
CA GLY D 994 -59.20 15.43 35.80
C GLY D 994 -58.61 14.14 36.32
N ASP D 995 -58.19 13.24 35.43
CA ASP D 995 -57.68 11.94 35.83
C ASP D 995 -56.33 12.08 36.51
N LEU D 996 -56.05 11.18 37.45
CA LEU D 996 -54.75 11.17 38.11
C LEU D 996 -53.78 10.28 37.34
N ILE D 997 -52.53 10.72 37.26
CA ILE D 997 -51.49 10.01 36.52
C ILE D 997 -50.31 9.79 37.45
N VAL D 998 -49.85 8.54 37.54
CA VAL D 998 -48.67 8.19 38.33
C VAL D 998 -47.67 7.46 37.45
N ARG D 999 -46.40 7.83 37.58
CA ARG D 999 -45.31 7.24 36.82
C ARG D 999 -44.31 6.64 37.81
N LEU D 1000 -44.08 5.34 37.67
CA LEU D 1000 -43.25 4.55 38.58
C LEU D 1000 -42.13 3.89 37.79
N TYR D 1001 -41.01 3.63 38.47
CA TYR D 1001 -39.91 2.91 37.87
C TYR D 1001 -39.12 2.19 38.96
N GLU D 1002 -38.19 1.34 38.52
CA GLU D 1002 -37.32 0.57 39.41
C GLU D 1002 -35.89 1.06 39.25
N ALA D 1003 -35.16 1.14 40.37
CA ALA D 1003 -33.84 1.77 40.37
C ALA D 1003 -32.76 0.89 40.97
N ALA D 1004 -32.98 -0.42 41.05
CA ALA D 1004 -31.95 -1.31 41.59
C ALA D 1004 -31.50 -2.37 40.61
N GLY D 1005 -32.43 -3.08 39.97
CA GLY D 1005 -32.07 -4.16 39.08
C GLY D 1005 -32.80 -5.45 39.41
N GLY D 1006 -33.11 -5.65 40.68
CA GLY D 1006 -33.92 -6.79 41.07
C GLY D 1006 -35.40 -6.55 40.81
N ASP D 1007 -36.15 -7.65 40.75
CA ASP D 1007 -37.58 -7.56 40.58
C ASP D 1007 -38.24 -6.95 41.81
N ALA D 1008 -39.37 -6.30 41.60
CA ALA D 1008 -40.06 -5.60 42.67
C ALA D 1008 -41.56 -5.89 42.61
N LYS D 1009 -42.17 -6.07 43.78
CA LYS D 1009 -43.61 -6.23 43.92
C LYS D 1009 -44.09 -5.28 44.99
N ALA D 1010 -45.19 -4.57 44.72
CA ALA D 1010 -45.68 -3.56 45.64
C ALA D 1010 -47.19 -3.48 45.57
N THR D 1011 -47.77 -2.82 46.57
CA THR D 1011 -49.19 -2.56 46.62
C THR D 1011 -49.40 -1.06 46.81
N LEU D 1012 -50.21 -0.46 45.95
CA LEU D 1012 -50.44 0.98 45.98
C LEU D 1012 -51.75 1.28 46.70
N ARG D 1013 -51.73 2.32 47.54
CA ARG D 1013 -52.89 2.73 48.31
C ARG D 1013 -53.10 4.22 48.17
N LEU D 1014 -54.34 4.62 47.87
CA LEU D 1014 -54.72 6.01 47.77
C LEU D 1014 -55.23 6.49 49.12
N ASP D 1015 -55.83 7.68 49.16
CA ASP D 1015 -56.30 8.27 50.40
C ASP D 1015 -57.71 8.82 50.24
N ASP D 1016 -58.63 8.30 51.05
CA ASP D 1016 -59.97 8.86 51.22
C ASP D 1016 -60.76 8.98 49.92
N THR D 1017 -60.72 10.15 49.29
CA THR D 1017 -61.62 10.46 48.19
C THR D 1017 -61.44 9.53 47.00
N PHE D 1018 -60.27 8.90 46.86
CA PHE D 1018 -60.04 7.96 45.77
C PHE D 1018 -60.47 6.55 46.18
N ALA D 1019 -61.77 6.41 46.41
CA ALA D 1019 -62.38 5.14 46.80
C ALA D 1019 -63.37 4.72 45.72
N GLY D 1020 -63.44 3.41 45.48
CA GLY D 1020 -64.26 2.91 44.40
C GLY D 1020 -63.81 3.39 43.03
N CYS D 1021 -62.50 3.37 42.79
CA CYS D 1021 -61.90 3.89 41.57
C CYS D 1021 -61.41 2.75 40.70
N THR D 1022 -60.94 3.10 39.51
CA THR D 1022 -60.32 2.15 38.59
C THR D 1022 -58.96 2.68 38.17
N VAL D 1023 -57.97 1.79 38.15
CA VAL D 1023 -56.61 2.12 37.72
C VAL D 1023 -56.26 1.27 36.51
N GLU D 1024 -55.71 1.91 35.49
CA GLU D 1024 -55.38 1.21 34.25
C GLU D 1024 -53.97 1.59 33.80
N GLU D 1025 -53.26 0.62 33.23
CA GLU D 1025 -51.92 0.86 32.73
C GLU D 1025 -51.99 1.47 31.34
N VAL D 1026 -51.25 2.58 31.14
CA VAL D 1026 -51.23 3.28 29.86
C VAL D 1026 -49.77 3.53 29.48
N ASN D 1027 -49.58 3.80 28.20
CA ASN D 1027 -48.23 4.09 27.69
C ASN D 1027 -47.79 5.49 28.12
N LEU D 1028 -46.59 5.87 27.72
CA LEU D 1028 -46.07 7.18 28.08
C LEU D 1028 -46.81 8.31 27.38
N MET D 1029 -47.51 8.01 26.27
CA MET D 1029 -48.36 8.98 25.60
C MET D 1029 -49.66 9.25 26.36
N GLU D 1030 -49.92 8.51 27.42
CA GLU D 1030 -51.07 8.60 28.32
C GLU D 1030 -52.34 8.03 27.68
N GLU D 1031 -52.30 7.63 26.42
CA GLU D 1031 -53.44 6.97 25.80
C GLU D 1031 -53.48 5.49 26.19
N PRO D 1032 -54.68 4.89 26.28
CA PRO D 1032 -54.82 3.52 26.77
C PRO D 1032 -54.63 2.44 25.70
N VAL D 1033 -53.48 2.46 25.03
CA VAL D 1033 -53.09 1.42 24.10
C VAL D 1033 -51.69 0.94 24.48
N LEU D 1034 -51.50 -0.38 24.49
CA LEU D 1034 -50.24 -0.98 24.89
C LEU D 1034 -49.81 -2.01 23.87
N ALA D 1035 -48.50 -2.22 23.79
CA ALA D 1035 -47.94 -3.21 22.88
C ALA D 1035 -48.06 -4.60 23.49
N ASP D 1036 -47.53 -5.60 22.78
CA ASP D 1036 -47.60 -6.98 23.21
C ASP D 1036 -46.31 -7.48 23.85
N ASP D 1037 -45.16 -7.10 23.30
CA ASP D 1037 -43.88 -7.56 23.83
C ASP D 1037 -43.51 -6.89 25.14
N LEU D 1038 -44.17 -5.79 25.50
CA LEU D 1038 -43.85 -5.11 26.75
C LEU D 1038 -44.26 -5.98 27.94
N PRO D 1039 -43.46 -6.00 29.01
CA PRO D 1039 -43.75 -6.92 30.12
C PRO D 1039 -45.09 -6.68 30.80
N ARG D 1040 -45.52 -5.42 30.91
CA ARG D 1040 -46.75 -5.02 31.59
C ARG D 1040 -46.64 -5.27 33.10
N ALA D 1041 -47.36 -4.48 33.90
CA ALA D 1041 -47.25 -4.55 35.34
C ALA D 1041 -48.50 -5.03 36.06
N LEU D 1042 -49.67 -4.93 35.45
CA LEU D 1042 -50.91 -5.34 36.10
C LEU D 1042 -51.09 -6.85 35.99
N VAL D 1043 -52.24 -7.35 36.44
CA VAL D 1043 -52.51 -8.78 36.46
C VAL D 1043 -53.32 -9.23 35.25
N ALA D 1044 -54.31 -8.42 34.83
CA ALA D 1044 -55.15 -8.77 33.69
C ALA D 1044 -55.11 -7.72 32.59
N GLY D 1045 -55.27 -6.45 32.93
CA GLY D 1045 -55.29 -5.39 31.95
C GLY D 1045 -56.52 -4.52 32.04
N GLY D 1046 -57.61 -5.09 32.55
CA GLY D 1046 -58.84 -4.36 32.71
C GLY D 1046 -58.81 -3.45 33.92
N PRO D 1047 -59.89 -2.68 34.10
CA PRO D 1047 -59.96 -1.76 35.24
C PRO D 1047 -59.97 -2.49 36.57
N VAL D 1048 -58.90 -2.31 37.34
CA VAL D 1048 -58.77 -2.93 38.66
C VAL D 1048 -59.09 -1.88 39.72
N PRO D 1049 -59.84 -2.22 40.76
CA PRO D 1049 -60.11 -1.24 41.82
C PRO D 1049 -58.82 -0.74 42.47
N ALA D 1050 -58.80 0.54 42.77
CA ALA D 1050 -57.60 1.20 43.29
C ALA D 1050 -57.52 1.15 44.81
N GLU D 1051 -57.64 -0.06 45.37
CA GLU D 1051 -57.49 -0.27 46.80
C GLU D 1051 -56.77 -1.59 47.00
N GLY D 1052 -55.52 -1.54 47.44
CA GLY D 1052 -54.71 -2.74 47.52
C GLY D 1052 -54.24 -3.25 46.17
N ALA D 1053 -54.21 -2.39 45.15
CA ALA D 1053 -53.80 -2.81 43.82
C ALA D 1053 -52.33 -3.23 43.82
N SER D 1054 -52.06 -4.38 43.20
CA SER D 1054 -50.74 -4.98 43.19
C SER D 1054 -50.04 -4.68 41.87
N VAL D 1055 -48.78 -4.25 41.96
CA VAL D 1055 -47.96 -3.95 40.79
C VAL D 1055 -46.68 -4.77 40.88
N SER D 1056 -46.29 -5.36 39.74
CA SER D 1056 -45.09 -6.17 39.64
C SER D 1056 -44.08 -5.49 38.72
N PHE D 1057 -42.80 -5.58 39.08
CA PHE D 1057 -41.74 -4.91 38.35
C PHE D 1057 -40.70 -5.91 37.88
N THR D 1058 -40.30 -5.76 36.62
CA THR D 1058 -39.13 -6.40 36.03
C THR D 1058 -37.95 -5.44 36.11
N PRO D 1059 -36.71 -5.94 36.07
CA PRO D 1059 -35.54 -5.05 36.21
C PRO D 1059 -35.60 -3.76 35.41
N PHE D 1060 -35.63 -2.63 36.12
CA PHE D 1060 -35.64 -1.30 35.52
C PHE D 1060 -36.88 -1.09 34.63
N GLN D 1061 -38.03 -1.55 35.11
CA GLN D 1061 -39.28 -1.33 34.40
C GLN D 1061 -39.78 0.09 34.61
N ILE D 1062 -40.55 0.59 33.64
CA ILE D 1062 -41.24 1.86 33.73
C ILE D 1062 -42.73 1.61 33.52
N VAL D 1063 -43.56 2.10 34.44
CA VAL D 1063 -45.00 1.87 34.37
C VAL D 1063 -45.74 3.18 34.59
N THR D 1064 -46.80 3.40 33.83
CA THR D 1064 -47.62 4.58 33.94
C THR D 1064 -49.07 4.15 34.17
N LEU D 1065 -49.68 4.68 35.23
CA LEU D 1065 -51.02 4.29 35.64
C LEU D 1065 -51.93 5.51 35.67
N ARG D 1066 -53.16 5.32 35.19
CA ARG D 1066 -54.20 6.34 35.17
C ARG D 1066 -55.33 5.92 36.10
N ILE D 1067 -55.76 6.83 36.97
CA ILE D 1067 -56.79 6.58 37.96
C ILE D 1067 -57.94 7.54 37.71
N ARG D 1068 -59.15 7.01 37.65
CA ARG D 1068 -60.36 7.79 37.39
C ARG D 1068 -60.82 8.49 38.66
N ARG D 1069 -62.01 9.07 38.60
CA ARG D 1069 -62.59 9.77 39.74
C ARG D 1069 -62.86 8.81 40.89
ZN ZN E . 13.62 31.44 -14.15
ZN ZN F . 4.23 -27.37 24.64
ZN ZN G . 8.65 -24.53 -26.41
ZN ZN H . -26.48 20.46 15.91
#